data_1NEE
#
_entry.id   1NEE
#
_cell.length_a   1.000
_cell.length_b   1.000
_cell.length_c   1.000
_cell.angle_alpha   90.00
_cell.angle_beta   90.00
_cell.angle_gamma   90.00
#
_symmetry.space_group_name_H-M   'P 1'
#
loop_
_entity.id
_entity.type
_entity.pdbx_description
1 polymer 'Probable translation initiation factor 2 beta subunit'
2 non-polymer 'ZINC ION'
#
_entity_poly.entity_id   1
_entity_poly.type   'polypeptide(L)'
_entity_poly.pdbx_seq_one_letter_code
;GSHMDDYEKLLERAIDQLPPEVFETKRFEVPKAYSVIQGNRTFIQNFREVADALNRDPQHLLKFLLRELGTAGNLEGGRA
ILQGKFTHFLINERIEDYVNKFVICHECNRPDTRIIREGRISLLKCEACGAKAPLKNV
;
_entity_poly.pdbx_strand_id   A
#
# COMPACT_ATOMS: atom_id res chain seq x y z
N MET A 4 -8.64 -13.98 -9.95
CA MET A 4 -8.43 -13.87 -8.48
C MET A 4 -7.60 -12.65 -8.10
N ASP A 5 -7.23 -11.84 -9.09
CA ASP A 5 -6.42 -10.64 -8.84
C ASP A 5 -7.25 -9.39 -9.04
N ASP A 6 -7.77 -9.21 -10.25
CA ASP A 6 -8.58 -8.04 -10.57
C ASP A 6 -9.97 -8.15 -9.95
N TYR A 7 -10.80 -9.03 -10.51
CA TYR A 7 -12.14 -9.24 -10.01
C TYR A 7 -12.12 -9.93 -8.65
N GLU A 8 -11.66 -9.22 -7.63
CA GLU A 8 -11.58 -9.77 -6.28
C GLU A 8 -12.96 -10.21 -5.79
N LYS A 9 -12.97 -11.07 -4.79
CA LYS A 9 -14.23 -11.57 -4.23
C LYS A 9 -14.53 -10.91 -2.88
N LEU A 10 -14.58 -9.59 -2.89
CA LEU A 10 -14.85 -8.82 -1.67
C LEU A 10 -16.31 -8.97 -1.25
N LEU A 11 -16.54 -9.67 -0.14
CA LEU A 11 -17.90 -9.87 0.36
C LEU A 11 -18.30 -8.77 1.35
N GLU A 12 -17.35 -7.88 1.68
CA GLU A 12 -17.62 -6.78 2.59
C GLU A 12 -18.02 -7.30 3.97
N ARG A 13 -17.45 -8.43 4.36
CA ARG A 13 -17.76 -9.05 5.66
C ARG A 13 -16.86 -8.48 6.76
N ALA A 14 -17.39 -7.53 7.53
CA ALA A 14 -16.65 -6.92 8.63
C ALA A 14 -15.38 -6.23 8.16
N ILE A 15 -15.40 -5.73 6.93
CA ILE A 15 -14.24 -5.02 6.38
C ILE A 15 -14.53 -3.52 6.25
N ASP A 16 -15.50 -3.03 7.01
CA ASP A 16 -15.85 -1.62 6.95
C ASP A 16 -16.55 -1.16 8.24
N GLN A 17 -17.89 -1.15 8.26
CA GLN A 17 -18.62 -0.74 9.45
C GLN A 17 -19.02 -1.95 10.29
N LEU A 18 -19.17 -3.10 9.63
CA LEU A 18 -19.53 -4.33 10.32
C LEU A 18 -18.48 -4.69 11.37
N PRO A 19 -18.84 -4.68 12.67
CA PRO A 19 -17.89 -5.02 13.74
C PRO A 19 -17.23 -6.38 13.49
N PRO A 20 -16.09 -6.64 14.16
CA PRO A 20 -15.36 -7.90 14.01
C PRO A 20 -16.14 -9.13 14.51
N GLU A 21 -17.47 -9.01 14.54
CA GLU A 21 -18.32 -10.11 14.98
C GLU A 21 -18.04 -11.38 14.18
N VAL A 22 -18.12 -11.25 12.86
CA VAL A 22 -17.89 -12.38 11.97
C VAL A 22 -16.40 -12.64 11.79
N PHE A 23 -15.99 -13.88 12.03
CA PHE A 23 -14.59 -14.26 11.89
C PHE A 23 -14.23 -14.48 10.42
N GLU A 24 -13.12 -13.91 9.99
CA GLU A 24 -12.66 -14.04 8.63
C GLU A 24 -11.36 -13.27 8.41
N THR A 25 -10.73 -13.48 7.26
CA THR A 25 -9.48 -12.81 6.92
C THR A 25 -9.75 -11.59 6.05
N LYS A 26 -9.25 -10.44 6.48
CA LYS A 26 -9.44 -9.19 5.73
C LYS A 26 -8.34 -9.01 4.70
N ARG A 27 -8.64 -9.30 3.45
CA ARG A 27 -7.67 -9.16 2.36
C ARG A 27 -7.80 -7.79 1.69
N PHE A 28 -6.98 -6.84 2.13
CA PHE A 28 -7.01 -5.49 1.57
C PHE A 28 -6.00 -5.33 0.44
N GLU A 29 -6.37 -5.78 -0.76
CA GLU A 29 -5.49 -5.68 -1.92
C GLU A 29 -6.31 -5.46 -3.20
N VAL A 30 -5.99 -4.37 -3.91
CA VAL A 30 -6.69 -4.01 -5.16
C VAL A 30 -5.74 -3.27 -6.11
N PRO A 31 -5.71 -3.63 -7.40
CA PRO A 31 -4.83 -2.97 -8.39
C PRO A 31 -4.92 -1.45 -8.34
N LYS A 32 -3.99 -0.79 -9.02
CA LYS A 32 -3.94 0.67 -9.06
C LYS A 32 -3.89 1.24 -7.64
N ALA A 33 -2.73 1.74 -7.25
CA ALA A 33 -2.56 2.32 -5.93
C ALA A 33 -1.38 3.27 -5.88
N TYR A 34 -1.49 4.36 -6.63
CA TYR A 34 -0.44 5.37 -6.68
C TYR A 34 -1.06 6.74 -6.92
N SER A 35 -0.38 7.79 -6.48
CA SER A 35 -0.90 9.14 -6.66
C SER A 35 -0.44 9.71 -8.00
N VAL A 36 -0.61 11.02 -8.17
CA VAL A 36 -0.21 11.66 -9.43
C VAL A 36 0.67 12.88 -9.18
N ILE A 37 1.74 12.99 -9.96
CA ILE A 37 2.66 14.11 -9.83
C ILE A 37 2.16 15.32 -10.63
N GLN A 38 1.79 16.36 -9.92
CA GLN A 38 1.31 17.58 -10.54
C GLN A 38 2.13 18.78 -10.08
N GLY A 39 3.18 19.07 -10.81
CA GLY A 39 4.05 20.18 -10.45
C GLY A 39 4.85 19.91 -9.19
N ASN A 40 4.18 19.95 -8.05
CA ASN A 40 4.82 19.71 -6.77
C ASN A 40 3.81 19.25 -5.72
N ARG A 41 2.76 18.58 -6.17
CA ARG A 41 1.72 18.10 -5.27
C ARG A 41 1.21 16.73 -5.70
N THR A 42 0.67 15.99 -4.74
CA THR A 42 0.12 14.67 -4.99
C THR A 42 -1.41 14.72 -4.96
N PHE A 43 -2.04 14.33 -6.06
CA PHE A 43 -3.50 14.35 -6.15
C PHE A 43 -4.08 12.98 -5.83
N ILE A 44 -4.07 12.63 -4.54
CA ILE A 44 -4.61 11.36 -4.11
C ILE A 44 -6.11 11.26 -4.39
N GLN A 45 -6.51 10.16 -5.03
CA GLN A 45 -7.91 9.93 -5.36
C GLN A 45 -8.48 8.78 -4.54
N ASN A 46 -7.66 7.77 -4.29
CA ASN A 46 -8.08 6.61 -3.52
C ASN A 46 -7.42 6.60 -2.14
N PHE A 47 -7.42 7.75 -1.46
CA PHE A 47 -6.81 7.87 -0.14
C PHE A 47 -7.21 6.70 0.76
N ARG A 48 -8.37 6.12 0.51
CA ARG A 48 -8.85 5.01 1.32
C ARG A 48 -8.09 3.72 1.01
N GLU A 49 -8.02 3.38 -0.27
CA GLU A 49 -7.33 2.17 -0.70
C GLU A 49 -5.83 2.38 -0.71
N VAL A 50 -5.40 3.52 -1.25
CA VAL A 50 -3.99 3.85 -1.31
C VAL A 50 -3.40 3.91 0.08
N ALA A 51 -4.17 4.42 1.03
CA ALA A 51 -3.70 4.54 2.40
C ALA A 51 -3.54 3.16 3.04
N ASP A 52 -4.58 2.35 2.95
CA ASP A 52 -4.52 1.01 3.54
C ASP A 52 -3.25 0.27 3.12
N ALA A 53 -3.14 -0.05 1.83
CA ALA A 53 -1.98 -0.78 1.32
C ALA A 53 -0.64 -0.09 1.69
N LEU A 54 -0.57 1.24 1.53
CA LEU A 54 0.65 1.97 1.84
C LEU A 54 0.91 1.91 3.35
N ASN A 55 -0.16 1.74 4.11
CA ASN A 55 -0.07 1.68 5.56
C ASN A 55 -1.45 1.41 6.16
N ARG A 56 -1.65 0.17 6.62
CA ARG A 56 -2.92 -0.23 7.21
C ARG A 56 -3.45 0.84 8.16
N ASP A 57 -2.58 1.33 9.03
CA ASP A 57 -2.93 2.36 10.00
C ASP A 57 -2.94 3.73 9.32
N PRO A 58 -4.05 4.48 9.41
CA PRO A 58 -4.15 5.80 8.80
C PRO A 58 -3.32 6.83 9.55
N GLN A 59 -3.18 6.65 10.86
CA GLN A 59 -2.40 7.57 11.69
C GLN A 59 -0.94 7.60 11.25
N HIS A 60 -0.40 6.44 10.88
CA HIS A 60 0.99 6.36 10.44
C HIS A 60 1.14 6.98 9.07
N LEU A 61 0.42 6.42 8.10
CA LEU A 61 0.45 6.92 6.73
C LEU A 61 0.41 8.44 6.70
N LEU A 62 -0.50 9.00 7.49
CA LEU A 62 -0.67 10.44 7.56
C LEU A 62 0.56 11.12 8.14
N LYS A 63 1.11 10.55 9.21
CA LYS A 63 2.30 11.12 9.83
C LYS A 63 3.47 11.10 8.85
N PHE A 64 3.43 10.17 7.90
CA PHE A 64 4.49 10.04 6.91
C PHE A 64 4.38 11.12 5.83
N LEU A 65 3.17 11.38 5.32
CA LEU A 65 3.01 12.41 4.29
C LEU A 65 3.50 13.76 4.79
N LEU A 66 3.21 14.08 6.04
CA LEU A 66 3.64 15.35 6.63
C LEU A 66 5.14 15.34 6.92
N ARG A 67 5.65 14.18 7.32
CA ARG A 67 7.07 14.04 7.63
C ARG A 67 7.94 14.35 6.43
N GLU A 68 7.43 14.09 5.23
CA GLU A 68 8.18 14.36 4.00
C GLU A 68 7.66 15.61 3.28
N LEU A 69 6.42 15.99 3.58
CA LEU A 69 5.82 17.17 2.97
C LEU A 69 6.51 18.46 3.44
N GLY A 70 7.35 19.01 2.58
CA GLY A 70 8.03 20.25 2.92
C GLY A 70 7.16 21.47 2.68
N THR A 71 6.00 21.26 2.05
CA THR A 71 5.08 22.36 1.77
C THR A 71 3.88 22.32 2.72
N ALA A 72 3.08 23.37 2.70
CA ALA A 72 1.89 23.51 3.55
C ALA A 72 1.35 22.17 4.04
N GLY A 73 0.91 21.33 3.11
CA GLY A 73 0.38 20.03 3.47
C GLY A 73 -1.06 20.08 3.93
N ASN A 74 -1.98 19.83 3.00
CA ASN A 74 -3.41 19.85 3.31
C ASN A 74 -4.19 19.17 2.19
N LEU A 75 -5.48 18.92 2.44
CA LEU A 75 -6.33 18.27 1.44
C LEU A 75 -6.86 19.29 0.45
N GLU A 76 -6.46 19.15 -0.82
CA GLU A 76 -6.91 20.06 -1.87
C GLU A 76 -7.98 19.39 -2.71
N GLY A 77 -8.83 20.18 -3.36
CA GLY A 77 -9.88 19.64 -4.19
C GLY A 77 -10.97 18.96 -3.37
N GLY A 78 -11.40 17.78 -3.81
CA GLY A 78 -12.44 17.05 -3.10
C GLY A 78 -11.97 15.72 -2.57
N ARG A 79 -10.90 15.19 -3.16
CA ARG A 79 -10.35 13.91 -2.72
C ARG A 79 -9.30 14.12 -1.63
N ALA A 80 -8.03 14.12 -2.02
CA ALA A 80 -6.95 14.34 -1.07
C ALA A 80 -5.67 14.73 -1.79
N ILE A 81 -5.65 15.95 -2.32
CA ILE A 81 -4.49 16.46 -3.03
C ILE A 81 -3.54 17.17 -2.08
N LEU A 82 -2.60 16.42 -1.51
CA LEU A 82 -1.64 17.01 -0.57
C LEU A 82 -0.53 17.73 -1.31
N GLN A 83 0.36 18.40 -0.57
CA GLN A 83 1.44 19.14 -1.18
C GLN A 83 2.73 19.00 -0.37
N GLY A 84 3.75 18.41 -0.99
CA GLY A 84 5.03 18.22 -0.32
C GLY A 84 5.98 17.36 -1.12
N LYS A 85 6.30 16.17 -0.60
CA LYS A 85 7.22 15.26 -1.28
C LYS A 85 6.62 13.86 -1.43
N PHE A 86 5.32 13.73 -1.16
CA PHE A 86 4.63 12.43 -1.28
C PHE A 86 4.10 12.25 -2.70
N THR A 87 4.99 12.47 -3.66
CA THR A 87 4.67 12.33 -5.08
C THR A 87 4.68 10.87 -5.51
N HIS A 88 3.73 10.11 -4.98
CA HIS A 88 3.61 8.68 -5.27
C HIS A 88 4.97 8.00 -5.16
N PHE A 89 5.77 8.46 -4.21
CA PHE A 89 7.09 7.89 -3.98
C PHE A 89 7.01 6.79 -2.93
N LEU A 90 6.88 7.19 -1.67
CA LEU A 90 6.77 6.26 -0.57
C LEU A 90 5.47 5.48 -0.66
N ILE A 91 4.42 6.14 -1.16
CA ILE A 91 3.11 5.51 -1.29
C ILE A 91 3.17 4.25 -2.16
N ASN A 92 3.53 4.43 -3.43
CA ASN A 92 3.60 3.31 -4.37
C ASN A 92 4.56 2.23 -3.89
N GLU A 93 5.71 2.64 -3.36
CA GLU A 93 6.72 1.70 -2.86
C GLU A 93 6.15 0.74 -1.83
N ARG A 94 5.59 1.29 -0.76
CA ARG A 94 5.01 0.50 0.32
C ARG A 94 3.84 -0.35 -0.17
N ILE A 95 2.91 0.27 -0.88
CA ILE A 95 1.75 -0.47 -1.40
C ILE A 95 2.19 -1.62 -2.30
N GLU A 96 2.97 -1.30 -3.32
CA GLU A 96 3.45 -2.31 -4.26
C GLU A 96 4.17 -3.44 -3.51
N ASP A 97 4.69 -3.12 -2.34
CA ASP A 97 5.37 -4.11 -1.52
C ASP A 97 4.39 -5.16 -1.02
N TYR A 98 3.22 -4.71 -0.57
CA TYR A 98 2.19 -5.62 -0.07
C TYR A 98 1.30 -6.16 -1.18
N VAL A 99 0.62 -5.27 -1.89
CA VAL A 99 -0.28 -5.68 -2.96
C VAL A 99 0.43 -6.61 -3.94
N ASN A 100 1.67 -6.27 -4.31
CA ASN A 100 2.44 -7.10 -5.22
C ASN A 100 3.63 -7.74 -4.48
N LYS A 101 3.34 -8.36 -3.33
CA LYS A 101 4.38 -9.01 -2.55
C LYS A 101 4.71 -10.39 -3.09
N PHE A 102 3.90 -10.87 -4.03
CA PHE A 102 4.12 -12.18 -4.61
C PHE A 102 5.26 -12.16 -5.63
N VAL A 103 5.17 -11.25 -6.60
CA VAL A 103 6.18 -11.14 -7.64
C VAL A 103 7.44 -10.42 -7.16
N ILE A 104 7.32 -9.65 -6.08
CA ILE A 104 8.47 -8.93 -5.54
C ILE A 104 9.16 -9.76 -4.45
N CYS A 105 8.36 -10.36 -3.56
CA CYS A 105 8.91 -11.18 -2.48
C CYS A 105 9.25 -12.60 -2.97
N HIS A 106 8.88 -12.91 -4.21
CA HIS A 106 9.14 -14.22 -4.80
C HIS A 106 8.30 -15.31 -4.11
N GLU A 107 7.00 -15.08 -4.04
CA GLU A 107 6.07 -16.04 -3.42
C GLU A 107 6.62 -16.59 -2.11
N CYS A 108 6.57 -15.76 -1.07
CA CYS A 108 7.06 -16.17 0.24
C CYS A 108 6.08 -17.14 0.92
N ASN A 109 5.84 -18.28 0.28
CA ASN A 109 4.94 -19.28 0.84
C ASN A 109 5.59 -19.98 2.03
N ARG A 110 6.26 -21.12 1.78
CA ARG A 110 6.92 -21.86 2.85
C ARG A 110 8.46 -21.72 2.80
N PRO A 111 9.02 -20.50 2.90
CA PRO A 111 10.47 -20.30 2.85
C PRO A 111 11.20 -21.19 3.86
N ASP A 112 12.23 -21.89 3.38
CA ASP A 112 13.02 -22.78 4.24
C ASP A 112 14.06 -21.96 5.01
N THR A 113 13.62 -20.85 5.58
CA THR A 113 14.48 -19.96 6.34
C THR A 113 13.73 -19.39 7.54
N ARG A 114 14.42 -18.59 8.35
CA ARG A 114 13.81 -18.02 9.53
C ARG A 114 13.12 -16.69 9.19
N ILE A 115 11.79 -16.75 9.10
CA ILE A 115 10.99 -15.57 8.77
C ILE A 115 10.24 -15.08 10.00
N ILE A 116 10.12 -13.76 10.13
CA ILE A 116 9.41 -13.16 11.26
C ILE A 116 8.58 -11.98 10.79
N ARG A 117 7.35 -11.89 11.29
CA ARG A 117 6.45 -10.81 10.91
C ARG A 117 5.85 -10.15 12.16
N GLU A 118 5.98 -8.83 12.24
CA GLU A 118 5.46 -8.07 13.39
C GLU A 118 4.66 -6.86 12.92
N GLY A 119 3.61 -6.54 13.66
CA GLY A 119 2.78 -5.39 13.32
C GLY A 119 1.53 -5.77 12.55
N ARG A 120 1.18 -7.06 12.59
CA ARG A 120 0.00 -7.54 11.87
C ARG A 120 0.18 -7.37 10.38
N ILE A 121 1.06 -8.18 9.80
CA ILE A 121 1.33 -8.12 8.38
C ILE A 121 1.74 -6.72 7.94
N SER A 122 2.73 -6.15 8.63
CA SER A 122 3.22 -4.81 8.33
C SER A 122 4.73 -4.81 8.15
N LEU A 123 5.43 -5.59 8.97
CA LEU A 123 6.88 -5.67 8.91
C LEU A 123 7.36 -7.12 8.98
N LEU A 124 8.58 -7.38 8.52
CA LEU A 124 9.13 -8.74 8.54
C LEU A 124 10.53 -8.79 7.90
N LYS A 125 11.18 -9.94 8.02
CA LYS A 125 12.52 -10.14 7.46
C LYS A 125 12.52 -11.23 6.39
N CYS A 126 13.32 -11.03 5.34
CA CYS A 126 13.41 -12.01 4.26
C CYS A 126 14.84 -12.09 3.72
N GLU A 127 15.80 -12.21 4.63
CA GLU A 127 17.20 -12.30 4.24
C GLU A 127 17.42 -13.42 3.22
N ALA A 128 16.53 -14.41 3.22
CA ALA A 128 16.62 -15.52 2.30
C ALA A 128 16.21 -15.11 0.88
N CYS A 129 14.92 -14.90 0.68
CA CYS A 129 14.41 -14.49 -0.63
C CYS A 129 14.60 -13.00 -0.85
N GLY A 130 15.81 -12.51 -0.60
CA GLY A 130 16.09 -11.10 -0.78
C GLY A 130 16.36 -10.41 0.54
N ALA A 131 15.57 -9.39 0.84
CA ALA A 131 15.71 -8.64 2.09
C ALA A 131 14.39 -8.03 2.51
N LYS A 132 14.16 -7.97 3.83
CA LYS A 132 12.93 -7.41 4.37
C LYS A 132 13.23 -6.64 5.65
N ALA A 133 12.42 -5.62 5.95
CA ALA A 133 12.62 -4.80 7.15
C ALA A 133 11.85 -5.35 8.35
N PRO A 134 12.56 -5.87 9.37
CA PRO A 134 11.93 -6.43 10.57
C PRO A 134 11.32 -5.35 11.47
N LEU A 135 12.16 -4.46 12.00
CA LEU A 135 11.69 -3.39 12.88
C LEU A 135 12.86 -2.55 13.38
N LYS A 136 13.65 -3.13 14.28
CA LYS A 136 14.82 -2.44 14.84
C LYS A 136 16.11 -3.11 14.38
N ASN A 137 17.22 -2.40 14.56
CA ASN A 137 18.53 -2.94 14.17
C ASN A 137 19.38 -3.24 15.40
N VAL A 138 19.56 -4.54 15.68
CA VAL A 138 20.36 -4.96 16.82
C VAL A 138 21.78 -5.32 16.39
N MET A 4 -10.29 -10.33 -58.09
CA MET A 4 -9.79 -11.57 -58.74
C MET A 4 -8.80 -12.31 -57.86
N ASP A 5 -7.89 -11.57 -57.22
CA ASP A 5 -6.88 -12.17 -56.35
C ASP A 5 -7.08 -11.72 -54.90
N ASP A 6 -6.16 -12.12 -54.03
CA ASP A 6 -6.22 -11.76 -52.62
C ASP A 6 -5.55 -10.41 -52.37
N TYR A 7 -6.32 -9.46 -51.86
CA TYR A 7 -5.80 -8.12 -51.56
C TYR A 7 -5.67 -7.91 -50.06
N GLU A 8 -4.45 -8.01 -49.55
CA GLU A 8 -4.21 -7.83 -48.12
C GLU A 8 -3.86 -6.38 -47.82
N LYS A 9 -4.53 -5.80 -46.83
CA LYS A 9 -4.30 -4.42 -46.43
C LYS A 9 -3.71 -4.34 -45.02
N LEU A 10 -3.60 -3.12 -44.50
CA LEU A 10 -3.06 -2.93 -43.16
C LEU A 10 -3.98 -2.04 -42.32
N LEU A 11 -5.15 -2.58 -41.98
CA LEU A 11 -6.12 -1.84 -41.18
C LEU A 11 -6.11 -2.34 -39.73
N GLU A 12 -6.61 -1.51 -38.83
CA GLU A 12 -6.67 -1.86 -37.41
C GLU A 12 -8.07 -2.33 -37.04
N ARG A 13 -8.25 -3.64 -36.95
CA ARG A 13 -9.56 -4.20 -36.60
C ARG A 13 -9.58 -4.66 -35.15
N ALA A 14 -10.77 -4.74 -34.59
CA ALA A 14 -10.96 -5.16 -33.21
C ALA A 14 -10.49 -4.09 -32.22
N ILE A 15 -10.74 -2.82 -32.58
CA ILE A 15 -10.36 -1.71 -31.72
C ILE A 15 -11.60 -1.09 -31.08
N ASP A 16 -11.81 -1.41 -29.80
CA ASP A 16 -12.96 -0.92 -29.04
C ASP A 16 -14.26 -1.59 -29.49
N GLN A 17 -14.41 -1.83 -30.79
CA GLN A 17 -15.61 -2.46 -31.32
C GLN A 17 -15.60 -3.97 -31.07
N LEU A 18 -14.65 -4.67 -31.69
CA LEU A 18 -14.54 -6.12 -31.51
C LEU A 18 -13.57 -6.46 -30.38
N PRO A 19 -13.90 -7.48 -29.57
CA PRO A 19 -13.04 -7.91 -28.45
C PRO A 19 -11.61 -8.17 -28.87
N PRO A 20 -10.67 -8.23 -27.89
CA PRO A 20 -9.26 -8.47 -28.16
C PRO A 20 -9.03 -9.81 -28.86
N GLU A 21 -9.19 -10.90 -28.12
CA GLU A 21 -9.01 -12.25 -28.67
C GLU A 21 -7.55 -12.49 -29.05
N VAL A 22 -7.10 -11.89 -30.13
CA VAL A 22 -5.71 -12.05 -30.58
C VAL A 22 -4.79 -11.10 -29.84
N PHE A 23 -3.48 -11.29 -30.03
CA PHE A 23 -2.49 -10.45 -29.37
C PHE A 23 -2.47 -9.05 -30.00
N GLU A 24 -3.21 -8.14 -29.40
CA GLU A 24 -3.28 -6.77 -29.89
C GLU A 24 -3.36 -5.77 -28.74
N THR A 25 -2.51 -4.75 -28.79
CA THR A 25 -2.51 -3.73 -27.75
C THR A 25 -3.16 -2.45 -28.25
N LYS A 26 -4.22 -2.03 -27.57
CA LYS A 26 -4.96 -0.82 -27.92
C LYS A 26 -4.39 0.38 -27.19
N ARG A 27 -5.09 1.51 -27.29
CA ARG A 27 -4.67 2.73 -26.62
C ARG A 27 -5.33 2.86 -25.26
N PHE A 28 -5.68 1.72 -24.66
CA PHE A 28 -6.34 1.70 -23.36
C PHE A 28 -5.31 1.49 -22.25
N GLU A 29 -4.68 2.58 -21.82
CA GLU A 29 -3.68 2.52 -20.76
C GLU A 29 -3.60 3.86 -20.02
N VAL A 30 -4.03 3.86 -18.76
CA VAL A 30 -4.01 5.07 -17.94
C VAL A 30 -3.86 4.73 -16.46
N PRO A 31 -2.94 5.41 -15.75
CA PRO A 31 -2.71 5.15 -14.32
C PRO A 31 -3.99 5.21 -13.51
N LYS A 32 -4.10 4.33 -12.52
CA LYS A 32 -5.28 4.27 -11.66
C LYS A 32 -5.08 3.27 -10.54
N ALA A 33 -4.03 3.46 -9.74
CA ALA A 33 -3.74 2.57 -8.62
C ALA A 33 -3.35 3.36 -7.37
N TYR A 34 -2.14 3.90 -7.38
CA TYR A 34 -1.66 4.69 -6.25
C TYR A 34 -1.91 6.18 -6.48
N SER A 35 -1.29 7.02 -5.67
CA SER A 35 -1.45 8.47 -5.79
C SER A 35 -0.94 8.98 -7.13
N VAL A 36 -0.99 10.30 -7.30
CA VAL A 36 -0.53 10.91 -8.55
C VAL A 36 0.22 12.21 -8.30
N ILE A 37 1.21 12.47 -9.13
CA ILE A 37 2.03 13.67 -9.00
C ILE A 37 1.53 14.80 -9.92
N GLN A 38 1.93 16.03 -9.60
CA GLN A 38 1.55 17.20 -10.40
C GLN A 38 2.30 18.45 -9.93
N GLY A 39 3.39 18.76 -10.62
CA GLY A 39 4.18 19.93 -10.24
C GLY A 39 4.92 19.73 -8.94
N ASN A 40 4.18 19.76 -7.83
CA ASN A 40 4.79 19.59 -6.51
C ASN A 40 3.74 19.23 -5.47
N ARG A 41 2.65 18.60 -5.91
CA ARG A 41 1.58 18.19 -5.00
C ARG A 41 1.07 16.80 -5.38
N THR A 42 0.51 16.09 -4.40
CA THR A 42 -0.02 14.74 -4.64
C THR A 42 -1.55 14.79 -4.69
N PHE A 43 -2.11 14.26 -5.78
CA PHE A 43 -3.55 14.24 -5.96
C PHE A 43 -4.14 12.90 -5.53
N ILE A 44 -4.38 12.75 -4.23
CA ILE A 44 -4.94 11.51 -3.71
C ILE A 44 -6.40 11.37 -4.12
N GLN A 45 -6.70 10.28 -4.83
CA GLN A 45 -8.05 10.01 -5.28
C GLN A 45 -8.66 8.85 -4.50
N ASN A 46 -7.85 7.83 -4.25
CA ASN A 46 -8.30 6.65 -3.53
C ASN A 46 -7.65 6.57 -2.15
N PHE A 47 -7.75 7.67 -1.39
CA PHE A 47 -7.16 7.72 -0.05
C PHE A 47 -7.46 6.45 0.74
N ARG A 48 -8.56 5.79 0.41
CA ARG A 48 -8.95 4.56 1.11
C ARG A 48 -8.07 3.38 0.70
N GLU A 49 -8.01 3.12 -0.60
CA GLU A 49 -7.20 2.01 -1.12
C GLU A 49 -5.72 2.33 -1.02
N VAL A 50 -5.36 3.58 -1.33
CA VAL A 50 -3.98 4.01 -1.27
C VAL A 50 -3.46 3.97 0.16
N ALA A 51 -4.29 4.40 1.11
CA ALA A 51 -3.88 4.42 2.51
C ALA A 51 -3.61 3.02 3.02
N ASP A 52 -4.52 2.10 2.74
CA ASP A 52 -4.37 0.72 3.18
C ASP A 52 -3.06 0.13 2.66
N ALA A 53 -2.95 -0.03 1.35
CA ALA A 53 -1.76 -0.59 0.74
C ALA A 53 -0.48 0.15 1.16
N LEU A 54 -0.51 1.49 1.09
CA LEU A 54 0.65 2.28 1.46
C LEU A 54 0.96 2.13 2.96
N ASN A 55 -0.06 1.84 3.74
CA ASN A 55 0.12 1.66 5.17
C ASN A 55 -1.18 1.26 5.84
N ARG A 56 -1.34 -0.05 6.05
CA ARG A 56 -2.55 -0.60 6.68
C ARG A 56 -3.12 0.35 7.73
N ASP A 57 -2.24 1.00 8.48
CA ASP A 57 -2.65 1.93 9.51
C ASP A 57 -2.86 3.33 8.91
N PRO A 58 -3.93 4.04 9.32
CA PRO A 58 -4.23 5.37 8.82
C PRO A 58 -3.27 6.43 9.33
N GLN A 59 -2.96 6.37 10.63
CA GLN A 59 -2.05 7.33 11.23
C GLN A 59 -0.65 7.21 10.63
N HIS A 60 -0.24 5.98 10.31
CA HIS A 60 1.09 5.75 9.73
C HIS A 60 1.22 6.50 8.41
N LEU A 61 0.10 6.76 7.75
CA LEU A 61 0.09 7.47 6.49
C LEU A 61 0.22 8.97 6.72
N LEU A 62 -0.45 9.44 7.77
CA LEU A 62 -0.45 10.86 8.11
C LEU A 62 0.91 11.28 8.66
N LYS A 63 1.56 10.37 9.36
CA LYS A 63 2.86 10.64 9.93
C LYS A 63 3.93 10.69 8.84
N PHE A 64 4.01 9.64 8.03
CA PHE A 64 4.99 9.57 6.94
C PHE A 64 4.74 10.68 5.93
N LEU A 65 3.47 10.94 5.64
CA LEU A 65 3.08 11.97 4.70
C LEU A 65 3.65 13.34 5.11
N LEU A 66 3.33 13.78 6.33
CA LEU A 66 3.82 15.06 6.81
C LEU A 66 5.34 15.04 7.04
N ARG A 67 5.85 13.87 7.42
CA ARG A 67 7.29 13.72 7.65
C ARG A 67 8.07 14.02 6.38
N GLU A 68 7.52 13.60 5.25
CA GLU A 68 8.17 13.82 3.96
C GLU A 68 7.69 15.09 3.28
N LEU A 69 6.47 15.52 3.59
CA LEU A 69 5.91 16.73 3.00
C LEU A 69 6.75 17.96 3.38
N GLY A 70 7.54 18.44 2.42
CA GLY A 70 8.37 19.60 2.67
C GLY A 70 7.59 20.90 2.60
N THR A 71 6.31 20.80 2.24
CA THR A 71 5.43 21.97 2.14
C THR A 71 4.26 21.84 3.11
N ALA A 72 3.52 22.93 3.27
CA ALA A 72 2.37 22.98 4.19
C ALA A 72 1.61 21.66 4.23
N GLY A 73 0.95 21.33 3.13
CA GLY A 73 0.19 20.09 3.08
C GLY A 73 -1.25 20.27 3.54
N ASN A 74 -2.19 20.02 2.64
CA ASN A 74 -3.61 20.16 2.95
C ASN A 74 -4.46 19.48 1.89
N LEU A 75 -5.74 19.27 2.18
CA LEU A 75 -6.64 18.63 1.23
C LEU A 75 -7.30 19.65 0.32
N GLU A 76 -6.98 19.60 -0.96
CA GLU A 76 -7.55 20.52 -1.95
C GLU A 76 -8.62 19.82 -2.77
N GLY A 77 -9.52 20.62 -3.36
CA GLY A 77 -10.59 20.05 -4.17
C GLY A 77 -11.43 19.04 -3.42
N GLY A 78 -12.43 18.49 -4.10
CA GLY A 78 -13.31 17.51 -3.48
C GLY A 78 -12.55 16.30 -2.96
N ARG A 79 -11.41 16.01 -3.58
CA ARG A 79 -10.58 14.88 -3.17
C ARG A 79 -9.54 15.36 -2.15
N ALA A 80 -8.42 14.65 -2.05
CA ALA A 80 -7.37 15.03 -1.11
C ALA A 80 -6.11 15.47 -1.84
N ILE A 81 -6.11 16.72 -2.31
CA ILE A 81 -4.96 17.25 -3.05
C ILE A 81 -4.01 18.00 -2.11
N LEU A 82 -3.02 17.29 -1.60
CA LEU A 82 -2.04 17.89 -0.69
C LEU A 82 -0.84 18.39 -1.48
N GLN A 83 0.14 18.94 -0.76
CA GLN A 83 1.35 19.47 -1.38
C GLN A 83 2.59 19.10 -0.59
N GLY A 84 3.47 18.32 -1.20
CA GLY A 84 4.68 17.90 -0.53
C GLY A 84 5.70 17.31 -1.47
N LYS A 85 5.76 15.98 -1.49
CA LYS A 85 6.69 15.29 -2.35
C LYS A 85 6.36 13.81 -2.41
N PHE A 86 5.09 13.47 -2.29
CA PHE A 86 4.66 12.09 -2.38
C PHE A 86 4.72 11.64 -3.84
N THR A 87 5.87 11.89 -4.46
CA THR A 87 6.09 11.53 -5.86
C THR A 87 6.29 10.04 -5.97
N HIS A 88 5.21 9.29 -5.73
CA HIS A 88 5.23 7.83 -5.76
C HIS A 88 6.48 7.31 -5.05
N PHE A 89 6.86 8.01 -3.98
CA PHE A 89 8.00 7.62 -3.17
C PHE A 89 7.56 6.71 -2.04
N LEU A 90 7.07 7.31 -0.97
CA LEU A 90 6.61 6.55 0.19
C LEU A 90 5.36 5.76 -0.16
N ILE A 91 4.37 6.45 -0.74
CA ILE A 91 3.12 5.81 -1.12
C ILE A 91 3.34 4.64 -2.08
N ASN A 92 3.88 4.92 -3.27
CA ASN A 92 4.09 3.87 -4.26
C ASN A 92 4.96 2.71 -3.75
N GLU A 93 6.08 3.03 -3.11
CA GLU A 93 6.99 2.00 -2.59
C GLU A 93 6.31 1.11 -1.55
N ARG A 94 5.79 1.73 -0.49
CA ARG A 94 5.10 0.98 0.56
C ARG A 94 4.01 0.12 -0.04
N ILE A 95 3.15 0.74 -0.84
CA ILE A 95 2.07 0.03 -1.48
C ILE A 95 2.62 -1.21 -2.18
N GLU A 96 3.57 -0.97 -3.09
CA GLU A 96 4.21 -2.04 -3.85
C GLU A 96 4.66 -3.18 -2.95
N ASP A 97 5.02 -2.83 -1.73
CA ASP A 97 5.49 -3.82 -0.76
C ASP A 97 4.35 -4.69 -0.23
N TYR A 98 3.20 -4.08 0.00
CA TYR A 98 2.04 -4.80 0.50
C TYR A 98 1.23 -5.41 -0.63
N VAL A 99 0.75 -4.57 -1.52
CA VAL A 99 -0.04 -5.04 -2.66
C VAL A 99 0.72 -6.07 -3.47
N ASN A 100 1.99 -5.80 -3.72
CA ASN A 100 2.82 -6.71 -4.50
C ASN A 100 3.88 -7.37 -3.62
N LYS A 101 3.43 -7.95 -2.51
CA LYS A 101 4.33 -8.64 -1.59
C LYS A 101 4.66 -10.03 -2.13
N PHE A 102 3.94 -10.44 -3.16
CA PHE A 102 4.14 -11.74 -3.78
C PHE A 102 5.38 -11.73 -4.66
N VAL A 103 5.46 -10.77 -5.59
CA VAL A 103 6.60 -10.66 -6.49
C VAL A 103 7.79 -10.01 -5.80
N ILE A 104 7.59 -9.51 -4.57
CA ILE A 104 8.65 -8.85 -3.84
C ILE A 104 9.08 -9.67 -2.62
N CYS A 105 8.10 -10.10 -1.83
CA CYS A 105 8.38 -10.89 -0.64
C CYS A 105 8.35 -12.39 -0.92
N HIS A 106 7.98 -12.75 -2.16
CA HIS A 106 7.93 -14.15 -2.56
C HIS A 106 6.87 -14.92 -1.77
N GLU A 107 5.66 -14.36 -1.73
CA GLU A 107 4.54 -14.98 -1.03
C GLU A 107 4.92 -15.41 0.40
N CYS A 108 5.03 -14.44 1.29
CA CYS A 108 5.39 -14.72 2.68
C CYS A 108 4.28 -15.48 3.42
N ASN A 109 3.84 -16.60 2.85
CA ASN A 109 2.80 -17.41 3.46
C ASN A 109 3.34 -18.16 4.68
N ARG A 110 3.88 -19.36 4.46
CA ARG A 110 4.45 -20.16 5.53
C ARG A 110 5.99 -20.21 5.48
N PRO A 111 6.68 -19.06 5.47
CA PRO A 111 8.15 -19.04 5.43
C PRO A 111 8.77 -19.91 6.51
N ASP A 112 9.88 -20.54 6.19
CA ASP A 112 10.60 -21.38 7.14
C ASP A 112 11.62 -20.52 7.89
N THR A 113 11.17 -19.33 8.30
CA THR A 113 12.02 -18.37 8.98
C THR A 113 11.28 -17.76 10.16
N ARG A 114 11.96 -16.92 10.92
CA ARG A 114 11.35 -16.26 12.07
C ARG A 114 10.69 -14.96 11.63
N ILE A 115 9.37 -15.02 11.42
CA ILE A 115 8.61 -13.86 11.00
C ILE A 115 7.98 -13.18 12.22
N ILE A 116 8.06 -11.86 12.26
CA ILE A 116 7.50 -11.08 13.36
C ILE A 116 6.83 -9.82 12.83
N ARG A 117 5.62 -9.54 13.29
CA ARG A 117 4.87 -8.37 12.85
C ARG A 117 4.22 -7.63 14.03
N GLU A 118 4.38 -6.31 14.04
CA GLU A 118 3.81 -5.48 15.11
C GLU A 118 3.19 -4.21 14.55
N GLY A 119 2.13 -3.73 15.20
CA GLY A 119 1.46 -2.51 14.75
C GLY A 119 0.22 -2.79 13.91
N ARG A 120 -0.49 -3.86 14.24
CA ARG A 120 -1.70 -4.22 13.51
C ARG A 120 -1.40 -4.38 12.02
N ILE A 121 -0.41 -5.20 11.70
CA ILE A 121 -0.02 -5.42 10.31
C ILE A 121 0.57 -4.16 9.72
N SER A 122 1.73 -3.75 10.23
CA SER A 122 2.40 -2.55 9.74
C SER A 122 3.90 -2.73 9.70
N LEU A 123 4.43 -3.54 10.61
CA LEU A 123 5.86 -3.80 10.67
C LEU A 123 6.11 -5.30 10.59
N LEU A 124 7.24 -5.68 10.00
CA LEU A 124 7.58 -7.09 9.84
C LEU A 124 9.02 -7.26 9.36
N LYS A 125 9.63 -8.37 9.75
CA LYS A 125 11.01 -8.64 9.34
C LYS A 125 11.08 -9.92 8.50
N CYS A 126 11.98 -9.92 7.51
CA CYS A 126 12.15 -11.06 6.62
C CYS A 126 13.64 -11.28 6.30
N GLU A 127 14.38 -11.72 7.30
CA GLU A 127 15.82 -11.97 7.13
C GLU A 127 16.06 -13.14 6.17
N ALA A 128 15.08 -14.04 6.06
CA ALA A 128 15.22 -15.19 5.19
C ALA A 128 14.83 -14.86 3.74
N CYS A 129 13.53 -14.70 3.50
CA CYS A 129 13.05 -14.40 2.15
C CYS A 129 13.34 -12.94 1.80
N GLY A 130 14.62 -12.56 1.86
CA GLY A 130 15.01 -11.21 1.54
C GLY A 130 15.24 -10.38 2.78
N ALA A 131 14.54 -9.26 2.88
CA ALA A 131 14.66 -8.38 4.03
C ALA A 131 13.37 -7.59 4.27
N LYS A 132 13.12 -7.22 5.51
CA LYS A 132 11.93 -6.47 5.86
C LYS A 132 12.20 -5.60 7.10
N ALA A 133 11.47 -4.50 7.22
CA ALA A 133 11.64 -3.58 8.34
C ALA A 133 10.92 -4.05 9.60
N PRO A 134 11.68 -4.56 10.60
CA PRO A 134 11.09 -5.03 11.86
C PRO A 134 10.56 -3.90 12.73
N LEU A 135 11.42 -2.91 12.98
CA LEU A 135 11.05 -1.77 13.81
C LEU A 135 11.10 -0.46 13.01
N LYS A 136 12.31 -0.02 12.66
CA LYS A 136 12.49 1.21 11.91
C LYS A 136 13.96 1.43 11.56
N ASN A 137 14.81 1.52 12.58
CA ASN A 137 16.24 1.72 12.39
C ASN A 137 17.05 0.79 13.28
N VAL A 138 18.30 0.55 12.89
CA VAL A 138 19.18 -0.33 13.65
C VAL A 138 19.82 0.42 14.82
N MET A 4 0.60 -21.60 -33.90
CA MET A 4 -0.83 -22.00 -33.84
C MET A 4 -1.40 -21.87 -32.42
N ASP A 5 -0.58 -22.10 -31.40
CA ASP A 5 -1.02 -22.00 -30.01
C ASP A 5 -1.58 -20.61 -29.72
N ASP A 6 -2.90 -20.46 -29.88
CA ASP A 6 -3.55 -19.19 -29.61
C ASP A 6 -3.91 -19.04 -28.15
N TYR A 7 -4.59 -17.95 -27.80
CA TYR A 7 -4.98 -17.70 -26.42
C TYR A 7 -5.89 -18.82 -25.90
N GLU A 8 -5.33 -19.69 -25.07
CA GLU A 8 -6.09 -20.81 -24.51
C GLU A 8 -7.26 -20.29 -23.68
N LYS A 9 -7.98 -21.22 -23.04
CA LYS A 9 -9.11 -20.86 -22.20
C LYS A 9 -8.80 -21.13 -20.73
N LEU A 10 -8.30 -22.33 -20.46
CA LEU A 10 -7.96 -22.71 -19.10
C LEU A 10 -7.36 -24.12 -19.08
N LEU A 11 -6.69 -24.51 -20.16
CA LEU A 11 -6.07 -25.82 -20.25
C LEU A 11 -4.60 -25.76 -19.82
N GLU A 12 -4.30 -24.82 -18.92
CA GLU A 12 -2.95 -24.65 -18.42
C GLU A 12 -2.93 -24.74 -16.90
N ARG A 13 -1.91 -25.40 -16.36
CA ARG A 13 -1.78 -25.56 -14.93
C ARG A 13 -0.89 -24.46 -14.34
N ALA A 14 -1.49 -23.31 -14.03
CA ALA A 14 -0.76 -22.20 -13.47
C ALA A 14 -1.71 -21.13 -12.94
N ILE A 15 -2.87 -21.56 -12.44
CA ILE A 15 -3.86 -20.64 -11.91
C ILE A 15 -3.81 -20.61 -10.37
N ASP A 16 -4.76 -21.29 -9.72
CA ASP A 16 -4.81 -21.33 -8.27
C ASP A 16 -4.71 -22.77 -7.77
N GLN A 17 -5.70 -23.58 -8.12
CA GLN A 17 -5.74 -24.97 -7.70
C GLN A 17 -4.79 -25.81 -8.55
N LEU A 18 -4.58 -25.40 -9.79
CA LEU A 18 -3.69 -26.11 -10.70
C LEU A 18 -2.29 -26.22 -10.09
N PRO A 19 -1.54 -27.27 -10.44
CA PRO A 19 -0.18 -27.48 -9.91
C PRO A 19 0.71 -26.26 -10.13
N PRO A 20 1.25 -25.67 -9.04
CA PRO A 20 2.13 -24.50 -9.14
C PRO A 20 3.38 -24.76 -9.98
N GLU A 21 3.61 -23.90 -10.96
CA GLU A 21 4.78 -24.04 -11.83
C GLU A 21 5.25 -22.67 -12.31
N VAL A 22 4.31 -21.81 -12.68
CA VAL A 22 4.65 -20.47 -13.15
C VAL A 22 4.63 -19.46 -12.00
N PHE A 23 5.72 -18.70 -11.89
CA PHE A 23 5.83 -17.70 -10.83
C PHE A 23 4.98 -16.47 -11.14
N GLU A 24 3.68 -16.67 -11.29
CA GLU A 24 2.75 -15.59 -11.57
C GLU A 24 1.43 -15.78 -10.84
N THR A 25 0.65 -14.71 -10.72
CA THR A 25 -0.64 -14.79 -10.06
C THR A 25 -1.75 -15.10 -11.07
N LYS A 26 -2.99 -14.96 -10.63
CA LYS A 26 -4.14 -15.23 -11.51
C LYS A 26 -4.37 -14.06 -12.45
N ARG A 27 -5.50 -14.08 -13.15
CA ARG A 27 -5.85 -13.02 -14.08
C ARG A 27 -6.28 -11.75 -13.33
N PHE A 28 -6.21 -11.78 -12.00
CA PHE A 28 -6.59 -10.64 -11.18
C PHE A 28 -5.48 -9.60 -11.13
N GLU A 29 -5.65 -8.50 -11.85
CA GLU A 29 -4.66 -7.44 -11.89
C GLU A 29 -5.28 -6.13 -12.34
N VAL A 30 -5.35 -5.16 -11.43
CA VAL A 30 -5.92 -3.86 -11.73
C VAL A 30 -5.29 -2.76 -10.89
N PRO A 31 -3.95 -2.70 -10.84
CA PRO A 31 -3.23 -1.68 -10.06
C PRO A 31 -3.69 -0.27 -10.37
N LYS A 32 -4.41 0.33 -9.43
CA LYS A 32 -4.92 1.69 -9.61
C LYS A 32 -4.92 2.44 -8.28
N ALA A 33 -3.91 2.17 -7.46
CA ALA A 33 -3.80 2.83 -6.15
C ALA A 33 -2.47 3.57 -6.04
N TYR A 34 -2.47 4.83 -6.47
CA TYR A 34 -1.27 5.65 -6.42
C TYR A 34 -1.59 7.11 -6.71
N SER A 35 -0.97 7.99 -5.95
CA SER A 35 -1.18 9.42 -6.11
C SER A 35 -0.68 9.89 -7.47
N VAL A 36 -0.63 11.21 -7.66
CA VAL A 36 -0.16 11.76 -8.93
C VAL A 36 0.66 13.02 -8.69
N ILE A 37 1.77 13.15 -9.42
CA ILE A 37 2.66 14.28 -9.28
C ILE A 37 2.23 15.46 -10.16
N GLN A 38 2.01 16.61 -9.53
CA GLN A 38 1.59 17.81 -10.25
C GLN A 38 2.37 19.02 -9.78
N GLY A 39 3.37 19.43 -10.57
CA GLY A 39 4.18 20.58 -10.20
C GLY A 39 4.93 20.35 -8.90
N ASN A 40 4.23 20.52 -7.78
CA ASN A 40 4.83 20.33 -6.47
C ASN A 40 3.80 19.80 -5.46
N ARG A 41 2.74 19.17 -5.97
CA ARG A 41 1.69 18.61 -5.11
C ARG A 41 1.25 17.23 -5.58
N THR A 42 0.74 16.45 -4.64
CA THR A 42 0.26 15.10 -4.94
C THR A 42 -1.25 15.05 -4.89
N PHE A 43 -1.88 14.48 -5.93
CA PHE A 43 -3.34 14.39 -5.98
C PHE A 43 -3.82 12.98 -5.65
N ILE A 44 -3.81 12.66 -4.36
CA ILE A 44 -4.23 11.33 -3.91
C ILE A 44 -5.75 11.16 -4.03
N GLN A 45 -6.16 10.10 -4.72
CA GLN A 45 -7.58 9.82 -4.91
C GLN A 45 -7.99 8.56 -4.16
N ASN A 46 -7.06 7.62 -4.03
CA ASN A 46 -7.31 6.38 -3.34
C ASN A 46 -6.75 6.43 -1.93
N PHE A 47 -6.89 7.59 -1.31
CA PHE A 47 -6.39 7.79 0.06
C PHE A 47 -6.76 6.63 0.96
N ARG A 48 -7.83 5.92 0.63
CA ARG A 48 -8.26 4.78 1.44
C ARG A 48 -7.47 3.53 1.07
N GLU A 49 -7.53 3.16 -0.21
CA GLU A 49 -6.81 1.99 -0.70
C GLU A 49 -5.32 2.18 -0.47
N VAL A 50 -4.84 3.38 -0.78
CA VAL A 50 -3.45 3.72 -0.61
C VAL A 50 -3.09 3.78 0.87
N ALA A 51 -4.01 4.31 1.68
CA ALA A 51 -3.78 4.44 3.11
C ALA A 51 -3.48 3.09 3.76
N ASP A 52 -4.12 2.04 3.26
CA ASP A 52 -3.89 0.70 3.81
C ASP A 52 -2.60 0.10 3.30
N ALA A 53 -2.54 -0.18 2.00
CA ALA A 53 -1.36 -0.80 1.41
C ALA A 53 -0.07 -0.09 1.82
N LEU A 54 -0.01 1.24 1.64
CA LEU A 54 1.19 1.98 2.00
C LEU A 54 1.40 1.95 3.51
N ASN A 55 0.32 2.02 4.29
CA ASN A 55 0.45 1.97 5.74
C ASN A 55 -0.80 1.40 6.40
N ARG A 56 -0.79 0.07 6.57
CA ARG A 56 -1.90 -0.65 7.19
C ARG A 56 -2.72 0.24 8.13
N ASP A 57 -2.04 0.93 9.02
CA ASP A 57 -2.71 1.82 9.97
C ASP A 57 -2.83 3.22 9.38
N PRO A 58 -3.99 3.89 9.58
CA PRO A 58 -4.22 5.23 9.04
C PRO A 58 -3.40 6.29 9.77
N GLN A 59 -3.16 6.09 11.06
CA GLN A 59 -2.38 7.02 11.85
C GLN A 59 -0.95 7.13 11.32
N HIS A 60 -0.42 6.01 10.85
CA HIS A 60 0.93 5.97 10.31
C HIS A 60 1.02 6.74 9.00
N LEU A 61 0.29 6.27 7.98
CA LEU A 61 0.29 6.92 6.68
C LEU A 61 0.13 8.43 6.82
N LEU A 62 -0.71 8.84 7.78
CA LEU A 62 -0.95 10.26 8.02
C LEU A 62 0.34 10.99 8.35
N LYS A 63 1.00 10.54 9.43
CA LYS A 63 2.26 11.17 9.84
C LYS A 63 3.29 11.11 8.71
N PHE A 64 3.19 10.09 7.87
CA PHE A 64 4.12 9.93 6.74
C PHE A 64 3.89 11.01 5.68
N LEU A 65 2.63 11.23 5.33
CA LEU A 65 2.28 12.23 4.32
C LEU A 65 2.82 13.60 4.71
N LEU A 66 2.66 13.96 5.98
CA LEU A 66 3.14 15.26 6.46
C LEU A 66 4.63 15.21 6.77
N ARG A 67 5.16 14.01 6.99
CA ARG A 67 6.58 13.84 7.30
C ARG A 67 7.45 14.25 6.12
N GLU A 68 7.08 13.80 4.93
CA GLU A 68 7.83 14.12 3.72
C GLU A 68 7.33 15.41 3.09
N LEU A 69 6.15 15.86 3.50
CA LEU A 69 5.56 17.08 2.97
C LEU A 69 6.14 18.30 3.68
N GLY A 70 7.29 18.78 3.22
CA GLY A 70 7.90 19.94 3.82
C GLY A 70 7.21 21.24 3.45
N THR A 71 5.97 21.13 3.00
CA THR A 71 5.18 22.30 2.61
C THR A 71 3.82 22.28 3.30
N ALA A 72 3.10 23.39 3.20
CA ALA A 72 1.78 23.54 3.81
C ALA A 72 1.10 22.20 4.10
N GLY A 73 0.94 21.38 3.07
CA GLY A 73 0.32 20.08 3.24
C GLY A 73 -1.15 20.18 3.59
N ASN A 74 -2.02 19.97 2.61
CA ASN A 74 -3.46 20.03 2.82
C ASN A 74 -4.22 19.37 1.68
N LEU A 75 -5.50 19.10 1.89
CA LEU A 75 -6.33 18.48 0.85
C LEU A 75 -6.89 19.52 -0.11
N GLU A 76 -6.50 19.44 -1.37
CA GLU A 76 -6.99 20.36 -2.39
C GLU A 76 -8.03 19.66 -3.26
N GLY A 77 -8.98 20.44 -3.77
CA GLY A 77 -10.02 19.87 -4.62
C GLY A 77 -10.92 18.92 -3.86
N GLY A 78 -11.88 18.31 -4.57
CA GLY A 78 -12.80 17.37 -3.93
C GLY A 78 -12.08 16.21 -3.30
N ARG A 79 -10.98 15.78 -3.90
CA ARG A 79 -10.20 14.66 -3.38
C ARG A 79 -9.16 15.14 -2.38
N ALA A 80 -8.11 14.35 -2.16
CA ALA A 80 -7.06 14.73 -1.22
C ALA A 80 -5.78 15.15 -1.95
N ILE A 81 -5.76 16.39 -2.45
CA ILE A 81 -4.60 16.91 -3.15
C ILE A 81 -3.68 17.68 -2.23
N LEU A 82 -2.68 17.00 -1.66
CA LEU A 82 -1.73 17.64 -0.76
C LEU A 82 -0.67 18.41 -1.55
N GLN A 83 0.27 19.00 -0.84
CA GLN A 83 1.33 19.79 -1.47
C GLN A 83 2.67 19.51 -0.81
N GLY A 84 3.73 19.44 -1.61
CA GLY A 84 5.05 19.18 -1.09
C GLY A 84 5.78 18.05 -1.81
N LYS A 85 5.79 16.87 -1.21
CA LYS A 85 6.46 15.71 -1.80
C LYS A 85 5.53 14.49 -1.85
N PHE A 86 6.09 13.28 -1.72
CA PHE A 86 5.30 12.06 -1.77
C PHE A 86 4.64 11.91 -3.13
N THR A 87 5.43 12.07 -4.18
CA THR A 87 4.95 11.94 -5.55
C THR A 87 4.90 10.48 -5.95
N HIS A 88 3.90 9.76 -5.44
CA HIS A 88 3.73 8.33 -5.70
C HIS A 88 5.07 7.61 -5.64
N PHE A 89 5.93 8.06 -4.74
CA PHE A 89 7.24 7.45 -4.57
C PHE A 89 7.20 6.38 -3.49
N LEU A 90 7.10 6.83 -2.24
CA LEU A 90 7.05 5.93 -1.10
C LEU A 90 5.74 5.19 -1.05
N ILE A 91 4.65 5.92 -1.31
CA ILE A 91 3.33 5.33 -1.29
C ILE A 91 3.25 4.12 -2.22
N ASN A 92 3.45 4.37 -3.51
CA ASN A 92 3.39 3.31 -4.51
C ASN A 92 4.33 2.15 -4.17
N GLU A 93 5.53 2.47 -3.69
CA GLU A 93 6.51 1.46 -3.33
C GLU A 93 5.99 0.53 -2.24
N ARG A 94 5.59 1.10 -1.11
CA ARG A 94 5.07 0.31 0.00
C ARG A 94 3.89 -0.54 -0.43
N ILE A 95 2.94 0.08 -1.12
CA ILE A 95 1.75 -0.62 -1.58
C ILE A 95 2.13 -1.85 -2.41
N GLU A 96 2.88 -1.62 -3.48
CA GLU A 96 3.32 -2.70 -4.37
C GLU A 96 3.95 -3.83 -3.56
N ASP A 97 4.54 -3.49 -2.43
CA ASP A 97 5.17 -4.47 -1.56
C ASP A 97 4.12 -5.31 -0.83
N TYR A 98 2.99 -4.68 -0.53
CA TYR A 98 1.90 -5.37 0.18
C TYR A 98 0.97 -6.09 -0.80
N VAL A 99 0.36 -5.33 -1.71
CA VAL A 99 -0.55 -5.91 -2.70
C VAL A 99 0.16 -6.96 -3.54
N ASN A 100 1.40 -6.67 -3.93
CA ASN A 100 2.18 -7.60 -4.73
C ASN A 100 3.33 -8.19 -3.92
N LYS A 101 3.01 -8.71 -2.74
CA LYS A 101 4.01 -9.31 -1.86
C LYS A 101 4.35 -10.73 -2.30
N PHE A 102 3.55 -11.26 -3.24
CA PHE A 102 3.78 -12.61 -3.75
C PHE A 102 4.93 -12.64 -4.76
N VAL A 103 4.86 -11.75 -5.76
CA VAL A 103 5.89 -11.70 -6.78
C VAL A 103 7.06 -10.78 -6.40
N ILE A 104 6.95 -10.09 -5.27
CA ILE A 104 8.00 -9.21 -4.82
C ILE A 104 8.81 -9.87 -3.69
N CYS A 105 8.12 -10.40 -2.69
CA CYS A 105 8.78 -11.04 -1.55
C CYS A 105 9.11 -12.51 -1.85
N HIS A 106 9.57 -12.78 -3.08
CA HIS A 106 9.91 -14.15 -3.48
C HIS A 106 8.82 -15.14 -3.06
N GLU A 107 7.57 -14.77 -3.32
CA GLU A 107 6.42 -15.60 -2.97
C GLU A 107 6.54 -16.15 -1.54
N CYS A 108 6.45 -15.25 -0.57
CA CYS A 108 6.53 -15.63 0.84
C CYS A 108 5.25 -16.35 1.27
N ASN A 109 4.79 -17.29 0.46
CA ASN A 109 3.59 -18.05 0.77
C ASN A 109 3.85 -19.08 1.86
N ARG A 110 4.56 -20.14 1.50
CA ARG A 110 4.89 -21.22 2.42
C ARG A 110 6.00 -20.78 3.39
N PRO A 111 5.81 -21.02 4.70
CA PRO A 111 6.81 -20.65 5.72
C PRO A 111 8.18 -21.28 5.45
N ASP A 112 8.90 -20.71 4.50
CA ASP A 112 10.24 -21.18 4.14
C ASP A 112 11.31 -20.36 4.85
N THR A 113 10.88 -19.27 5.47
CA THR A 113 11.81 -18.38 6.17
C THR A 113 11.25 -17.95 7.52
N ARG A 114 12.04 -17.22 8.30
CA ARG A 114 11.61 -16.76 9.61
C ARG A 114 10.91 -15.41 9.51
N ILE A 115 9.59 -15.46 9.50
CA ILE A 115 8.79 -14.24 9.41
C ILE A 115 8.31 -13.79 10.78
N ILE A 116 8.25 -12.47 10.96
CA ILE A 116 7.82 -11.89 12.22
C ILE A 116 6.93 -10.69 11.96
N ARG A 117 5.86 -10.56 12.74
CA ARG A 117 4.93 -9.44 12.58
C ARG A 117 4.67 -8.77 13.92
N GLU A 118 5.10 -7.52 14.06
CA GLU A 118 4.91 -6.77 15.30
C GLU A 118 4.27 -5.42 15.02
N GLY A 119 3.44 -4.96 15.95
CA GLY A 119 2.78 -3.68 15.79
C GLY A 119 1.36 -3.82 15.27
N ARG A 120 0.69 -4.89 15.66
CA ARG A 120 -0.68 -5.13 15.22
C ARG A 120 -0.74 -5.19 13.70
N ILE A 121 -0.03 -6.14 13.12
CA ILE A 121 0.01 -6.30 11.68
C ILE A 121 0.40 -4.98 11.01
N SER A 122 1.62 -4.54 11.29
CA SER A 122 2.13 -3.29 10.74
C SER A 122 3.60 -3.42 10.36
N LEU A 123 4.33 -4.30 11.05
CA LEU A 123 5.74 -4.51 10.79
C LEU A 123 6.02 -6.00 10.52
N LEU A 124 6.98 -6.28 9.63
CA LEU A 124 7.34 -7.66 9.29
C LEU A 124 8.78 -7.73 8.80
N LYS A 125 9.49 -8.81 9.17
CA LYS A 125 10.88 -8.99 8.76
C LYS A 125 11.08 -10.27 7.94
N CYS A 126 11.98 -10.20 6.97
CA CYS A 126 12.28 -11.34 6.10
C CYS A 126 13.77 -11.44 5.82
N GLU A 127 14.58 -11.30 6.86
CA GLU A 127 16.03 -11.37 6.72
C GLU A 127 16.46 -12.61 5.93
N ALA A 128 15.72 -13.70 6.09
CA ALA A 128 16.03 -14.94 5.37
C ALA A 128 15.83 -14.78 3.87
N CYS A 129 14.58 -14.66 3.42
CA CYS A 129 14.30 -14.49 2.00
C CYS A 129 14.50 -13.04 1.58
N GLY A 130 15.63 -12.47 1.98
CA GLY A 130 15.93 -11.09 1.64
C GLY A 130 15.96 -10.20 2.87
N ALA A 131 15.13 -9.16 2.86
CA ALA A 131 15.07 -8.24 3.99
C ALA A 131 13.71 -7.57 4.10
N LYS A 132 13.33 -7.20 5.31
CA LYS A 132 12.06 -6.54 5.56
C LYS A 132 12.15 -5.66 6.81
N ALA A 133 11.32 -4.63 6.85
CA ALA A 133 11.32 -3.70 7.99
C ALA A 133 10.54 -4.27 9.17
N PRO A 134 11.23 -4.76 10.22
CA PRO A 134 10.59 -5.32 11.40
C PRO A 134 9.91 -4.25 12.25
N LEU A 135 10.32 -3.00 12.04
CA LEU A 135 9.76 -1.89 12.80
C LEU A 135 9.90 -0.58 12.04
N LYS A 136 11.07 -0.35 11.46
CA LYS A 136 11.32 0.87 10.69
C LYS A 136 12.61 0.76 9.90
N ASN A 137 13.74 0.77 10.60
CA ASN A 137 15.05 0.68 9.96
C ASN A 137 15.95 -0.29 10.71
N VAL A 138 17.07 -0.64 10.11
CA VAL A 138 18.02 -1.56 10.73
C VAL A 138 18.98 -0.83 11.66
N MET A 4 -31.82 11.22 -51.36
CA MET A 4 -31.57 9.76 -51.45
C MET A 4 -30.76 9.25 -50.26
N ASP A 5 -30.95 9.87 -49.10
CA ASP A 5 -30.24 9.46 -47.89
C ASP A 5 -31.03 9.86 -46.64
N ASP A 6 -31.04 8.98 -45.64
CA ASP A 6 -31.76 9.24 -44.41
C ASP A 6 -30.81 9.73 -43.32
N TYR A 7 -29.83 8.91 -42.98
CA TYR A 7 -28.85 9.26 -41.95
C TYR A 7 -27.70 8.25 -41.94
N GLU A 8 -26.48 8.76 -41.92
CA GLU A 8 -25.30 7.91 -41.90
C GLU A 8 -24.83 7.66 -40.47
N LYS A 9 -25.21 6.52 -39.91
CA LYS A 9 -24.83 6.17 -38.54
C LYS A 9 -23.73 5.13 -38.55
N LEU A 10 -22.93 5.12 -37.48
CA LEU A 10 -21.83 4.17 -37.36
C LEU A 10 -22.04 3.25 -36.17
N LEU A 11 -22.20 1.96 -36.43
CA LEU A 11 -22.41 0.98 -35.38
C LEU A 11 -21.12 0.21 -35.09
N GLU A 12 -20.20 0.85 -34.40
CA GLU A 12 -18.92 0.23 -34.06
C GLU A 12 -18.87 -0.14 -32.59
N ARG A 13 -19.11 -1.42 -32.31
CA ARG A 13 -19.10 -1.92 -30.94
C ARG A 13 -17.67 -2.15 -30.46
N ALA A 14 -17.52 -2.62 -29.22
CA ALA A 14 -16.21 -2.89 -28.65
C ALA A 14 -15.50 -1.59 -28.29
N ILE A 15 -16.19 -0.74 -27.54
CA ILE A 15 -15.64 0.54 -27.12
C ILE A 15 -15.28 0.52 -25.63
N ASP A 16 -15.89 -0.40 -24.89
CA ASP A 16 -15.61 -0.53 -23.45
C ASP A 16 -15.65 -1.99 -23.01
N GLN A 17 -16.83 -2.62 -23.08
CA GLN A 17 -16.98 -4.01 -22.67
C GLN A 17 -16.88 -4.96 -23.88
N LEU A 18 -18.03 -5.30 -24.46
CA LEU A 18 -18.07 -6.19 -25.63
C LEU A 18 -17.48 -7.56 -25.30
N PRO A 19 -18.19 -8.65 -25.69
CA PRO A 19 -17.72 -10.02 -25.46
C PRO A 19 -16.28 -10.22 -25.89
N PRO A 20 -15.64 -11.32 -25.46
CA PRO A 20 -14.24 -11.62 -25.80
C PRO A 20 -14.03 -11.77 -27.32
N GLU A 21 -13.96 -13.00 -27.81
CA GLU A 21 -13.77 -13.26 -29.25
C GLU A 21 -12.56 -12.50 -29.80
N VAL A 22 -12.76 -11.25 -30.22
CA VAL A 22 -11.68 -10.43 -30.77
C VAL A 22 -11.20 -9.40 -29.75
N PHE A 23 -9.95 -9.00 -29.88
CA PHE A 23 -9.36 -8.01 -28.98
C PHE A 23 -9.40 -6.60 -29.57
N GLU A 24 -10.61 -6.08 -29.77
CA GLU A 24 -10.80 -4.75 -30.32
C GLU A 24 -10.18 -3.70 -29.40
N THR A 25 -10.29 -2.43 -29.80
CA THR A 25 -9.74 -1.33 -29.02
C THR A 25 -10.75 -0.83 -27.99
N LYS A 26 -10.66 -1.35 -26.77
CA LYS A 26 -11.55 -0.93 -25.70
C LYS A 26 -11.02 0.33 -25.02
N ARG A 27 -11.91 1.27 -24.74
CA ARG A 27 -11.51 2.51 -24.10
C ARG A 27 -11.64 2.42 -22.57
N PHE A 28 -11.12 1.33 -22.01
CA PHE A 28 -11.17 1.12 -20.56
C PHE A 28 -9.90 1.64 -19.90
N GLU A 29 -10.08 2.47 -18.88
CA GLU A 29 -8.94 3.04 -18.16
C GLU A 29 -9.39 3.58 -16.81
N VAL A 30 -8.82 3.01 -15.74
CA VAL A 30 -9.14 3.43 -14.37
C VAL A 30 -7.93 3.23 -13.46
N PRO A 31 -6.78 3.81 -13.83
CA PRO A 31 -5.56 3.71 -13.03
C PRO A 31 -5.78 4.10 -11.57
N LYS A 32 -5.20 3.33 -10.66
CA LYS A 32 -5.34 3.62 -9.25
C LYS A 32 -4.36 2.80 -8.41
N ALA A 33 -4.51 2.88 -7.08
CA ALA A 33 -3.64 2.16 -6.16
C ALA A 33 -2.38 2.97 -5.87
N TYR A 34 -2.45 4.27 -6.09
CA TYR A 34 -1.32 5.17 -5.86
C TYR A 34 -1.69 6.61 -6.18
N SER A 35 -0.96 7.56 -5.62
CA SER A 35 -1.22 8.98 -5.84
C SER A 35 -0.81 9.38 -7.26
N VAL A 36 -1.01 10.65 -7.59
CA VAL A 36 -0.67 11.17 -8.90
C VAL A 36 0.16 12.43 -8.77
N ILE A 37 1.23 12.52 -9.55
CA ILE A 37 2.11 13.67 -9.52
C ILE A 37 1.35 14.97 -9.83
N GLN A 38 1.66 16.02 -9.08
CA GLN A 38 1.01 17.31 -9.29
C GLN A 38 2.02 18.46 -9.14
N GLY A 39 1.72 19.59 -9.78
CA GLY A 39 2.61 20.74 -9.71
C GLY A 39 3.05 21.07 -8.30
N ASN A 40 4.12 20.41 -7.85
CA ASN A 40 4.65 20.64 -6.51
C ASN A 40 3.66 20.14 -5.45
N ARG A 41 2.73 19.27 -5.86
CA ARG A 41 1.73 18.74 -4.95
C ARG A 41 1.35 17.30 -5.31
N THR A 42 0.75 16.57 -4.37
CA THR A 42 0.34 15.19 -4.61
C THR A 42 -1.19 15.09 -4.71
N PHE A 43 -1.67 14.46 -5.78
CA PHE A 43 -3.12 14.28 -5.98
C PHE A 43 -3.54 12.89 -5.55
N ILE A 44 -3.83 12.72 -4.27
CA ILE A 44 -4.25 11.42 -3.75
C ILE A 44 -5.75 11.25 -3.93
N GLN A 45 -6.13 10.22 -4.67
CA GLN A 45 -7.54 9.95 -4.94
C GLN A 45 -8.00 8.68 -4.21
N ASN A 46 -7.10 7.72 -4.08
CA ASN A 46 -7.41 6.48 -3.41
C ASN A 46 -6.87 6.49 -1.97
N PHE A 47 -7.03 7.63 -1.29
CA PHE A 47 -6.56 7.76 0.07
C PHE A 47 -6.95 6.55 0.92
N ARG A 48 -8.10 5.96 0.60
CA ARG A 48 -8.59 4.79 1.32
C ARG A 48 -7.80 3.54 0.94
N GLU A 49 -7.81 3.22 -0.36
CA GLU A 49 -7.09 2.05 -0.86
C GLU A 49 -5.59 2.24 -0.71
N VAL A 50 -5.09 3.36 -1.20
CA VAL A 50 -3.67 3.66 -1.13
C VAL A 50 -3.17 3.64 0.32
N ALA A 51 -4.01 4.11 1.24
CA ALA A 51 -3.65 4.14 2.66
C ALA A 51 -3.36 2.74 3.19
N ASP A 52 -4.35 1.87 3.11
CA ASP A 52 -4.21 0.50 3.61
C ASP A 52 -2.92 -0.13 3.12
N ALA A 53 -2.81 -0.34 1.80
CA ALA A 53 -1.62 -0.97 1.24
C ALA A 53 -0.34 -0.23 1.63
N LEU A 54 -0.33 1.10 1.54
CA LEU A 54 0.84 1.88 1.90
C LEU A 54 1.10 1.75 3.40
N ASN A 55 0.07 1.33 4.14
CA ASN A 55 0.16 1.13 5.58
C ASN A 55 -1.21 0.85 6.17
N ARG A 56 -1.40 -0.35 6.72
CA ARG A 56 -2.67 -0.75 7.32
C ARG A 56 -3.26 0.41 8.12
N ASP A 57 -2.62 0.73 9.24
CA ASP A 57 -3.07 1.83 10.08
C ASP A 57 -2.95 3.15 9.33
N PRO A 58 -3.95 4.05 9.48
CA PRO A 58 -3.95 5.35 8.80
C PRO A 58 -2.94 6.32 9.42
N GLN A 59 -2.84 6.30 10.74
CA GLN A 59 -1.92 7.18 11.46
C GLN A 59 -0.50 7.07 10.88
N HIS A 60 -0.18 5.90 10.35
CA HIS A 60 1.14 5.67 9.77
C HIS A 60 1.31 6.43 8.47
N LEU A 61 0.22 6.56 7.72
CA LEU A 61 0.24 7.27 6.46
C LEU A 61 0.40 8.76 6.70
N LEU A 62 -0.33 9.27 7.68
CA LEU A 62 -0.30 10.69 8.01
C LEU A 62 1.12 11.13 8.36
N LYS A 63 1.76 10.41 9.29
CA LYS A 63 3.12 10.74 9.70
C LYS A 63 4.06 10.73 8.51
N PHE A 64 4.00 9.66 7.72
CA PHE A 64 4.84 9.52 6.54
C PHE A 64 4.76 10.78 5.68
N LEU A 65 3.54 11.27 5.50
CA LEU A 65 3.30 12.47 4.71
C LEU A 65 4.11 13.66 5.25
N LEU A 66 3.94 13.95 6.54
CA LEU A 66 4.66 15.05 7.18
C LEU A 66 6.17 14.89 7.02
N ARG A 67 6.63 13.66 6.81
CA ARG A 67 8.05 13.39 6.66
C ARG A 67 8.57 13.94 5.33
N GLU A 68 7.89 13.58 4.25
CA GLU A 68 8.30 14.06 2.92
C GLU A 68 7.79 15.46 2.68
N LEU A 69 6.49 15.57 2.41
CA LEU A 69 5.88 16.86 2.13
C LEU A 69 6.00 17.78 3.34
N GLY A 70 7.06 18.59 3.34
CA GLY A 70 7.29 19.53 4.42
C GLY A 70 6.65 20.87 4.16
N THR A 71 5.50 20.85 3.49
CA THR A 71 4.77 22.06 3.17
C THR A 71 3.43 22.07 3.86
N ALA A 72 2.76 23.23 3.85
CA ALA A 72 1.45 23.40 4.49
C ALA A 72 0.68 22.08 4.57
N GLY A 73 0.42 21.48 3.41
CA GLY A 73 -0.31 20.23 3.38
C GLY A 73 -1.79 20.41 3.63
N ASN A 74 -2.60 20.14 2.60
CA ASN A 74 -4.05 20.27 2.72
C ASN A 74 -4.75 19.55 1.56
N LEU A 75 -6.06 19.42 1.65
CA LEU A 75 -6.83 18.76 0.59
C LEU A 75 -7.31 19.76 -0.45
N GLU A 76 -6.82 19.62 -1.69
CA GLU A 76 -7.21 20.51 -2.77
C GLU A 76 -8.21 19.83 -3.70
N GLY A 77 -9.05 20.62 -4.35
CA GLY A 77 -10.03 20.07 -5.27
C GLY A 77 -10.95 19.06 -4.61
N GLY A 78 -11.82 18.45 -5.40
CA GLY A 78 -12.75 17.46 -4.86
C GLY A 78 -12.03 16.35 -4.12
N ARG A 79 -10.87 15.97 -4.63
CA ARG A 79 -10.08 14.90 -4.02
C ARG A 79 -9.12 15.47 -2.99
N ALA A 80 -8.21 14.65 -2.48
CA ALA A 80 -7.26 15.10 -1.47
C ALA A 80 -5.90 15.45 -2.09
N ILE A 81 -5.86 16.57 -2.77
CA ILE A 81 -4.64 17.04 -3.43
C ILE A 81 -3.80 17.90 -2.49
N LEU A 82 -2.91 17.28 -1.72
CA LEU A 82 -2.06 18.02 -0.79
C LEU A 82 -0.86 18.63 -1.48
N GLN A 83 0.11 19.12 -0.71
CA GLN A 83 1.30 19.75 -1.27
C GLN A 83 2.57 19.35 -0.55
N GLY A 84 3.64 19.14 -1.31
CA GLY A 84 4.92 18.77 -0.73
C GLY A 84 5.74 17.85 -1.60
N LYS A 85 5.36 16.57 -1.66
CA LYS A 85 6.11 15.60 -2.48
C LYS A 85 5.35 14.29 -2.68
N PHE A 86 5.71 13.22 -1.94
CA PHE A 86 5.04 11.92 -2.06
C PHE A 86 4.75 11.57 -3.52
N THR A 87 5.74 11.79 -4.38
CA THR A 87 5.60 11.51 -5.81
C THR A 87 5.85 10.03 -6.11
N HIS A 88 4.93 9.18 -5.66
CA HIS A 88 5.03 7.74 -5.85
C HIS A 88 6.36 7.22 -5.30
N PHE A 89 6.79 7.81 -4.19
CA PHE A 89 8.04 7.41 -3.54
C PHE A 89 7.79 6.36 -2.46
N LEU A 90 7.36 6.84 -1.29
CA LEU A 90 7.07 5.96 -0.17
C LEU A 90 5.71 5.32 -0.34
N ILE A 91 4.73 6.10 -0.81
CA ILE A 91 3.39 5.57 -1.03
C ILE A 91 3.45 4.35 -1.95
N ASN A 92 3.91 4.59 -3.18
CA ASN A 92 4.01 3.53 -4.18
C ASN A 92 4.86 2.37 -3.69
N GLU A 93 5.97 2.68 -3.04
CA GLU A 93 6.86 1.64 -2.52
C GLU A 93 6.14 0.73 -1.52
N ARG A 94 5.54 1.33 -0.50
CA ARG A 94 4.84 0.56 0.53
C ARG A 94 3.59 -0.13 -0.04
N ILE A 95 2.79 0.61 -0.79
CA ILE A 95 1.58 0.04 -1.37
C ILE A 95 1.93 -1.18 -2.24
N GLU A 96 2.81 -0.97 -3.22
CA GLU A 96 3.22 -2.06 -4.11
C GLU A 96 3.86 -3.21 -3.31
N ASP A 97 4.38 -2.90 -2.12
CA ASP A 97 5.01 -3.93 -1.30
C ASP A 97 3.98 -4.88 -0.71
N TYR A 98 2.82 -4.35 -0.36
CA TYR A 98 1.73 -5.15 0.21
C TYR A 98 0.88 -5.77 -0.89
N VAL A 99 0.29 -4.90 -1.72
CA VAL A 99 -0.57 -5.35 -2.80
C VAL A 99 0.17 -6.31 -3.73
N ASN A 100 1.43 -6.00 -4.00
CA ASN A 100 2.25 -6.84 -4.86
C ASN A 100 3.34 -7.52 -4.04
N LYS A 101 2.95 -8.15 -2.94
CA LYS A 101 3.91 -8.84 -2.08
C LYS A 101 4.25 -10.23 -2.62
N PHE A 102 3.61 -10.60 -3.73
CA PHE A 102 3.86 -11.90 -4.35
C PHE A 102 5.18 -11.89 -5.13
N VAL A 103 5.30 -10.93 -6.04
CA VAL A 103 6.50 -10.82 -6.86
C VAL A 103 7.63 -10.10 -6.12
N ILE A 104 7.28 -9.32 -5.10
CA ILE A 104 8.31 -8.61 -4.33
C ILE A 104 8.78 -9.45 -3.16
N CYS A 105 7.85 -10.02 -2.40
CA CYS A 105 8.21 -10.85 -1.25
C CYS A 105 8.33 -12.32 -1.63
N HIS A 106 8.08 -12.64 -2.90
CA HIS A 106 8.15 -14.01 -3.40
C HIS A 106 7.14 -14.91 -2.68
N GLU A 107 5.88 -14.48 -2.69
CA GLU A 107 4.79 -15.23 -2.06
C GLU A 107 5.21 -15.78 -0.69
N CYS A 108 5.25 -14.89 0.30
CA CYS A 108 5.63 -15.28 1.65
C CYS A 108 4.51 -16.12 2.30
N ASN A 109 4.28 -17.31 1.75
CA ASN A 109 3.24 -18.20 2.28
C ASN A 109 3.70 -18.80 3.62
N ARG A 110 4.15 -20.06 3.61
CA ARG A 110 4.62 -20.72 4.83
C ARG A 110 6.15 -20.86 4.84
N PRO A 111 6.92 -19.75 4.81
CA PRO A 111 8.38 -19.83 4.81
C PRO A 111 8.92 -20.68 5.96
N ASP A 112 10.00 -21.41 5.70
CA ASP A 112 10.61 -22.26 6.71
C ASP A 112 11.63 -21.47 7.53
N THR A 113 11.24 -20.25 7.89
CA THR A 113 12.10 -19.37 8.68
C THR A 113 11.32 -18.72 9.80
N ARG A 114 11.99 -17.94 10.62
CA ARG A 114 11.36 -17.27 11.74
C ARG A 114 10.77 -15.93 11.33
N ILE A 115 9.46 -15.94 11.08
CA ILE A 115 8.75 -14.74 10.67
C ILE A 115 7.93 -14.17 11.83
N ILE A 116 7.75 -12.85 11.84
CA ILE A 116 6.97 -12.20 12.88
C ILE A 116 6.19 -11.02 12.32
N ARG A 117 4.92 -10.90 12.67
CA ARG A 117 4.08 -9.81 12.18
C ARG A 117 3.31 -9.17 13.32
N GLU A 118 3.40 -7.84 13.43
CA GLU A 118 2.71 -7.12 14.50
C GLU A 118 2.09 -5.83 13.98
N GLY A 119 0.89 -5.52 14.47
CA GLY A 119 0.21 -4.31 14.05
C GLY A 119 -0.88 -4.57 13.03
N ARG A 120 -1.66 -5.64 13.25
CA ARG A 120 -2.73 -6.00 12.34
C ARG A 120 -2.23 -6.12 10.91
N ILE A 121 -1.11 -6.82 10.72
CA ILE A 121 -0.53 -7.02 9.40
C ILE A 121 0.09 -5.71 8.87
N SER A 122 0.91 -5.08 9.69
CA SER A 122 1.56 -3.82 9.30
C SER A 122 3.08 -3.93 9.33
N LEU A 123 3.61 -4.73 10.26
CA LEU A 123 5.06 -4.91 10.37
C LEU A 123 5.40 -6.40 10.34
N LEU A 124 6.66 -6.72 9.98
CA LEU A 124 7.10 -8.11 9.91
C LEU A 124 8.55 -8.21 9.46
N LYS A 125 9.19 -9.35 9.77
CA LYS A 125 10.57 -9.60 9.38
C LYS A 125 10.64 -10.69 8.32
N CYS A 126 11.57 -10.54 7.37
CA CYS A 126 11.74 -11.51 6.30
C CYS A 126 13.21 -11.73 6.01
N GLU A 127 14.00 -11.85 7.06
CA GLU A 127 15.45 -12.06 6.93
C GLU A 127 15.76 -13.14 5.90
N ALA A 128 14.86 -14.13 5.81
CA ALA A 128 15.03 -15.23 4.86
C ALA A 128 14.91 -14.75 3.43
N CYS A 129 13.67 -14.52 2.99
CA CYS A 129 13.40 -14.06 1.64
C CYS A 129 13.72 -12.57 1.50
N GLY A 130 14.92 -12.18 1.94
CA GLY A 130 15.32 -10.79 1.86
C GLY A 130 15.32 -10.10 3.21
N ALA A 131 14.52 -9.06 3.34
CA ALA A 131 14.42 -8.31 4.59
C ALA A 131 13.05 -7.67 4.74
N LYS A 132 12.64 -7.44 5.97
CA LYS A 132 11.33 -6.86 6.25
C LYS A 132 11.41 -5.93 7.47
N ALA A 133 10.55 -4.92 7.52
CA ALA A 133 10.53 -3.97 8.63
C ALA A 133 9.77 -4.52 9.84
N PRO A 134 10.48 -4.95 10.90
CA PRO A 134 9.86 -5.51 12.12
C PRO A 134 9.20 -4.44 13.00
N LEU A 135 9.96 -3.44 13.46
CA LEU A 135 9.40 -2.37 14.30
C LEU A 135 10.43 -1.27 14.55
N LYS A 136 11.61 -1.66 15.02
CA LYS A 136 12.67 -0.72 15.30
C LYS A 136 14.03 -1.35 14.98
N ASN A 137 15.07 -0.53 14.97
CA ASN A 137 16.41 -1.03 14.67
C ASN A 137 17.40 -0.56 15.72
N VAL A 138 18.50 -1.30 15.85
CA VAL A 138 19.54 -0.98 16.82
C VAL A 138 20.92 -1.01 16.17
N MET A 4 -8.05 -23.68 -11.67
CA MET A 4 -8.19 -24.35 -12.99
C MET A 4 -9.63 -24.31 -13.50
N ASP A 5 -10.58 -24.59 -12.62
CA ASP A 5 -12.00 -24.58 -12.98
C ASP A 5 -12.72 -23.38 -12.37
N ASP A 6 -14.04 -23.44 -12.38
CA ASP A 6 -14.86 -22.37 -11.82
C ASP A 6 -14.61 -22.22 -10.32
N TYR A 7 -15.45 -21.43 -9.66
CA TYR A 7 -15.32 -21.19 -8.23
C TYR A 7 -15.36 -22.51 -7.46
N GLU A 8 -14.25 -22.84 -6.81
CA GLU A 8 -14.15 -24.07 -6.04
C GLU A 8 -14.72 -23.87 -4.63
N LYS A 9 -14.73 -22.62 -4.17
CA LYS A 9 -15.26 -22.30 -2.85
C LYS A 9 -15.26 -20.78 -2.63
N LEU A 10 -16.11 -20.33 -1.71
CA LEU A 10 -16.22 -18.90 -1.40
C LEU A 10 -15.26 -18.50 -0.29
N LEU A 11 -15.61 -18.86 0.95
CA LEU A 11 -14.77 -18.53 2.10
C LEU A 11 -14.09 -19.79 2.64
N GLU A 12 -13.03 -19.58 3.41
CA GLU A 12 -12.28 -20.70 3.98
C GLU A 12 -11.66 -20.31 5.32
N ARG A 13 -10.83 -21.19 5.87
CA ARG A 13 -10.18 -20.93 7.15
C ARG A 13 -9.09 -19.89 7.01
N ALA A 14 -8.45 -19.84 5.84
CA ALA A 14 -7.38 -18.88 5.58
C ALA A 14 -7.05 -18.81 4.10
N ILE A 15 -7.13 -17.61 3.53
CA ILE A 15 -6.84 -17.40 2.12
C ILE A 15 -5.40 -16.92 1.93
N ASP A 16 -4.53 -17.23 2.88
CA ASP A 16 -3.13 -16.83 2.80
C ASP A 16 -2.20 -18.01 3.03
N GLN A 17 -2.46 -18.75 4.10
CA GLN A 17 -1.63 -19.91 4.43
C GLN A 17 -1.76 -20.99 3.35
N LEU A 18 -3.00 -21.40 3.09
CA LEU A 18 -3.25 -22.42 2.07
C LEU A 18 -2.53 -23.72 2.41
N PRO A 19 -3.24 -24.71 2.98
CA PRO A 19 -2.65 -25.99 3.35
C PRO A 19 -1.90 -26.64 2.18
N PRO A 20 -0.70 -27.19 2.43
CA PRO A 20 0.10 -27.83 1.39
C PRO A 20 -0.61 -29.02 0.75
N GLU A 21 -1.32 -28.76 -0.35
CA GLU A 21 -2.05 -29.80 -1.05
C GLU A 21 -2.76 -29.25 -2.29
N VAL A 22 -3.83 -28.50 -2.06
CA VAL A 22 -4.59 -27.90 -3.15
C VAL A 22 -4.19 -26.46 -3.39
N PHE A 23 -4.34 -26.01 -4.63
CA PHE A 23 -3.99 -24.64 -4.99
C PHE A 23 -5.14 -23.69 -4.69
N GLU A 24 -4.82 -22.51 -4.20
CA GLU A 24 -5.83 -21.51 -3.86
C GLU A 24 -5.16 -20.20 -3.41
N THR A 25 -4.96 -19.31 -4.36
CA THR A 25 -4.33 -18.02 -4.07
C THR A 25 -5.36 -17.00 -3.61
N LYS A 26 -4.94 -15.75 -3.50
CA LYS A 26 -5.85 -14.69 -3.09
C LYS A 26 -6.38 -13.94 -4.30
N ARG A 27 -7.71 -13.94 -4.45
CA ARG A 27 -8.35 -13.26 -5.58
C ARG A 27 -8.47 -11.77 -5.32
N PHE A 28 -7.42 -11.17 -4.78
CA PHE A 28 -7.40 -9.74 -4.48
C PHE A 28 -6.76 -8.96 -5.62
N GLU A 29 -7.57 -8.18 -6.33
CA GLU A 29 -7.07 -7.38 -7.44
C GLU A 29 -7.80 -6.05 -7.52
N VAL A 30 -7.03 -4.96 -7.55
CA VAL A 30 -7.59 -3.62 -7.61
C VAL A 30 -6.65 -2.67 -8.36
N PRO A 31 -6.70 -2.67 -9.69
CA PRO A 31 -5.84 -1.82 -10.52
C PRO A 31 -5.98 -0.35 -10.14
N LYS A 32 -4.92 0.41 -10.40
CA LYS A 32 -4.93 1.84 -10.08
C LYS A 32 -5.14 2.07 -8.59
N ALA A 33 -4.05 2.07 -7.83
CA ALA A 33 -4.12 2.28 -6.39
C ALA A 33 -3.20 3.43 -5.96
N TYR A 34 -1.94 3.35 -6.40
CA TYR A 34 -0.96 4.38 -6.08
C TYR A 34 -1.50 5.78 -6.37
N SER A 35 -1.11 6.74 -5.54
CA SER A 35 -1.55 8.13 -5.71
C SER A 35 -1.03 8.71 -7.02
N VAL A 36 -1.30 10.00 -7.23
CA VAL A 36 -0.85 10.68 -8.45
C VAL A 36 -0.06 11.93 -8.11
N ILE A 37 0.99 12.18 -8.88
CA ILE A 37 1.84 13.34 -8.65
C ILE A 37 1.85 14.27 -9.85
N GLN A 38 1.61 15.55 -9.60
CA GLN A 38 1.58 16.56 -10.64
C GLN A 38 2.23 17.85 -10.17
N GLY A 39 3.17 18.36 -10.95
CA GLY A 39 3.84 19.59 -10.59
C GLY A 39 4.69 19.45 -9.33
N ASN A 40 4.03 19.48 -8.18
CA ASN A 40 4.72 19.34 -6.91
C ASN A 40 3.74 19.02 -5.78
N ARG A 41 2.66 18.31 -6.13
CA ARG A 41 1.64 17.94 -5.16
C ARG A 41 1.14 16.53 -5.40
N THR A 42 0.61 15.89 -4.35
CA THR A 42 0.09 14.54 -4.46
C THR A 42 -1.44 14.55 -4.44
N PHE A 43 -2.04 14.07 -5.51
CA PHE A 43 -3.49 14.03 -5.62
C PHE A 43 -4.08 12.75 -5.05
N ILE A 44 -4.22 12.70 -3.73
CA ILE A 44 -4.77 11.52 -3.09
C ILE A 44 -6.27 11.40 -3.40
N GLN A 45 -6.60 10.42 -4.22
CA GLN A 45 -7.98 10.17 -4.61
C GLN A 45 -8.53 8.95 -3.88
N ASN A 46 -7.65 7.99 -3.65
CA ASN A 46 -8.01 6.77 -2.96
C ASN A 46 -7.36 6.71 -1.58
N PHE A 47 -7.51 7.79 -0.81
CA PHE A 47 -6.92 7.87 0.52
C PHE A 47 -7.15 6.58 1.29
N ARG A 48 -8.35 6.02 1.17
CA ARG A 48 -8.67 4.77 1.85
C ARG A 48 -7.83 3.61 1.29
N GLU A 49 -7.86 3.46 -0.03
CA GLU A 49 -7.11 2.40 -0.67
C GLU A 49 -5.61 2.65 -0.59
N VAL A 50 -5.17 3.78 -1.11
CA VAL A 50 -3.77 4.14 -1.08
C VAL A 50 -3.21 4.05 0.34
N ALA A 51 -4.04 4.41 1.33
CA ALA A 51 -3.61 4.35 2.72
C ALA A 51 -3.22 2.94 3.12
N ASP A 52 -4.17 2.03 3.04
CA ASP A 52 -3.95 0.63 3.41
C ASP A 52 -2.66 0.10 2.77
N ALA A 53 -2.64 0.01 1.44
CA ALA A 53 -1.48 -0.50 0.73
C ALA A 53 -0.17 0.13 1.25
N LEU A 54 -0.06 1.46 1.18
CA LEU A 54 1.15 2.13 1.64
C LEU A 54 1.33 1.97 3.16
N ASN A 55 0.29 1.45 3.84
CA ASN A 55 0.36 1.23 5.28
C ASN A 55 -1.02 0.84 5.82
N ARG A 56 -1.12 -0.36 6.39
CA ARG A 56 -2.38 -0.85 6.95
C ARG A 56 -2.99 0.19 7.88
N ASP A 57 -2.15 0.88 8.64
CA ASP A 57 -2.61 1.90 9.56
C ASP A 57 -2.96 3.19 8.81
N PRO A 58 -4.15 3.75 9.05
CA PRO A 58 -4.59 4.99 8.39
C PRO A 58 -3.82 6.21 8.88
N GLN A 59 -3.86 6.43 10.19
CA GLN A 59 -3.18 7.56 10.80
C GLN A 59 -1.70 7.61 10.42
N HIS A 60 -1.16 6.46 9.99
CA HIS A 60 0.23 6.39 9.58
C HIS A 60 0.46 7.19 8.31
N LEU A 61 -0.23 6.78 7.24
CA LEU A 61 -0.11 7.45 5.94
C LEU A 61 -0.14 8.97 6.10
N LEU A 62 -1.03 9.45 6.94
CA LEU A 62 -1.17 10.87 7.18
C LEU A 62 0.10 11.44 7.80
N LYS A 63 0.50 10.89 8.94
CA LYS A 63 1.69 11.33 9.63
C LYS A 63 2.90 11.29 8.69
N PHE A 64 2.91 10.29 7.82
CA PHE A 64 4.00 10.12 6.86
C PHE A 64 3.98 11.22 5.81
N LEU A 65 2.80 11.54 5.31
CA LEU A 65 2.65 12.58 4.29
C LEU A 65 3.21 13.90 4.80
N LEU A 66 2.80 14.32 5.99
CA LEU A 66 3.27 15.57 6.57
C LEU A 66 4.74 15.48 6.96
N ARG A 67 5.18 14.27 7.32
CA ARG A 67 6.57 14.06 7.72
C ARG A 67 7.53 14.47 6.62
N GLU A 68 7.20 14.13 5.37
CA GLU A 68 8.04 14.49 4.24
C GLU A 68 7.49 15.71 3.49
N LEU A 69 6.24 16.05 3.76
CA LEU A 69 5.61 17.20 3.13
C LEU A 69 6.32 18.50 3.52
N GLY A 70 7.37 18.85 2.79
CA GLY A 70 8.11 20.07 3.09
C GLY A 70 7.32 21.34 2.76
N THR A 71 6.11 21.18 2.24
CA THR A 71 5.27 22.31 1.89
C THR A 71 4.06 22.38 2.81
N ALA A 72 3.33 23.49 2.72
CA ALA A 72 2.12 23.72 3.55
C ALA A 72 1.42 22.42 3.91
N GLY A 73 1.20 21.56 2.91
CA GLY A 73 0.54 20.29 3.15
C GLY A 73 -0.91 20.47 3.57
N ASN A 74 -1.82 20.26 2.62
CA ASN A 74 -3.25 20.38 2.89
C ASN A 74 -4.07 19.65 1.84
N LEU A 75 -5.35 19.46 2.12
CA LEU A 75 -6.25 18.79 1.18
C LEU A 75 -7.02 19.81 0.35
N GLU A 76 -6.75 19.86 -0.95
CA GLU A 76 -7.47 20.77 -1.84
C GLU A 76 -8.49 20.01 -2.69
N GLY A 77 -9.50 20.72 -3.17
CA GLY A 77 -10.51 20.09 -4.00
C GLY A 77 -11.31 19.05 -3.26
N GLY A 78 -12.37 18.55 -3.88
CA GLY A 78 -13.20 17.53 -3.26
C GLY A 78 -12.40 16.38 -2.69
N ARG A 79 -11.22 16.14 -3.28
CA ARG A 79 -10.36 15.06 -2.82
C ARG A 79 -9.32 15.58 -1.82
N ALA A 80 -8.16 14.92 -1.75
CA ALA A 80 -7.11 15.34 -0.83
C ALA A 80 -5.84 15.72 -1.60
N ILE A 81 -5.87 16.92 -2.19
CA ILE A 81 -4.74 17.43 -2.96
C ILE A 81 -3.72 18.11 -2.04
N LEU A 82 -2.72 17.36 -1.61
CA LEU A 82 -1.69 17.90 -0.73
C LEU A 82 -0.45 18.27 -1.51
N GLN A 83 0.52 18.86 -0.83
CA GLN A 83 1.76 19.26 -1.47
C GLN A 83 2.97 18.98 -0.59
N GLY A 84 4.00 18.36 -1.16
CA GLY A 84 5.19 18.04 -0.40
C GLY A 84 6.26 17.38 -1.27
N LYS A 85 6.45 16.08 -1.07
CA LYS A 85 7.44 15.34 -1.84
C LYS A 85 7.09 13.86 -1.95
N PHE A 86 5.81 13.54 -1.76
CA PHE A 86 5.35 12.16 -1.86
C PHE A 86 5.19 11.75 -3.32
N THR A 87 6.19 12.05 -4.14
CA THR A 87 6.14 11.70 -5.55
C THR A 87 6.26 10.20 -5.75
N HIS A 88 5.17 9.49 -5.44
CA HIS A 88 5.12 8.03 -5.57
C HIS A 88 6.41 7.40 -5.05
N PHE A 89 6.94 7.97 -3.97
CA PHE A 89 8.15 7.47 -3.35
C PHE A 89 7.81 6.47 -2.26
N LEU A 90 7.36 6.98 -1.13
CA LEU A 90 7.00 6.15 0.00
C LEU A 90 5.67 5.44 -0.26
N ILE A 91 4.68 6.16 -0.80
CA ILE A 91 3.38 5.55 -1.07
C ILE A 91 3.51 4.35 -1.99
N ASN A 92 3.99 4.60 -3.21
CA ASN A 92 4.15 3.54 -4.21
C ASN A 92 5.01 2.38 -3.71
N GLU A 93 6.13 2.71 -3.05
CA GLU A 93 7.04 1.68 -2.54
C GLU A 93 6.31 0.67 -1.67
N ARG A 94 5.64 1.18 -0.65
CA ARG A 94 4.91 0.33 0.28
C ARG A 94 3.74 -0.38 -0.40
N ILE A 95 2.98 0.35 -1.23
CA ILE A 95 1.85 -0.27 -1.92
C ILE A 95 2.32 -1.49 -2.72
N GLU A 96 3.27 -1.24 -3.62
CA GLU A 96 3.83 -2.29 -4.46
C GLU A 96 4.47 -3.39 -3.61
N ASP A 97 4.84 -3.05 -2.39
CA ASP A 97 5.46 -4.01 -1.48
C ASP A 97 4.46 -5.11 -1.10
N TYR A 98 3.27 -4.71 -0.70
CA TYR A 98 2.23 -5.67 -0.32
C TYR A 98 1.43 -6.11 -1.53
N VAL A 99 0.79 -5.15 -2.17
CA VAL A 99 -0.02 -5.42 -3.36
C VAL A 99 0.72 -6.29 -4.35
N ASN A 100 1.99 -5.95 -4.61
CA ASN A 100 2.80 -6.72 -5.54
C ASN A 100 3.91 -7.46 -4.79
N LYS A 101 3.54 -8.17 -3.73
CA LYS A 101 4.51 -8.93 -2.93
C LYS A 101 4.85 -10.27 -3.59
N PHE A 102 4.05 -10.65 -4.58
CA PHE A 102 4.27 -11.90 -5.30
C PHE A 102 5.54 -11.85 -6.12
N VAL A 103 5.66 -10.82 -6.96
CA VAL A 103 6.83 -10.66 -7.81
C VAL A 103 8.01 -10.07 -7.04
N ILE A 104 7.72 -9.40 -5.92
CA ILE A 104 8.76 -8.80 -5.09
C ILE A 104 9.21 -9.76 -4.00
N CYS A 105 8.26 -10.31 -3.25
CA CYS A 105 8.58 -11.24 -2.17
C CYS A 105 8.61 -12.68 -2.68
N HIS A 106 8.60 -12.85 -4.00
CA HIS A 106 8.63 -14.17 -4.61
C HIS A 106 7.50 -15.06 -4.07
N GLU A 107 6.26 -14.57 -4.17
CA GLU A 107 5.09 -15.30 -3.69
C GLU A 107 5.37 -15.99 -2.36
N CYS A 108 5.43 -15.20 -1.29
CA CYS A 108 5.71 -15.73 0.03
C CYS A 108 4.56 -16.58 0.56
N ASN A 109 4.29 -17.69 -0.12
CA ASN A 109 3.22 -18.60 0.28
C ASN A 109 3.63 -19.35 1.54
N ARG A 110 4.01 -20.62 1.40
CA ARG A 110 4.44 -21.44 2.53
C ARG A 110 5.95 -21.68 2.54
N PRO A 111 6.78 -20.62 2.59
CA PRO A 111 8.24 -20.80 2.61
C PRO A 111 8.70 -21.75 3.72
N ASP A 112 9.82 -22.42 3.48
CA ASP A 112 10.38 -23.34 4.46
C ASP A 112 11.37 -22.62 5.37
N THR A 113 11.08 -21.37 5.67
CA THR A 113 11.93 -20.55 6.51
C THR A 113 11.16 -20.00 7.70
N ARG A 114 11.85 -19.28 8.57
CA ARG A 114 11.22 -18.73 9.77
C ARG A 114 10.61 -17.35 9.50
N ILE A 115 9.29 -17.34 9.31
CA ILE A 115 8.56 -16.12 9.04
C ILE A 115 7.79 -15.67 10.29
N ILE A 116 7.67 -14.36 10.47
CA ILE A 116 6.96 -13.80 11.61
C ILE A 116 6.13 -12.60 11.18
N ARG A 117 4.90 -12.50 11.68
CA ARG A 117 4.02 -11.40 11.33
C ARG A 117 3.38 -10.80 12.58
N GLU A 118 3.65 -9.52 12.81
CA GLU A 118 3.11 -8.82 13.97
C GLU A 118 2.35 -7.57 13.55
N GLY A 119 1.30 -7.24 14.30
CA GLY A 119 0.49 -6.08 14.00
C GLY A 119 -0.73 -6.43 13.17
N ARG A 120 -1.05 -7.71 13.10
CA ARG A 120 -2.19 -8.19 12.33
C ARG A 120 -2.00 -7.97 10.84
N ILE A 121 -1.13 -8.77 10.24
CA ILE A 121 -0.85 -8.66 8.81
C ILE A 121 -0.35 -7.27 8.44
N SER A 122 0.49 -6.71 9.30
CA SER A 122 1.04 -5.37 9.07
C SER A 122 2.55 -5.40 8.96
N LEU A 123 3.19 -6.17 9.84
CA LEU A 123 4.65 -6.29 9.84
C LEU A 123 5.08 -7.75 9.79
N LEU A 124 6.30 -7.99 9.31
CA LEU A 124 6.84 -9.35 9.23
C LEU A 124 8.29 -9.33 8.76
N LYS A 125 8.96 -10.49 8.84
CA LYS A 125 10.36 -10.59 8.44
C LYS A 125 10.55 -11.66 7.36
N CYS A 126 11.49 -11.41 6.45
CA CYS A 126 11.77 -12.33 5.36
C CYS A 126 13.26 -12.39 5.04
N GLU A 127 14.09 -12.57 6.06
CA GLU A 127 15.53 -12.64 5.88
C GLU A 127 15.92 -13.67 4.81
N ALA A 128 15.08 -14.69 4.65
CA ALA A 128 15.35 -15.74 3.67
C ALA A 128 15.14 -15.23 2.24
N CYS A 129 13.88 -15.05 1.86
CA CYS A 129 13.55 -14.56 0.53
C CYS A 129 13.72 -13.05 0.44
N GLY A 130 14.86 -12.56 0.93
CA GLY A 130 15.13 -11.13 0.91
C GLY A 130 15.21 -10.56 2.30
N ALA A 131 14.39 -9.54 2.57
CA ALA A 131 14.37 -8.89 3.87
C ALA A 131 13.00 -8.28 4.15
N LYS A 132 12.65 -8.17 5.42
CA LYS A 132 11.36 -7.60 5.81
C LYS A 132 11.44 -6.99 7.21
N ALA A 133 10.67 -5.93 7.43
CA ALA A 133 10.66 -5.24 8.72
C ALA A 133 9.71 -5.92 9.72
N PRO A 134 10.25 -6.50 10.80
CA PRO A 134 9.44 -7.18 11.83
C PRO A 134 8.64 -6.19 12.67
N LEU A 135 9.31 -5.20 13.26
CA LEU A 135 8.63 -4.20 14.08
C LEU A 135 9.63 -3.26 14.76
N LYS A 136 10.66 -3.83 15.38
CA LYS A 136 11.68 -3.04 16.05
C LYS A 136 13.05 -3.66 15.83
N ASN A 137 14.09 -2.95 16.27
CA ASN A 137 15.46 -3.44 16.11
C ASN A 137 15.98 -4.07 17.40
N VAL A 138 15.47 -5.26 17.70
CA VAL A 138 15.88 -5.98 18.90
C VAL A 138 17.38 -6.26 18.89
N MET A 4 -26.06 11.77 -28.33
CA MET A 4 -26.55 10.46 -27.83
C MET A 4 -27.18 10.59 -26.45
N ASP A 5 -26.78 11.61 -25.70
CA ASP A 5 -27.31 11.85 -24.37
C ASP A 5 -28.18 13.10 -24.35
N ASP A 6 -28.90 13.34 -25.44
CA ASP A 6 -29.78 14.51 -25.54
C ASP A 6 -31.19 14.17 -25.10
N TYR A 7 -31.69 13.02 -25.55
CA TYR A 7 -33.04 12.58 -25.20
C TYR A 7 -33.03 11.11 -24.78
N GLU A 8 -33.00 10.88 -23.47
CA GLU A 8 -33.00 9.52 -22.93
C GLU A 8 -34.41 8.98 -22.83
N LYS A 9 -34.55 7.66 -22.96
CA LYS A 9 -35.85 7.02 -22.87
C LYS A 9 -36.15 6.56 -21.46
N LEU A 10 -35.43 5.53 -21.01
CA LEU A 10 -35.62 5.00 -19.66
C LEU A 10 -34.35 4.32 -19.17
N LEU A 11 -33.21 4.68 -19.76
CA LEU A 11 -31.93 4.10 -19.37
C LEU A 11 -31.29 4.90 -18.24
N GLU A 12 -31.96 4.95 -17.10
CA GLU A 12 -31.46 5.69 -15.95
C GLU A 12 -32.33 5.45 -14.72
N ARG A 13 -32.75 4.19 -14.54
CA ARG A 13 -33.58 3.83 -13.41
C ARG A 13 -32.78 3.05 -12.37
N ALA A 14 -33.16 3.22 -11.11
CA ALA A 14 -32.47 2.55 -10.00
C ALA A 14 -31.03 3.02 -9.89
N ILE A 15 -30.83 4.33 -10.08
CA ILE A 15 -29.50 4.92 -9.99
C ILE A 15 -29.27 5.57 -8.63
N ASP A 16 -29.54 6.87 -8.53
CA ASP A 16 -29.36 7.59 -7.28
C ASP A 16 -30.67 8.26 -6.86
N GLN A 17 -31.54 8.53 -7.82
CA GLN A 17 -32.83 9.16 -7.55
C GLN A 17 -33.82 8.16 -6.96
N LEU A 18 -33.46 6.87 -6.98
CA LEU A 18 -34.33 5.82 -6.45
C LEU A 18 -33.75 5.26 -5.15
N PRO A 19 -34.55 5.19 -4.07
CA PRO A 19 -34.11 4.65 -2.79
C PRO A 19 -33.48 3.27 -2.92
N PRO A 20 -32.43 2.98 -2.14
CA PRO A 20 -31.75 1.68 -2.17
C PRO A 20 -32.68 0.52 -1.83
N GLU A 21 -33.43 0.06 -2.82
CA GLU A 21 -34.36 -1.04 -2.63
C GLU A 21 -34.34 -1.99 -3.81
N VAL A 22 -34.86 -1.54 -4.95
CA VAL A 22 -34.90 -2.36 -6.15
C VAL A 22 -33.77 -1.98 -7.11
N PHE A 23 -32.54 -2.02 -6.62
CA PHE A 23 -31.37 -1.68 -7.44
C PHE A 23 -30.79 -2.92 -8.09
N GLU A 24 -30.01 -2.73 -9.15
CA GLU A 24 -29.39 -3.85 -9.84
C GLU A 24 -27.88 -3.62 -10.02
N THR A 25 -27.50 -2.94 -11.09
CA THR A 25 -26.09 -2.66 -11.35
C THR A 25 -25.78 -1.18 -11.16
N LYS A 26 -24.94 -0.87 -10.18
CA LYS A 26 -24.57 0.52 -9.90
C LYS A 26 -23.24 0.87 -10.55
N ARG A 27 -23.02 2.16 -10.76
CA ARG A 27 -21.78 2.64 -11.37
C ARG A 27 -20.68 2.78 -10.33
N PHE A 28 -20.40 1.69 -9.61
CA PHE A 28 -19.36 1.69 -8.60
C PHE A 28 -18.05 1.15 -9.16
N GLU A 29 -17.46 1.90 -10.08
CA GLU A 29 -16.20 1.52 -10.71
C GLU A 29 -15.52 2.72 -11.36
N VAL A 30 -14.30 3.02 -10.91
CA VAL A 30 -13.54 4.15 -11.44
C VAL A 30 -12.03 3.87 -11.35
N PRO A 31 -11.35 3.78 -12.51
CA PRO A 31 -9.90 3.51 -12.55
C PRO A 31 -9.08 4.48 -11.72
N LYS A 32 -8.72 4.06 -10.51
CA LYS A 32 -7.91 4.88 -9.61
C LYS A 32 -7.18 4.01 -8.60
N ALA A 33 -5.91 4.36 -8.33
CA ALA A 33 -5.09 3.60 -7.39
C ALA A 33 -3.87 4.41 -6.97
N TYR A 34 -3.44 4.25 -5.72
CA TYR A 34 -2.29 4.97 -5.19
C TYR A 34 -2.42 6.46 -5.48
N SER A 35 -1.41 7.23 -5.11
CA SER A 35 -1.41 8.68 -5.31
C SER A 35 -0.94 9.03 -6.72
N VAL A 36 -0.90 10.32 -7.01
CA VAL A 36 -0.49 10.81 -8.32
C VAL A 36 0.39 12.06 -8.20
N ILE A 37 1.51 12.07 -8.93
CA ILE A 37 2.43 13.19 -8.91
C ILE A 37 2.04 14.24 -9.96
N GLN A 38 2.16 15.52 -9.58
CA GLN A 38 1.83 16.61 -10.48
C GLN A 38 2.59 17.88 -10.09
N GLY A 39 3.69 18.15 -10.79
CA GLY A 39 4.48 19.32 -10.48
C GLY A 39 5.23 19.19 -9.19
N ASN A 40 4.50 19.26 -8.07
CA ASN A 40 5.11 19.14 -6.76
C ASN A 40 4.06 18.85 -5.68
N ARG A 41 2.94 18.25 -6.10
CA ARG A 41 1.86 17.93 -5.18
C ARG A 41 1.26 16.57 -5.50
N THR A 42 0.67 15.93 -4.49
CA THR A 42 0.06 14.62 -4.67
C THR A 42 -1.47 14.73 -4.65
N PHE A 43 -2.10 14.25 -5.72
CA PHE A 43 -3.55 14.29 -5.85
C PHE A 43 -4.18 13.00 -5.32
N ILE A 44 -4.10 12.78 -4.02
CA ILE A 44 -4.67 11.58 -3.41
C ILE A 44 -6.17 11.49 -3.68
N GLN A 45 -6.58 10.35 -4.21
CA GLN A 45 -8.00 10.12 -4.52
C GLN A 45 -8.51 8.89 -3.79
N ASN A 46 -7.63 7.90 -3.61
CA ASN A 46 -8.01 6.67 -2.92
C ASN A 46 -7.32 6.58 -1.56
N PHE A 47 -7.38 7.65 -0.78
CA PHE A 47 -6.76 7.69 0.54
C PHE A 47 -7.06 6.40 1.33
N ARG A 48 -8.12 5.69 0.96
CA ARG A 48 -8.46 4.45 1.64
C ARG A 48 -7.60 3.28 1.14
N GLU A 49 -7.68 3.00 -0.15
CA GLU A 49 -6.89 1.92 -0.74
C GLU A 49 -5.41 2.23 -0.61
N VAL A 50 -5.05 3.46 -0.96
CA VAL A 50 -3.68 3.91 -0.88
C VAL A 50 -3.20 3.84 0.57
N ALA A 51 -4.09 4.20 1.51
CA ALA A 51 -3.75 4.19 2.92
C ALA A 51 -3.41 2.80 3.45
N ASP A 52 -4.01 1.78 2.87
CA ASP A 52 -3.76 0.42 3.32
C ASP A 52 -2.42 -0.10 2.82
N ALA A 53 -2.30 -0.27 1.51
CA ALA A 53 -1.09 -0.80 0.92
C ALA A 53 0.16 -0.03 1.36
N LEU A 54 0.12 1.29 1.30
CA LEU A 54 1.25 2.09 1.70
C LEU A 54 1.49 1.97 3.20
N ASN A 55 0.42 1.91 3.98
CA ASN A 55 0.55 1.78 5.44
C ASN A 55 -0.71 1.15 6.02
N ARG A 56 -0.65 -0.16 6.24
CA ARG A 56 -1.78 -0.91 6.80
C ARG A 56 -2.51 -0.10 7.86
N ASP A 57 -1.78 0.77 8.55
CA ASP A 57 -2.36 1.62 9.59
C ASP A 57 -2.77 2.97 9.02
N PRO A 58 -3.94 3.51 9.44
CA PRO A 58 -4.42 4.81 8.95
C PRO A 58 -3.63 5.97 9.55
N GLN A 59 -3.43 5.93 10.86
CA GLN A 59 -2.69 6.98 11.55
C GLN A 59 -1.24 7.04 11.08
N HIS A 60 -0.72 5.89 10.62
CA HIS A 60 0.65 5.84 10.15
C HIS A 60 0.80 6.65 8.87
N LEU A 61 0.10 6.22 7.84
CA LEU A 61 0.15 6.91 6.54
C LEU A 61 0.09 8.42 6.71
N LEU A 62 -0.71 8.86 7.67
CA LEU A 62 -0.86 10.29 7.93
C LEU A 62 0.45 10.91 8.36
N LYS A 63 1.05 10.38 9.43
CA LYS A 63 2.31 10.91 9.92
C LYS A 63 3.37 10.89 8.84
N PHE A 64 3.35 9.87 7.98
CA PHE A 64 4.32 9.76 6.89
C PHE A 64 4.05 10.79 5.81
N LEU A 65 2.77 11.02 5.51
CA LEU A 65 2.39 12.00 4.50
C LEU A 65 2.95 13.38 4.81
N LEU A 66 2.73 13.85 6.03
CA LEU A 66 3.24 15.16 6.45
C LEU A 66 4.73 15.08 6.79
N ARG A 67 5.19 13.89 7.14
CA ARG A 67 6.60 13.69 7.49
C ARG A 67 7.52 14.14 6.36
N GLU A 68 7.33 13.58 5.18
CA GLU A 68 8.16 13.94 4.03
C GLU A 68 7.66 15.24 3.39
N LEU A 69 6.37 15.55 3.58
CA LEU A 69 5.78 16.76 3.02
C LEU A 69 6.40 18.01 3.66
N GLY A 70 7.51 18.47 3.09
CA GLY A 70 8.16 19.66 3.61
C GLY A 70 7.35 20.93 3.35
N THR A 71 6.31 20.80 2.52
CA THR A 71 5.46 21.93 2.19
C THR A 71 4.23 21.98 3.09
N ALA A 72 3.50 23.09 3.01
CA ALA A 72 2.30 23.30 3.81
C ALA A 72 1.49 22.02 4.00
N GLY A 73 0.89 21.54 2.92
CA GLY A 73 0.08 20.33 3.01
C GLY A 73 -1.35 20.64 3.37
N ASN A 74 -2.25 20.48 2.41
CA ASN A 74 -3.67 20.75 2.64
C ASN A 74 -4.53 20.09 1.56
N LEU A 75 -5.81 19.91 1.87
CA LEU A 75 -6.74 19.29 0.92
C LEU A 75 -7.23 20.29 -0.13
N GLU A 76 -6.85 20.05 -1.38
CA GLU A 76 -7.25 20.92 -2.48
C GLU A 76 -8.36 20.25 -3.30
N GLY A 77 -9.14 21.06 -4.00
CA GLY A 77 -10.21 20.52 -4.82
C GLY A 77 -11.12 19.58 -4.05
N GLY A 78 -12.16 19.09 -4.72
CA GLY A 78 -13.09 18.18 -4.07
C GLY A 78 -12.40 16.94 -3.54
N ARG A 79 -11.25 16.61 -4.10
CA ARG A 79 -10.48 15.45 -3.67
C ARG A 79 -9.41 15.86 -2.66
N ALA A 80 -8.40 15.01 -2.49
CA ALA A 80 -7.34 15.30 -1.55
C ALA A 80 -6.06 15.70 -2.27
N ILE A 81 -6.04 16.93 -2.78
CA ILE A 81 -4.88 17.44 -3.49
C ILE A 81 -3.93 18.15 -2.52
N LEU A 82 -2.97 17.40 -2.00
CA LEU A 82 -2.01 17.94 -1.05
C LEU A 82 -0.73 18.35 -1.78
N GLN A 83 0.24 18.88 -1.05
CA GLN A 83 1.51 19.30 -1.64
C GLN A 83 2.69 18.93 -0.75
N GLY A 84 3.82 18.65 -1.38
CA GLY A 84 5.01 18.29 -0.63
C GLY A 84 6.00 17.47 -1.43
N LYS A 85 6.33 16.28 -0.92
CA LYS A 85 7.28 15.40 -1.60
C LYS A 85 6.70 14.00 -1.80
N PHE A 86 5.57 13.72 -1.17
CA PHE A 86 4.91 12.41 -1.29
C PHE A 86 4.25 12.28 -2.66
N THR A 87 4.99 12.59 -3.73
CA THR A 87 4.46 12.50 -5.08
C THR A 87 4.64 11.10 -5.64
N HIS A 88 3.82 10.17 -5.14
CA HIS A 88 3.89 8.78 -5.57
C HIS A 88 5.30 8.23 -5.36
N PHE A 89 5.93 8.66 -4.27
CA PHE A 89 7.27 8.20 -3.93
C PHE A 89 7.22 6.99 -3.00
N LEU A 90 7.14 7.26 -1.70
CA LEU A 90 7.08 6.21 -0.70
C LEU A 90 5.77 5.44 -0.82
N ILE A 91 4.71 6.14 -1.22
CA ILE A 91 3.41 5.51 -1.37
C ILE A 91 3.45 4.36 -2.36
N ASN A 92 3.78 4.68 -3.62
CA ASN A 92 3.85 3.68 -4.67
C ASN A 92 4.77 2.52 -4.29
N GLU A 93 5.95 2.85 -3.78
CA GLU A 93 6.92 1.84 -3.38
C GLU A 93 6.37 0.93 -2.28
N ARG A 94 5.96 1.53 -1.17
CA ARG A 94 5.41 0.76 -0.05
C ARG A 94 4.26 -0.11 -0.51
N ILE A 95 3.36 0.47 -1.32
CA ILE A 95 2.21 -0.24 -1.82
C ILE A 95 2.65 -1.48 -2.61
N GLU A 96 3.48 -1.27 -3.63
CA GLU A 96 3.98 -2.36 -4.47
C GLU A 96 4.58 -3.47 -3.62
N ASP A 97 5.09 -3.12 -2.45
CA ASP A 97 5.68 -4.11 -1.56
C ASP A 97 4.61 -4.92 -0.84
N TYR A 98 3.48 -4.30 -0.56
CA TYR A 98 2.38 -4.98 0.13
C TYR A 98 1.49 -5.72 -0.87
N VAL A 99 0.93 -4.98 -1.81
CA VAL A 99 0.06 -5.56 -2.82
C VAL A 99 0.79 -6.64 -3.61
N ASN A 100 2.06 -6.37 -3.96
CA ASN A 100 2.86 -7.32 -4.71
C ASN A 100 3.97 -7.90 -3.85
N LYS A 101 3.61 -8.35 -2.65
CA LYS A 101 4.58 -8.93 -1.72
C LYS A 101 4.87 -10.39 -2.05
N PHE A 102 4.17 -10.93 -3.05
CA PHE A 102 4.37 -12.31 -3.46
C PHE A 102 5.64 -12.48 -4.30
N VAL A 103 5.81 -11.62 -5.30
CA VAL A 103 6.99 -11.69 -6.16
C VAL A 103 8.19 -10.97 -5.55
N ILE A 104 7.93 -9.93 -4.77
CA ILE A 104 9.01 -9.18 -4.14
C ILE A 104 9.52 -9.89 -2.89
N CYS A 105 8.59 -10.31 -2.04
CA CYS A 105 8.95 -11.01 -0.81
C CYS A 105 8.99 -12.53 -1.01
N HIS A 106 8.61 -12.98 -2.21
CA HIS A 106 8.61 -14.41 -2.53
C HIS A 106 7.62 -15.16 -1.64
N GLU A 107 6.40 -14.63 -1.53
CA GLU A 107 5.36 -15.23 -0.71
C GLU A 107 5.91 -15.71 0.64
N CYS A 108 6.15 -14.78 1.55
CA CYS A 108 6.68 -15.10 2.87
C CYS A 108 5.68 -15.91 3.68
N ASN A 109 5.29 -17.07 3.16
CA ASN A 109 4.35 -17.94 3.86
C ASN A 109 5.02 -18.60 5.07
N ARG A 110 5.57 -19.80 4.87
CA ARG A 110 6.24 -20.52 5.94
C ARG A 110 7.77 -20.50 5.78
N PRO A 111 8.41 -19.33 5.75
CA PRO A 111 9.87 -19.23 5.60
C PRO A 111 10.61 -20.11 6.61
N ASP A 112 11.68 -20.77 6.15
CA ASP A 112 12.48 -21.63 7.01
C ASP A 112 13.48 -20.81 7.83
N THR A 113 13.13 -19.55 8.08
CA THR A 113 13.98 -18.65 8.84
C THR A 113 13.21 -18.04 10.00
N ARG A 114 13.90 -17.23 10.80
CA ARG A 114 13.28 -16.60 11.96
C ARG A 114 12.61 -15.29 11.59
N ILE A 115 11.29 -15.34 11.43
CA ILE A 115 10.50 -14.16 11.08
C ILE A 115 9.82 -13.58 12.33
N ILE A 116 9.64 -12.27 12.33
CA ILE A 116 9.00 -11.59 13.46
C ILE A 116 8.15 -10.43 12.97
N ARG A 117 6.92 -10.33 13.48
CA ARG A 117 6.01 -9.27 13.09
C ARG A 117 5.49 -8.51 14.31
N GLU A 118 5.70 -7.19 14.31
CA GLU A 118 5.26 -6.35 15.42
C GLU A 118 4.40 -5.21 14.90
N GLY A 119 3.38 -4.82 15.68
CA GLY A 119 2.51 -3.73 15.28
C GLY A 119 1.21 -4.21 14.66
N ARG A 120 0.79 -5.43 15.01
CA ARG A 120 -0.45 -5.98 14.49
C ARG A 120 -0.50 -5.87 12.97
N ILE A 121 0.28 -6.69 12.29
CA ILE A 121 0.32 -6.68 10.84
C ILE A 121 0.73 -5.31 10.31
N SER A 122 1.89 -4.82 10.74
CA SER A 122 2.38 -3.52 10.32
C SER A 122 3.89 -3.52 10.10
N LEU A 123 4.63 -4.21 10.98
CA LEU A 123 6.08 -4.28 10.86
C LEU A 123 6.55 -5.74 10.90
N LEU A 124 7.70 -6.03 10.29
CA LEU A 124 8.24 -7.37 10.27
C LEU A 124 9.66 -7.40 9.69
N LYS A 125 10.38 -8.48 9.95
CA LYS A 125 11.75 -8.63 9.48
C LYS A 125 11.86 -9.78 8.48
N CYS A 126 12.72 -9.62 7.46
CA CYS A 126 12.91 -10.64 6.44
C CYS A 126 14.39 -10.78 6.07
N GLU A 127 15.25 -10.91 7.08
CA GLU A 127 16.69 -11.05 6.85
C GLU A 127 16.98 -12.23 5.93
N ALA A 128 16.08 -13.21 5.92
CA ALA A 128 16.24 -14.38 5.06
C ALA A 128 16.05 -14.01 3.60
N CYS A 129 14.80 -13.76 3.22
CA CYS A 129 14.46 -13.40 1.86
C CYS A 129 14.72 -11.92 1.59
N GLY A 130 15.87 -11.42 2.07
CA GLY A 130 16.20 -10.03 1.88
C GLY A 130 16.29 -9.27 3.20
N ALA A 131 15.46 -8.24 3.34
CA ALA A 131 15.44 -7.43 4.55
C ALA A 131 14.05 -6.82 4.78
N LYS A 132 13.72 -6.60 6.05
CA LYS A 132 12.44 -6.02 6.41
C LYS A 132 12.55 -5.28 7.74
N ALA A 133 11.68 -4.29 7.96
CA ALA A 133 11.70 -3.50 9.19
C ALA A 133 10.75 -4.06 10.25
N PRO A 134 11.26 -4.87 11.19
CA PRO A 134 10.44 -5.46 12.25
C PRO A 134 9.94 -4.43 13.26
N LEU A 135 10.72 -3.38 13.48
CA LEU A 135 10.34 -2.34 14.44
C LEU A 135 11.21 -1.09 14.28
N LYS A 136 12.53 -1.28 14.28
CA LYS A 136 13.48 -0.17 14.13
C LYS A 136 14.89 -0.60 14.53
N ASN A 137 15.54 -1.34 13.64
CA ASN A 137 16.91 -1.81 13.88
C ASN A 137 16.99 -2.63 15.16
N VAL A 138 16.13 -3.65 15.27
CA VAL A 138 16.13 -4.52 16.45
C VAL A 138 15.78 -5.95 16.07
N MET A 4 -14.93 -10.66 -9.04
CA MET A 4 -14.35 -10.94 -10.37
C MET A 4 -12.99 -11.62 -10.25
N ASP A 5 -12.91 -12.65 -9.42
CA ASP A 5 -11.66 -13.38 -9.21
C ASP A 5 -11.91 -14.88 -9.21
N ASP A 6 -10.87 -15.66 -8.93
CA ASP A 6 -10.97 -17.10 -8.90
C ASP A 6 -11.90 -17.56 -7.77
N TYR A 7 -11.36 -17.67 -6.56
CA TYR A 7 -12.15 -18.09 -5.41
C TYR A 7 -11.28 -18.11 -4.14
N GLU A 8 -10.77 -16.95 -3.77
CA GLU A 8 -9.93 -16.83 -2.58
C GLU A 8 -10.77 -16.67 -1.32
N LYS A 9 -10.47 -17.47 -0.31
CA LYS A 9 -11.19 -17.41 0.95
C LYS A 9 -10.67 -16.28 1.83
N LEU A 10 -11.54 -15.75 2.68
CA LEU A 10 -11.17 -14.66 3.58
C LEU A 10 -11.40 -15.05 5.03
N LEU A 11 -10.32 -15.06 5.82
CA LEU A 11 -10.41 -15.41 7.22
C LEU A 11 -11.16 -14.35 8.01
N GLU A 12 -12.21 -14.77 8.72
CA GLU A 12 -13.01 -13.86 9.52
C GLU A 12 -12.61 -13.93 10.98
N ARG A 13 -11.89 -14.99 11.36
CA ARG A 13 -11.44 -15.15 12.74
C ARG A 13 -10.38 -14.10 13.08
N ALA A 14 -10.79 -13.09 13.82
CA ALA A 14 -9.89 -12.02 14.22
C ALA A 14 -9.28 -11.32 13.01
N ILE A 15 -10.00 -10.33 12.49
CA ILE A 15 -9.53 -9.57 11.34
C ILE A 15 -9.09 -8.17 11.76
N ASP A 16 -9.68 -7.69 12.85
CA ASP A 16 -9.36 -6.36 13.37
C ASP A 16 -10.13 -6.06 14.65
N GLN A 17 -11.45 -6.17 14.58
CA GLN A 17 -12.32 -5.90 15.73
C GLN A 17 -12.16 -6.96 16.82
N LEU A 18 -12.16 -8.23 16.42
CA LEU A 18 -12.01 -9.34 17.36
C LEU A 18 -10.75 -9.15 18.22
N PRO A 19 -10.71 -9.71 19.46
CA PRO A 19 -9.55 -9.61 20.35
C PRO A 19 -8.22 -9.87 19.64
N PRO A 20 -7.09 -9.73 20.36
CA PRO A 20 -5.76 -9.96 19.79
C PRO A 20 -5.59 -11.37 19.21
N GLU A 21 -5.38 -12.34 20.09
CA GLU A 21 -5.20 -13.73 19.66
C GLU A 21 -3.96 -13.87 18.77
N VAL A 22 -3.50 -15.10 18.58
CA VAL A 22 -2.34 -15.37 17.74
C VAL A 22 -2.74 -15.54 16.29
N PHE A 23 -2.37 -14.56 15.47
CA PHE A 23 -2.69 -14.59 14.04
C PHE A 23 -1.43 -14.76 13.19
N GLU A 24 -1.58 -15.46 12.07
CA GLU A 24 -0.45 -15.70 11.16
C GLU A 24 -0.93 -15.84 9.72
N THR A 25 -2.08 -16.48 9.53
CA THR A 25 -2.64 -16.67 8.20
C THR A 25 -3.70 -15.62 7.89
N LYS A 26 -3.25 -14.39 7.65
CA LYS A 26 -4.16 -13.30 7.34
C LYS A 26 -4.26 -13.08 5.84
N ARG A 27 -5.48 -12.79 5.37
CA ARG A 27 -5.72 -12.56 3.95
C ARG A 27 -5.30 -11.15 3.54
N PHE A 28 -4.02 -11.00 3.23
CA PHE A 28 -3.48 -9.70 2.82
C PHE A 28 -3.52 -9.55 1.31
N GLU A 29 -4.61 -8.95 0.81
CA GLU A 29 -4.78 -8.73 -0.61
C GLU A 29 -5.30 -7.32 -0.90
N VAL A 30 -4.70 -6.66 -1.89
CA VAL A 30 -5.08 -5.30 -2.27
C VAL A 30 -4.85 -5.07 -3.76
N PRO A 31 -5.84 -4.54 -4.48
CA PRO A 31 -5.72 -4.28 -5.92
C PRO A 31 -4.48 -3.43 -6.25
N LYS A 32 -4.68 -2.14 -6.52
CA LYS A 32 -3.57 -1.24 -6.84
C LYS A 32 -4.06 0.20 -6.84
N ALA A 33 -3.27 1.09 -6.24
CA ALA A 33 -3.64 2.50 -6.17
C ALA A 33 -2.44 3.37 -5.81
N TYR A 34 -2.49 4.63 -6.24
CA TYR A 34 -1.42 5.58 -5.98
C TYR A 34 -1.87 7.01 -6.28
N SER A 35 -1.08 7.98 -5.81
CA SER A 35 -1.39 9.38 -6.03
C SER A 35 -1.03 9.79 -7.46
N VAL A 36 -1.14 11.09 -7.76
CA VAL A 36 -0.82 11.59 -9.09
C VAL A 36 0.04 12.84 -9.02
N ILE A 37 1.08 12.89 -9.85
CA ILE A 37 1.98 14.03 -9.88
C ILE A 37 1.28 15.28 -10.37
N GLN A 38 1.71 16.43 -9.84
CA GLN A 38 1.13 17.71 -10.22
C GLN A 38 2.01 18.86 -9.72
N GLY A 39 2.91 19.31 -10.58
CA GLY A 39 3.82 20.39 -10.21
C GLY A 39 4.63 20.04 -8.97
N ASN A 40 4.14 20.43 -7.80
CA ASN A 40 4.82 20.15 -6.55
C ASN A 40 3.85 19.64 -5.49
N ARG A 41 2.77 19.03 -5.94
CA ARG A 41 1.76 18.49 -5.03
C ARG A 41 1.25 17.14 -5.50
N THR A 42 0.73 16.35 -4.57
CA THR A 42 0.18 15.05 -4.89
C THR A 42 -1.34 15.09 -4.82
N PHE A 43 -1.99 14.68 -5.90
CA PHE A 43 -3.45 14.68 -5.96
C PHE A 43 -4.00 13.31 -5.59
N ILE A 44 -3.96 12.96 -4.32
CA ILE A 44 -4.45 11.66 -3.87
C ILE A 44 -5.97 11.60 -3.92
N GLN A 45 -6.47 10.69 -4.75
CA GLN A 45 -7.90 10.49 -4.94
C GLN A 45 -8.38 9.25 -4.20
N ASN A 46 -7.59 8.19 -4.26
CA ASN A 46 -7.95 6.94 -3.60
C ASN A 46 -7.31 6.85 -2.22
N PHE A 47 -7.34 7.95 -1.48
CA PHE A 47 -6.77 7.99 -0.14
C PHE A 47 -7.19 6.78 0.68
N ARG A 48 -8.29 6.12 0.29
CA ARG A 48 -8.78 4.95 1.01
C ARG A 48 -8.02 3.69 0.59
N GLU A 49 -8.05 3.40 -0.71
CA GLU A 49 -7.36 2.23 -1.24
C GLU A 49 -5.86 2.40 -1.06
N VAL A 50 -5.39 3.63 -1.27
CA VAL A 50 -3.98 3.94 -1.12
C VAL A 50 -3.56 3.89 0.34
N ALA A 51 -4.40 4.43 1.22
CA ALA A 51 -4.08 4.46 2.64
C ALA A 51 -3.89 3.05 3.22
N ASP A 52 -4.64 2.08 2.70
CA ASP A 52 -4.53 0.71 3.17
C ASP A 52 -3.25 0.06 2.64
N ALA A 53 -3.18 -0.14 1.33
CA ALA A 53 -2.02 -0.77 0.72
C ALA A 53 -0.71 -0.12 1.16
N LEU A 54 -0.66 1.21 1.14
CA LEU A 54 0.53 1.94 1.52
C LEU A 54 0.82 1.75 3.00
N ASN A 55 -0.22 1.65 3.82
CA ASN A 55 -0.05 1.45 5.26
C ASN A 55 -1.36 1.04 5.92
N ARG A 56 -1.51 -0.27 6.17
CA ARG A 56 -2.72 -0.82 6.81
C ARG A 56 -3.22 0.11 7.91
N ASP A 57 -2.29 0.76 8.59
CA ASP A 57 -2.63 1.68 9.67
C ASP A 57 -2.79 3.10 9.11
N PRO A 58 -3.89 3.79 9.48
CA PRO A 58 -4.14 5.15 9.02
C PRO A 58 -3.22 6.18 9.66
N GLN A 59 -2.92 5.96 10.94
CA GLN A 59 -2.05 6.85 11.69
C GLN A 59 -0.67 6.94 11.02
N HIS A 60 -0.26 5.84 10.39
CA HIS A 60 1.03 5.80 9.73
C HIS A 60 1.04 6.69 8.49
N LEU A 61 0.20 6.36 7.53
CA LEU A 61 0.09 7.12 6.29
C LEU A 61 0.05 8.62 6.57
N LEU A 62 -0.76 9.01 7.55
CA LEU A 62 -0.90 10.42 7.92
C LEU A 62 0.45 11.02 8.27
N LYS A 63 1.15 10.39 9.21
CA LYS A 63 2.46 10.87 9.63
C LYS A 63 3.48 10.74 8.50
N PHE A 64 3.27 9.78 7.61
CA PHE A 64 4.17 9.56 6.49
C PHE A 64 4.07 10.69 5.48
N LEU A 65 2.85 11.00 5.08
CA LEU A 65 2.60 12.06 4.11
C LEU A 65 3.19 13.38 4.61
N LEU A 66 3.00 13.67 5.89
CA LEU A 66 3.51 14.90 6.49
C LEU A 66 5.03 14.81 6.73
N ARG A 67 5.51 13.61 7.05
CA ARG A 67 6.92 13.41 7.32
C ARG A 67 7.77 13.84 6.12
N GLU A 68 7.25 13.61 4.91
CA GLU A 68 7.97 14.00 3.70
C GLU A 68 7.42 15.29 3.13
N LEU A 69 6.18 15.62 3.47
CA LEU A 69 5.55 16.83 2.97
C LEU A 69 6.04 18.04 3.77
N GLY A 70 7.26 18.48 3.48
CA GLY A 70 7.81 19.64 4.17
C GLY A 70 7.11 20.92 3.78
N THR A 71 6.21 20.83 2.81
CA THR A 71 5.46 22.00 2.35
C THR A 71 4.13 22.13 3.09
N ALA A 72 3.47 23.27 2.92
CA ALA A 72 2.19 23.56 3.56
C ALA A 72 1.43 22.28 3.96
N GLY A 73 1.16 21.43 2.98
CA GLY A 73 0.44 20.20 3.25
C GLY A 73 -0.99 20.43 3.70
N ASN A 74 -1.94 20.29 2.77
CA ASN A 74 -3.35 20.48 3.08
C ASN A 74 -4.23 19.88 1.98
N LEU A 75 -5.50 19.65 2.30
CA LEU A 75 -6.44 19.08 1.35
C LEU A 75 -7.02 20.17 0.43
N GLU A 76 -6.66 20.11 -0.85
CA GLU A 76 -7.15 21.07 -1.85
C GLU A 76 -8.20 20.43 -2.74
N GLY A 77 -9.13 21.24 -3.23
CA GLY A 77 -10.16 20.73 -4.11
C GLY A 77 -11.04 19.70 -3.42
N GLY A 78 -12.05 19.20 -4.13
CA GLY A 78 -12.94 18.21 -3.55
C GLY A 78 -12.21 16.96 -3.10
N ARG A 79 -11.15 16.61 -3.81
CA ARG A 79 -10.36 15.44 -3.48
C ARG A 79 -9.23 15.81 -2.53
N ALA A 80 -8.35 14.87 -2.20
CA ALA A 80 -7.26 15.16 -1.28
C ALA A 80 -6.01 15.63 -2.04
N ILE A 81 -6.01 16.90 -2.41
CA ILE A 81 -4.89 17.48 -3.14
C ILE A 81 -3.88 18.06 -2.16
N LEU A 82 -2.93 17.24 -1.72
CA LEU A 82 -1.91 17.69 -0.78
C LEU A 82 -0.70 18.27 -1.52
N GLN A 83 0.30 18.71 -0.76
CA GLN A 83 1.50 19.30 -1.36
C GLN A 83 2.76 18.85 -0.62
N GLY A 84 3.75 18.36 -1.37
CA GLY A 84 4.99 17.92 -0.76
C GLY A 84 5.85 17.09 -1.69
N LYS A 85 6.17 15.87 -1.27
CA LYS A 85 7.01 14.98 -2.08
C LYS A 85 6.48 13.54 -2.04
N PHE A 86 5.16 13.40 -2.15
CA PHE A 86 4.54 12.07 -2.13
C PHE A 86 4.04 11.69 -3.52
N THR A 87 4.88 11.95 -4.53
CA THR A 87 4.52 11.63 -5.91
C THR A 87 4.71 10.14 -6.17
N HIS A 88 3.75 9.34 -5.69
CA HIS A 88 3.79 7.89 -5.84
C HIS A 88 5.18 7.34 -5.57
N PHE A 89 5.86 7.93 -4.59
CA PHE A 89 7.19 7.49 -4.20
C PHE A 89 7.11 6.46 -3.09
N LEU A 90 6.95 6.95 -1.87
CA LEU A 90 6.84 6.07 -0.70
C LEU A 90 5.56 5.26 -0.75
N ILE A 91 4.50 5.86 -1.29
CA ILE A 91 3.21 5.19 -1.40
C ILE A 91 3.32 3.91 -2.23
N ASN A 92 3.69 4.07 -3.49
CA ASN A 92 3.82 2.94 -4.40
C ASN A 92 4.80 1.90 -3.87
N GLU A 93 5.99 2.34 -3.49
CA GLU A 93 7.00 1.43 -2.96
C GLU A 93 6.46 0.60 -1.81
N ARG A 94 5.92 1.28 -0.81
CA ARG A 94 5.37 0.60 0.36
C ARG A 94 4.24 -0.35 -0.05
N ILE A 95 3.31 0.17 -0.85
CA ILE A 95 2.17 -0.62 -1.32
C ILE A 95 2.64 -1.92 -1.98
N GLU A 96 3.49 -1.77 -2.99
CA GLU A 96 4.02 -2.91 -3.73
C GLU A 96 4.87 -3.81 -2.83
N ASP A 97 5.42 -3.22 -1.77
CA ASP A 97 6.25 -3.97 -0.84
C ASP A 97 5.47 -5.14 -0.24
N TYR A 98 4.35 -4.81 0.41
CA TYR A 98 3.51 -5.82 1.03
C TYR A 98 2.49 -6.39 0.05
N VAL A 99 1.65 -5.50 -0.51
CA VAL A 99 0.63 -5.90 -1.47
C VAL A 99 1.21 -6.80 -2.55
N ASN A 100 2.35 -6.40 -3.10
CA ASN A 100 3.01 -7.19 -4.13
C ASN A 100 4.31 -7.79 -3.60
N LYS A 101 4.24 -8.46 -2.45
CA LYS A 101 5.41 -9.08 -1.86
C LYS A 101 5.67 -10.48 -2.44
N PHE A 102 4.85 -10.88 -3.42
CA PHE A 102 4.98 -12.18 -4.05
C PHE A 102 6.15 -12.22 -5.05
N VAL A 103 6.15 -11.26 -6.00
CA VAL A 103 7.21 -11.21 -7.00
C VAL A 103 8.44 -10.46 -6.49
N ILE A 104 8.39 -9.98 -5.26
CA ILE A 104 9.52 -9.25 -4.68
C ILE A 104 10.10 -10.00 -3.49
N CYS A 105 9.24 -10.45 -2.56
CA CYS A 105 9.69 -11.19 -1.39
C CYS A 105 9.91 -12.67 -1.72
N HIS A 106 9.86 -13.01 -3.00
CA HIS A 106 10.06 -14.39 -3.46
C HIS A 106 8.92 -15.30 -3.01
N GLU A 107 7.69 -14.81 -3.18
CA GLU A 107 6.50 -15.57 -2.81
C GLU A 107 6.61 -16.12 -1.39
N CYS A 108 6.52 -15.24 -0.40
CA CYS A 108 6.60 -15.64 1.00
C CYS A 108 5.27 -16.23 1.47
N ASN A 109 4.63 -17.02 0.62
CA ASN A 109 3.36 -17.66 0.95
C ASN A 109 3.58 -18.82 1.92
N ARG A 110 4.21 -19.88 1.42
CA ARG A 110 4.47 -21.06 2.24
C ARG A 110 5.61 -20.82 3.21
N PRO A 111 5.48 -21.30 4.46
CA PRO A 111 6.52 -21.12 5.49
C PRO A 111 7.87 -21.70 5.06
N ASP A 112 8.52 -21.02 4.12
CA ASP A 112 9.83 -21.45 3.63
C ASP A 112 10.94 -20.69 4.34
N THR A 113 10.57 -19.62 5.02
CA THR A 113 11.52 -18.78 5.74
C THR A 113 11.02 -18.46 7.13
N ARG A 114 11.85 -17.77 7.91
CA ARG A 114 11.49 -17.39 9.26
C ARG A 114 10.78 -16.04 9.27
N ILE A 115 9.45 -16.08 9.31
CA ILE A 115 8.66 -14.87 9.31
C ILE A 115 8.50 -14.34 10.74
N ILE A 116 8.88 -13.09 10.94
CA ILE A 116 8.79 -12.47 12.27
C ILE A 116 8.30 -11.03 12.14
N ARG A 117 7.30 -10.68 12.95
CA ARG A 117 6.75 -9.33 12.92
C ARG A 117 6.50 -8.81 14.32
N GLU A 118 6.91 -7.56 14.56
CA GLU A 118 6.74 -6.93 15.87
C GLU A 118 6.13 -5.54 15.72
N GLY A 119 5.33 -5.14 16.70
CA GLY A 119 4.70 -3.83 16.67
C GLY A 119 3.51 -3.76 15.73
N ARG A 120 2.45 -4.49 16.07
CA ARG A 120 1.22 -4.51 15.26
C ARG A 120 1.54 -4.40 13.76
N ILE A 121 2.08 -5.48 13.20
CA ILE A 121 2.46 -5.55 11.79
C ILE A 121 3.14 -4.25 11.35
N SER A 122 4.32 -4.01 11.90
CA SER A 122 5.09 -2.81 11.56
C SER A 122 6.50 -3.17 11.07
N LEU A 123 7.08 -4.21 11.68
CA LEU A 123 8.42 -4.66 11.29
C LEU A 123 8.38 -6.16 10.96
N LEU A 124 9.19 -6.58 9.98
CA LEU A 124 9.25 -7.99 9.57
C LEU A 124 10.61 -8.34 8.98
N LYS A 125 11.12 -9.54 9.25
CA LYS A 125 12.43 -9.95 8.72
C LYS A 125 12.34 -11.22 7.86
N CYS A 126 13.17 -11.27 6.81
CA CYS A 126 13.18 -12.40 5.89
C CYS A 126 14.60 -12.74 5.46
N GLU A 127 15.53 -12.75 6.40
CA GLU A 127 16.94 -13.06 6.12
C GLU A 127 17.07 -14.29 5.23
N ALA A 128 16.11 -15.20 5.31
CA ALA A 128 16.13 -16.43 4.51
C ALA A 128 15.88 -16.13 3.04
N CYS A 129 14.64 -15.76 2.69
CA CYS A 129 14.32 -15.45 1.29
C CYS A 129 14.75 -14.03 0.95
N GLY A 130 15.97 -13.68 1.33
CA GLY A 130 16.48 -12.36 1.05
C GLY A 130 16.76 -11.57 2.31
N ALA A 131 16.10 -10.43 2.45
CA ALA A 131 16.28 -9.59 3.63
C ALA A 131 15.05 -8.73 3.89
N LYS A 132 14.87 -8.35 5.15
CA LYS A 132 13.74 -7.52 5.55
C LYS A 132 14.10 -6.70 6.78
N ALA A 133 13.43 -5.57 6.96
CA ALA A 133 13.71 -4.69 8.09
C ALA A 133 13.01 -5.16 9.36
N PRO A 134 13.76 -5.75 10.31
CA PRO A 134 13.20 -6.24 11.57
C PRO A 134 12.88 -5.10 12.53
N LEU A 135 13.66 -4.03 12.44
CA LEU A 135 13.47 -2.88 13.30
C LEU A 135 14.42 -1.75 12.92
N LYS A 136 15.72 -2.04 13.00
CA LYS A 136 16.73 -1.05 12.66
C LYS A 136 18.10 -1.70 12.50
N ASN A 137 18.65 -2.20 13.60
CA ASN A 137 19.96 -2.85 13.57
C ASN A 137 20.29 -3.47 14.92
N VAL A 138 19.97 -4.76 15.05
CA VAL A 138 20.23 -5.49 16.28
C VAL A 138 20.85 -6.86 15.99
N MET A 4 -12.56 -18.68 -3.85
CA MET A 4 -13.59 -18.35 -4.87
C MET A 4 -14.74 -17.56 -4.24
N ASP A 5 -14.83 -16.28 -4.59
CA ASP A 5 -15.88 -15.42 -4.07
C ASP A 5 -15.87 -14.06 -4.77
N ASP A 6 -16.97 -13.74 -5.42
CA ASP A 6 -17.10 -12.47 -6.13
C ASP A 6 -17.86 -11.44 -5.31
N TYR A 7 -17.68 -10.17 -5.63
CA TYR A 7 -18.35 -9.09 -4.91
C TYR A 7 -19.73 -8.81 -5.50
N GLU A 8 -20.66 -9.72 -5.26
CA GLU A 8 -22.02 -9.59 -5.77
C GLU A 8 -22.85 -8.68 -4.86
N LYS A 9 -22.98 -9.08 -3.60
CA LYS A 9 -23.75 -8.30 -2.63
C LYS A 9 -23.35 -8.67 -1.20
N LEU A 10 -23.52 -7.72 -0.29
CA LEU A 10 -23.18 -7.94 1.11
C LEU A 10 -24.39 -8.47 1.87
N LEU A 11 -24.98 -9.56 1.35
CA LEU A 11 -26.13 -10.17 1.98
C LEU A 11 -25.71 -11.11 3.10
N GLU A 12 -24.66 -10.74 3.81
CA GLU A 12 -24.14 -11.54 4.91
C GLU A 12 -24.35 -10.82 6.24
N ARG A 13 -24.50 -11.59 7.30
CA ARG A 13 -24.69 -11.02 8.63
C ARG A 13 -23.45 -11.23 9.47
N ALA A 14 -23.55 -10.96 10.78
CA ALA A 14 -22.43 -11.13 11.68
C ALA A 14 -21.17 -10.41 11.20
N ILE A 15 -21.33 -9.14 10.84
CA ILE A 15 -20.20 -8.34 10.36
C ILE A 15 -19.81 -7.26 11.37
N ASP A 16 -20.69 -7.00 12.34
CA ASP A 16 -20.41 -5.97 13.35
C ASP A 16 -20.97 -6.35 14.73
N GLN A 17 -22.19 -5.92 15.05
CA GLN A 17 -22.80 -6.23 16.34
C GLN A 17 -23.69 -7.46 16.24
N LEU A 18 -23.11 -8.57 15.82
CA LEU A 18 -23.84 -9.81 15.67
C LEU A 18 -23.05 -10.99 16.26
N PRO A 19 -23.75 -12.05 16.71
CA PRO A 19 -23.10 -13.23 17.29
C PRO A 19 -22.05 -13.83 16.37
N PRO A 20 -21.23 -14.77 16.88
CA PRO A 20 -20.17 -15.42 16.09
C PRO A 20 -20.71 -16.17 14.87
N GLU A 21 -21.07 -17.45 15.06
CA GLU A 21 -21.60 -18.27 13.97
C GLU A 21 -20.66 -18.27 12.75
N VAL A 22 -20.85 -17.31 11.85
CA VAL A 22 -20.02 -17.22 10.64
C VAL A 22 -18.94 -16.17 10.81
N PHE A 23 -17.72 -16.63 11.09
CA PHE A 23 -16.59 -15.74 11.26
C PHE A 23 -15.78 -15.60 9.97
N GLU A 24 -14.69 -16.34 9.86
CA GLU A 24 -13.84 -16.30 8.69
C GLU A 24 -13.28 -14.91 8.45
N THR A 25 -12.56 -14.75 7.35
CA THR A 25 -11.96 -13.47 7.00
C THR A 25 -13.04 -12.48 6.58
N LYS A 26 -12.83 -11.21 6.93
CA LYS A 26 -13.77 -10.16 6.58
C LYS A 26 -13.71 -9.85 5.09
N ARG A 27 -14.65 -9.05 4.61
CA ARG A 27 -14.69 -8.66 3.21
C ARG A 27 -13.82 -7.43 2.97
N PHE A 28 -12.71 -7.35 3.72
CA PHE A 28 -11.78 -6.24 3.60
C PHE A 28 -10.72 -6.54 2.57
N GLU A 29 -11.05 -6.31 1.31
CA GLU A 29 -10.13 -6.56 0.22
C GLU A 29 -10.18 -5.44 -0.81
N VAL A 30 -9.14 -4.63 -0.86
CA VAL A 30 -9.09 -3.53 -1.79
C VAL A 30 -7.64 -3.20 -2.19
N PRO A 31 -6.84 -4.23 -2.52
CA PRO A 31 -5.44 -4.04 -2.93
C PRO A 31 -5.31 -3.01 -4.04
N LYS A 32 -4.07 -2.75 -4.46
CA LYS A 32 -3.78 -1.79 -5.52
C LYS A 32 -3.74 -0.38 -4.94
N ALA A 33 -4.37 0.59 -5.61
CA ALA A 33 -4.38 1.96 -5.13
C ALA A 33 -3.02 2.60 -5.36
N TYR A 34 -3.02 3.88 -5.72
CA TYR A 34 -1.79 4.60 -5.96
C TYR A 34 -2.03 6.11 -6.03
N SER A 35 -1.02 6.87 -5.63
CA SER A 35 -1.12 8.33 -5.62
C SER A 35 -0.72 8.91 -6.98
N VAL A 36 -0.80 10.23 -7.12
CA VAL A 36 -0.45 10.88 -8.38
C VAL A 36 0.42 12.11 -8.15
N ILE A 37 1.43 12.27 -8.99
CA ILE A 37 2.35 13.39 -8.89
C ILE A 37 2.05 14.44 -9.96
N GLN A 38 1.85 15.67 -9.52
CA GLN A 38 1.55 16.77 -10.43
C GLN A 38 1.65 18.10 -9.71
N GLY A 39 2.10 19.13 -10.41
CA GLY A 39 2.23 20.45 -9.82
C GLY A 39 2.92 20.44 -8.48
N ASN A 40 4.09 19.80 -8.42
CA ASN A 40 4.86 19.73 -7.18
C ASN A 40 3.96 19.36 -6.00
N ARG A 41 2.90 18.60 -6.28
CA ARG A 41 1.96 18.21 -5.25
C ARG A 41 1.37 16.84 -5.55
N THR A 42 0.86 16.17 -4.52
CA THR A 42 0.27 14.86 -4.69
C THR A 42 -1.26 14.92 -4.58
N PHE A 43 -1.94 14.60 -5.68
CA PHE A 43 -3.40 14.62 -5.72
C PHE A 43 -3.97 13.28 -5.25
N ILE A 44 -3.91 13.04 -3.95
CA ILE A 44 -4.43 11.80 -3.40
C ILE A 44 -5.94 11.74 -3.49
N GLN A 45 -6.43 10.75 -4.24
CA GLN A 45 -7.85 10.56 -4.44
C GLN A 45 -8.35 9.31 -3.72
N ASN A 46 -7.55 8.25 -3.77
CA ASN A 46 -7.91 7.00 -3.13
C ASN A 46 -7.20 6.87 -1.78
N PHE A 47 -7.24 7.95 -0.99
CA PHE A 47 -6.61 7.95 0.32
C PHE A 47 -6.95 6.69 1.09
N ARG A 48 -8.21 6.26 1.01
CA ARG A 48 -8.65 5.05 1.72
C ARG A 48 -7.93 3.80 1.19
N GLU A 49 -8.00 3.60 -0.12
CA GLU A 49 -7.36 2.45 -0.74
C GLU A 49 -5.86 2.55 -0.61
N VAL A 50 -5.30 3.63 -1.10
CA VAL A 50 -3.87 3.86 -1.03
C VAL A 50 -3.37 3.77 0.41
N ALA A 51 -4.20 4.21 1.36
CA ALA A 51 -3.83 4.18 2.77
C ALA A 51 -3.46 2.77 3.20
N ASP A 52 -4.46 1.91 3.21
CA ASP A 52 -4.27 0.52 3.62
C ASP A 52 -3.05 -0.08 2.91
N ALA A 53 -3.12 -0.19 1.59
CA ALA A 53 -2.03 -0.76 0.81
C ALA A 53 -0.66 -0.20 1.21
N LEU A 54 -0.49 1.13 1.13
CA LEU A 54 0.77 1.76 1.48
C LEU A 54 1.05 1.62 2.99
N ASN A 55 0.04 1.19 3.74
CA ASN A 55 0.17 1.02 5.18
C ASN A 55 -1.18 0.66 5.80
N ARG A 56 -1.27 -0.54 6.37
CA ARG A 56 -2.52 -0.98 6.99
C ARG A 56 -3.04 0.05 7.98
N ASP A 57 -2.11 0.81 8.57
CA ASP A 57 -2.46 1.82 9.55
C ASP A 57 -2.84 3.14 8.87
N PRO A 58 -4.03 3.68 9.21
CA PRO A 58 -4.50 4.94 8.62
C PRO A 58 -3.74 6.16 9.15
N GLN A 59 -3.70 6.30 10.47
CA GLN A 59 -3.01 7.41 11.11
C GLN A 59 -1.54 7.45 10.71
N HIS A 60 -1.02 6.33 10.25
CA HIS A 60 0.37 6.25 9.83
C HIS A 60 0.55 7.00 8.51
N LEU A 61 -0.14 6.54 7.48
CA LEU A 61 -0.05 7.16 6.17
C LEU A 61 -0.10 8.68 6.27
N LEU A 62 -1.01 9.16 7.11
CA LEU A 62 -1.16 10.60 7.30
C LEU A 62 0.14 11.19 7.84
N LYS A 63 0.65 10.60 8.92
CA LYS A 63 1.88 11.07 9.52
C LYS A 63 3.05 11.02 8.53
N PHE A 64 3.04 10.04 7.63
CA PHE A 64 4.11 9.91 6.64
C PHE A 64 4.05 11.02 5.61
N LEU A 65 2.85 11.34 5.12
CA LEU A 65 2.69 12.40 4.13
C LEU A 65 3.24 13.72 4.66
N LEU A 66 2.92 14.03 5.91
CA LEU A 66 3.39 15.28 6.52
C LEU A 66 4.86 15.19 6.88
N ARG A 67 5.31 13.99 7.25
CA ARG A 67 6.70 13.77 7.62
C ARG A 67 7.64 13.99 6.44
N GLU A 68 7.13 13.78 5.23
CA GLU A 68 7.93 13.95 4.02
C GLU A 68 7.52 15.22 3.27
N LEU A 69 6.32 15.73 3.59
CA LEU A 69 5.80 16.94 2.96
C LEU A 69 6.55 18.17 3.46
N GLY A 70 7.36 18.78 2.59
CA GLY A 70 8.09 19.97 3.00
C GLY A 70 7.23 21.21 2.96
N THR A 71 6.20 21.19 2.11
CA THR A 71 5.29 22.31 1.97
C THR A 71 4.12 22.17 2.94
N ALA A 72 3.33 23.25 3.06
CA ALA A 72 2.17 23.28 3.96
C ALA A 72 1.52 21.90 4.10
N GLY A 73 0.99 21.38 2.99
CA GLY A 73 0.35 20.07 3.02
C GLY A 73 -1.08 20.13 3.51
N ASN A 74 -2.03 19.99 2.58
CA ASN A 74 -3.45 20.00 2.93
C ASN A 74 -4.30 19.46 1.79
N LEU A 75 -5.56 19.22 2.07
CA LEU A 75 -6.50 18.73 1.08
C LEU A 75 -6.96 19.87 0.17
N GLU A 76 -6.53 19.84 -1.09
CA GLU A 76 -6.93 20.87 -2.05
C GLU A 76 -7.99 20.31 -2.99
N GLY A 77 -8.78 21.19 -3.59
CA GLY A 77 -9.83 20.75 -4.51
C GLY A 77 -10.81 19.80 -3.87
N GLY A 78 -11.76 19.32 -4.67
CA GLY A 78 -12.77 18.40 -4.17
C GLY A 78 -12.18 17.22 -3.43
N ARG A 79 -11.07 16.69 -3.96
CA ARG A 79 -10.41 15.53 -3.35
C ARG A 79 -9.32 15.97 -2.36
N ALA A 80 -8.33 15.11 -2.13
CA ALA A 80 -7.24 15.40 -1.23
C ALA A 80 -5.96 15.75 -1.99
N ILE A 81 -5.84 17.01 -2.40
CA ILE A 81 -4.65 17.45 -3.13
C ILE A 81 -3.65 18.12 -2.18
N LEU A 82 -2.68 17.33 -1.71
CA LEU A 82 -1.67 17.84 -0.78
C LEU A 82 -0.43 18.30 -1.54
N GLN A 83 0.55 18.84 -0.81
CA GLN A 83 1.78 19.32 -1.44
C GLN A 83 3.01 18.97 -0.61
N GLY A 84 3.99 18.30 -1.25
CA GLY A 84 5.21 17.92 -0.56
C GLY A 84 6.14 17.05 -1.39
N LYS A 85 6.61 15.95 -0.79
CA LYS A 85 7.52 15.04 -1.47
C LYS A 85 6.93 13.62 -1.57
N PHE A 86 5.62 13.51 -1.37
CA PHE A 86 4.95 12.21 -1.45
C PHE A 86 4.31 12.04 -2.83
N THR A 87 5.09 12.37 -3.85
CA THR A 87 4.63 12.30 -5.23
C THR A 87 4.72 10.87 -5.78
N HIS A 88 3.90 9.99 -5.21
CA HIS A 88 3.87 8.59 -5.60
C HIS A 88 5.25 7.95 -5.43
N PHE A 89 5.94 8.37 -4.37
CA PHE A 89 7.25 7.84 -4.04
C PHE A 89 7.15 6.68 -3.06
N LEU A 90 7.14 7.03 -1.76
CA LEU A 90 7.05 6.04 -0.70
C LEU A 90 5.72 5.27 -0.79
N ILE A 91 4.67 5.96 -1.24
CA ILE A 91 3.36 5.33 -1.36
C ILE A 91 3.43 4.10 -2.28
N ASN A 92 3.77 4.33 -3.53
CA ASN A 92 3.87 3.25 -4.50
C ASN A 92 4.85 2.17 -4.05
N GLU A 93 6.04 2.58 -3.64
CA GLU A 93 7.07 1.65 -3.21
C GLU A 93 6.56 0.71 -2.12
N ARG A 94 6.00 1.27 -1.06
CA ARG A 94 5.47 0.47 0.04
C ARG A 94 4.31 -0.41 -0.42
N ILE A 95 3.37 0.19 -1.14
CA ILE A 95 2.21 -0.54 -1.65
C ILE A 95 2.64 -1.77 -2.43
N GLU A 96 3.45 -1.55 -3.45
CA GLU A 96 3.94 -2.64 -4.30
C GLU A 96 4.73 -3.65 -3.47
N ASP A 97 5.31 -3.18 -2.38
CA ASP A 97 6.09 -4.04 -1.50
C ASP A 97 5.21 -5.11 -0.87
N TYR A 98 4.08 -4.68 -0.29
CA TYR A 98 3.15 -5.60 0.35
C TYR A 98 2.16 -6.16 -0.65
N VAL A 99 1.41 -5.29 -1.30
CA VAL A 99 0.42 -5.71 -2.28
C VAL A 99 1.06 -6.54 -3.39
N ASN A 100 2.24 -6.12 -3.84
CA ASN A 100 2.95 -6.83 -4.89
C ASN A 100 4.22 -7.47 -4.35
N LYS A 101 4.09 -8.19 -3.24
CA LYS A 101 5.25 -8.86 -2.64
C LYS A 101 5.57 -10.16 -3.36
N PHE A 102 4.74 -10.51 -4.34
CA PHE A 102 4.90 -11.74 -5.11
C PHE A 102 6.17 -11.71 -5.98
N VAL A 103 6.33 -10.67 -6.78
CA VAL A 103 7.51 -10.55 -7.64
C VAL A 103 8.63 -9.76 -6.98
N ILE A 104 8.28 -9.05 -5.90
CA ILE A 104 9.25 -8.24 -5.17
C ILE A 104 9.95 -9.06 -4.11
N CYS A 105 9.18 -9.64 -3.19
CA CYS A 105 9.73 -10.45 -2.11
C CYS A 105 10.01 -11.88 -2.56
N HIS A 106 10.36 -12.04 -3.83
CA HIS A 106 10.66 -13.35 -4.39
C HIS A 106 9.59 -14.37 -4.00
N GLU A 107 8.33 -13.99 -4.19
CA GLU A 107 7.19 -14.86 -3.87
C GLU A 107 7.39 -15.58 -2.54
N CYS A 108 7.34 -14.82 -1.45
CA CYS A 108 7.50 -15.39 -0.11
C CYS A 108 6.25 -16.16 0.31
N ASN A 109 5.72 -17.00 -0.58
CA ASN A 109 4.55 -17.80 -0.30
C ASN A 109 4.89 -18.95 0.65
N ARG A 110 5.53 -19.98 0.09
CA ARG A 110 5.92 -21.16 0.86
C ARG A 110 7.12 -20.85 1.75
N PRO A 111 7.16 -21.42 2.98
CA PRO A 111 8.27 -21.19 3.92
C PRO A 111 9.63 -21.57 3.33
N ASP A 112 10.08 -20.76 2.37
CA ASP A 112 11.37 -20.99 1.72
C ASP A 112 12.48 -20.21 2.43
N THR A 113 12.08 -19.26 3.28
CA THR A 113 13.01 -18.42 4.01
C THR A 113 12.53 -18.19 5.43
N ARG A 114 13.34 -17.51 6.23
CA ARG A 114 12.96 -17.21 7.61
C ARG A 114 12.23 -15.88 7.69
N ILE A 115 10.91 -15.94 7.77
CA ILE A 115 10.08 -14.74 7.83
C ILE A 115 9.53 -14.53 9.24
N ILE A 116 9.40 -13.26 9.64
CA ILE A 116 8.89 -12.91 10.97
C ILE A 116 8.14 -11.59 10.94
N ARG A 117 6.97 -11.55 11.56
CA ARG A 117 6.15 -10.35 11.61
C ARG A 117 5.75 -10.02 13.04
N GLU A 118 5.93 -8.76 13.45
CA GLU A 118 5.58 -8.34 14.81
C GLU A 118 4.64 -7.13 14.79
N GLY A 119 3.74 -7.08 15.76
CA GLY A 119 2.80 -5.98 15.85
C GLY A 119 1.55 -6.22 15.03
N ARG A 120 1.44 -7.42 14.44
CA ARG A 120 0.29 -7.77 13.62
C ARG A 120 0.26 -6.94 12.34
N ILE A 121 1.16 -7.27 11.42
CA ILE A 121 1.24 -6.57 10.14
C ILE A 121 1.89 -5.20 10.32
N SER A 122 2.98 -5.17 11.07
CA SER A 122 3.70 -3.93 11.32
C SER A 122 5.15 -4.04 10.83
N LEU A 123 5.81 -5.13 11.20
CA LEU A 123 7.20 -5.35 10.80
C LEU A 123 7.40 -6.75 10.24
N LEU A 124 8.38 -6.89 9.35
CA LEU A 124 8.67 -8.17 8.72
C LEU A 124 10.14 -8.25 8.29
N LYS A 125 10.80 -9.38 8.59
CA LYS A 125 12.20 -9.57 8.23
C LYS A 125 12.34 -10.68 7.18
N CYS A 126 13.25 -10.50 6.21
CA CYS A 126 13.48 -11.51 5.17
C CYS A 126 14.95 -11.60 4.77
N GLU A 127 15.82 -11.56 5.78
CA GLU A 127 17.26 -11.64 5.56
C GLU A 127 17.63 -12.72 4.55
N ALA A 128 16.85 -13.79 4.50
CA ALA A 128 17.12 -14.89 3.57
C ALA A 128 16.86 -14.47 2.13
N CYS A 129 15.59 -14.38 1.74
CA CYS A 129 15.25 -13.98 0.38
C CYS A 129 15.43 -12.47 0.19
N GLY A 130 16.53 -11.94 0.72
CA GLY A 130 16.79 -10.51 0.60
C GLY A 130 16.94 -9.86 1.96
N ALA A 131 16.14 -8.83 2.21
CA ALA A 131 16.19 -8.12 3.48
C ALA A 131 14.85 -7.49 3.80
N LYS A 132 14.55 -7.39 5.09
CA LYS A 132 13.29 -6.81 5.54
C LYS A 132 13.45 -6.24 6.94
N ALA A 133 12.61 -5.25 7.28
CA ALA A 133 12.69 -4.60 8.58
C ALA A 133 12.01 -5.42 9.68
N PRO A 134 12.80 -6.08 10.55
CA PRO A 134 12.26 -6.90 11.64
C PRO A 134 11.65 -6.05 12.75
N LEU A 135 12.37 -5.03 13.18
CA LEU A 135 11.89 -4.16 14.26
C LEU A 135 12.08 -2.68 13.91
N LYS A 136 13.33 -2.23 13.91
CA LYS A 136 13.65 -0.84 13.60
C LYS A 136 15.14 -0.70 13.25
N ASN A 137 15.97 -1.36 14.03
CA ASN A 137 17.41 -1.34 13.82
C ASN A 137 17.98 -2.74 14.04
N VAL A 138 19.26 -2.93 13.71
CA VAL A 138 19.93 -4.22 13.85
C VAL A 138 19.00 -5.40 13.57
N MET A 4 -7.91 -34.67 -32.30
CA MET A 4 -9.04 -35.20 -31.47
C MET A 4 -9.25 -34.38 -30.19
N ASP A 5 -8.91 -33.09 -30.23
CA ASP A 5 -9.06 -32.21 -29.08
C ASP A 5 -9.01 -30.74 -29.49
N ASP A 6 -10.05 -30.31 -30.21
CA ASP A 6 -10.12 -28.92 -30.67
C ASP A 6 -10.35 -27.96 -29.52
N TYR A 7 -11.54 -27.99 -28.96
CA TYR A 7 -11.88 -27.11 -27.84
C TYR A 7 -13.04 -27.68 -27.02
N GLU A 8 -12.91 -28.95 -26.64
CA GLU A 8 -13.95 -29.61 -25.85
C GLU A 8 -14.02 -29.03 -24.43
N LYS A 9 -12.86 -28.88 -23.81
CA LYS A 9 -12.79 -28.34 -22.45
C LYS A 9 -12.04 -27.00 -22.44
N LEU A 10 -11.98 -26.39 -21.27
CA LEU A 10 -11.29 -25.11 -21.11
C LEU A 10 -10.77 -24.93 -19.70
N LEU A 11 -10.36 -26.03 -19.09
CA LEU A 11 -9.83 -26.00 -17.73
C LEU A 11 -8.33 -25.69 -17.74
N GLU A 12 -7.84 -25.13 -16.64
CA GLU A 12 -6.43 -24.77 -16.51
C GLU A 12 -5.65 -25.89 -15.82
N ARG A 13 -4.33 -25.85 -15.99
CA ARG A 13 -3.44 -26.86 -15.40
C ARG A 13 -2.89 -26.37 -14.07
N ALA A 14 -3.51 -26.82 -12.98
CA ALA A 14 -3.10 -26.44 -11.64
C ALA A 14 -3.27 -24.94 -11.41
N ILE A 15 -4.50 -24.47 -11.56
CA ILE A 15 -4.80 -23.06 -11.35
C ILE A 15 -5.12 -22.77 -9.88
N ASP A 16 -5.40 -23.84 -9.12
CA ASP A 16 -5.71 -23.70 -7.70
C ASP A 16 -5.88 -25.07 -7.02
N GLN A 17 -7.04 -25.70 -7.24
CA GLN A 17 -7.34 -27.00 -6.63
C GLN A 17 -6.24 -28.02 -6.95
N LEU A 18 -6.03 -28.29 -8.23
CA LEU A 18 -5.00 -29.24 -8.66
C LEU A 18 -3.68 -28.98 -7.92
N PRO A 19 -2.89 -30.03 -7.68
CA PRO A 19 -1.59 -29.92 -6.98
C PRO A 19 -0.66 -28.89 -7.61
N PRO A 20 0.37 -28.45 -6.86
CA PRO A 20 1.35 -27.47 -7.34
C PRO A 20 2.09 -27.94 -8.57
N GLU A 21 2.26 -27.05 -9.54
CA GLU A 21 2.95 -27.38 -10.78
C GLU A 21 3.12 -26.13 -11.65
N VAL A 22 3.36 -26.35 -12.95
CA VAL A 22 3.54 -25.24 -13.89
C VAL A 22 2.23 -24.49 -14.11
N PHE A 23 2.00 -23.47 -13.29
CA PHE A 23 0.78 -22.67 -13.40
C PHE A 23 1.07 -21.29 -13.99
N GLU A 24 0.07 -20.71 -14.63
CA GLU A 24 0.21 -19.39 -15.23
C GLU A 24 -0.20 -18.31 -14.25
N THR A 25 -0.28 -17.07 -14.71
CA THR A 25 -0.66 -15.96 -13.84
C THR A 25 -2.14 -15.98 -13.52
N LYS A 26 -2.47 -16.10 -12.23
CA LYS A 26 -3.86 -16.14 -11.80
C LYS A 26 -4.46 -14.74 -11.78
N ARG A 27 -5.70 -14.63 -11.30
CA ARG A 27 -6.38 -13.35 -11.23
C ARG A 27 -5.94 -12.55 -10.01
N PHE A 28 -4.68 -12.12 -10.01
CA PHE A 28 -4.13 -11.34 -8.90
C PHE A 28 -4.75 -9.96 -8.85
N GLU A 29 -5.34 -9.61 -7.70
CA GLU A 29 -5.97 -8.31 -7.54
C GLU A 29 -5.70 -7.73 -6.14
N VAL A 30 -4.75 -6.81 -6.09
CA VAL A 30 -4.37 -6.14 -4.84
C VAL A 30 -3.85 -4.72 -5.11
N PRO A 31 -2.95 -4.53 -6.11
CA PRO A 31 -2.40 -3.21 -6.43
C PRO A 31 -3.49 -2.24 -6.87
N LYS A 32 -3.15 -1.37 -7.81
CA LYS A 32 -4.10 -0.39 -8.32
C LYS A 32 -4.31 0.73 -7.30
N ALA A 33 -4.83 1.86 -7.78
CA ALA A 33 -5.07 3.01 -6.91
C ALA A 33 -3.77 3.55 -6.33
N TYR A 34 -3.34 4.69 -6.86
CA TYR A 34 -2.11 5.32 -6.40
C TYR A 34 -2.21 6.84 -6.51
N SER A 35 -1.24 7.55 -5.94
CA SER A 35 -1.23 9.00 -5.98
C SER A 35 -0.81 9.52 -7.35
N VAL A 36 -0.90 10.83 -7.52
CA VAL A 36 -0.52 11.45 -8.79
C VAL A 36 0.35 12.67 -8.56
N ILE A 37 1.43 12.76 -9.33
CA ILE A 37 2.34 13.88 -9.23
C ILE A 37 1.91 15.03 -10.12
N GLN A 38 1.51 16.14 -9.51
CA GLN A 38 1.06 17.30 -10.27
C GLN A 38 1.88 18.53 -9.89
N GLY A 39 2.98 18.74 -10.62
CA GLY A 39 3.83 19.89 -10.34
C GLY A 39 4.63 19.69 -9.07
N ASN A 40 3.94 19.76 -7.93
CA ASN A 40 4.61 19.59 -6.64
C ASN A 40 3.60 19.17 -5.55
N ARG A 41 2.48 18.59 -5.97
CA ARG A 41 1.45 18.15 -5.03
C ARG A 41 0.92 16.77 -5.42
N THR A 42 0.44 16.02 -4.43
CA THR A 42 -0.11 14.69 -4.68
C THR A 42 -1.63 14.75 -4.80
N PHE A 43 -2.14 14.21 -5.91
CA PHE A 43 -3.57 14.20 -6.17
C PHE A 43 -4.19 12.86 -5.76
N ILE A 44 -4.24 12.60 -4.45
CA ILE A 44 -4.81 11.36 -3.94
C ILE A 44 -6.27 11.23 -4.35
N GLN A 45 -6.56 10.16 -5.08
CA GLN A 45 -7.91 9.89 -5.54
C GLN A 45 -8.54 8.76 -4.76
N ASN A 46 -7.72 7.77 -4.43
CA ASN A 46 -8.18 6.62 -3.68
C ASN A 46 -7.59 6.63 -2.26
N PHE A 47 -7.74 7.76 -1.57
CA PHE A 47 -7.23 7.91 -0.22
C PHE A 47 -7.57 6.69 0.63
N ARG A 48 -8.62 5.98 0.27
CA ARG A 48 -9.03 4.79 1.01
C ARG A 48 -8.20 3.57 0.58
N GLU A 49 -8.20 3.30 -0.71
CA GLU A 49 -7.44 2.17 -1.25
C GLU A 49 -5.95 2.40 -1.09
N VAL A 50 -5.53 3.63 -1.37
CA VAL A 50 -4.13 4.00 -1.24
C VAL A 50 -3.70 4.00 0.22
N ALA A 51 -4.57 4.49 1.09
CA ALA A 51 -4.27 4.56 2.52
C ALA A 51 -4.05 3.18 3.13
N ASP A 52 -4.75 2.18 2.62
CA ASP A 52 -4.58 0.83 3.15
C ASP A 52 -3.27 0.24 2.65
N ALA A 53 -3.17 0.03 1.34
CA ALA A 53 -1.97 -0.54 0.74
C ALA A 53 -0.69 0.15 1.21
N LEU A 54 -0.67 1.48 1.20
CA LEU A 54 0.49 2.24 1.61
C LEU A 54 0.77 2.06 3.10
N ASN A 55 -0.29 1.95 3.89
CA ASN A 55 -0.15 1.78 5.33
C ASN A 55 -1.46 1.37 5.98
N ARG A 56 -1.58 0.06 6.25
CA ARG A 56 -2.78 -0.49 6.87
C ARG A 56 -3.35 0.46 7.93
N ASP A 57 -2.47 1.20 8.60
CA ASP A 57 -2.89 2.14 9.62
C ASP A 57 -3.14 3.52 9.00
N PRO A 58 -4.23 4.19 9.39
CA PRO A 58 -4.56 5.52 8.85
C PRO A 58 -3.64 6.62 9.40
N GLN A 59 -3.30 6.50 10.68
CA GLN A 59 -2.43 7.47 11.33
C GLN A 59 -1.00 7.36 10.82
N HIS A 60 -0.52 6.14 10.65
CA HIS A 60 0.83 5.90 10.17
C HIS A 60 1.03 6.49 8.78
N LEU A 61 -0.07 6.62 8.05
CA LEU A 61 -0.03 7.16 6.69
C LEU A 61 0.14 8.67 6.73
N LEU A 62 -0.55 9.31 7.66
CA LEU A 62 -0.51 10.76 7.80
C LEU A 62 0.85 11.21 8.32
N LYS A 63 1.48 10.36 9.12
CA LYS A 63 2.79 10.66 9.69
C LYS A 63 3.88 10.57 8.62
N PHE A 64 3.93 9.46 7.90
CA PHE A 64 4.92 9.28 6.85
C PHE A 64 4.74 10.36 5.78
N LEU A 65 3.48 10.67 5.51
CA LEU A 65 3.12 11.68 4.53
C LEU A 65 3.76 13.03 4.87
N LEU A 66 3.54 13.49 6.11
CA LEU A 66 4.10 14.77 6.56
C LEU A 66 5.62 14.70 6.69
N ARG A 67 6.13 13.51 7.00
CA ARG A 67 7.57 13.32 7.17
C ARG A 67 8.33 13.75 5.91
N GLU A 68 7.85 13.32 4.76
CA GLU A 68 8.50 13.67 3.49
C GLU A 68 7.96 14.98 2.93
N LEU A 69 6.71 15.28 3.25
CA LEU A 69 6.07 16.51 2.77
C LEU A 69 6.90 17.74 3.09
N GLY A 70 7.51 18.33 2.05
CA GLY A 70 8.33 19.51 2.24
C GLY A 70 7.51 20.80 2.26
N THR A 71 6.20 20.68 2.18
CA THR A 71 5.31 21.83 2.19
C THR A 71 4.23 21.66 3.26
N ALA A 72 3.50 22.74 3.52
CA ALA A 72 2.43 22.74 4.52
C ALA A 72 1.71 21.40 4.58
N GLY A 73 0.97 21.06 3.53
CA GLY A 73 0.24 19.81 3.49
C GLY A 73 -1.22 19.98 3.89
N ASN A 74 -2.11 19.80 2.92
CA ASN A 74 -3.55 19.92 3.17
C ASN A 74 -4.35 19.32 2.03
N LEU A 75 -5.64 19.11 2.26
CA LEU A 75 -6.52 18.55 1.25
C LEU A 75 -7.10 19.64 0.36
N GLU A 76 -6.70 19.66 -0.91
CA GLU A 76 -7.21 20.64 -1.86
C GLU A 76 -8.20 19.97 -2.82
N GLY A 77 -9.09 20.77 -3.40
CA GLY A 77 -10.07 20.22 -4.33
C GLY A 77 -10.93 19.14 -3.72
N GLY A 78 -11.94 18.69 -4.45
CA GLY A 78 -12.83 17.66 -3.96
C GLY A 78 -12.10 16.45 -3.41
N ARG A 79 -10.94 16.15 -3.98
CA ARG A 79 -10.14 15.01 -3.54
C ARG A 79 -9.10 15.46 -2.51
N ALA A 80 -8.13 14.59 -2.25
CA ALA A 80 -7.07 14.90 -1.29
C ALA A 80 -5.80 15.35 -2.00
N ILE A 81 -5.80 16.62 -2.45
CA ILE A 81 -4.65 17.18 -3.15
C ILE A 81 -3.72 17.91 -2.19
N LEU A 82 -2.74 17.19 -1.63
CA LEU A 82 -1.79 17.81 -0.70
C LEU A 82 -0.53 18.24 -1.44
N GLN A 83 0.42 18.81 -0.70
CA GLN A 83 1.67 19.28 -1.29
C GLN A 83 2.85 18.94 -0.38
N GLY A 84 3.95 18.50 -0.99
CA GLY A 84 5.14 18.13 -0.23
C GLY A 84 6.13 17.32 -1.04
N LYS A 85 6.19 16.02 -0.75
CA LYS A 85 7.10 15.11 -1.46
C LYS A 85 6.48 13.73 -1.66
N PHE A 86 5.22 13.56 -1.26
CA PHE A 86 4.53 12.29 -1.40
C PHE A 86 3.90 12.17 -2.79
N THR A 87 4.68 12.52 -3.82
CA THR A 87 4.19 12.45 -5.19
C THR A 87 4.39 11.04 -5.75
N HIS A 88 3.68 10.09 -5.14
CA HIS A 88 3.75 8.70 -5.54
C HIS A 88 5.16 8.16 -5.33
N PHE A 89 5.79 8.63 -4.25
CA PHE A 89 7.14 8.21 -3.88
C PHE A 89 7.12 7.05 -2.90
N LEU A 90 6.93 7.38 -1.61
CA LEU A 90 6.88 6.38 -0.56
C LEU A 90 5.61 5.56 -0.67
N ILE A 91 4.54 6.21 -1.10
CA ILE A 91 3.26 5.55 -1.26
C ILE A 91 3.41 4.34 -2.18
N ASN A 92 3.80 4.59 -3.42
CA ASN A 92 3.98 3.53 -4.42
C ASN A 92 4.93 2.45 -3.91
N GLU A 93 6.11 2.85 -3.46
CA GLU A 93 7.11 1.91 -2.97
C GLU A 93 6.57 1.05 -1.83
N ARG A 94 6.10 1.71 -0.76
CA ARG A 94 5.57 0.99 0.39
C ARG A 94 4.42 0.09 -0.02
N ILE A 95 3.47 0.64 -0.78
CA ILE A 95 2.32 -0.14 -1.24
C ILE A 95 2.80 -1.41 -1.93
N GLU A 96 3.60 -1.24 -2.99
CA GLU A 96 4.13 -2.36 -3.76
C GLU A 96 4.86 -3.37 -2.88
N ASP A 97 5.42 -2.90 -1.78
CA ASP A 97 6.13 -3.79 -0.87
C ASP A 97 5.18 -4.80 -0.25
N TYR A 98 4.02 -4.32 0.19
CA TYR A 98 3.02 -5.20 0.80
C TYR A 98 2.13 -5.84 -0.27
N VAL A 99 1.45 -5.02 -1.06
CA VAL A 99 0.57 -5.52 -2.11
C VAL A 99 1.32 -6.43 -3.08
N ASN A 100 2.56 -6.08 -3.43
CA ASN A 100 3.35 -6.91 -4.34
C ASN A 100 4.50 -7.57 -3.60
N LYS A 101 4.20 -8.17 -2.46
CA LYS A 101 5.23 -8.84 -1.69
C LYS A 101 5.51 -10.22 -2.28
N PHE A 102 4.83 -10.55 -3.38
CA PHE A 102 5.05 -11.84 -4.03
C PHE A 102 6.34 -11.80 -4.86
N VAL A 103 6.51 -10.75 -5.65
CA VAL A 103 7.69 -10.61 -6.49
C VAL A 103 8.78 -9.78 -5.82
N ILE A 104 8.42 -9.06 -4.76
CA ILE A 104 9.37 -8.23 -4.04
C ILE A 104 10.00 -9.02 -2.88
N CYS A 105 9.15 -9.56 -2.00
CA CYS A 105 9.63 -10.31 -0.85
C CYS A 105 9.91 -11.77 -1.22
N HIS A 106 10.39 -11.98 -2.45
CA HIS A 106 10.71 -13.32 -2.95
C HIS A 106 9.60 -14.33 -2.60
N GLU A 107 8.35 -13.92 -2.81
CA GLU A 107 7.18 -14.75 -2.52
C GLU A 107 7.33 -15.49 -1.19
N CYS A 108 7.23 -14.74 -0.11
CA CYS A 108 7.35 -15.29 1.23
C CYS A 108 6.05 -16.00 1.64
N ASN A 109 5.54 -16.86 0.75
CA ASN A 109 4.32 -17.61 1.03
C ASN A 109 4.60 -18.72 2.03
N ARG A 110 5.32 -19.73 1.56
CA ARG A 110 5.67 -20.88 2.39
C ARG A 110 6.79 -20.53 3.36
N PRO A 111 6.63 -20.86 4.66
CA PRO A 111 7.63 -20.58 5.68
C PRO A 111 9.00 -21.18 5.37
N ASP A 112 9.72 -20.56 4.45
CA ASP A 112 11.05 -21.03 4.06
C ASP A 112 12.15 -20.18 4.72
N THR A 113 11.74 -19.13 5.42
CA THR A 113 12.68 -18.24 6.09
C THR A 113 12.18 -17.86 7.48
N ARG A 114 12.97 -17.11 8.22
CA ARG A 114 12.60 -16.69 9.56
C ARG A 114 11.83 -15.38 9.55
N ILE A 115 10.51 -15.47 9.67
CA ILE A 115 9.64 -14.30 9.67
C ILE A 115 9.16 -13.98 11.09
N ILE A 116 9.16 -12.70 11.43
CA ILE A 116 8.72 -12.26 12.75
C ILE A 116 7.89 -10.97 12.62
N ARG A 117 6.71 -10.95 13.24
CA ARG A 117 5.85 -9.79 13.18
C ARG A 117 5.52 -9.26 14.57
N GLU A 118 5.71 -7.95 14.76
CA GLU A 118 5.43 -7.33 16.06
C GLU A 118 4.46 -6.17 15.90
N GLY A 119 3.50 -6.08 16.83
CA GLY A 119 2.52 -5.02 16.80
C GLY A 119 1.24 -5.43 16.10
N ARG A 120 0.85 -6.69 16.24
CA ARG A 120 -0.36 -7.20 15.61
C ARG A 120 -0.31 -6.96 14.11
N ILE A 121 0.74 -7.48 13.47
CA ILE A 121 0.93 -7.33 12.04
C ILE A 121 1.28 -5.88 11.69
N SER A 122 2.36 -5.38 12.29
CA SER A 122 2.80 -4.01 12.05
C SER A 122 4.22 -3.99 11.48
N LEU A 123 5.06 -4.90 11.99
CA LEU A 123 6.44 -5.00 11.51
C LEU A 123 6.77 -6.45 11.18
N LEU A 124 7.84 -6.64 10.40
CA LEU A 124 8.28 -7.99 10.03
C LEU A 124 9.72 -7.98 9.52
N LYS A 125 10.47 -9.06 9.79
CA LYS A 125 11.87 -9.15 9.36
C LYS A 125 12.07 -10.29 8.36
N CYS A 126 12.95 -10.08 7.39
CA CYS A 126 13.25 -11.10 6.38
C CYS A 126 14.72 -11.07 5.97
N GLU A 127 15.61 -11.16 6.96
CA GLU A 127 17.05 -11.13 6.68
C GLU A 127 17.45 -12.24 5.69
N ALA A 128 16.69 -13.33 5.71
CA ALA A 128 16.96 -14.45 4.81
C ALA A 128 16.72 -14.07 3.36
N CYS A 129 15.44 -13.94 2.99
CA CYS A 129 15.08 -13.57 1.61
C CYS A 129 15.21 -12.06 1.39
N GLY A 130 16.27 -11.47 1.90
CA GLY A 130 16.48 -10.04 1.73
C GLY A 130 16.55 -9.32 3.06
N ALA A 131 15.68 -8.32 3.24
CA ALA A 131 15.66 -7.55 4.48
C ALA A 131 14.27 -6.98 4.72
N LYS A 132 13.95 -6.80 6.00
CA LYS A 132 12.66 -6.27 6.40
C LYS A 132 12.80 -5.57 7.76
N ALA A 133 11.91 -4.61 8.05
CA ALA A 133 11.97 -3.87 9.30
C ALA A 133 11.10 -4.48 10.39
N PRO A 134 11.69 -5.25 11.33
CA PRO A 134 10.97 -5.88 12.44
C PRO A 134 10.48 -4.86 13.47
N LEU A 135 10.95 -3.63 13.36
CA LEU A 135 10.56 -2.58 14.29
C LEU A 135 10.98 -1.20 13.79
N LYS A 136 10.53 -0.83 12.59
CA LYS A 136 10.85 0.46 12.00
C LYS A 136 10.28 1.58 12.89
N ASN A 137 10.04 2.76 12.31
CA ASN A 137 9.51 3.90 13.06
C ASN A 137 8.31 3.49 13.91
N VAL A 138 8.35 3.84 15.19
CA VAL A 138 7.27 3.52 16.11
C VAL A 138 6.79 4.77 16.85
N MET A 4 -2.32 -20.95 -22.67
CA MET A 4 -2.28 -22.03 -21.65
C MET A 4 -2.93 -21.57 -20.34
N ASP A 5 -2.89 -20.27 -20.09
CA ASP A 5 -3.47 -19.71 -18.88
C ASP A 5 -4.50 -18.63 -19.21
N ASP A 6 -5.60 -18.61 -18.47
CA ASP A 6 -6.66 -17.63 -18.71
C ASP A 6 -6.19 -16.23 -18.33
N TYR A 7 -6.81 -15.22 -18.94
CA TYR A 7 -6.45 -13.83 -18.68
C TYR A 7 -6.63 -13.48 -17.21
N GLU A 8 -6.13 -12.32 -16.81
CA GLU A 8 -6.24 -11.88 -15.43
C GLU A 8 -7.67 -11.50 -15.08
N LYS A 9 -8.37 -12.42 -14.45
CA LYS A 9 -9.75 -12.20 -14.06
C LYS A 9 -9.87 -11.07 -13.04
N LEU A 10 -10.90 -10.24 -13.20
CA LEU A 10 -11.11 -9.10 -12.30
C LEU A 10 -11.97 -9.50 -11.10
N LEU A 11 -11.42 -10.33 -10.22
CA LEU A 11 -12.14 -10.78 -9.02
C LEU A 11 -11.82 -9.88 -7.84
N GLU A 12 -12.52 -10.12 -6.73
CA GLU A 12 -12.31 -9.33 -5.51
C GLU A 12 -13.29 -9.75 -4.42
N ARG A 13 -13.30 -11.04 -4.10
CA ARG A 13 -14.19 -11.58 -3.08
C ARG A 13 -13.39 -11.96 -1.83
N ALA A 14 -13.94 -11.60 -0.66
CA ALA A 14 -13.29 -11.90 0.61
C ALA A 14 -11.88 -11.32 0.67
N ILE A 15 -11.66 -10.22 -0.04
CA ILE A 15 -10.36 -9.58 -0.07
C ILE A 15 -10.34 -8.31 0.79
N ASP A 16 -10.50 -7.15 0.17
CA ASP A 16 -10.50 -5.87 0.87
C ASP A 16 -11.83 -5.65 1.58
N GLN A 17 -12.90 -5.61 0.80
CA GLN A 17 -14.24 -5.40 1.34
C GLN A 17 -14.74 -6.70 1.98
N LEU A 18 -16.06 -6.82 2.14
CA LEU A 18 -16.65 -8.01 2.72
C LEU A 18 -16.19 -8.16 4.18
N PRO A 19 -16.90 -8.98 4.99
CA PRO A 19 -16.55 -9.18 6.40
C PRO A 19 -15.06 -9.49 6.60
N PRO A 20 -14.28 -8.50 7.07
CA PRO A 20 -12.85 -8.69 7.30
C PRO A 20 -12.59 -9.77 8.34
N GLU A 21 -11.37 -9.78 8.90
CA GLU A 21 -10.99 -10.78 9.91
C GLU A 21 -10.68 -12.12 9.24
N VAL A 22 -11.10 -12.28 7.99
CA VAL A 22 -10.86 -13.51 7.24
C VAL A 22 -9.57 -13.40 6.43
N PHE A 23 -8.66 -14.33 6.66
CA PHE A 23 -7.38 -14.34 5.95
C PHE A 23 -7.37 -15.43 4.88
N GLU A 24 -6.72 -15.13 3.76
CA GLU A 24 -6.63 -16.09 2.66
C GLU A 24 -5.59 -15.65 1.64
N THR A 25 -5.51 -16.38 0.53
CA THR A 25 -4.55 -16.05 -0.52
C THR A 25 -5.12 -15.02 -1.48
N LYS A 26 -4.74 -13.76 -1.26
CA LYS A 26 -5.21 -12.67 -2.10
C LYS A 26 -4.27 -12.43 -3.29
N ARG A 27 -4.54 -13.12 -4.39
CA ARG A 27 -3.73 -12.99 -5.59
C ARG A 27 -4.29 -11.94 -6.54
N PHE A 28 -4.81 -10.86 -5.97
CA PHE A 28 -5.38 -9.78 -6.77
C PHE A 28 -4.29 -9.04 -7.54
N GLU A 29 -4.69 -8.27 -8.54
CA GLU A 29 -3.73 -7.52 -9.36
C GLU A 29 -4.39 -6.27 -9.94
N VAL A 30 -3.99 -5.11 -9.44
CA VAL A 30 -4.53 -3.84 -9.91
C VAL A 30 -3.50 -2.71 -9.75
N PRO A 31 -2.77 -2.38 -10.83
CA PRO A 31 -1.75 -1.33 -10.80
C PRO A 31 -2.31 0.00 -10.28
N LYS A 32 -3.52 0.33 -10.71
CA LYS A 32 -4.17 1.58 -10.28
C LYS A 32 -4.62 1.46 -8.82
N ALA A 33 -3.80 1.98 -7.92
CA ALA A 33 -4.09 1.94 -6.50
C ALA A 33 -3.11 2.83 -5.73
N TYR A 34 -2.87 4.02 -6.26
CA TYR A 34 -1.96 4.96 -5.64
C TYR A 34 -2.34 6.40 -5.98
N SER A 35 -1.62 7.35 -5.40
CA SER A 35 -1.89 8.76 -5.64
C SER A 35 -1.25 9.23 -6.93
N VAL A 36 -1.45 10.51 -7.25
CA VAL A 36 -0.88 11.08 -8.47
C VAL A 36 -0.16 12.39 -8.17
N ILE A 37 0.83 12.70 -8.98
CA ILE A 37 1.62 13.91 -8.79
C ILE A 37 1.15 15.02 -9.73
N GLN A 38 1.35 16.27 -9.30
CA GLN A 38 0.93 17.41 -10.09
C GLN A 38 1.79 18.64 -9.77
N GLY A 39 2.82 18.87 -10.58
CA GLY A 39 3.70 20.00 -10.36
C GLY A 39 4.50 19.87 -9.08
N ASN A 40 3.84 20.02 -7.95
CA ASN A 40 4.48 19.92 -6.65
C ASN A 40 3.48 19.50 -5.57
N ARG A 41 2.42 18.81 -6.00
CA ARG A 41 1.39 18.35 -5.07
C ARG A 41 0.93 16.93 -5.40
N THR A 42 0.36 16.26 -4.40
CA THR A 42 -0.14 14.90 -4.57
C THR A 42 -1.66 14.87 -4.65
N PHE A 43 -2.19 14.26 -5.69
CA PHE A 43 -3.64 14.17 -5.89
C PHE A 43 -4.16 12.81 -5.44
N ILE A 44 -4.44 12.67 -4.15
CA ILE A 44 -4.95 11.42 -3.63
C ILE A 44 -6.46 11.33 -3.83
N GLN A 45 -6.90 10.29 -4.53
CA GLN A 45 -8.32 10.09 -4.80
C GLN A 45 -8.81 8.79 -4.19
N ASN A 46 -7.92 7.80 -4.13
CA ASN A 46 -8.25 6.51 -3.56
C ASN A 46 -7.60 6.35 -2.19
N PHE A 47 -7.70 7.40 -1.38
CA PHE A 47 -7.14 7.40 -0.05
C PHE A 47 -7.48 6.11 0.70
N ARG A 48 -8.54 5.43 0.29
CA ARG A 48 -8.95 4.19 0.92
C ARG A 48 -8.05 3.04 0.52
N GLU A 49 -7.99 2.76 -0.79
CA GLU A 49 -7.16 1.70 -1.31
C GLU A 49 -5.68 2.04 -1.15
N VAL A 50 -5.34 3.29 -1.48
CA VAL A 50 -3.96 3.74 -1.37
C VAL A 50 -3.48 3.68 0.08
N ALA A 51 -4.35 4.08 1.00
CA ALA A 51 -3.98 4.07 2.41
C ALA A 51 -3.67 2.66 2.90
N ASP A 52 -4.54 1.72 2.56
CA ASP A 52 -4.34 0.33 2.97
C ASP A 52 -2.98 -0.19 2.51
N ALA A 53 -2.81 -0.33 1.20
CA ALA A 53 -1.56 -0.84 0.63
C ALA A 53 -0.34 -0.09 1.15
N LEU A 54 -0.40 1.24 1.18
CA LEU A 54 0.71 2.06 1.64
C LEU A 54 0.89 1.91 3.15
N ASN A 55 -0.14 1.38 3.81
CA ASN A 55 -0.10 1.17 5.26
C ASN A 55 -1.50 0.93 5.81
N ARG A 56 -1.79 -0.31 6.16
CA ARG A 56 -3.09 -0.65 6.71
C ARG A 56 -3.45 0.29 7.87
N ASP A 57 -2.41 0.86 8.48
CA ASP A 57 -2.59 1.80 9.58
C ASP A 57 -2.66 3.24 9.08
N PRO A 58 -3.74 3.96 9.41
CA PRO A 58 -3.92 5.36 8.98
C PRO A 58 -3.01 6.32 9.73
N GLN A 59 -2.73 6.01 10.99
CA GLN A 59 -1.86 6.84 11.83
C GLN A 59 -0.47 6.96 11.22
N HIS A 60 -0.01 5.89 10.59
CA HIS A 60 1.31 5.88 9.98
C HIS A 60 1.30 6.66 8.68
N LEU A 61 0.44 6.25 7.77
CA LEU A 61 0.32 6.89 6.46
C LEU A 61 0.37 8.41 6.59
N LEU A 62 -0.40 8.92 7.54
CA LEU A 62 -0.47 10.36 7.77
C LEU A 62 0.87 10.87 8.29
N LYS A 63 1.43 10.17 9.27
CA LYS A 63 2.71 10.54 9.85
C LYS A 63 3.79 10.63 8.77
N PHE A 64 3.76 9.70 7.81
CA PHE A 64 4.73 9.68 6.73
C PHE A 64 4.45 10.80 5.73
N LEU A 65 3.18 11.10 5.53
CA LEU A 65 2.77 12.15 4.61
C LEU A 65 3.39 13.49 5.03
N LEU A 66 3.09 13.94 6.24
CA LEU A 66 3.64 15.20 6.74
C LEU A 66 5.16 15.12 6.91
N ARG A 67 5.65 13.93 7.22
CA ARG A 67 7.09 13.73 7.41
C ARG A 67 7.86 13.94 6.11
N GLU A 68 7.18 13.74 4.99
CA GLU A 68 7.80 13.92 3.68
C GLU A 68 7.27 15.18 2.98
N LEU A 69 6.20 15.75 3.54
CA LEU A 69 5.60 16.95 2.97
C LEU A 69 6.41 18.20 3.30
N GLY A 70 7.36 18.53 2.44
CA GLY A 70 8.17 19.71 2.66
C GLY A 70 7.44 20.99 2.32
N THR A 71 6.27 20.86 1.69
CA THR A 71 5.47 22.02 1.32
C THR A 71 4.33 22.20 2.32
N ALA A 72 3.65 23.34 2.25
CA ALA A 72 2.54 23.66 3.15
C ALA A 72 1.82 22.40 3.65
N GLY A 73 1.18 21.68 2.74
CA GLY A 73 0.46 20.47 3.11
C GLY A 73 -0.99 20.73 3.51
N ASN A 74 -1.90 20.52 2.58
CA ASN A 74 -3.33 20.73 2.83
C ASN A 74 -4.17 20.07 1.75
N LEU A 75 -5.46 19.92 2.02
CA LEU A 75 -6.37 19.30 1.06
C LEU A 75 -6.87 20.32 0.04
N GLU A 76 -6.39 20.19 -1.20
CA GLU A 76 -6.80 21.09 -2.28
C GLU A 76 -7.79 20.39 -3.21
N GLY A 77 -8.66 21.17 -3.83
CA GLY A 77 -9.64 20.61 -4.75
C GLY A 77 -10.72 19.82 -4.04
N GLY A 78 -11.66 19.28 -4.81
CA GLY A 78 -12.74 18.50 -4.24
C GLY A 78 -12.27 17.16 -3.68
N ARG A 79 -11.02 16.82 -3.94
CA ARG A 79 -10.44 15.57 -3.47
C ARG A 79 -9.41 15.86 -2.39
N ALA A 80 -8.46 14.95 -2.20
CA ALA A 80 -7.43 15.16 -1.19
C ALA A 80 -6.10 15.47 -1.84
N ILE A 81 -6.03 16.62 -2.51
CA ILE A 81 -4.81 17.05 -3.19
C ILE A 81 -3.92 17.85 -2.25
N LEU A 82 -3.02 17.16 -1.59
CA LEU A 82 -2.11 17.81 -0.66
C LEU A 82 -0.89 18.35 -1.41
N GLN A 83 0.11 18.80 -0.65
CA GLN A 83 1.32 19.34 -1.25
C GLN A 83 2.54 19.01 -0.38
N GLY A 84 3.49 18.26 -0.95
CA GLY A 84 4.67 17.90 -0.20
C GLY A 84 5.76 17.25 -1.04
N LYS A 85 6.05 15.99 -0.73
CA LYS A 85 7.07 15.23 -1.45
C LYS A 85 6.66 13.77 -1.61
N PHE A 86 5.37 13.49 -1.47
CA PHE A 86 4.87 12.14 -1.61
C PHE A 86 4.77 11.77 -3.10
N THR A 87 5.84 12.05 -3.83
CA THR A 87 5.93 11.76 -5.25
C THR A 87 6.12 10.26 -5.46
N HIS A 88 5.05 9.50 -5.29
CA HIS A 88 5.10 8.05 -5.43
C HIS A 88 6.35 7.48 -4.77
N PHE A 89 6.71 8.08 -3.63
CA PHE A 89 7.87 7.62 -2.88
C PHE A 89 7.48 6.60 -1.83
N LEU A 90 6.92 7.09 -0.72
CA LEU A 90 6.48 6.22 0.36
C LEU A 90 5.22 5.46 -0.03
N ILE A 91 4.26 6.17 -0.65
CA ILE A 91 3.02 5.54 -1.07
C ILE A 91 3.29 4.39 -2.06
N ASN A 92 3.87 4.74 -3.19
CA ASN A 92 4.15 3.75 -4.25
C ASN A 92 5.06 2.62 -3.75
N GLU A 93 6.19 2.98 -3.15
CA GLU A 93 7.13 1.98 -2.66
C GLU A 93 6.48 1.03 -1.67
N ARG A 94 5.91 1.60 -0.61
CA ARG A 94 5.26 0.82 0.41
C ARG A 94 4.13 -0.02 -0.17
N ILE A 95 3.27 0.62 -0.96
CA ILE A 95 2.15 -0.06 -1.59
C ILE A 95 2.65 -1.26 -2.40
N GLU A 96 3.57 -1.00 -3.32
CA GLU A 96 4.13 -2.06 -4.15
C GLU A 96 4.71 -3.20 -3.31
N ASP A 97 5.10 -2.89 -2.08
CA ASP A 97 5.67 -3.89 -1.17
C ASP A 97 4.58 -4.83 -0.63
N TYR A 98 3.41 -4.27 -0.35
CA TYR A 98 2.29 -5.07 0.16
C TYR A 98 1.51 -5.69 -0.97
N VAL A 99 1.04 -4.85 -1.89
CA VAL A 99 0.26 -5.31 -3.04
C VAL A 99 1.04 -6.36 -3.82
N ASN A 100 2.32 -6.11 -4.03
CA ASN A 100 3.18 -7.04 -4.75
C ASN A 100 4.19 -7.68 -3.82
N LYS A 101 3.73 -8.25 -2.71
CA LYS A 101 4.62 -8.89 -1.75
C LYS A 101 5.00 -10.29 -2.22
N PHE A 102 4.29 -10.79 -3.23
CA PHE A 102 4.57 -12.11 -3.78
C PHE A 102 5.87 -12.12 -4.56
N VAL A 103 6.04 -11.14 -5.46
CA VAL A 103 7.24 -11.06 -6.28
C VAL A 103 8.35 -10.30 -5.56
N ILE A 104 7.97 -9.37 -4.68
CA ILE A 104 8.94 -8.58 -3.93
C ILE A 104 9.47 -9.36 -2.74
N CYS A 105 8.57 -9.83 -1.88
CA CYS A 105 8.96 -10.60 -0.70
C CYS A 105 9.05 -12.09 -0.99
N HIS A 106 8.68 -12.49 -2.20
CA HIS A 106 8.72 -13.89 -2.59
C HIS A 106 7.74 -14.72 -1.75
N GLU A 107 6.50 -14.25 -1.66
CA GLU A 107 5.46 -14.93 -0.91
C GLU A 107 5.97 -15.46 0.43
N CYS A 108 6.14 -14.54 1.38
CA CYS A 108 6.63 -14.91 2.72
C CYS A 108 5.61 -15.78 3.45
N ASN A 109 5.41 -17.00 2.94
CA ASN A 109 4.46 -17.93 3.56
C ASN A 109 5.04 -18.48 4.87
N ARG A 110 5.50 -19.73 4.87
CA ARG A 110 6.08 -20.34 6.05
C ARG A 110 7.60 -20.49 5.94
N PRO A 111 8.36 -19.38 5.86
CA PRO A 111 9.82 -19.44 5.75
C PRO A 111 10.46 -20.32 6.82
N ASP A 112 11.49 -21.06 6.43
CA ASP A 112 12.21 -21.93 7.36
C ASP A 112 13.22 -21.14 8.20
N THR A 113 13.00 -19.83 8.27
CA THR A 113 13.87 -18.93 9.01
C THR A 113 13.10 -18.28 10.16
N ARG A 114 13.81 -17.49 10.95
CA ARG A 114 13.18 -16.82 12.09
C ARG A 114 12.57 -15.47 11.67
N ILE A 115 11.26 -15.49 11.44
CA ILE A 115 10.53 -14.30 11.03
C ILE A 115 9.96 -13.58 12.24
N ILE A 116 9.90 -12.25 12.17
CA ILE A 116 9.36 -11.45 13.27
C ILE A 116 8.75 -10.16 12.74
N ARG A 117 7.53 -9.87 13.19
CA ARG A 117 6.81 -8.66 12.76
C ARG A 117 6.32 -7.86 13.97
N GLU A 118 6.77 -6.62 14.07
CA GLU A 118 6.37 -5.75 15.18
C GLU A 118 5.85 -4.41 14.67
N GLY A 119 4.80 -3.91 15.30
CA GLY A 119 4.22 -2.64 14.90
C GLY A 119 2.90 -2.77 14.18
N ARG A 120 2.16 -3.84 14.47
CA ARG A 120 0.87 -4.07 13.83
C ARG A 120 1.03 -4.20 12.31
N ILE A 121 1.99 -5.03 11.89
CA ILE A 121 2.24 -5.25 10.48
C ILE A 121 2.90 -4.02 9.83
N SER A 122 3.92 -3.48 10.51
CA SER A 122 4.62 -2.31 9.98
C SER A 122 6.12 -2.59 9.85
N LEU A 123 6.67 -3.40 10.75
CA LEU A 123 8.09 -3.75 10.72
C LEU A 123 8.27 -5.26 10.77
N LEU A 124 9.37 -5.76 10.21
CA LEU A 124 9.67 -7.19 10.22
C LEU A 124 11.02 -7.48 9.56
N LYS A 125 11.54 -8.68 9.80
CA LYS A 125 12.84 -9.08 9.25
C LYS A 125 12.68 -10.26 8.27
N CYS A 126 13.39 -10.18 7.14
CA CYS A 126 13.34 -11.23 6.13
C CYS A 126 14.74 -11.62 5.66
N GLU A 127 15.65 -11.81 6.62
CA GLU A 127 17.02 -12.18 6.29
C GLU A 127 17.06 -13.37 5.34
N ALA A 128 16.03 -14.21 5.41
CA ALA A 128 15.95 -15.39 4.56
C ALA A 128 15.66 -15.00 3.11
N CYS A 129 14.41 -14.59 2.84
CA CYS A 129 14.02 -14.19 1.50
C CYS A 129 14.47 -12.77 1.21
N GLY A 130 15.76 -12.53 1.33
CA GLY A 130 16.30 -11.21 1.08
C GLY A 130 16.64 -10.45 2.35
N ALA A 131 15.95 -9.32 2.56
CA ALA A 131 16.19 -8.50 3.74
C ALA A 131 14.93 -7.70 4.11
N LYS A 132 14.80 -7.36 5.39
CA LYS A 132 13.65 -6.60 5.86
C LYS A 132 14.00 -5.78 7.10
N ALA A 133 13.40 -4.60 7.22
CA ALA A 133 13.65 -3.71 8.35
C ALA A 133 12.79 -4.06 9.57
N PRO A 134 13.41 -4.64 10.62
CA PRO A 134 12.70 -5.04 11.84
C PRO A 134 12.29 -3.84 12.70
N LEU A 135 13.13 -2.81 12.72
CA LEU A 135 12.85 -1.61 13.50
C LEU A 135 13.51 -0.39 12.86
N LYS A 136 12.69 0.59 12.50
CA LYS A 136 13.20 1.81 11.87
C LYS A 136 13.73 2.79 12.91
N ASN A 137 14.17 3.96 12.43
CA ASN A 137 14.70 4.99 13.32
C ASN A 137 13.62 5.55 14.22
N VAL A 138 14.02 6.22 15.29
CA VAL A 138 13.08 6.81 16.23
C VAL A 138 12.40 8.04 15.64
N MET A 4 -11.66 -19.64 -38.02
CA MET A 4 -10.79 -19.77 -36.82
C MET A 4 -10.24 -18.42 -36.39
N ASP A 5 -9.66 -17.69 -37.33
CA ASP A 5 -9.10 -16.37 -37.05
C ASP A 5 -10.17 -15.29 -37.10
N ASP A 6 -11.30 -15.61 -37.73
CA ASP A 6 -12.40 -14.67 -37.84
C ASP A 6 -12.99 -14.33 -36.47
N TYR A 7 -13.18 -13.04 -36.21
CA TYR A 7 -13.73 -12.59 -34.94
C TYR A 7 -15.21 -12.93 -34.85
N GLU A 8 -15.52 -14.22 -34.72
CA GLU A 8 -16.89 -14.66 -34.62
C GLU A 8 -17.42 -14.47 -33.19
N LYS A 9 -16.72 -15.06 -32.23
CA LYS A 9 -17.11 -14.96 -30.83
C LYS A 9 -15.96 -14.41 -29.98
N LEU A 10 -16.28 -13.97 -28.77
CA LEU A 10 -15.26 -13.43 -27.86
C LEU A 10 -15.04 -14.36 -26.67
N LEU A 11 -14.00 -14.06 -25.90
CA LEU A 11 -13.66 -14.86 -24.73
C LEU A 11 -13.97 -14.09 -23.44
N GLU A 12 -13.32 -14.46 -22.34
CA GLU A 12 -13.56 -13.80 -21.06
C GLU A 12 -14.99 -14.03 -20.58
N ARG A 13 -15.25 -15.23 -20.06
CA ARG A 13 -16.57 -15.58 -19.57
C ARG A 13 -16.62 -15.55 -18.04
N ALA A 14 -15.69 -16.27 -17.40
CA ALA A 14 -15.61 -16.32 -15.95
C ALA A 14 -14.96 -15.06 -15.38
N ILE A 15 -15.13 -13.94 -16.07
CA ILE A 15 -14.58 -12.67 -15.66
C ILE A 15 -15.67 -11.81 -15.01
N ASP A 16 -16.02 -12.13 -13.76
CA ASP A 16 -17.06 -11.40 -13.05
C ASP A 16 -18.46 -11.81 -13.52
N GLN A 17 -18.59 -12.12 -14.81
CA GLN A 17 -19.87 -12.53 -15.38
C GLN A 17 -20.18 -14.00 -15.07
N LEU A 18 -19.28 -14.89 -15.47
CA LEU A 18 -19.46 -16.33 -15.22
C LEU A 18 -18.89 -16.69 -13.85
N PRO A 19 -19.60 -17.54 -13.08
CA PRO A 19 -19.15 -17.96 -11.75
C PRO A 19 -17.72 -18.53 -11.76
N PRO A 20 -17.08 -18.61 -10.60
CA PRO A 20 -15.71 -19.13 -10.48
C PRO A 20 -15.59 -20.56 -11.00
N GLU A 21 -16.22 -21.50 -10.30
CA GLU A 21 -16.19 -22.91 -10.69
C GLU A 21 -14.77 -23.49 -10.60
N VAL A 22 -13.96 -23.25 -11.63
CA VAL A 22 -12.59 -23.75 -11.66
C VAL A 22 -11.67 -22.89 -10.79
N PHE A 23 -10.46 -23.37 -10.56
CA PHE A 23 -9.50 -22.64 -9.73
C PHE A 23 -8.51 -21.86 -10.59
N GLU A 24 -8.77 -21.79 -11.90
CA GLU A 24 -7.89 -21.07 -12.82
C GLU A 24 -7.98 -19.57 -12.59
N THR A 25 -6.83 -18.90 -12.54
CA THR A 25 -6.80 -17.46 -12.34
C THR A 25 -7.32 -16.73 -13.58
N LYS A 26 -8.46 -16.06 -13.41
CA LYS A 26 -9.07 -15.32 -14.52
C LYS A 26 -8.35 -14.00 -14.74
N ARG A 27 -8.92 -13.16 -15.60
CA ARG A 27 -8.34 -11.86 -15.89
C ARG A 27 -8.52 -10.91 -14.70
N PHE A 28 -7.97 -11.30 -13.55
CA PHE A 28 -8.06 -10.49 -12.35
C PHE A 28 -7.12 -9.30 -12.41
N GLU A 29 -7.62 -8.18 -12.90
CA GLU A 29 -6.83 -6.97 -13.03
C GLU A 29 -7.63 -5.74 -12.61
N VAL A 30 -7.01 -4.86 -11.83
CA VAL A 30 -7.65 -3.65 -11.36
C VAL A 30 -6.62 -2.54 -11.16
N PRO A 31 -6.36 -1.73 -12.19
CA PRO A 31 -5.40 -0.64 -12.10
C PRO A 31 -5.68 0.29 -10.93
N LYS A 32 -5.01 1.45 -10.92
CA LYS A 32 -5.18 2.42 -9.84
C LYS A 32 -4.78 1.82 -8.50
N ALA A 33 -3.56 2.10 -8.06
CA ALA A 33 -3.05 1.59 -6.79
C ALA A 33 -1.89 2.42 -6.28
N TYR A 34 -1.81 3.67 -6.73
CA TYR A 34 -0.74 4.56 -6.32
C TYR A 34 -1.17 6.01 -6.46
N SER A 35 -0.40 6.91 -5.85
CA SER A 35 -0.71 8.34 -5.92
C SER A 35 -0.42 8.90 -7.30
N VAL A 36 -0.70 10.19 -7.49
CA VAL A 36 -0.44 10.84 -8.77
C VAL A 36 0.39 12.10 -8.57
N ILE A 37 1.48 12.22 -9.32
CA ILE A 37 2.36 13.37 -9.22
C ILE A 37 1.82 14.53 -10.04
N GLN A 38 1.98 15.74 -9.51
CA GLN A 38 1.50 16.92 -10.20
C GLN A 38 2.29 18.15 -9.76
N GLY A 39 3.35 18.45 -10.50
CA GLY A 39 4.19 19.59 -10.17
C GLY A 39 4.95 19.40 -8.88
N ASN A 40 4.26 19.59 -7.75
CA ASN A 40 4.88 19.44 -6.43
C ASN A 40 3.82 19.10 -5.39
N ARG A 41 2.78 18.40 -5.82
CA ARG A 41 1.69 18.03 -4.92
C ARG A 41 1.14 16.64 -5.27
N THR A 42 0.55 15.97 -4.28
CA THR A 42 0.00 14.64 -4.48
C THR A 42 -1.53 14.68 -4.49
N PHE A 43 -2.13 14.23 -5.59
CA PHE A 43 -3.57 14.22 -5.74
C PHE A 43 -4.16 12.88 -5.33
N ILE A 44 -4.08 12.58 -4.04
CA ILE A 44 -4.60 11.32 -3.53
C ILE A 44 -6.12 11.27 -3.70
N GLN A 45 -6.58 10.26 -4.43
CA GLN A 45 -8.01 10.09 -4.68
C GLN A 45 -8.52 8.83 -4.01
N ASN A 46 -7.65 7.83 -3.97
CA ASN A 46 -7.99 6.55 -3.35
C ASN A 46 -7.31 6.42 -2.00
N PHE A 47 -7.32 7.50 -1.22
CA PHE A 47 -6.70 7.51 0.10
C PHE A 47 -7.11 6.28 0.90
N ARG A 48 -8.26 5.69 0.58
CA ARG A 48 -8.72 4.52 1.29
C ARG A 48 -7.87 3.29 0.95
N GLU A 49 -7.72 3.02 -0.33
CA GLU A 49 -6.94 1.90 -0.80
C GLU A 49 -5.45 2.23 -0.80
N VAL A 50 -5.12 3.39 -1.36
CA VAL A 50 -3.73 3.84 -1.44
C VAL A 50 -3.08 3.90 -0.05
N ALA A 51 -3.84 4.39 0.93
CA ALA A 51 -3.30 4.49 2.29
C ALA A 51 -3.16 3.13 2.94
N ASP A 52 -4.21 2.32 2.88
CA ASP A 52 -4.17 0.99 3.48
C ASP A 52 -2.89 0.26 3.06
N ALA A 53 -2.78 -0.05 1.77
CA ALA A 53 -1.62 -0.76 1.26
C ALA A 53 -0.29 -0.12 1.74
N LEU A 54 -0.16 1.19 1.55
CA LEU A 54 1.06 1.89 1.96
C LEU A 54 1.22 1.87 3.48
N ASN A 55 0.15 1.52 4.19
CA ASN A 55 0.17 1.44 5.65
C ASN A 55 -1.25 1.20 6.17
N ARG A 56 -1.51 -0.04 6.61
CA ARG A 56 -2.83 -0.38 7.13
C ARG A 56 -3.30 0.66 8.13
N ASP A 57 -2.36 1.26 8.85
CA ASP A 57 -2.68 2.28 9.84
C ASP A 57 -2.77 3.66 9.18
N PRO A 58 -3.93 4.34 9.31
CA PRO A 58 -4.12 5.67 8.72
C PRO A 58 -3.33 6.75 9.45
N GLN A 59 -3.23 6.61 10.76
CA GLN A 59 -2.51 7.58 11.59
C GLN A 59 -1.04 7.65 11.18
N HIS A 60 -0.50 6.52 10.73
CA HIS A 60 0.89 6.46 10.31
C HIS A 60 1.08 7.18 8.98
N LEU A 61 0.41 6.68 7.94
CA LEU A 61 0.49 7.27 6.62
C LEU A 61 0.38 8.79 6.68
N LEU A 62 -0.55 9.26 7.49
CA LEU A 62 -0.78 10.69 7.66
C LEU A 62 0.48 11.38 8.18
N LYS A 63 1.00 10.89 9.31
CA LYS A 63 2.19 11.48 9.90
C LYS A 63 3.38 11.36 8.93
N PHE A 64 3.36 10.33 8.09
CA PHE A 64 4.43 10.12 7.12
C PHE A 64 4.38 11.15 6.01
N LEU A 65 3.17 11.39 5.49
CA LEU A 65 3.00 12.36 4.41
C LEU A 65 3.50 13.74 4.82
N LEU A 66 3.06 14.22 5.97
CA LEU A 66 3.48 15.54 6.46
C LEU A 66 4.93 15.50 6.95
N ARG A 67 5.39 14.32 7.37
CA ARG A 67 6.77 14.18 7.85
C ARG A 67 7.77 14.62 6.78
N GLU A 68 7.56 14.16 5.57
CA GLU A 68 8.44 14.49 4.45
C GLU A 68 7.90 15.69 3.67
N LEU A 69 6.59 15.88 3.69
CA LEU A 69 5.96 16.99 2.99
C LEU A 69 6.59 18.31 3.41
N GLY A 70 7.56 18.79 2.63
CA GLY A 70 8.22 20.04 2.96
C GLY A 70 7.41 21.27 2.57
N THR A 71 6.10 21.08 2.44
CA THR A 71 5.20 22.18 2.09
C THR A 71 4.03 22.22 3.06
N ALA A 72 3.25 23.30 2.99
CA ALA A 72 2.08 23.47 3.86
C ALA A 72 1.41 22.15 4.20
N GLY A 73 0.82 21.50 3.21
CA GLY A 73 0.15 20.22 3.44
C GLY A 73 -1.30 20.38 3.81
N ASN A 74 -2.19 20.17 2.84
CA ASN A 74 -3.63 20.28 3.09
C ASN A 74 -4.42 19.60 1.98
N LEU A 75 -5.71 19.41 2.21
CA LEU A 75 -6.58 18.76 1.23
C LEU A 75 -7.16 19.80 0.28
N GLU A 76 -6.73 19.75 -0.98
CA GLU A 76 -7.22 20.68 -2.00
C GLU A 76 -8.22 20.00 -2.93
N GLY A 77 -9.15 20.79 -3.48
CA GLY A 77 -10.14 20.26 -4.39
C GLY A 77 -11.11 19.30 -3.70
N GLY A 78 -11.95 18.66 -4.50
CA GLY A 78 -12.92 17.73 -3.94
C GLY A 78 -12.27 16.52 -3.30
N ARG A 79 -11.14 16.09 -3.87
CA ARG A 79 -10.42 14.93 -3.34
C ARG A 79 -9.37 15.37 -2.32
N ALA A 80 -8.29 14.61 -2.19
CA ALA A 80 -7.23 14.93 -1.25
C ALA A 80 -5.95 15.37 -1.97
N ILE A 81 -5.94 16.62 -2.43
CA ILE A 81 -4.80 17.18 -3.14
C ILE A 81 -3.86 17.92 -2.19
N LEU A 82 -2.86 17.22 -1.68
CA LEU A 82 -1.90 17.81 -0.76
C LEU A 82 -0.64 18.26 -1.49
N GLN A 83 0.34 18.76 -0.76
CA GLN A 83 1.58 19.21 -1.38
C GLN A 83 2.79 18.84 -0.53
N GLY A 84 3.88 18.49 -1.21
CA GLY A 84 5.10 18.13 -0.51
C GLY A 84 6.07 17.33 -1.37
N LYS A 85 6.38 16.13 -0.93
CA LYS A 85 7.29 15.26 -1.64
C LYS A 85 6.74 13.84 -1.79
N PHE A 86 5.48 13.64 -1.39
CA PHE A 86 4.85 12.34 -1.48
C PHE A 86 4.26 12.10 -2.86
N THR A 87 5.03 12.45 -3.90
CA THR A 87 4.59 12.26 -5.27
C THR A 87 4.60 10.78 -5.63
N HIS A 88 3.64 10.05 -5.07
CA HIS A 88 3.51 8.61 -5.30
C HIS A 88 4.87 7.92 -5.22
N PHE A 89 5.71 8.39 -4.31
CA PHE A 89 7.03 7.79 -4.13
C PHE A 89 6.98 6.69 -3.09
N LEU A 90 6.92 7.11 -1.82
CA LEU A 90 6.87 6.17 -0.72
C LEU A 90 5.57 5.39 -0.74
N ILE A 91 4.49 6.04 -1.17
CA ILE A 91 3.19 5.41 -1.22
C ILE A 91 3.20 4.22 -2.18
N ASN A 92 3.45 4.51 -3.45
CA ASN A 92 3.48 3.49 -4.48
C ASN A 92 4.43 2.34 -4.12
N GLU A 93 5.58 2.69 -3.54
CA GLU A 93 6.57 1.69 -3.15
C GLU A 93 6.03 0.73 -2.10
N ARG A 94 5.52 1.27 -1.00
CA ARG A 94 4.98 0.44 0.06
C ARG A 94 3.79 -0.37 -0.43
N ILE A 95 2.89 0.28 -1.15
CA ILE A 95 1.71 -0.39 -1.68
C ILE A 95 2.12 -1.59 -2.54
N GLU A 96 2.93 -1.33 -3.56
CA GLU A 96 3.40 -2.38 -4.46
C GLU A 96 4.13 -3.47 -3.69
N ASP A 97 4.67 -3.12 -2.53
CA ASP A 97 5.39 -4.07 -1.70
C ASP A 97 4.44 -5.12 -1.12
N TYR A 98 3.26 -4.67 -0.67
CA TYR A 98 2.27 -5.56 -0.10
C TYR A 98 1.35 -6.14 -1.17
N VAL A 99 0.77 -5.27 -1.98
CA VAL A 99 -0.14 -5.71 -3.03
C VAL A 99 0.58 -6.60 -4.05
N ASN A 100 1.78 -6.17 -4.45
CA ASN A 100 2.57 -6.93 -5.41
C ASN A 100 3.80 -7.52 -4.74
N LYS A 101 3.59 -8.24 -3.64
CA LYS A 101 4.69 -8.87 -2.92
C LYS A 101 5.10 -10.18 -3.58
N PHE A 102 4.41 -10.55 -4.65
CA PHE A 102 4.72 -11.78 -5.37
C PHE A 102 6.05 -11.67 -6.09
N VAL A 103 6.21 -10.64 -6.91
CA VAL A 103 7.44 -10.43 -7.66
C VAL A 103 8.52 -9.77 -6.82
N ILE A 104 8.13 -8.93 -5.87
CA ILE A 104 9.09 -8.25 -5.01
C ILE A 104 9.55 -9.16 -3.87
N CYS A 105 8.61 -9.79 -3.17
CA CYS A 105 8.95 -10.68 -2.07
C CYS A 105 9.06 -12.14 -2.55
N HIS A 106 8.97 -12.35 -3.86
CA HIS A 106 9.05 -13.68 -4.45
C HIS A 106 7.99 -14.61 -3.86
N GLU A 107 6.76 -14.11 -3.78
CA GLU A 107 5.65 -14.89 -3.24
C GLU A 107 5.96 -15.44 -1.86
N CYS A 108 5.90 -14.58 -0.86
CA CYS A 108 6.16 -15.00 0.52
C CYS A 108 5.01 -15.85 1.06
N ASN A 109 4.77 -16.99 0.42
CA ASN A 109 3.71 -17.89 0.84
C ASN A 109 4.09 -18.59 2.16
N ARG A 110 4.50 -19.86 2.07
CA ARG A 110 4.90 -20.62 3.26
C ARG A 110 6.42 -20.81 3.31
N PRO A 111 7.22 -19.74 3.33
CA PRO A 111 8.68 -19.86 3.37
C PRO A 111 9.17 -20.75 4.50
N ASP A 112 10.26 -21.46 4.27
CA ASP A 112 10.83 -22.34 5.27
C ASP A 112 11.76 -21.57 6.20
N THR A 113 11.49 -20.27 6.34
CA THR A 113 12.30 -19.41 7.19
C THR A 113 11.48 -18.83 8.33
N ARG A 114 12.13 -18.08 9.20
CA ARG A 114 11.46 -17.48 10.34
C ARG A 114 10.88 -16.12 9.98
N ILE A 115 9.56 -16.08 9.89
CA ILE A 115 8.85 -14.85 9.56
C ILE A 115 8.09 -14.32 10.77
N ILE A 116 8.02 -13.01 10.89
CA ILE A 116 7.33 -12.38 12.01
C ILE A 116 6.55 -11.16 11.54
N ARG A 117 5.31 -11.02 12.02
CA ARG A 117 4.49 -9.88 11.64
C ARG A 117 3.80 -9.28 12.86
N GLU A 118 3.86 -7.96 12.96
CA GLU A 118 3.26 -7.25 14.08
C GLU A 118 2.36 -6.13 13.58
N GLY A 119 1.20 -5.97 14.23
CA GLY A 119 0.27 -4.93 13.84
C GLY A 119 -0.92 -5.48 13.07
N ARG A 120 -1.21 -6.78 13.23
CA ARG A 120 -2.33 -7.40 12.54
C ARG A 120 -2.20 -7.25 11.03
N ILE A 121 -1.15 -7.84 10.47
CA ILE A 121 -0.91 -7.77 9.02
C ILE A 121 -0.53 -6.35 8.60
N SER A 122 0.52 -5.82 9.21
CA SER A 122 0.99 -4.48 8.90
C SER A 122 2.51 -4.44 8.77
N LEU A 123 3.19 -5.18 9.64
CA LEU A 123 4.65 -5.23 9.62
C LEU A 123 5.13 -6.68 9.57
N LEU A 124 6.38 -6.87 9.14
CA LEU A 124 6.97 -8.20 9.03
C LEU A 124 8.43 -8.12 8.57
N LYS A 125 9.20 -9.17 8.89
CA LYS A 125 10.62 -9.21 8.50
C LYS A 125 10.86 -10.35 7.52
N CYS A 126 11.80 -10.13 6.58
CA CYS A 126 12.13 -11.15 5.58
C CYS A 126 13.62 -11.21 5.33
N GLU A 127 14.39 -11.39 6.40
CA GLU A 127 15.84 -11.47 6.31
C GLU A 127 16.28 -12.52 5.29
N ALA A 128 15.44 -13.53 5.11
CA ALA A 128 15.75 -14.61 4.18
C ALA A 128 15.50 -14.20 2.73
N CYS A 129 14.24 -14.22 2.32
CA CYS A 129 13.88 -13.84 0.96
C CYS A 129 14.00 -12.34 0.77
N GLY A 130 15.21 -11.83 1.01
CA GLY A 130 15.46 -10.40 0.87
C GLY A 130 15.49 -9.68 2.20
N ALA A 131 14.65 -8.67 2.35
CA ALA A 131 14.58 -7.90 3.57
C ALA A 131 13.19 -7.31 3.77
N LYS A 132 12.80 -7.10 5.03
CA LYS A 132 11.50 -6.53 5.35
C LYS A 132 11.56 -5.71 6.62
N ALA A 133 10.66 -4.74 6.73
CA ALA A 133 10.60 -3.86 7.89
C ALA A 133 9.80 -4.49 9.04
N PRO A 134 10.47 -4.88 10.14
CA PRO A 134 9.81 -5.49 11.29
C PRO A 134 8.95 -4.50 12.08
N LEU A 135 9.55 -3.40 12.50
CA LEU A 135 8.84 -2.37 13.27
C LEU A 135 9.78 -1.23 13.66
N LYS A 136 11.07 -1.53 13.74
CA LYS A 136 12.07 -0.53 14.11
C LYS A 136 13.22 -0.52 13.11
N ASN A 137 12.90 -0.64 11.82
CA ASN A 137 13.92 -0.64 10.78
C ASN A 137 14.46 0.76 10.55
N VAL A 138 15.79 0.88 10.47
CA VAL A 138 16.42 2.17 10.26
C VAL A 138 16.36 2.57 8.80
N MET A 4 -16.60 -10.54 1.89
CA MET A 4 -17.25 -9.21 1.65
C MET A 4 -17.43 -8.95 0.15
N ASP A 5 -18.10 -7.84 -0.17
CA ASP A 5 -18.33 -7.48 -1.56
C ASP A 5 -17.37 -6.38 -2.01
N ASP A 6 -17.34 -6.12 -3.31
CA ASP A 6 -16.47 -5.09 -3.87
C ASP A 6 -17.18 -3.75 -3.91
N TYR A 7 -18.44 -3.77 -4.37
CA TYR A 7 -19.23 -2.55 -4.45
C TYR A 7 -19.72 -2.11 -3.07
N GLU A 8 -18.94 -1.26 -2.42
CA GLU A 8 -19.30 -0.77 -1.10
C GLU A 8 -20.32 0.36 -1.21
N LYS A 9 -21.57 0.05 -0.88
CA LYS A 9 -22.63 1.04 -0.93
C LYS A 9 -23.14 1.37 0.46
N LEU A 10 -23.54 2.63 0.64
CA LEU A 10 -24.05 3.09 1.93
C LEU A 10 -25.39 2.44 2.24
N LEU A 11 -25.45 1.74 3.37
CA LEU A 11 -26.68 1.08 3.79
C LEU A 11 -27.36 1.83 4.93
N GLU A 12 -26.55 2.45 5.79
CA GLU A 12 -27.06 3.21 6.91
C GLU A 12 -27.95 2.34 7.79
N ARG A 13 -27.45 1.16 8.15
CA ARG A 13 -28.19 0.24 8.99
C ARG A 13 -27.73 0.32 10.44
N ALA A 14 -28.30 1.26 11.18
CA ALA A 14 -27.95 1.46 12.58
C ALA A 14 -26.49 1.85 12.74
N ILE A 15 -25.91 2.39 11.68
CA ILE A 15 -24.52 2.83 11.71
C ILE A 15 -24.41 4.27 12.22
N ASP A 16 -25.53 4.98 12.17
CA ASP A 16 -25.58 6.37 12.64
C ASP A 16 -27.02 6.87 12.75
N GLN A 17 -27.91 6.29 11.94
CA GLN A 17 -29.32 6.69 11.95
C GLN A 17 -30.05 6.13 13.18
N LEU A 18 -29.70 4.91 13.56
CA LEU A 18 -30.32 4.27 14.72
C LEU A 18 -29.34 4.22 15.89
N PRO A 19 -29.81 3.83 17.09
CA PRO A 19 -28.95 3.75 18.28
C PRO A 19 -27.63 3.04 17.99
N PRO A 20 -26.58 3.32 18.79
CA PRO A 20 -25.26 2.71 18.61
C PRO A 20 -25.28 1.19 18.77
N GLU A 21 -25.09 0.70 19.99
CA GLU A 21 -25.09 -0.74 20.28
C GLU A 21 -24.19 -1.51 19.31
N VAL A 22 -24.75 -1.96 18.18
CA VAL A 22 -23.97 -2.71 17.19
C VAL A 22 -23.31 -1.78 16.18
N PHE A 23 -23.10 -0.52 16.59
CA PHE A 23 -22.48 0.47 15.73
C PHE A 23 -20.97 0.24 15.62
N GLU A 24 -20.45 0.35 14.40
CA GLU A 24 -19.04 0.17 14.15
C GLU A 24 -18.53 1.19 13.14
N THR A 25 -17.27 1.04 12.73
CA THR A 25 -16.66 1.96 11.77
C THR A 25 -17.10 1.62 10.35
N LYS A 26 -16.57 2.36 9.38
CA LYS A 26 -16.90 2.13 7.97
C LYS A 26 -16.21 0.88 7.45
N ARG A 27 -16.95 0.04 6.73
CA ARG A 27 -16.40 -1.19 6.17
C ARG A 27 -15.82 -0.92 4.77
N PHE A 28 -15.83 0.35 4.35
CA PHE A 28 -15.29 0.73 3.05
C PHE A 28 -13.79 0.92 3.12
N GLU A 29 -13.06 -0.18 2.92
CA GLU A 29 -11.61 -0.13 2.95
C GLU A 29 -11.02 -1.25 2.08
N VAL A 30 -10.61 -0.89 0.87
CA VAL A 30 -10.03 -1.84 -0.06
C VAL A 30 -9.04 -1.16 -1.00
N PRO A 31 -7.73 -1.31 -0.74
CA PRO A 31 -6.70 -0.70 -1.58
C PRO A 31 -6.91 -1.01 -3.07
N LYS A 32 -6.32 -0.19 -3.94
CA LYS A 32 -6.46 -0.38 -5.37
C LYS A 32 -5.47 0.49 -6.14
N ALA A 33 -5.81 1.76 -6.32
CA ALA A 33 -4.93 2.68 -7.04
C ALA A 33 -3.83 3.21 -6.13
N TYR A 34 -3.22 4.32 -6.53
CA TYR A 34 -2.14 4.93 -5.76
C TYR A 34 -2.13 6.46 -5.94
N SER A 35 -1.07 7.12 -5.49
CA SER A 35 -0.97 8.57 -5.62
C SER A 35 -0.65 8.98 -7.05
N VAL A 36 -0.85 10.26 -7.35
CA VAL A 36 -0.58 10.78 -8.69
C VAL A 36 0.34 12.00 -8.64
N ILE A 37 1.52 11.87 -9.23
CA ILE A 37 2.49 12.96 -9.25
C ILE A 37 2.00 14.12 -10.12
N GLN A 38 2.16 15.34 -9.61
CA GLN A 38 1.75 16.53 -10.34
C GLN A 38 2.62 17.72 -9.97
N GLY A 39 3.71 17.92 -10.70
CA GLY A 39 4.62 19.03 -10.42
C GLY A 39 5.34 18.87 -9.09
N ASN A 40 4.59 19.02 -8.01
CA ASN A 40 5.14 18.90 -6.66
C ASN A 40 4.02 18.70 -5.65
N ARG A 41 2.93 18.10 -6.10
CA ARG A 41 1.77 17.85 -5.24
C ARG A 41 1.24 16.43 -5.45
N THR A 42 0.63 15.86 -4.40
CA THR A 42 0.08 14.50 -4.48
C THR A 42 -1.44 14.54 -4.62
N PHE A 43 -1.92 14.06 -5.75
CA PHE A 43 -3.35 14.01 -6.03
C PHE A 43 -3.95 12.75 -5.44
N ILE A 44 -3.88 12.62 -4.11
CA ILE A 44 -4.44 11.46 -3.44
C ILE A 44 -5.95 11.45 -3.57
N GLN A 45 -6.46 10.58 -4.42
CA GLN A 45 -7.89 10.48 -4.65
C GLN A 45 -8.54 9.52 -3.67
N ASN A 46 -7.95 8.34 -3.54
CA ASN A 46 -8.46 7.33 -2.63
C ASN A 46 -7.56 7.20 -1.42
N PHE A 47 -7.41 8.31 -0.71
CA PHE A 47 -6.56 8.35 0.48
C PHE A 47 -6.86 7.17 1.40
N ARG A 48 -8.10 6.73 1.41
CA ARG A 48 -8.50 5.59 2.23
C ARG A 48 -7.78 4.32 1.78
N GLU A 49 -7.84 4.06 0.48
CA GLU A 49 -7.21 2.89 -0.11
C GLU A 49 -5.69 3.03 -0.07
N VAL A 50 -5.19 4.12 -0.64
CA VAL A 50 -3.77 4.39 -0.68
C VAL A 50 -3.18 4.34 0.71
N ALA A 51 -3.97 4.72 1.70
CA ALA A 51 -3.50 4.71 3.08
C ALA A 51 -3.27 3.29 3.58
N ASP A 52 -4.29 2.46 3.50
CA ASP A 52 -4.17 1.08 3.97
C ASP A 52 -2.90 0.41 3.43
N ALA A 53 -2.83 0.21 2.12
CA ALA A 53 -1.65 -0.44 1.53
C ALA A 53 -0.32 0.20 1.98
N LEU A 54 -0.20 1.51 1.84
CA LEU A 54 1.03 2.20 2.23
C LEU A 54 1.24 2.11 3.74
N ASN A 55 0.18 1.73 4.46
CA ASN A 55 0.25 1.59 5.91
C ASN A 55 -1.13 1.25 6.47
N ARG A 56 -1.31 0.00 6.89
CA ARG A 56 -2.58 -0.45 7.44
C ARG A 56 -3.11 0.54 8.48
N ASP A 57 -2.23 0.98 9.36
CA ASP A 57 -2.59 1.94 10.39
C ASP A 57 -2.64 3.35 9.81
N PRO A 58 -3.70 4.11 10.11
CA PRO A 58 -3.85 5.48 9.62
C PRO A 58 -2.88 6.44 10.29
N GLN A 59 -2.66 6.24 11.58
CA GLN A 59 -1.77 7.08 12.36
C GLN A 59 -0.34 7.02 11.84
N HIS A 60 0.09 5.83 11.43
CA HIS A 60 1.43 5.63 10.91
C HIS A 60 1.60 6.31 9.57
N LEU A 61 0.81 5.91 8.60
CA LEU A 61 0.87 6.50 7.27
C LEU A 61 0.93 8.01 7.35
N LEU A 62 0.03 8.56 8.15
CA LEU A 62 -0.06 10.00 8.32
C LEU A 62 1.29 10.59 8.69
N LYS A 63 1.94 9.98 9.67
CA LYS A 63 3.25 10.43 10.12
C LYS A 63 4.23 10.46 8.95
N PHE A 64 4.20 9.42 8.11
CA PHE A 64 5.10 9.35 6.96
C PHE A 64 4.92 10.56 6.07
N LEU A 65 3.66 10.97 5.88
CA LEU A 65 3.35 12.13 5.06
C LEU A 65 4.06 13.38 5.61
N LEU A 66 3.69 13.79 6.81
CA LEU A 66 4.31 14.96 7.43
C LEU A 66 5.83 14.85 7.48
N ARG A 67 6.36 13.63 7.34
CA ARG A 67 7.81 13.42 7.37
C ARG A 67 8.46 13.90 6.08
N GLU A 68 7.82 13.60 4.95
CA GLU A 68 8.33 14.01 3.64
C GLU A 68 7.70 15.32 3.20
N LEU A 69 6.42 15.28 2.87
CA LEU A 69 5.71 16.47 2.43
C LEU A 69 5.68 17.52 3.55
N GLY A 70 6.77 18.26 3.68
CA GLY A 70 6.84 19.28 4.71
C GLY A 70 6.17 20.58 4.28
N THR A 71 4.97 20.47 3.71
CA THR A 71 4.23 21.63 3.26
C THR A 71 2.85 21.66 3.90
N ALA A 72 2.14 22.78 3.74
CA ALA A 72 0.80 22.94 4.31
C ALA A 72 0.02 21.63 4.32
N GLY A 73 -0.04 20.98 3.16
CA GLY A 73 -0.76 19.72 3.06
C GLY A 73 -2.25 19.90 3.29
N ASN A 74 -3.03 19.74 2.23
CA ASN A 74 -4.48 19.88 2.34
C ASN A 74 -5.19 19.29 1.13
N LEU A 75 -6.50 19.13 1.25
CA LEU A 75 -7.31 18.57 0.17
C LEU A 75 -7.69 19.66 -0.84
N GLU A 76 -7.08 19.59 -2.03
CA GLU A 76 -7.38 20.56 -3.08
C GLU A 76 -8.27 19.91 -4.14
N GLY A 77 -9.02 20.74 -4.87
CA GLY A 77 -9.90 20.23 -5.90
C GLY A 77 -10.95 19.28 -5.35
N GLY A 78 -11.64 18.56 -6.25
CA GLY A 78 -12.66 17.63 -5.83
C GLY A 78 -12.14 16.54 -4.90
N ARG A 79 -11.02 15.93 -5.27
CA ARG A 79 -10.42 14.86 -4.47
C ARG A 79 -9.42 15.45 -3.48
N ALA A 80 -8.49 14.62 -3.00
CA ALA A 80 -7.50 15.08 -2.04
C ALA A 80 -6.18 15.44 -2.72
N ILE A 81 -6.09 16.67 -3.19
CA ILE A 81 -4.89 17.13 -3.85
C ILE A 81 -4.03 17.93 -2.88
N LEU A 82 -3.12 17.25 -2.17
CA LEU A 82 -2.24 17.92 -1.20
C LEU A 82 -0.91 18.27 -1.86
N GLN A 83 0.06 18.74 -1.08
CA GLN A 83 1.36 19.14 -1.62
C GLN A 83 2.50 18.69 -0.72
N GLY A 84 3.69 18.58 -1.32
CA GLY A 84 4.85 18.18 -0.55
C GLY A 84 5.89 17.43 -1.35
N LYS A 85 6.07 16.16 -1.04
CA LYS A 85 7.05 15.34 -1.71
C LYS A 85 6.66 13.86 -1.73
N PHE A 86 5.37 13.59 -1.88
CA PHE A 86 4.88 12.23 -1.92
C PHE A 86 4.44 11.89 -3.34
N THR A 87 5.26 12.30 -4.30
CA THR A 87 4.98 12.06 -5.71
C THR A 87 5.35 10.64 -6.09
N HIS A 88 4.50 9.70 -5.71
CA HIS A 88 4.72 8.29 -5.97
C HIS A 88 6.07 7.86 -5.42
N PHE A 89 6.44 8.42 -4.28
CA PHE A 89 7.70 8.09 -3.62
C PHE A 89 7.51 7.01 -2.57
N LEU A 90 7.21 7.44 -1.35
CA LEU A 90 7.02 6.55 -0.23
C LEU A 90 5.71 5.80 -0.35
N ILE A 91 4.71 6.46 -0.94
CA ILE A 91 3.42 5.83 -1.12
C ILE A 91 3.51 4.72 -2.15
N ASN A 92 3.87 5.07 -3.39
CA ASN A 92 3.99 4.10 -4.47
C ASN A 92 4.88 2.91 -4.11
N GLU A 93 6.03 3.18 -3.47
CA GLU A 93 6.95 2.11 -3.10
C GLU A 93 6.32 1.15 -2.09
N ARG A 94 5.58 1.70 -1.13
CA ARG A 94 4.94 0.87 -0.12
C ARG A 94 3.74 0.14 -0.70
N ILE A 95 2.90 0.86 -1.46
CA ILE A 95 1.72 0.26 -2.07
C ILE A 95 2.14 -0.94 -2.91
N GLU A 96 3.05 -0.70 -3.86
CA GLU A 96 3.54 -1.74 -4.76
C GLU A 96 4.15 -2.89 -3.98
N ASP A 97 4.77 -2.57 -2.85
CA ASP A 97 5.41 -3.60 -2.02
C ASP A 97 4.38 -4.61 -1.52
N TYR A 98 3.21 -4.11 -1.13
CA TYR A 98 2.14 -4.95 -0.62
C TYR A 98 1.27 -5.49 -1.76
N VAL A 99 0.65 -4.59 -2.53
CA VAL A 99 -0.21 -5.00 -3.63
C VAL A 99 0.54 -5.91 -4.60
N ASN A 100 1.77 -5.54 -4.94
CA ASN A 100 2.58 -6.36 -5.84
C ASN A 100 3.76 -6.98 -5.10
N LYS A 101 3.47 -7.68 -4.00
CA LYS A 101 4.53 -8.34 -3.22
C LYS A 101 4.93 -9.67 -3.85
N PHE A 102 4.29 -10.03 -4.96
CA PHE A 102 4.58 -11.29 -5.64
C PHE A 102 5.98 -11.27 -6.24
N VAL A 103 6.27 -10.27 -7.05
CA VAL A 103 7.57 -10.15 -7.70
C VAL A 103 8.56 -9.39 -6.81
N ILE A 104 8.04 -8.51 -5.97
CA ILE A 104 8.90 -7.73 -5.07
C ILE A 104 9.38 -8.57 -3.91
N CYS A 105 8.43 -9.13 -3.15
CA CYS A 105 8.77 -9.96 -2.00
C CYS A 105 9.01 -11.42 -2.42
N HIS A 106 8.89 -11.69 -3.72
CA HIS A 106 9.09 -13.03 -4.24
C HIS A 106 8.05 -14.00 -3.71
N GLU A 107 6.78 -13.63 -3.81
CA GLU A 107 5.67 -14.46 -3.33
C GLU A 107 5.99 -15.08 -1.98
N CYS A 108 5.93 -14.27 -0.93
CA CYS A 108 6.22 -14.74 0.42
C CYS A 108 5.12 -15.67 0.91
N ASN A 109 4.94 -16.79 0.23
CA ASN A 109 3.92 -17.77 0.61
C ASN A 109 4.35 -18.50 1.88
N ARG A 110 4.77 -19.77 1.77
CA ARG A 110 5.22 -20.54 2.93
C ARG A 110 6.74 -20.73 2.94
N PRO A 111 7.54 -19.64 2.99
CA PRO A 111 8.99 -19.76 3.02
C PRO A 111 9.47 -20.68 4.12
N ASP A 112 10.63 -21.31 3.92
CA ASP A 112 11.20 -22.22 4.91
C ASP A 112 12.11 -21.47 5.87
N THR A 113 11.80 -20.20 6.11
CA THR A 113 12.59 -19.36 7.01
C THR A 113 11.72 -18.83 8.14
N ARG A 114 12.34 -18.08 9.06
CA ARG A 114 11.62 -17.54 10.19
C ARG A 114 11.02 -16.16 9.86
N ILE A 115 9.70 -16.15 9.67
CA ILE A 115 8.98 -14.91 9.36
C ILE A 115 8.05 -14.52 10.51
N ILE A 116 8.01 -13.23 10.83
CA ILE A 116 7.16 -12.74 11.92
C ILE A 116 6.48 -11.43 11.52
N ARG A 117 5.20 -11.30 11.88
CA ARG A 117 4.45 -10.09 11.57
C ARG A 117 3.84 -9.48 12.82
N GLU A 118 4.14 -8.21 13.05
CA GLU A 118 3.62 -7.51 14.22
C GLU A 118 2.91 -6.23 13.81
N GLY A 119 1.82 -5.91 14.50
CA GLY A 119 1.07 -4.71 14.19
C GLY A 119 -0.17 -4.98 13.35
N ARG A 120 -0.59 -6.23 13.28
CA ARG A 120 -1.77 -6.61 12.50
C ARG A 120 -1.62 -6.18 11.05
N ILE A 121 -0.75 -6.86 10.32
CA ILE A 121 -0.50 -6.55 8.92
C ILE A 121 0.10 -5.16 8.78
N SER A 122 1.27 -4.97 9.38
CA SER A 122 1.96 -3.68 9.32
C SER A 122 3.47 -3.86 9.26
N LEU A 123 3.99 -4.76 10.08
CA LEU A 123 5.43 -5.02 10.12
C LEU A 123 5.71 -6.52 9.92
N LEU A 124 6.90 -6.85 9.40
CA LEU A 124 7.27 -8.23 9.17
C LEU A 124 8.74 -8.35 8.76
N LYS A 125 9.35 -9.53 9.00
CA LYS A 125 10.76 -9.77 8.66
C LYS A 125 10.91 -10.76 7.52
N CYS A 126 11.80 -10.44 6.58
CA CYS A 126 12.06 -11.33 5.44
C CYS A 126 13.55 -11.51 5.21
N GLU A 127 14.30 -11.74 6.28
CA GLU A 127 15.74 -11.95 6.18
C GLU A 127 16.07 -12.96 5.10
N ALA A 128 15.13 -13.89 4.88
CA ALA A 128 15.31 -14.93 3.87
C ALA A 128 15.22 -14.36 2.47
N CYS A 129 13.99 -14.05 2.02
CA CYS A 129 13.79 -13.49 0.70
C CYS A 129 14.13 -12.00 0.68
N GLY A 130 15.36 -11.69 1.09
CA GLY A 130 15.79 -10.30 1.11
C GLY A 130 15.72 -9.69 2.50
N ALA A 131 14.88 -8.68 2.67
CA ALA A 131 14.73 -8.02 3.95
C ALA A 131 13.34 -7.41 4.09
N LYS A 132 12.88 -7.28 5.32
CA LYS A 132 11.56 -6.72 5.61
C LYS A 132 11.62 -5.85 6.85
N ALA A 133 10.70 -4.89 6.95
CA ALA A 133 10.68 -3.99 8.09
C ALA A 133 10.04 -4.64 9.31
N PRO A 134 10.87 -5.05 10.29
CA PRO A 134 10.41 -5.70 11.52
C PRO A 134 9.69 -4.74 12.47
N LEU A 135 10.37 -3.67 12.83
CA LEU A 135 9.83 -2.68 13.74
C LEU A 135 10.55 -1.35 13.56
N LYS A 136 10.17 -0.35 14.32
CA LYS A 136 10.80 0.96 14.24
C LYS A 136 10.89 1.59 15.62
N ASN A 137 11.26 2.87 15.65
CA ASN A 137 11.40 3.59 16.91
C ASN A 137 12.53 2.99 17.75
N VAL A 138 13.63 3.73 17.84
CA VAL A 138 14.80 3.27 18.60
C VAL A 138 15.52 2.15 17.86
N MET A 4 -0.40 -17.97 -11.70
CA MET A 4 -1.69 -18.15 -12.41
C MET A 4 -2.69 -18.95 -11.57
N ASP A 5 -2.68 -18.75 -10.25
CA ASP A 5 -3.59 -19.45 -9.37
C ASP A 5 -5.03 -19.04 -9.64
N ASP A 6 -5.97 -19.80 -9.07
CA ASP A 6 -7.39 -19.50 -9.25
C ASP A 6 -7.75 -18.17 -8.60
N TYR A 7 -9.04 -17.85 -8.61
CA TYR A 7 -9.51 -16.60 -8.02
C TYR A 7 -9.50 -16.66 -6.50
N GLU A 8 -8.94 -15.64 -5.87
CA GLU A 8 -8.88 -15.58 -4.41
C GLU A 8 -10.22 -15.20 -3.83
N LYS A 9 -10.82 -16.12 -3.08
CA LYS A 9 -12.11 -15.88 -2.46
C LYS A 9 -11.98 -14.95 -1.26
N LEU A 10 -13.10 -14.36 -0.84
CA LEU A 10 -13.10 -13.44 0.30
C LEU A 10 -13.24 -14.21 1.63
N LEU A 11 -13.17 -15.53 1.56
CA LEU A 11 -13.28 -16.36 2.77
C LEU A 11 -12.05 -16.17 3.65
N GLU A 12 -11.95 -15.02 4.28
CA GLU A 12 -10.83 -14.71 5.16
C GLU A 12 -11.00 -15.42 6.50
N ARG A 13 -10.94 -16.75 6.46
CA ARG A 13 -11.08 -17.56 7.67
C ARG A 13 -9.72 -17.88 8.26
N ALA A 14 -9.55 -17.58 9.54
CA ALA A 14 -8.28 -17.85 10.23
C ALA A 14 -7.14 -17.09 9.55
N ILE A 15 -7.34 -15.79 9.35
CA ILE A 15 -6.33 -14.95 8.72
C ILE A 15 -5.60 -14.10 9.76
N ASP A 16 -6.20 -13.95 10.93
CA ASP A 16 -5.60 -13.18 12.01
C ASP A 16 -4.65 -14.05 12.83
N GLN A 17 -5.22 -14.91 13.66
CA GLN A 17 -4.41 -15.80 14.50
C GLN A 17 -4.04 -17.09 13.78
N LEU A 18 -5.01 -17.98 13.59
CA LEU A 18 -4.77 -19.25 12.91
C LEU A 18 -3.75 -20.10 13.66
N PRO A 19 -4.04 -21.40 13.87
CA PRO A 19 -3.14 -22.31 14.56
C PRO A 19 -1.71 -22.27 14.01
N PRO A 20 -0.70 -22.14 14.89
CA PRO A 20 0.71 -22.10 14.48
C PRO A 20 1.13 -23.36 13.72
N GLU A 21 2.42 -23.66 13.73
CA GLU A 21 2.96 -24.84 13.05
C GLU A 21 2.83 -24.69 11.54
N VAL A 22 1.63 -24.88 11.03
CA VAL A 22 1.39 -24.75 9.59
C VAL A 22 0.91 -23.34 9.27
N PHE A 23 1.69 -22.64 8.45
CA PHE A 23 1.35 -21.28 8.06
C PHE A 23 0.68 -21.26 6.69
N GLU A 24 0.42 -20.06 6.16
CA GLU A 24 -0.24 -19.92 4.88
C GLU A 24 -0.30 -18.45 4.44
N THR A 25 -0.51 -18.22 3.15
CA THR A 25 -0.60 -16.87 2.62
C THR A 25 -1.94 -16.23 2.96
N LYS A 26 -2.07 -14.95 2.70
CA LYS A 26 -3.31 -14.23 2.99
C LYS A 26 -4.16 -14.11 1.73
N ARG A 27 -5.48 -14.02 1.91
CA ARG A 27 -6.40 -13.89 0.80
C ARG A 27 -6.63 -12.43 0.43
N PHE A 28 -5.58 -11.63 0.51
CA PHE A 28 -5.66 -10.21 0.19
C PHE A 28 -5.44 -9.96 -1.30
N GLU A 29 -6.43 -9.42 -1.97
CA GLU A 29 -6.35 -9.14 -3.39
C GLU A 29 -7.15 -7.91 -3.77
N VAL A 30 -6.46 -6.78 -3.93
CA VAL A 30 -7.11 -5.53 -4.28
C VAL A 30 -6.16 -4.61 -5.06
N PRO A 31 -5.68 -5.07 -6.23
CA PRO A 31 -4.76 -4.29 -7.07
C PRO A 31 -5.32 -2.92 -7.40
N LYS A 32 -4.64 -2.21 -8.30
CA LYS A 32 -5.06 -0.87 -8.71
C LYS A 32 -4.86 0.12 -7.57
N ALA A 33 -3.61 0.53 -7.36
CA ALA A 33 -3.29 1.47 -6.29
C ALA A 33 -2.02 2.25 -6.60
N TYR A 34 -2.14 3.57 -6.68
CA TYR A 34 -1.00 4.44 -6.97
C TYR A 34 -1.42 5.91 -7.01
N SER A 35 -0.82 6.73 -6.15
CA SER A 35 -1.13 8.15 -6.11
C SER A 35 -0.69 8.84 -7.38
N VAL A 36 -0.96 10.14 -7.51
CA VAL A 36 -0.59 10.90 -8.70
C VAL A 36 0.09 12.21 -8.32
N ILE A 37 1.11 12.58 -9.08
CA ILE A 37 1.87 13.81 -8.82
C ILE A 37 1.44 14.94 -9.75
N GLN A 38 1.71 16.18 -9.34
CA GLN A 38 1.36 17.34 -10.13
C GLN A 38 2.18 18.56 -9.69
N GLY A 39 3.33 18.77 -10.32
CA GLY A 39 4.18 19.90 -9.97
C GLY A 39 4.84 19.73 -8.62
N ASN A 40 4.10 20.07 -7.56
CA ASN A 40 4.60 19.96 -6.20
C ASN A 40 3.49 19.55 -5.24
N ARG A 41 2.44 18.95 -5.78
CA ARG A 41 1.31 18.51 -4.97
C ARG A 41 0.88 17.10 -5.35
N THR A 42 0.37 16.35 -4.38
CA THR A 42 -0.07 14.99 -4.63
C THR A 42 -1.60 14.91 -4.66
N PHE A 43 -2.12 14.35 -5.74
CA PHE A 43 -3.56 14.21 -5.93
C PHE A 43 -4.02 12.84 -5.43
N ILE A 44 -4.27 12.74 -4.12
CA ILE A 44 -4.74 11.49 -3.52
C ILE A 44 -6.23 11.31 -3.77
N GLN A 45 -6.61 10.13 -4.24
CA GLN A 45 -8.00 9.83 -4.54
C GLN A 45 -8.47 8.59 -3.79
N ASN A 46 -7.62 7.57 -3.75
CA ASN A 46 -7.97 6.33 -3.06
C ASN A 46 -7.28 6.27 -1.71
N PHE A 47 -7.31 7.39 -0.99
CA PHE A 47 -6.68 7.46 0.33
C PHE A 47 -7.02 6.25 1.18
N ARG A 48 -8.16 5.64 0.93
CA ARG A 48 -8.58 4.47 1.69
C ARG A 48 -7.76 3.26 1.28
N GLU A 49 -7.71 2.99 -0.02
CA GLU A 49 -6.96 1.85 -0.54
C GLU A 49 -5.47 2.16 -0.57
N VAL A 50 -5.12 3.33 -1.10
CA VAL A 50 -3.73 3.74 -1.18
C VAL A 50 -3.08 3.78 0.20
N ALA A 51 -3.85 4.19 1.21
CA ALA A 51 -3.31 4.26 2.56
C ALA A 51 -3.09 2.87 3.14
N ASP A 52 -4.10 2.01 3.06
CA ASP A 52 -3.97 0.65 3.59
C ASP A 52 -2.68 0.00 3.10
N ALA A 53 -2.58 -0.24 1.79
CA ALA A 53 -1.39 -0.86 1.22
C ALA A 53 -0.11 -0.14 1.62
N LEU A 54 -0.08 1.20 1.49
CA LEU A 54 1.10 1.96 1.85
C LEU A 54 1.36 1.88 3.35
N ASN A 55 0.31 1.52 4.11
CA ASN A 55 0.39 1.40 5.56
C ASN A 55 -0.96 1.03 6.14
N ARG A 56 -1.09 -0.20 6.63
CA ARG A 56 -2.35 -0.67 7.21
C ARG A 56 -2.92 0.37 8.19
N ASP A 57 -2.04 0.96 8.99
CA ASP A 57 -2.44 1.97 9.95
C ASP A 57 -2.69 3.32 9.25
N PRO A 58 -3.85 3.95 9.49
CA PRO A 58 -4.19 5.23 8.87
C PRO A 58 -3.39 6.40 9.47
N GLN A 59 -3.32 6.42 10.80
CA GLN A 59 -2.58 7.48 11.50
C GLN A 59 -1.12 7.51 11.08
N HIS A 60 -0.60 6.35 10.68
CA HIS A 60 0.79 6.27 10.25
C HIS A 60 0.98 7.02 8.94
N LEU A 61 0.28 6.53 7.91
CA LEU A 61 0.35 7.14 6.59
C LEU A 61 0.28 8.66 6.67
N LEU A 62 -0.62 9.15 7.50
CA LEU A 62 -0.81 10.57 7.67
C LEU A 62 0.47 11.23 8.17
N LYS A 63 1.05 10.65 9.22
CA LYS A 63 2.29 11.17 9.78
C LYS A 63 3.42 11.12 8.75
N PHE A 64 3.37 10.11 7.90
CA PHE A 64 4.39 9.95 6.86
C PHE A 64 4.34 11.09 5.85
N LEU A 65 3.13 11.42 5.38
CA LEU A 65 2.98 12.50 4.41
C LEU A 65 3.53 13.82 4.97
N LEU A 66 3.23 14.10 6.24
CA LEU A 66 3.70 15.32 6.89
C LEU A 66 5.20 15.27 7.15
N ARG A 67 5.75 14.06 7.24
CA ARG A 67 7.17 13.88 7.49
C ARG A 67 7.99 14.16 6.24
N GLU A 68 7.41 13.86 5.07
CA GLU A 68 8.09 14.08 3.80
C GLU A 68 7.61 15.37 3.14
N LEU A 69 6.35 15.72 3.34
CA LEU A 69 5.79 16.95 2.75
C LEU A 69 6.58 18.17 3.19
N GLY A 70 7.29 18.79 2.26
CA GLY A 70 8.07 19.96 2.59
C GLY A 70 7.28 21.25 2.43
N THR A 71 5.99 21.12 2.11
CA THR A 71 5.11 22.27 1.91
C THR A 71 3.98 22.25 2.93
N ALA A 72 3.24 23.37 3.01
CA ALA A 72 2.13 23.50 3.93
C ALA A 72 1.38 22.19 4.13
N GLY A 73 0.86 21.63 3.03
CA GLY A 73 0.14 20.38 3.11
C GLY A 73 -1.33 20.58 3.45
N ASN A 74 -2.21 20.37 2.48
CA ASN A 74 -3.65 20.54 2.69
C ASN A 74 -4.45 19.84 1.60
N LEU A 75 -5.75 19.69 1.84
CA LEU A 75 -6.63 19.04 0.86
C LEU A 75 -7.23 20.06 -0.09
N GLU A 76 -6.80 20.02 -1.35
CA GLU A 76 -7.31 20.94 -2.37
C GLU A 76 -8.28 20.23 -3.32
N GLY A 77 -9.24 20.97 -3.87
CA GLY A 77 -10.22 20.39 -4.78
C GLY A 77 -11.14 19.39 -4.11
N GLY A 78 -12.10 18.87 -4.85
CA GLY A 78 -13.04 17.90 -4.28
C GLY A 78 -12.32 16.73 -3.64
N ARG A 79 -11.16 16.37 -4.17
CA ARG A 79 -10.38 15.26 -3.64
C ARG A 79 -9.40 15.77 -2.58
N ALA A 80 -8.32 15.04 -2.34
CA ALA A 80 -7.34 15.45 -1.34
C ALA A 80 -6.00 15.79 -1.99
N ILE A 81 -5.91 16.99 -2.55
CA ILE A 81 -4.68 17.43 -3.21
C ILE A 81 -3.76 18.15 -2.23
N LEU A 82 -2.83 17.41 -1.63
CA LEU A 82 -1.89 17.99 -0.69
C LEU A 82 -0.65 18.49 -1.42
N GLN A 83 0.31 19.00 -0.67
CA GLN A 83 1.54 19.52 -1.26
C GLN A 83 2.76 19.15 -0.42
N GLY A 84 3.75 18.51 -1.05
CA GLY A 84 4.95 18.11 -0.35
C GLY A 84 5.93 17.36 -1.23
N LYS A 85 6.27 16.14 -0.83
CA LYS A 85 7.20 15.32 -1.58
C LYS A 85 6.77 13.86 -1.61
N PHE A 86 5.46 13.63 -1.55
CA PHE A 86 4.91 12.27 -1.59
C PHE A 86 4.60 11.89 -3.03
N THR A 87 5.57 12.17 -3.91
CA THR A 87 5.43 11.88 -5.34
C THR A 87 5.62 10.38 -5.59
N HIS A 88 4.58 9.61 -5.25
CA HIS A 88 4.62 8.16 -5.42
C HIS A 88 5.92 7.59 -4.87
N PHE A 89 6.38 8.15 -3.76
CA PHE A 89 7.60 7.68 -3.13
C PHE A 89 7.31 6.60 -2.12
N LEU A 90 6.97 7.02 -0.90
CA LEU A 90 6.65 6.08 0.16
C LEU A 90 5.37 5.32 -0.16
N ILE A 91 4.41 6.01 -0.75
CA ILE A 91 3.14 5.38 -1.09
C ILE A 91 3.33 4.24 -2.07
N ASN A 92 3.81 4.56 -3.27
CA ASN A 92 4.02 3.56 -4.32
C ASN A 92 4.90 2.40 -3.85
N GLU A 93 5.98 2.71 -3.15
CA GLU A 93 6.90 1.69 -2.67
C GLU A 93 6.20 0.68 -1.76
N ARG A 94 5.60 1.19 -0.69
CA ARG A 94 4.89 0.33 0.26
C ARG A 94 3.75 -0.41 -0.42
N ILE A 95 2.89 0.31 -1.12
CA ILE A 95 1.76 -0.31 -1.79
C ILE A 95 2.25 -1.44 -2.68
N GLU A 96 3.14 -1.10 -3.61
CA GLU A 96 3.69 -2.09 -4.53
C GLU A 96 4.19 -3.32 -3.77
N ASP A 97 4.63 -3.10 -2.54
CA ASP A 97 5.13 -4.19 -1.70
C ASP A 97 3.98 -5.05 -1.19
N TYR A 98 2.82 -4.42 -1.00
CA TYR A 98 1.64 -5.13 -0.51
C TYR A 98 0.87 -5.76 -1.65
N VAL A 99 0.48 -4.93 -2.61
CA VAL A 99 -0.27 -5.41 -3.77
C VAL A 99 0.52 -6.46 -4.54
N ASN A 100 1.80 -6.20 -4.77
CA ASN A 100 2.65 -7.14 -5.49
C ASN A 100 3.68 -7.77 -4.55
N LYS A 101 3.22 -8.32 -3.43
CA LYS A 101 4.12 -8.95 -2.48
C LYS A 101 4.49 -10.37 -2.93
N PHE A 102 3.74 -10.91 -3.88
CA PHE A 102 4.00 -12.24 -4.40
C PHE A 102 5.19 -12.23 -5.37
N VAL A 103 5.17 -11.30 -6.32
CA VAL A 103 6.23 -11.19 -7.31
C VAL A 103 7.43 -10.40 -6.77
N ILE A 104 7.23 -9.66 -5.68
CA ILE A 104 8.30 -8.88 -5.08
C ILE A 104 8.92 -9.61 -3.89
N CYS A 105 8.08 -10.12 -2.99
CA CYS A 105 8.55 -10.85 -1.82
C CYS A 105 8.78 -12.34 -2.14
N HIS A 106 8.69 -12.69 -3.41
CA HIS A 106 8.89 -14.08 -3.84
C HIS A 106 7.90 -15.00 -3.13
N GLU A 107 6.62 -14.60 -3.13
CA GLU A 107 5.57 -15.37 -2.50
C GLU A 107 5.98 -15.86 -1.11
N CYS A 108 5.97 -14.93 -0.15
CA CYS A 108 6.33 -15.27 1.22
C CYS A 108 5.25 -16.13 1.88
N ASN A 109 4.92 -17.25 1.24
CA ASN A 109 3.92 -18.17 1.77
C ASN A 109 4.48 -18.91 2.96
N ARG A 110 5.03 -20.11 2.73
CA ARG A 110 5.62 -20.91 3.81
C ARG A 110 7.14 -20.95 3.73
N PRO A 111 7.84 -19.80 3.76
CA PRO A 111 9.31 -19.77 3.70
C PRO A 111 9.93 -20.70 4.73
N ASP A 112 11.01 -21.38 4.35
CA ASP A 112 11.71 -22.29 5.25
C ASP A 112 12.61 -21.51 6.22
N THR A 113 12.35 -20.22 6.35
CA THR A 113 13.13 -19.36 7.23
C THR A 113 12.27 -18.83 8.38
N ARG A 114 12.90 -18.09 9.28
CA ARG A 114 12.21 -17.55 10.44
C ARG A 114 11.57 -16.20 10.13
N ILE A 115 10.24 -16.21 10.06
CA ILE A 115 9.48 -15.00 9.77
C ILE A 115 8.79 -14.47 11.03
N ILE A 116 8.69 -13.16 11.15
CA ILE A 116 8.06 -12.52 12.30
C ILE A 116 7.28 -11.27 11.89
N ARG A 117 6.02 -11.17 12.30
CA ARG A 117 5.21 -10.00 11.96
C ARG A 117 4.59 -9.37 13.20
N GLU A 118 4.87 -8.09 13.41
CA GLU A 118 4.34 -7.37 14.56
C GLU A 118 3.58 -6.11 14.12
N GLY A 119 2.42 -5.89 14.73
CA GLY A 119 1.62 -4.73 14.40
C GLY A 119 0.40 -5.05 13.54
N ARG A 120 -0.01 -6.32 13.54
CA ARG A 120 -1.17 -6.75 12.77
C ARG A 120 -1.00 -6.38 11.30
N ILE A 121 -0.07 -7.04 10.62
CA ILE A 121 0.19 -6.79 9.21
C ILE A 121 0.74 -5.40 8.98
N SER A 122 1.88 -5.11 9.59
CA SER A 122 2.53 -3.81 9.45
C SER A 122 4.06 -3.93 9.41
N LEU A 123 4.62 -4.74 10.31
CA LEU A 123 6.08 -4.93 10.37
C LEU A 123 6.43 -6.41 10.33
N LEU A 124 7.58 -6.73 9.72
CA LEU A 124 8.03 -8.11 9.63
C LEU A 124 9.45 -8.20 9.08
N LYS A 125 10.10 -9.34 9.29
CA LYS A 125 11.46 -9.56 8.82
C LYS A 125 11.50 -10.63 7.72
N CYS A 126 12.25 -10.35 6.66
CA CYS A 126 12.38 -11.28 5.54
C CYS A 126 13.86 -11.49 5.19
N GLU A 127 14.67 -11.60 6.22
CA GLU A 127 16.12 -11.80 6.05
C GLU A 127 16.41 -12.84 4.98
N ALA A 128 15.57 -13.87 4.91
CA ALA A 128 15.75 -14.94 3.94
C ALA A 128 15.54 -14.42 2.52
N CYS A 129 14.27 -14.20 2.18
CA CYS A 129 13.91 -13.71 0.85
C CYS A 129 14.16 -12.20 0.75
N GLY A 130 15.37 -11.77 1.10
CA GLY A 130 15.71 -10.37 1.04
C GLY A 130 15.85 -9.74 2.41
N ALA A 131 15.08 -8.68 2.64
CA ALA A 131 15.11 -7.97 3.92
C ALA A 131 13.76 -7.33 4.21
N LYS A 132 13.46 -7.15 5.49
CA LYS A 132 12.20 -6.56 5.91
C LYS A 132 12.35 -5.86 7.25
N ALA A 133 11.51 -4.86 7.51
CA ALA A 133 11.57 -4.11 8.76
C ALA A 133 10.78 -4.81 9.87
N PRO A 134 11.48 -5.47 10.81
CA PRO A 134 10.83 -6.18 11.92
C PRO A 134 10.24 -5.22 12.96
N LEU A 135 11.07 -4.30 13.43
CA LEU A 135 10.63 -3.33 14.43
C LEU A 135 11.40 -2.02 14.28
N LYS A 136 11.14 -1.08 15.19
CA LYS A 136 11.81 0.21 15.16
C LYS A 136 13.32 0.06 15.36
N ASN A 137 14.08 0.69 14.49
CA ASN A 137 15.54 0.62 14.58
C ASN A 137 16.06 1.52 15.70
N VAL A 138 17.38 1.52 15.89
CA VAL A 138 17.99 2.33 16.93
C VAL A 138 19.00 3.32 16.33
N MET A 4 -15.31 -16.01 -7.03
CA MET A 4 -15.06 -14.54 -7.06
C MET A 4 -13.81 -14.17 -6.28
N ASP A 5 -13.83 -14.40 -4.97
CA ASP A 5 -12.69 -14.08 -4.11
C ASP A 5 -12.19 -15.33 -3.39
N ASP A 6 -11.22 -15.14 -2.50
CA ASP A 6 -10.65 -16.25 -1.75
C ASP A 6 -11.30 -16.38 -0.37
N TYR A 7 -12.14 -15.42 -0.02
CA TYR A 7 -12.84 -15.44 1.27
C TYR A 7 -11.86 -15.26 2.43
N GLU A 8 -11.73 -14.03 2.91
CA GLU A 8 -10.83 -13.72 4.02
C GLU A 8 -11.39 -14.25 5.33
N LYS A 9 -10.55 -14.27 6.37
CA LYS A 9 -10.97 -14.76 7.68
C LYS A 9 -10.82 -13.67 8.75
N LEU A 10 -11.94 -13.30 9.37
CA LEU A 10 -11.93 -12.27 10.40
C LEU A 10 -11.09 -12.71 11.59
N LEU A 11 -11.66 -13.55 12.45
CA LEU A 11 -10.96 -14.03 13.64
C LEU A 11 -9.95 -15.11 13.26
N GLU A 12 -8.75 -14.68 12.90
CA GLU A 12 -7.69 -15.61 12.50
C GLU A 12 -6.85 -16.01 13.72
N ARG A 13 -7.00 -17.25 14.15
CA ARG A 13 -6.25 -17.74 15.30
C ARG A 13 -5.06 -18.60 14.84
N ALA A 14 -3.96 -18.52 15.58
CA ALA A 14 -2.74 -19.26 15.27
C ALA A 14 -1.98 -18.64 14.11
N ILE A 15 -2.16 -17.33 13.92
CA ILE A 15 -1.47 -16.60 12.86
C ILE A 15 -0.41 -15.68 13.46
N ASP A 16 -0.61 -15.31 14.72
CA ASP A 16 0.32 -14.42 15.41
C ASP A 16 0.44 -14.77 16.89
N GLN A 17 -0.54 -15.50 17.43
CA GLN A 17 -0.51 -15.89 18.83
C GLN A 17 0.20 -17.23 19.03
N LEU A 18 -0.46 -18.31 18.64
CA LEU A 18 0.10 -19.66 18.77
C LEU A 18 1.50 -19.73 18.14
N PRO A 19 2.46 -20.38 18.82
CA PRO A 19 3.83 -20.52 18.31
C PRO A 19 3.85 -20.93 16.84
N PRO A 20 4.55 -20.17 15.99
CA PRO A 20 4.64 -20.47 14.56
C PRO A 20 5.27 -21.83 14.29
N GLU A 21 6.60 -21.90 14.26
CA GLU A 21 7.30 -23.14 14.00
C GLU A 21 7.01 -23.67 12.60
N VAL A 22 5.78 -24.14 12.39
CA VAL A 22 5.36 -24.67 11.10
C VAL A 22 5.12 -23.54 10.11
N PHE A 23 5.06 -23.90 8.83
CA PHE A 23 4.84 -22.92 7.77
C PHE A 23 3.35 -22.58 7.63
N GLU A 24 3.06 -21.38 7.11
CA GLU A 24 1.69 -20.94 6.91
C GLU A 24 1.62 -19.82 5.87
N THR A 25 0.48 -19.73 5.18
CA THR A 25 0.28 -18.71 4.16
C THR A 25 -0.61 -17.58 4.67
N LYS A 26 -0.27 -16.35 4.29
CA LYS A 26 -1.05 -15.19 4.71
C LYS A 26 -2.01 -14.74 3.61
N ARG A 27 -3.15 -14.19 4.02
CA ARG A 27 -4.16 -13.72 3.07
C ARG A 27 -3.95 -12.24 2.74
N PHE A 28 -2.88 -11.95 2.00
CA PHE A 28 -2.57 -10.57 1.64
C PHE A 28 -3.10 -10.22 0.24
N GLU A 29 -4.16 -9.41 0.21
CA GLU A 29 -4.76 -8.99 -1.06
C GLU A 29 -5.27 -7.54 -0.95
N VAL A 30 -4.58 -6.63 -1.62
CA VAL A 30 -4.97 -5.22 -1.62
C VAL A 30 -4.55 -4.52 -2.92
N PRO A 31 -4.95 -5.07 -4.08
CA PRO A 31 -4.59 -4.49 -5.37
C PRO A 31 -4.92 -3.01 -5.45
N LYS A 32 -4.34 -2.33 -6.45
CA LYS A 32 -4.58 -0.92 -6.64
C LYS A 32 -4.04 -0.11 -5.45
N ALA A 33 -4.53 1.12 -5.29
CA ALA A 33 -4.09 1.99 -4.21
C ALA A 33 -2.78 2.67 -4.58
N TYR A 34 -2.86 3.71 -5.40
CA TYR A 34 -1.68 4.41 -5.84
C TYR A 34 -1.97 5.88 -6.12
N SER A 35 -1.22 6.75 -5.44
CA SER A 35 -1.39 8.20 -5.57
C SER A 35 -0.90 8.71 -6.93
N VAL A 36 -0.91 10.03 -7.08
CA VAL A 36 -0.48 10.66 -8.32
C VAL A 36 0.35 11.91 -8.05
N ILE A 37 1.43 12.06 -8.80
CA ILE A 37 2.34 13.19 -8.65
C ILE A 37 2.00 14.30 -9.64
N GLN A 38 2.30 15.54 -9.27
CA GLN A 38 2.04 16.68 -10.13
C GLN A 38 2.89 17.88 -9.71
N GLY A 39 4.05 18.02 -10.35
CA GLY A 39 4.95 19.10 -10.03
C GLY A 39 5.57 18.95 -8.65
N ASN A 40 4.74 19.16 -7.62
CA ASN A 40 5.18 19.03 -6.24
C ASN A 40 4.01 18.75 -5.32
N ARG A 41 2.90 18.29 -5.89
CA ARG A 41 1.71 17.97 -5.12
C ARG A 41 1.21 16.57 -5.44
N THR A 42 0.71 15.87 -4.43
CA THR A 42 0.21 14.51 -4.60
C THR A 42 -1.33 14.50 -4.51
N PHE A 43 -1.98 14.14 -5.61
CA PHE A 43 -3.44 14.13 -5.66
C PHE A 43 -4.03 12.79 -5.19
N ILE A 44 -4.04 12.58 -3.88
CA ILE A 44 -4.58 11.35 -3.32
C ILE A 44 -6.05 11.19 -3.72
N GLN A 45 -6.37 10.11 -4.43
CA GLN A 45 -7.74 9.86 -4.85
C GLN A 45 -8.36 8.78 -3.97
N ASN A 46 -7.57 7.74 -3.71
CA ASN A 46 -8.03 6.64 -2.86
C ASN A 46 -7.27 6.66 -1.52
N PHE A 47 -7.36 7.78 -0.81
CA PHE A 47 -6.67 7.92 0.47
C PHE A 47 -6.86 6.68 1.34
N ARG A 48 -8.11 6.25 1.47
CA ARG A 48 -8.42 5.08 2.27
C ARG A 48 -7.72 3.83 1.74
N GLU A 49 -7.79 3.64 0.43
CA GLU A 49 -7.16 2.48 -0.21
C GLU A 49 -5.64 2.60 -0.17
N VAL A 50 -5.13 3.68 -0.76
CA VAL A 50 -3.69 3.91 -0.78
C VAL A 50 -3.10 3.90 0.62
N ALA A 51 -3.90 4.33 1.60
CA ALA A 51 -3.46 4.36 2.98
C ALA A 51 -3.16 2.95 3.48
N ASP A 52 -4.17 2.10 3.46
CA ASP A 52 -4.03 0.73 3.92
C ASP A 52 -2.78 0.07 3.33
N ALA A 53 -2.75 -0.08 2.02
CA ALA A 53 -1.61 -0.71 1.35
C ALA A 53 -0.25 -0.20 1.86
N LEU A 54 0.01 1.11 1.71
CA LEU A 54 1.27 1.68 2.14
C LEU A 54 1.41 1.60 3.67
N ASN A 55 0.30 1.34 4.35
CA ASN A 55 0.29 1.22 5.81
C ASN A 55 -1.12 0.95 6.30
N ARG A 56 -1.31 -0.21 6.92
CA ARG A 56 -2.62 -0.60 7.44
C ARG A 56 -3.30 0.56 8.16
N ASP A 57 -2.61 1.13 9.14
CA ASP A 57 -3.14 2.26 9.89
C ASP A 57 -3.22 3.50 9.00
N PRO A 58 -4.40 4.15 8.93
CA PRO A 58 -4.59 5.35 8.11
C PRO A 58 -3.88 6.57 8.68
N GLN A 59 -4.03 6.78 9.98
CA GLN A 59 -3.39 7.91 10.65
C GLN A 59 -1.89 7.92 10.41
N HIS A 60 -1.33 6.76 10.10
CA HIS A 60 0.09 6.65 9.84
C HIS A 60 0.44 7.34 8.52
N LEU A 61 -0.14 6.84 7.44
CA LEU A 61 0.09 7.40 6.11
C LEU A 61 0.00 8.92 6.13
N LEU A 62 -1.00 9.45 6.83
CA LEU A 62 -1.20 10.90 6.91
C LEU A 62 0.02 11.58 7.50
N LYS A 63 0.41 11.16 8.70
CA LYS A 63 1.58 11.73 9.37
C LYS A 63 2.81 11.60 8.48
N PHE A 64 2.83 10.56 7.65
CA PHE A 64 3.95 10.33 6.75
C PHE A 64 4.04 11.39 5.67
N LEU A 65 2.91 11.70 5.03
CA LEU A 65 2.89 12.71 3.99
C LEU A 65 3.39 14.05 4.51
N LEU A 66 2.82 14.52 5.62
CA LEU A 66 3.24 15.80 6.21
C LEU A 66 4.68 15.71 6.72
N ARG A 67 5.10 14.51 7.09
CA ARG A 67 6.46 14.29 7.61
C ARG A 67 7.50 14.68 6.56
N GLU A 68 7.23 14.37 5.30
CA GLU A 68 8.15 14.70 4.21
C GLU A 68 7.68 15.92 3.42
N LEU A 69 6.38 16.22 3.51
CA LEU A 69 5.81 17.37 2.80
C LEU A 69 6.55 18.65 3.16
N GLY A 70 7.27 19.21 2.17
CA GLY A 70 8.03 20.43 2.40
C GLY A 70 7.17 21.68 2.33
N THR A 71 6.01 21.56 1.70
CA THR A 71 5.09 22.69 1.57
C THR A 71 3.96 22.59 2.59
N ALA A 72 3.18 23.66 2.70
CA ALA A 72 2.05 23.74 3.64
C ALA A 72 1.44 22.37 3.94
N GLY A 73 0.85 21.75 2.92
CA GLY A 73 0.25 20.44 3.11
C GLY A 73 -1.19 20.51 3.60
N ASN A 74 -2.13 20.27 2.70
CA ASN A 74 -3.55 20.33 3.04
C ASN A 74 -4.41 19.63 1.99
N LEU A 75 -5.65 19.36 2.33
CA LEU A 75 -6.58 18.70 1.41
C LEU A 75 -7.23 19.72 0.49
N GLU A 76 -6.88 19.67 -0.79
CA GLU A 76 -7.44 20.58 -1.79
C GLU A 76 -8.47 19.84 -2.65
N GLY A 77 -9.38 20.59 -3.25
CA GLY A 77 -10.40 20.00 -4.09
C GLY A 77 -11.23 18.97 -3.36
N GLY A 78 -12.28 18.47 -4.01
CA GLY A 78 -13.14 17.48 -3.39
C GLY A 78 -12.36 16.27 -2.88
N ARG A 79 -11.21 16.02 -3.51
CA ARG A 79 -10.38 14.90 -3.11
C ARG A 79 -9.31 15.34 -2.12
N ALA A 80 -8.27 14.53 -1.94
CA ALA A 80 -7.20 14.87 -1.01
C ALA A 80 -5.93 15.30 -1.76
N ILE A 81 -5.94 16.52 -2.28
CA ILE A 81 -4.79 17.04 -3.00
C ILE A 81 -3.83 17.78 -2.07
N LEU A 82 -2.80 17.07 -1.60
CA LEU A 82 -1.82 17.66 -0.69
C LEU A 82 -0.64 18.24 -1.46
N GLN A 83 0.26 18.91 -0.75
CA GLN A 83 1.42 19.52 -1.37
C GLN A 83 2.66 19.43 -0.49
N GLY A 84 3.78 18.98 -1.09
CA GLY A 84 5.03 18.87 -0.34
C GLY A 84 6.03 17.92 -0.95
N LYS A 85 5.76 16.62 -0.82
CA LYS A 85 6.64 15.59 -1.36
C LYS A 85 5.84 14.31 -1.64
N PHE A 86 6.36 13.14 -1.25
CA PHE A 86 5.68 11.88 -1.47
C PHE A 86 5.33 11.71 -2.94
N THR A 87 6.29 11.99 -3.80
CA THR A 87 6.11 11.85 -5.24
C THR A 87 6.07 10.38 -5.63
N HIS A 88 5.06 9.68 -5.14
CA HIS A 88 4.90 8.25 -5.39
C HIS A 88 6.19 7.49 -5.07
N PHE A 89 6.86 7.94 -4.01
CA PHE A 89 8.10 7.29 -3.56
C PHE A 89 7.79 6.23 -2.52
N LEU A 90 7.45 6.67 -1.32
CA LEU A 90 7.12 5.77 -0.22
C LEU A 90 5.81 5.04 -0.51
N ILE A 91 4.81 5.79 -0.95
CA ILE A 91 3.51 5.21 -1.25
C ILE A 91 3.62 4.10 -2.30
N ASN A 92 4.05 4.45 -3.49
CA ASN A 92 4.19 3.49 -4.58
C ASN A 92 5.03 2.29 -4.18
N GLU A 93 6.17 2.55 -3.54
CA GLU A 93 7.06 1.48 -3.12
C GLU A 93 6.36 0.48 -2.20
N ARG A 94 5.80 0.99 -1.11
CA ARG A 94 5.11 0.15 -0.15
C ARG A 94 3.93 -0.58 -0.78
N ILE A 95 3.07 0.15 -1.49
CA ILE A 95 1.91 -0.47 -2.12
C ILE A 95 2.35 -1.58 -3.06
N GLU A 96 3.19 -1.24 -4.04
CA GLU A 96 3.68 -2.22 -5.01
C GLU A 96 4.31 -3.41 -4.29
N ASP A 97 4.79 -3.18 -3.08
CA ASP A 97 5.42 -4.22 -2.29
C ASP A 97 4.39 -5.26 -1.85
N TYR A 98 3.22 -4.78 -1.45
CA TYR A 98 2.14 -5.65 -1.01
C TYR A 98 1.28 -6.11 -2.20
N VAL A 99 0.71 -5.15 -2.93
CA VAL A 99 -0.13 -5.46 -4.09
C VAL A 99 0.59 -6.35 -5.07
N ASN A 100 1.80 -5.95 -5.45
CA ASN A 100 2.59 -6.71 -6.40
C ASN A 100 3.78 -7.34 -5.69
N LYS A 101 3.50 -8.12 -4.66
CA LYS A 101 4.55 -8.80 -3.91
C LYS A 101 5.02 -10.05 -4.64
N PHE A 102 4.49 -10.27 -5.84
CA PHE A 102 4.87 -11.42 -6.65
C PHE A 102 6.23 -11.21 -7.33
N VAL A 103 6.40 -10.06 -7.97
CA VAL A 103 7.65 -9.77 -8.68
C VAL A 103 8.68 -9.12 -7.75
N ILE A 104 8.21 -8.48 -6.68
CA ILE A 104 9.11 -7.83 -5.74
C ILE A 104 9.55 -8.79 -4.63
N CYS A 105 8.59 -9.43 -3.95
CA CYS A 105 8.91 -10.36 -2.87
C CYS A 105 9.13 -11.79 -3.40
N HIS A 106 9.46 -11.90 -4.69
CA HIS A 106 9.69 -13.21 -5.29
C HIS A 106 8.51 -14.15 -5.08
N GLU A 107 7.30 -13.64 -5.29
CA GLU A 107 6.08 -14.42 -5.12
C GLU A 107 6.09 -15.22 -3.82
N CYS A 108 5.87 -14.52 -2.71
CA CYS A 108 5.84 -15.16 -1.40
C CYS A 108 4.50 -15.88 -1.18
N ASN A 109 4.07 -16.66 -2.18
CA ASN A 109 2.81 -17.41 -2.10
C ASN A 109 2.95 -18.59 -1.14
N ARG A 110 3.61 -19.65 -1.61
CA ARG A 110 3.82 -20.84 -0.81
C ARG A 110 4.89 -20.58 0.23
N PRO A 111 4.70 -21.07 1.47
CA PRO A 111 5.68 -20.87 2.55
C PRO A 111 7.06 -21.41 2.20
N ASP A 112 7.77 -20.68 1.36
CA ASP A 112 9.12 -21.05 0.96
C ASP A 112 10.15 -20.38 1.87
N THR A 113 9.66 -19.47 2.71
CA THR A 113 10.52 -18.73 3.61
C THR A 113 9.87 -18.51 4.97
N ARG A 114 10.61 -17.90 5.89
CA ARG A 114 10.09 -17.64 7.23
C ARG A 114 9.40 -16.29 7.27
N ILE A 115 8.07 -16.29 7.19
CA ILE A 115 7.31 -15.05 7.22
C ILE A 115 7.09 -14.59 8.65
N ILE A 116 7.22 -13.29 8.87
CA ILE A 116 7.04 -12.72 10.18
C ILE A 116 6.40 -11.34 10.10
N ARG A 117 5.40 -11.10 10.94
CA ARG A 117 4.70 -9.82 10.94
C ARG A 117 4.38 -9.39 12.38
N GLU A 118 4.93 -8.25 12.78
CA GLU A 118 4.71 -7.74 14.14
C GLU A 118 4.10 -6.33 14.10
N GLY A 119 3.26 -6.03 15.09
CA GLY A 119 2.63 -4.72 15.15
C GLY A 119 1.24 -4.70 14.55
N ARG A 120 0.64 -5.88 14.40
CA ARG A 120 -0.70 -5.98 13.84
C ARG A 120 -0.74 -5.49 12.39
N ILE A 121 -0.07 -6.22 11.51
CA ILE A 121 -0.02 -5.87 10.10
C ILE A 121 0.63 -4.51 9.90
N SER A 122 1.89 -4.39 10.32
CA SER A 122 2.63 -3.14 10.19
C SER A 122 4.11 -3.40 9.91
N LEU A 123 4.62 -4.50 10.45
CA LEU A 123 6.03 -4.87 10.28
C LEU A 123 6.16 -6.28 9.71
N LEU A 124 7.10 -6.48 8.80
CA LEU A 124 7.32 -7.79 8.20
C LEU A 124 8.73 -7.94 7.63
N LYS A 125 9.31 -9.14 7.82
CA LYS A 125 10.68 -9.43 7.32
C LYS A 125 10.69 -10.69 6.45
N CYS A 126 11.55 -10.69 5.44
CA CYS A 126 11.66 -11.81 4.52
C CYS A 126 13.12 -12.05 4.15
N GLU A 127 14.00 -12.01 5.15
CA GLU A 127 15.43 -12.22 4.94
C GLU A 127 15.71 -13.45 4.09
N ALA A 128 14.80 -14.42 4.11
CA ALA A 128 14.97 -15.64 3.34
C ALA A 128 14.87 -15.38 1.84
N CYS A 129 13.68 -15.08 1.35
CA CYS A 129 13.48 -14.81 -0.07
C CYS A 129 13.87 -13.37 -0.40
N GLY A 130 15.01 -12.95 0.14
CA GLY A 130 15.49 -11.60 -0.10
C GLY A 130 15.52 -10.79 1.18
N ALA A 131 14.76 -9.71 1.21
CA ALA A 131 14.71 -8.85 2.39
C ALA A 131 13.38 -8.11 2.49
N LYS A 132 12.98 -7.82 3.73
CA LYS A 132 11.74 -7.10 4.00
C LYS A 132 11.96 -6.18 5.20
N ALA A 133 11.20 -5.09 5.26
CA ALA A 133 11.33 -4.13 6.35
C ALA A 133 10.53 -4.58 7.58
N PRO A 134 11.22 -5.07 8.63
CA PRO A 134 10.56 -5.54 9.86
C PRO A 134 10.09 -4.37 10.75
N LEU A 135 10.75 -4.15 11.88
CA LEU A 135 10.35 -3.07 12.78
C LEU A 135 11.28 -1.87 12.68
N LYS A 136 12.59 -2.11 12.82
CA LYS A 136 13.58 -1.02 12.74
C LYS A 136 14.98 -1.52 13.12
N ASN A 137 15.88 -1.53 12.15
CA ASN A 137 17.25 -1.97 12.38
C ASN A 137 18.01 -0.99 13.26
N VAL A 138 19.21 -1.38 13.67
CA VAL A 138 20.04 -0.53 14.53
C VAL A 138 21.01 0.31 13.71
N MET A 4 -6.47 -4.52 -49.88
CA MET A 4 -6.81 -5.94 -50.14
C MET A 4 -7.09 -6.69 -48.85
N ASP A 5 -6.06 -6.86 -48.04
CA ASP A 5 -6.19 -7.57 -46.76
C ASP A 5 -6.69 -6.62 -45.67
N ASP A 6 -8.02 -6.52 -45.56
CA ASP A 6 -8.63 -5.66 -44.56
C ASP A 6 -8.96 -6.44 -43.29
N TYR A 7 -9.70 -7.53 -43.46
CA TYR A 7 -10.08 -8.38 -42.33
C TYR A 7 -9.68 -9.83 -42.58
N GLU A 8 -8.50 -10.20 -42.10
CA GLU A 8 -8.00 -11.55 -42.27
C GLU A 8 -8.43 -12.44 -41.11
N LYS A 9 -7.73 -12.33 -39.99
CA LYS A 9 -8.05 -13.12 -38.80
C LYS A 9 -7.13 -12.77 -37.64
N LEU A 10 -7.70 -12.34 -36.53
CA LEU A 10 -6.92 -11.98 -35.36
C LEU A 10 -6.24 -13.21 -34.78
N LEU A 11 -4.94 -13.11 -34.50
CA LEU A 11 -4.20 -14.24 -33.95
C LEU A 11 -4.28 -14.22 -32.43
N GLU A 12 -5.43 -13.79 -31.91
CA GLU A 12 -5.67 -13.70 -30.48
C GLU A 12 -7.12 -14.04 -30.16
N ARG A 13 -7.38 -15.32 -29.89
CA ARG A 13 -8.73 -15.77 -29.58
C ARG A 13 -8.86 -16.08 -28.11
N ALA A 14 -10.07 -16.43 -27.67
CA ALA A 14 -10.32 -16.75 -26.27
C ALA A 14 -9.78 -15.64 -25.36
N ILE A 15 -9.99 -14.40 -25.78
CA ILE A 15 -9.52 -13.26 -25.00
C ILE A 15 -10.43 -13.00 -23.79
N ASP A 16 -11.66 -13.49 -23.89
CA ASP A 16 -12.63 -13.33 -22.81
C ASP A 16 -13.97 -13.96 -23.17
N GLN A 17 -14.25 -14.03 -24.47
CA GLN A 17 -15.51 -14.61 -24.95
C GLN A 17 -15.36 -16.09 -25.25
N LEU A 18 -14.20 -16.49 -25.78
CA LEU A 18 -13.95 -17.88 -26.10
C LEU A 18 -13.19 -18.56 -24.96
N PRO A 19 -13.46 -19.85 -24.71
CA PRO A 19 -12.80 -20.60 -23.63
C PRO A 19 -11.28 -20.47 -23.69
N PRO A 20 -10.64 -20.12 -22.57
CA PRO A 20 -9.18 -19.97 -22.52
C PRO A 20 -8.44 -21.27 -22.88
N GLU A 21 -7.65 -21.81 -21.95
CA GLU A 21 -6.90 -23.04 -22.21
C GLU A 21 -5.79 -22.82 -23.24
N VAL A 22 -5.77 -21.63 -23.85
CA VAL A 22 -4.76 -21.31 -24.86
C VAL A 22 -3.47 -20.83 -24.20
N PHE A 23 -2.34 -21.13 -24.84
CA PHE A 23 -1.03 -20.73 -24.31
C PHE A 23 -0.72 -19.27 -24.63
N GLU A 24 -1.70 -18.39 -24.41
CA GLU A 24 -1.52 -16.97 -24.69
C GLU A 24 -2.25 -16.11 -23.64
N THR A 25 -1.48 -15.36 -22.87
CA THR A 25 -2.05 -14.50 -21.84
C THR A 25 -2.76 -13.30 -22.46
N LYS A 26 -3.94 -12.98 -21.94
CA LYS A 26 -4.73 -11.87 -22.45
C LYS A 26 -4.31 -10.55 -21.80
N ARG A 27 -5.02 -9.48 -22.14
CA ARG A 27 -4.74 -8.16 -21.58
C ARG A 27 -5.45 -7.98 -20.25
N PHE A 28 -4.91 -8.60 -19.20
CA PHE A 28 -5.50 -8.50 -17.87
C PHE A 28 -4.94 -7.29 -17.12
N GLU A 29 -5.83 -6.35 -16.80
CA GLU A 29 -5.42 -5.15 -16.08
C GLU A 29 -6.45 -4.76 -15.02
N VAL A 30 -6.04 -4.79 -13.76
CA VAL A 30 -6.91 -4.43 -12.64
C VAL A 30 -6.12 -3.85 -11.46
N PRO A 31 -5.09 -4.56 -10.94
CA PRO A 31 -4.29 -4.06 -9.81
C PRO A 31 -3.71 -2.68 -10.09
N LYS A 32 -4.06 -1.71 -9.25
CA LYS A 32 -3.56 -0.34 -9.41
C LYS A 32 -4.17 0.58 -8.36
N ALA A 33 -3.33 1.08 -7.45
CA ALA A 33 -3.80 1.97 -6.39
C ALA A 33 -2.65 2.80 -5.82
N TYR A 34 -2.74 4.12 -6.00
CA TYR A 34 -1.71 5.02 -5.51
C TYR A 34 -2.08 6.48 -5.79
N SER A 35 -1.28 7.41 -5.28
CA SER A 35 -1.53 8.83 -5.48
C SER A 35 -1.32 9.21 -6.94
N VAL A 36 -1.47 10.49 -7.24
CA VAL A 36 -1.28 10.99 -8.60
C VAL A 36 -0.33 12.19 -8.60
N ILE A 37 0.83 11.99 -9.21
CA ILE A 37 1.83 13.03 -9.28
C ILE A 37 1.30 14.26 -10.02
N GLN A 38 1.61 15.44 -9.49
CA GLN A 38 1.17 16.69 -10.10
C GLN A 38 2.11 17.83 -9.71
N GLY A 39 3.09 18.10 -10.57
CA GLY A 39 4.03 19.16 -10.30
C GLY A 39 4.86 18.92 -9.06
N ASN A 40 4.29 19.23 -7.89
CA ASN A 40 4.98 19.04 -6.63
C ASN A 40 3.97 18.73 -5.51
N ARG A 41 2.80 18.22 -5.90
CA ARG A 41 1.74 17.89 -4.96
C ARG A 41 1.19 16.49 -5.22
N THR A 42 0.71 15.83 -4.17
CA THR A 42 0.14 14.50 -4.30
C THR A 42 -1.39 14.56 -4.29
N PHE A 43 -2.01 14.13 -5.37
CA PHE A 43 -3.45 14.15 -5.47
C PHE A 43 -4.06 12.87 -4.94
N ILE A 44 -4.17 12.75 -3.62
CA ILE A 44 -4.75 11.57 -3.02
C ILE A 44 -6.18 11.38 -3.56
N GLN A 45 -6.40 10.29 -4.26
CA GLN A 45 -7.72 10.01 -4.81
C GLN A 45 -8.33 8.81 -4.12
N ASN A 46 -7.48 7.82 -3.82
CA ASN A 46 -7.93 6.62 -3.14
C ASN A 46 -7.36 6.57 -1.73
N PHE A 47 -7.59 7.62 -0.95
CA PHE A 47 -7.10 7.68 0.42
C PHE A 47 -7.38 6.39 1.18
N ARG A 48 -8.38 5.63 0.74
CA ARG A 48 -8.71 4.37 1.39
C ARG A 48 -7.87 3.22 0.88
N GLU A 49 -7.87 3.01 -0.44
CA GLU A 49 -7.10 1.95 -1.05
C GLU A 49 -5.60 2.26 -0.94
N VAL A 50 -5.29 3.54 -1.10
CA VAL A 50 -3.91 3.99 -1.02
C VAL A 50 -3.40 3.93 0.43
N ALA A 51 -4.25 4.37 1.36
CA ALA A 51 -3.87 4.36 2.77
C ALA A 51 -3.64 2.96 3.31
N ASP A 52 -4.30 1.97 2.72
CA ASP A 52 -4.13 0.59 3.17
C ASP A 52 -2.82 0.01 2.64
N ALA A 53 -2.74 -0.13 1.32
CA ALA A 53 -1.55 -0.69 0.69
C ALA A 53 -0.27 0.06 1.10
N LEU A 54 -0.36 1.37 1.29
CA LEU A 54 0.80 2.16 1.67
C LEU A 54 1.16 1.93 3.14
N ASN A 55 0.14 1.85 3.99
CA ASN A 55 0.34 1.61 5.41
C ASN A 55 -1.00 1.37 6.12
N ARG A 56 -1.26 0.11 6.45
CA ARG A 56 -2.49 -0.29 7.12
C ARG A 56 -2.95 0.75 8.14
N ASP A 57 -2.19 0.90 9.22
CA ASP A 57 -2.53 1.88 10.26
C ASP A 57 -2.61 3.28 9.66
N PRO A 58 -3.70 4.01 9.91
CA PRO A 58 -3.87 5.37 9.37
C PRO A 58 -2.96 6.38 10.07
N GLN A 59 -2.65 6.11 11.33
CA GLN A 59 -1.79 6.99 12.11
C GLN A 59 -0.40 7.08 11.49
N HIS A 60 0.05 5.99 10.87
CA HIS A 60 1.36 5.96 10.24
C HIS A 60 1.36 6.79 8.96
N LEU A 61 0.53 6.39 8.01
CA LEU A 61 0.41 7.09 6.73
C LEU A 61 0.39 8.59 6.93
N LEU A 62 -0.36 9.04 7.93
CA LEU A 62 -0.48 10.47 8.23
C LEU A 62 0.87 11.04 8.65
N LYS A 63 1.48 10.45 9.66
CA LYS A 63 2.77 10.90 10.14
C LYS A 63 3.79 10.90 9.01
N PHE A 64 3.54 10.07 8.00
CA PHE A 64 4.43 9.95 6.87
C PHE A 64 4.21 11.08 5.86
N LEU A 65 2.95 11.40 5.56
CA LEU A 65 2.65 12.46 4.61
C LEU A 65 3.23 13.80 5.09
N LEU A 66 3.09 14.07 6.38
CA LEU A 66 3.60 15.32 6.95
C LEU A 66 5.12 15.27 7.15
N ARG A 67 5.61 14.09 7.52
CA ARG A 67 7.04 13.91 7.75
C ARG A 67 7.83 14.16 6.47
N GLU A 68 7.19 13.91 5.33
CA GLU A 68 7.83 14.11 4.04
C GLU A 68 7.25 15.34 3.32
N LEU A 69 6.25 15.96 3.93
CA LEU A 69 5.63 17.14 3.34
C LEU A 69 6.41 18.40 3.71
N GLY A 70 7.20 18.90 2.78
CA GLY A 70 7.98 20.10 3.04
C GLY A 70 7.16 21.37 2.88
N THR A 71 5.87 21.22 2.56
CA THR A 71 4.99 22.36 2.37
C THR A 71 3.80 22.26 3.32
N ALA A 72 3.02 23.34 3.42
CA ALA A 72 1.84 23.39 4.30
C ALA A 72 1.19 22.02 4.47
N GLY A 73 0.63 21.48 3.39
CA GLY A 73 -0.02 20.19 3.45
C GLY A 73 -1.51 20.30 3.72
N ASN A 74 -2.31 20.15 2.66
CA ASN A 74 -3.76 20.22 2.80
C ASN A 74 -4.44 19.62 1.57
N LEU A 75 -5.73 19.36 1.68
CA LEU A 75 -6.49 18.76 0.58
C LEU A 75 -7.05 19.85 -0.34
N GLU A 76 -6.70 19.77 -1.63
CA GLU A 76 -7.18 20.74 -2.61
C GLU A 76 -8.29 20.12 -3.49
N GLY A 77 -9.12 20.99 -4.06
CA GLY A 77 -10.24 20.60 -4.92
C GLY A 77 -10.21 19.15 -5.40
N GLY A 78 -11.37 18.51 -5.39
CA GLY A 78 -11.47 17.12 -5.82
C GLY A 78 -11.44 16.15 -4.66
N ARG A 79 -10.45 15.27 -4.66
CA ARG A 79 -10.30 14.29 -3.59
C ARG A 79 -9.47 14.89 -2.47
N ALA A 80 -8.14 14.86 -2.61
CA ALA A 80 -7.26 15.41 -1.60
C ALA A 80 -5.89 15.75 -2.17
N ILE A 81 -5.80 16.90 -2.84
CA ILE A 81 -4.53 17.33 -3.43
C ILE A 81 -3.66 18.04 -2.39
N LEU A 82 -2.78 17.28 -1.75
CA LEU A 82 -1.88 17.87 -0.74
C LEU A 82 -0.59 18.31 -1.40
N GLN A 83 0.29 18.93 -0.63
CA GLN A 83 1.55 19.43 -1.18
C GLN A 83 2.71 19.15 -0.23
N GLY A 84 3.78 18.56 -0.76
CA GLY A 84 4.93 18.24 0.06
C GLY A 84 5.98 17.41 -0.67
N LYS A 85 5.77 16.09 -0.72
CA LYS A 85 6.73 15.22 -1.39
C LYS A 85 6.25 13.75 -1.42
N PHE A 86 5.14 13.51 -2.13
CA PHE A 86 4.60 12.16 -2.25
C PHE A 86 4.40 11.80 -3.72
N THR A 87 5.40 12.11 -4.53
CA THR A 87 5.36 11.82 -5.95
C THR A 87 5.69 10.35 -6.21
N HIS A 88 4.70 9.49 -5.95
CA HIS A 88 4.86 8.04 -6.11
C HIS A 88 6.21 7.58 -5.59
N PHE A 89 6.68 8.19 -4.51
CA PHE A 89 7.94 7.83 -3.92
C PHE A 89 7.76 6.79 -2.84
N LEU A 90 7.42 7.27 -1.64
CA LEU A 90 7.19 6.40 -0.50
C LEU A 90 5.87 5.66 -0.64
N ILE A 91 4.81 6.39 -0.99
CA ILE A 91 3.49 5.79 -1.16
C ILE A 91 3.55 4.66 -2.17
N ASN A 92 3.88 4.99 -3.41
CA ASN A 92 3.96 4.02 -4.49
C ASN A 92 4.81 2.82 -4.11
N GLU A 93 5.95 3.07 -3.47
CA GLU A 93 6.86 2.01 -3.07
C GLU A 93 6.22 1.06 -2.06
N ARG A 94 5.73 1.60 -0.96
CA ARG A 94 5.09 0.79 0.08
C ARG A 94 3.90 0.03 -0.49
N ILE A 95 3.03 0.73 -1.22
CA ILE A 95 1.86 0.10 -1.79
C ILE A 95 2.26 -1.07 -2.69
N GLU A 96 3.10 -0.77 -3.69
CA GLU A 96 3.57 -1.79 -4.62
C GLU A 96 4.13 -3.00 -3.88
N ASP A 97 4.62 -2.76 -2.66
CA ASP A 97 5.18 -3.84 -1.85
C ASP A 97 4.06 -4.68 -1.22
N TYR A 98 2.93 -4.04 -0.94
CA TYR A 98 1.79 -4.73 -0.34
C TYR A 98 0.92 -5.39 -1.40
N VAL A 99 0.49 -4.60 -2.39
CA VAL A 99 -0.36 -5.11 -3.46
C VAL A 99 0.39 -6.15 -4.29
N ASN A 100 1.67 -5.92 -4.54
CA ASN A 100 2.47 -6.84 -5.32
C ASN A 100 3.50 -7.54 -4.42
N LYS A 101 3.05 -8.00 -3.27
CA LYS A 101 3.92 -8.70 -2.33
C LYS A 101 4.06 -10.17 -2.71
N PHE A 102 3.18 -10.63 -3.60
CA PHE A 102 3.17 -12.02 -4.03
C PHE A 102 4.34 -12.32 -4.98
N VAL A 103 4.53 -11.48 -6.00
CA VAL A 103 5.62 -11.71 -6.95
C VAL A 103 6.89 -10.96 -6.56
N ILE A 104 6.83 -10.18 -5.49
CA ILE A 104 8.01 -9.43 -5.03
C ILE A 104 8.67 -10.13 -3.84
N CYS A 105 7.85 -10.55 -2.88
CA CYS A 105 8.35 -11.23 -1.69
C CYS A 105 8.65 -12.71 -1.95
N HIS A 106 8.79 -13.07 -3.23
CA HIS A 106 9.08 -14.44 -3.63
C HIS A 106 7.96 -15.37 -3.18
N GLU A 107 6.72 -14.94 -3.38
CA GLU A 107 5.55 -15.73 -3.00
C GLU A 107 5.68 -16.26 -1.58
N CYS A 108 5.54 -15.37 -0.59
CA CYS A 108 5.63 -15.76 0.81
C CYS A 108 4.34 -16.44 1.27
N ASN A 109 3.75 -17.24 0.41
CA ASN A 109 2.53 -17.96 0.73
C ASN A 109 2.81 -19.11 1.69
N ARG A 110 3.46 -20.14 1.17
CA ARG A 110 3.80 -21.32 1.97
C ARG A 110 4.96 -21.03 2.91
N PRO A 111 4.84 -21.46 4.19
CA PRO A 111 5.89 -21.23 5.19
C PRO A 111 7.25 -21.78 4.77
N ASP A 112 7.91 -21.09 3.84
CA ASP A 112 9.21 -21.51 3.35
C ASP A 112 10.33 -20.70 4.00
N THR A 113 9.96 -19.58 4.63
CA THR A 113 10.92 -18.70 5.28
C THR A 113 10.45 -18.34 6.69
N ARG A 114 11.29 -17.61 7.42
CA ARG A 114 10.95 -17.20 8.78
C ARG A 114 10.23 -15.87 8.79
N ILE A 115 8.91 -15.92 8.91
CA ILE A 115 8.09 -14.71 8.93
C ILE A 115 7.76 -14.31 10.37
N ILE A 116 8.04 -13.06 10.70
CA ILE A 116 7.78 -12.54 12.04
C ILE A 116 7.22 -11.13 11.99
N ARG A 117 6.13 -10.89 12.71
CA ARG A 117 5.51 -9.57 12.74
C ARG A 117 5.17 -9.15 14.18
N GLU A 118 5.36 -7.88 14.48
CA GLU A 118 5.08 -7.35 15.80
C GLU A 118 4.39 -5.98 15.71
N GLY A 119 3.53 -5.70 16.69
CA GLY A 119 2.82 -4.43 16.70
C GLY A 119 1.52 -4.47 15.94
N ARG A 120 0.78 -5.57 16.08
CA ARG A 120 -0.49 -5.71 15.39
C ARG A 120 -0.31 -5.54 13.88
N ILE A 121 0.30 -6.55 13.25
CA ILE A 121 0.56 -6.54 11.81
C ILE A 121 1.09 -5.17 11.35
N SER A 122 2.18 -4.73 11.98
CA SER A 122 2.80 -3.45 11.64
C SER A 122 4.23 -3.64 11.14
N LEU A 123 4.95 -4.60 11.73
CA LEU A 123 6.33 -4.86 11.34
C LEU A 123 6.50 -6.32 10.93
N LEU A 124 7.46 -6.59 10.03
CA LEU A 124 7.72 -7.95 9.57
C LEU A 124 9.09 -8.05 8.89
N LYS A 125 9.77 -9.18 9.08
CA LYS A 125 11.09 -9.40 8.47
C LYS A 125 11.09 -10.64 7.58
N CYS A 126 11.83 -10.58 6.47
CA CYS A 126 11.92 -11.69 5.53
C CYS A 126 13.35 -11.87 5.02
N GLU A 127 14.30 -11.81 5.94
CA GLU A 127 15.72 -11.96 5.60
C GLU A 127 15.96 -13.20 4.74
N ALA A 128 15.11 -14.21 4.91
CA ALA A 128 15.24 -15.45 4.15
C ALA A 128 14.96 -15.21 2.67
N CYS A 129 13.69 -15.03 2.32
CA CYS A 129 13.30 -14.78 0.93
C CYS A 129 13.52 -13.32 0.56
N GLY A 130 14.68 -12.78 0.92
CA GLY A 130 15.00 -11.39 0.62
C GLY A 130 15.24 -10.59 1.87
N ALA A 131 14.49 -9.50 2.04
CA ALA A 131 14.63 -8.65 3.21
C ALA A 131 13.34 -7.92 3.52
N LYS A 132 13.15 -7.59 4.79
CA LYS A 132 11.95 -6.87 5.24
C LYS A 132 12.27 -6.08 6.50
N ALA A 133 11.51 -5.02 6.73
CA ALA A 133 11.72 -4.18 7.90
C ALA A 133 11.10 -4.80 9.15
N PRO A 134 11.95 -5.33 10.07
CA PRO A 134 11.48 -5.96 11.32
C PRO A 134 10.89 -4.95 12.30
N LEU A 135 10.99 -5.26 13.60
CA LEU A 135 10.46 -4.37 14.63
C LEU A 135 11.59 -3.60 15.30
N LYS A 136 11.23 -2.73 16.25
CA LYS A 136 12.22 -1.94 16.97
C LYS A 136 12.51 -2.52 18.34
N ASN A 137 13.74 -2.39 18.80
CA ASN A 137 14.15 -2.91 20.09
C ASN A 137 14.88 -1.84 20.91
N VAL A 138 14.65 -1.86 22.22
CA VAL A 138 15.28 -0.90 23.12
C VAL A 138 16.65 -1.39 23.57
N MET A 4 -14.41 -8.05 -4.82
CA MET A 4 -15.31 -9.22 -4.83
C MET A 4 -16.29 -9.16 -3.65
N ASP A 5 -17.18 -8.17 -3.68
CA ASP A 5 -18.18 -7.99 -2.62
C ASP A 5 -19.39 -7.22 -3.15
N ASP A 6 -20.48 -7.95 -3.38
CA ASP A 6 -21.71 -7.34 -3.90
C ASP A 6 -22.37 -6.47 -2.83
N TYR A 7 -22.94 -7.12 -1.83
CA TYR A 7 -23.61 -6.41 -0.74
C TYR A 7 -24.07 -7.37 0.36
N GLU A 8 -24.10 -8.67 0.06
CA GLU A 8 -24.52 -9.67 1.03
C GLU A 8 -23.51 -9.79 2.18
N LYS A 9 -22.32 -10.29 1.87
CA LYS A 9 -21.28 -10.47 2.88
C LYS A 9 -20.42 -9.21 3.02
N LEU A 10 -20.46 -8.60 4.19
CA LEU A 10 -19.67 -7.41 4.48
C LEU A 10 -19.83 -6.98 5.92
N LEU A 11 -18.75 -6.52 6.51
CA LEU A 11 -18.77 -6.07 7.90
C LEU A 11 -18.64 -4.55 7.97
N GLU A 12 -19.70 -3.86 7.53
CA GLU A 12 -19.72 -2.41 7.52
C GLU A 12 -20.97 -1.87 8.23
N ARG A 13 -21.56 -2.70 9.08
CA ARG A 13 -22.75 -2.31 9.83
C ARG A 13 -22.40 -2.07 11.30
N ALA A 14 -21.37 -1.24 11.51
CA ALA A 14 -20.90 -0.90 12.86
C ALA A 14 -19.69 0.03 12.79
N ILE A 15 -19.62 0.83 11.72
CA ILE A 15 -18.52 1.77 11.56
C ILE A 15 -18.99 3.22 11.71
N ASP A 16 -19.94 3.44 12.63
CA ASP A 16 -20.46 4.78 12.87
C ASP A 16 -21.52 4.77 13.97
N GLN A 17 -22.78 4.48 13.61
CA GLN A 17 -23.86 4.45 14.58
C GLN A 17 -24.12 3.03 15.08
N LEU A 18 -24.03 2.07 14.17
CA LEU A 18 -24.24 0.65 14.51
C LEU A 18 -23.33 0.25 15.68
N PRO A 19 -23.74 -0.75 16.50
CA PRO A 19 -22.94 -1.21 17.64
C PRO A 19 -21.50 -1.56 17.26
N PRO A 20 -20.51 -0.76 17.71
CA PRO A 20 -19.10 -0.99 17.39
C PRO A 20 -18.60 -2.35 17.89
N GLU A 21 -18.13 -2.42 19.14
CA GLU A 21 -17.63 -3.66 19.71
C GLU A 21 -16.37 -4.13 18.99
N VAL A 22 -16.52 -4.59 17.76
CA VAL A 22 -15.38 -5.07 16.97
C VAL A 22 -14.76 -3.95 16.16
N PHE A 23 -13.56 -3.54 16.54
CA PHE A 23 -12.86 -2.47 15.85
C PHE A 23 -12.38 -2.93 14.47
N GLU A 24 -13.07 -2.50 13.43
CA GLU A 24 -12.72 -2.87 12.07
C GLU A 24 -12.76 -1.66 11.14
N THR A 25 -11.64 -1.41 10.46
CA THR A 25 -11.54 -0.28 9.56
C THR A 25 -12.34 -0.55 8.28
N LYS A 26 -12.34 0.42 7.36
CA LYS A 26 -13.06 0.28 6.11
C LYS A 26 -12.42 -0.79 5.22
N ARG A 27 -13.25 -1.53 4.50
CA ARG A 27 -12.79 -2.57 3.60
C ARG A 27 -12.60 -2.04 2.18
N PHE A 28 -11.91 -0.92 2.04
CA PHE A 28 -11.68 -0.31 0.74
C PHE A 28 -10.44 -0.92 0.08
N GLU A 29 -10.66 -1.73 -0.95
CA GLU A 29 -9.57 -2.37 -1.67
C GLU A 29 -9.81 -2.29 -3.18
N VAL A 30 -8.74 -2.06 -3.94
CA VAL A 30 -8.85 -1.96 -5.40
C VAL A 30 -7.50 -2.27 -6.06
N PRO A 31 -7.50 -3.00 -7.20
CA PRO A 31 -6.28 -3.35 -7.90
C PRO A 31 -5.39 -2.15 -8.23
N LYS A 32 -5.85 -1.32 -9.17
CA LYS A 32 -5.09 -0.13 -9.55
C LYS A 32 -5.23 0.97 -8.51
N ALA A 33 -4.24 1.07 -7.63
CA ALA A 33 -4.24 2.07 -6.57
C ALA A 33 -2.89 2.74 -6.45
N TYR A 34 -2.87 4.07 -6.56
CA TYR A 34 -1.65 4.86 -6.46
C TYR A 34 -1.96 6.34 -6.61
N SER A 35 -1.28 7.15 -5.82
CA SER A 35 -1.49 8.59 -5.86
C SER A 35 -0.97 9.19 -7.16
N VAL A 36 -1.28 10.46 -7.41
CA VAL A 36 -0.84 11.14 -8.62
C VAL A 36 -0.09 12.42 -8.30
N ILE A 37 0.86 12.76 -9.15
CA ILE A 37 1.68 13.95 -8.97
C ILE A 37 1.37 15.02 -9.99
N GLN A 38 1.84 16.24 -9.72
CA GLN A 38 1.62 17.36 -10.62
C GLN A 38 2.28 18.63 -10.10
N GLY A 39 3.26 19.14 -10.84
CA GLY A 39 3.97 20.34 -10.42
C GLY A 39 4.83 20.11 -9.21
N ASN A 40 4.19 19.92 -8.06
CA ASN A 40 4.90 19.69 -6.81
C ASN A 40 3.94 19.28 -5.69
N ARG A 41 2.82 18.66 -6.07
CA ARG A 41 1.82 18.24 -5.11
C ARG A 41 1.26 16.86 -5.46
N THR A 42 0.70 16.19 -4.46
CA THR A 42 0.14 14.85 -4.65
C THR A 42 -1.40 14.90 -4.63
N PHE A 43 -2.01 14.41 -5.70
CA PHE A 43 -3.47 14.38 -5.83
C PHE A 43 -4.04 13.05 -5.32
N ILE A 44 -4.13 12.88 -4.00
CA ILE A 44 -4.67 11.65 -3.43
C ILE A 44 -6.14 11.47 -3.83
N GLN A 45 -6.46 10.31 -4.37
CA GLN A 45 -7.83 10.01 -4.79
C GLN A 45 -8.36 8.79 -4.06
N ASN A 46 -7.50 7.78 -3.93
CA ASN A 46 -7.86 6.56 -3.25
C ASN A 46 -7.31 6.57 -1.83
N PHE A 47 -7.47 7.69 -1.14
CA PHE A 47 -6.98 7.82 0.23
C PHE A 47 -7.34 6.62 1.07
N ARG A 48 -8.42 5.93 0.71
CA ARG A 48 -8.84 4.76 1.46
C ARG A 48 -8.05 3.53 1.05
N GLU A 49 -8.03 3.25 -0.24
CA GLU A 49 -7.32 2.10 -0.76
C GLU A 49 -5.81 2.34 -0.69
N VAL A 50 -5.39 3.55 -1.04
CA VAL A 50 -3.98 3.90 -1.01
C VAL A 50 -3.47 3.90 0.42
N ALA A 51 -4.28 4.42 1.35
CA ALA A 51 -3.87 4.46 2.74
C ALA A 51 -3.75 3.07 3.35
N ASP A 52 -4.56 2.13 2.87
CA ASP A 52 -4.50 0.78 3.41
C ASP A 52 -3.20 0.11 3.00
N ALA A 53 -3.04 -0.14 1.70
CA ALA A 53 -1.85 -0.79 1.19
C ALA A 53 -0.55 -0.10 1.62
N LEU A 54 -0.55 1.23 1.60
CA LEU A 54 0.64 1.98 1.98
C LEU A 54 0.85 1.88 3.48
N ASN A 55 -0.25 1.71 4.22
CA ASN A 55 -0.17 1.60 5.68
C ASN A 55 -1.56 1.35 6.27
N ARG A 56 -1.86 0.08 6.56
CA ARG A 56 -3.15 -0.32 7.14
C ARG A 56 -3.76 0.81 7.97
N ASP A 57 -3.17 1.05 9.14
CA ASP A 57 -3.62 2.10 10.03
C ASP A 57 -3.18 3.47 9.51
N PRO A 58 -4.03 4.50 9.67
CA PRO A 58 -3.73 5.85 9.21
C PRO A 58 -2.68 6.55 10.08
N GLN A 59 -2.27 5.90 11.16
CA GLN A 59 -1.28 6.48 12.08
C GLN A 59 0.07 6.65 11.40
N HIS A 60 0.49 5.63 10.67
CA HIS A 60 1.77 5.67 9.97
C HIS A 60 1.68 6.53 8.71
N LEU A 61 0.77 6.17 7.79
CA LEU A 61 0.59 6.92 6.56
C LEU A 61 0.59 8.42 6.81
N LEU A 62 -0.12 8.82 7.85
CA LEU A 62 -0.21 10.23 8.22
C LEU A 62 1.15 10.77 8.63
N LYS A 63 1.79 10.09 9.58
CA LYS A 63 3.11 10.50 10.05
C LYS A 63 4.08 10.63 8.88
N PHE A 64 4.03 9.66 7.96
CA PHE A 64 4.91 9.66 6.79
C PHE A 64 4.53 10.78 5.83
N LEU A 65 3.24 11.07 5.72
CA LEU A 65 2.76 12.12 4.84
C LEU A 65 3.41 13.45 5.20
N LEU A 66 3.12 13.94 6.40
CA LEU A 66 3.69 15.21 6.85
C LEU A 66 5.20 15.11 7.04
N ARG A 67 5.70 13.89 7.30
CA ARG A 67 7.13 13.67 7.50
C ARG A 67 7.93 14.13 6.28
N GLU A 68 7.56 13.61 5.11
CA GLU A 68 8.26 13.94 3.87
C GLU A 68 7.72 15.23 3.27
N LEU A 69 6.43 15.49 3.49
CA LEU A 69 5.79 16.70 2.98
C LEU A 69 6.50 17.95 3.48
N GLY A 70 7.38 18.51 2.65
CA GLY A 70 8.09 19.71 3.04
C GLY A 70 7.23 20.96 2.93
N THR A 71 6.00 20.79 2.44
CA THR A 71 5.07 21.90 2.28
C THR A 71 3.90 21.76 3.24
N ALA A 72 3.11 22.83 3.36
CA ALA A 72 1.94 22.84 4.25
C ALA A 72 1.22 21.50 4.27
N GLY A 73 0.58 21.15 3.16
CA GLY A 73 -0.13 19.89 3.06
C GLY A 73 -1.60 20.02 3.43
N ASN A 74 -2.46 19.86 2.44
CA ASN A 74 -3.90 19.97 2.64
C ASN A 74 -4.66 19.37 1.48
N LEU A 75 -5.97 19.26 1.63
CA LEU A 75 -6.82 18.71 0.60
C LEU A 75 -7.31 19.81 -0.34
N GLU A 76 -6.88 19.76 -1.60
CA GLU A 76 -7.29 20.75 -2.60
C GLU A 76 -8.34 20.16 -3.55
N GLY A 77 -9.16 21.02 -4.14
CA GLY A 77 -10.18 20.56 -5.06
C GLY A 77 -11.11 19.53 -4.43
N GLY A 78 -12.04 19.01 -5.22
CA GLY A 78 -12.97 18.03 -4.73
C GLY A 78 -12.27 16.86 -4.07
N ARG A 79 -11.12 16.48 -4.60
CA ARG A 79 -10.35 15.37 -4.06
C ARG A 79 -9.40 15.85 -2.96
N ALA A 80 -8.40 15.03 -2.65
CA ALA A 80 -7.43 15.36 -1.63
C ALA A 80 -6.08 15.74 -2.23
N ILE A 81 -6.03 16.90 -2.88
CA ILE A 81 -4.82 17.38 -3.51
C ILE A 81 -3.91 18.10 -2.51
N LEU A 82 -2.98 17.35 -1.93
CA LEU A 82 -2.04 17.92 -0.97
C LEU A 82 -0.73 18.28 -1.65
N GLN A 83 0.19 18.82 -0.86
CA GLN A 83 1.48 19.22 -1.39
C GLN A 83 2.61 18.83 -0.43
N GLY A 84 3.74 18.42 -1.01
CA GLY A 84 4.88 18.03 -0.22
C GLY A 84 5.94 17.32 -1.04
N LYS A 85 6.02 16.00 -0.87
CA LYS A 85 6.99 15.20 -1.60
C LYS A 85 6.51 13.76 -1.76
N PHE A 86 5.21 13.52 -1.57
CA PHE A 86 4.66 12.18 -1.72
C PHE A 86 4.42 11.86 -3.20
N THR A 87 5.47 12.09 -4.00
CA THR A 87 5.41 11.85 -5.43
C THR A 87 5.59 10.36 -5.72
N HIS A 88 4.54 9.59 -5.43
CA HIS A 88 4.56 8.15 -5.62
C HIS A 88 5.90 7.57 -5.18
N PHE A 89 6.44 8.13 -4.12
CA PHE A 89 7.71 7.68 -3.57
C PHE A 89 7.48 6.63 -2.50
N LEU A 90 7.15 7.10 -1.30
CA LEU A 90 6.89 6.21 -0.17
C LEU A 90 5.58 5.46 -0.37
N ILE A 91 4.55 6.17 -0.80
CA ILE A 91 3.24 5.56 -1.02
C ILE A 91 3.31 4.44 -2.05
N ASN A 92 3.68 4.80 -3.27
CA ASN A 92 3.78 3.83 -4.36
C ASN A 92 4.66 2.64 -3.98
N GLU A 93 5.81 2.92 -3.37
CA GLU A 93 6.73 1.87 -2.98
C GLU A 93 6.12 0.96 -1.91
N ARG A 94 5.48 1.57 -0.92
CA ARG A 94 4.86 0.82 0.17
C ARG A 94 3.73 -0.06 -0.36
N ILE A 95 2.83 0.54 -1.14
CA ILE A 95 1.70 -0.19 -1.71
C ILE A 95 2.18 -1.40 -2.50
N GLU A 96 3.03 -1.14 -3.49
CA GLU A 96 3.58 -2.19 -4.33
C GLU A 96 4.43 -3.17 -3.52
N ASP A 97 4.96 -2.71 -2.39
CA ASP A 97 5.80 -3.55 -1.54
C ASP A 97 5.01 -4.75 -0.99
N TYR A 98 3.89 -4.46 -0.33
CA TYR A 98 3.05 -5.51 0.24
C TYR A 98 2.07 -6.04 -0.79
N VAL A 99 1.27 -5.12 -1.36
CA VAL A 99 0.28 -5.50 -2.35
C VAL A 99 0.90 -6.34 -3.47
N ASN A 100 2.06 -5.90 -3.97
CA ASN A 100 2.76 -6.61 -5.02
C ASN A 100 4.06 -7.23 -4.49
N LYS A 101 3.97 -7.93 -3.36
CA LYS A 101 5.15 -8.56 -2.77
C LYS A 101 5.47 -9.91 -3.43
N PHE A 102 4.52 -10.42 -4.21
CA PHE A 102 4.71 -11.70 -4.88
C PHE A 102 5.62 -11.57 -6.09
N VAL A 103 5.27 -10.67 -7.01
CA VAL A 103 6.06 -10.47 -8.22
C VAL A 103 7.30 -9.60 -7.94
N ILE A 104 7.44 -9.14 -6.69
CA ILE A 104 8.59 -8.31 -6.32
C ILE A 104 9.52 -9.06 -5.37
N CYS A 105 8.96 -9.67 -4.34
CA CYS A 105 9.76 -10.42 -3.36
C CYS A 105 10.10 -11.81 -3.88
N HIS A 106 9.79 -12.08 -5.15
CA HIS A 106 10.07 -13.37 -5.77
C HIS A 106 9.25 -14.49 -5.12
N GLU A 107 7.94 -14.29 -5.08
CA GLU A 107 7.03 -15.28 -4.51
C GLU A 107 7.55 -15.81 -3.17
N CYS A 108 7.54 -14.95 -2.16
CA CYS A 108 8.02 -15.33 -0.83
C CYS A 108 6.99 -16.20 -0.12
N ASN A 109 6.72 -17.37 -0.71
CA ASN A 109 5.75 -18.30 -0.14
C ASN A 109 6.32 -18.96 1.13
N ARG A 110 6.77 -20.21 1.03
CA ARG A 110 7.35 -20.91 2.17
C ARG A 110 8.87 -21.05 2.06
N PRO A 111 9.62 -19.94 2.03
CA PRO A 111 11.09 -20.00 1.91
C PRO A 111 11.70 -20.91 2.97
N ASP A 112 12.75 -21.64 2.56
CA ASP A 112 13.44 -22.57 3.46
C ASP A 112 14.45 -21.81 4.32
N THR A 113 14.05 -20.63 4.79
CA THR A 113 14.91 -19.78 5.60
C THR A 113 14.17 -19.29 6.83
N ARG A 114 14.87 -18.56 7.68
CA ARG A 114 14.28 -18.04 8.90
C ARG A 114 13.64 -16.67 8.64
N ILE A 115 12.32 -16.69 8.46
CA ILE A 115 11.55 -15.48 8.21
C ILE A 115 10.86 -15.01 9.47
N ILE A 116 10.68 -13.70 9.60
CA ILE A 116 10.02 -13.12 10.75
C ILE A 116 9.13 -11.97 10.34
N ARG A 117 8.02 -11.80 11.07
CA ARG A 117 7.07 -10.71 10.79
C ARG A 117 6.47 -10.19 12.10
N GLU A 118 6.53 -8.87 12.28
CA GLU A 118 5.99 -8.25 13.49
C GLU A 118 5.05 -7.10 13.16
N GLY A 119 3.96 -7.02 13.91
CA GLY A 119 2.99 -5.95 13.70
C GLY A 119 1.85 -6.39 12.79
N ARG A 120 1.55 -7.68 12.78
CA ARG A 120 0.47 -8.21 11.95
C ARG A 120 0.61 -7.74 10.50
N ILE A 121 1.59 -8.29 9.80
CA ILE A 121 1.85 -7.94 8.41
C ILE A 121 2.32 -6.49 8.31
N SER A 122 3.30 -6.13 9.13
CA SER A 122 3.84 -4.79 9.14
C SER A 122 5.33 -4.79 8.85
N LEU A 123 6.07 -5.64 9.56
CA LEU A 123 7.51 -5.75 9.38
C LEU A 123 7.93 -7.19 9.12
N LEU A 124 9.07 -7.36 8.44
CA LEU A 124 9.57 -8.69 8.14
C LEU A 124 10.97 -8.65 7.55
N LYS A 125 11.69 -9.77 7.67
CA LYS A 125 13.04 -9.87 7.13
C LYS A 125 13.13 -10.94 6.05
N CYS A 126 13.96 -10.69 5.04
CA CYS A 126 14.15 -11.63 3.93
C CYS A 126 15.62 -11.75 3.57
N GLU A 127 16.44 -12.09 4.56
CA GLU A 127 17.87 -12.25 4.34
C GLU A 127 18.15 -13.27 3.24
N ALA A 128 17.23 -14.21 3.09
CA ALA A 128 17.36 -15.25 2.08
C ALA A 128 17.19 -14.70 0.67
N CYS A 129 15.96 -14.38 0.30
CA CYS A 129 15.67 -13.84 -1.02
C CYS A 129 16.02 -12.36 -1.07
N GLY A 130 17.21 -12.02 -0.59
CA GLY A 130 17.64 -10.64 -0.58
C GLY A 130 17.64 -10.03 0.81
N ALA A 131 16.79 -9.02 1.01
CA ALA A 131 16.68 -8.35 2.29
C ALA A 131 15.29 -7.77 2.48
N LYS A 132 14.89 -7.63 3.74
CA LYS A 132 13.58 -7.09 4.08
C LYS A 132 13.67 -6.21 5.32
N ALA A 133 12.75 -5.27 5.45
CA ALA A 133 12.73 -4.36 6.59
C ALA A 133 12.00 -4.97 7.79
N PRO A 134 12.75 -5.53 8.77
CA PRO A 134 12.16 -6.14 9.98
C PRO A 134 11.62 -5.09 10.95
N LEU A 135 11.97 -3.82 10.72
CA LEU A 135 11.50 -2.74 11.59
C LEU A 135 11.14 -1.52 10.74
N LYS A 136 10.20 -0.72 11.24
CA LYS A 136 9.77 0.48 10.53
C LYS A 136 10.52 1.71 11.05
N ASN A 137 10.97 2.54 10.12
CA ASN A 137 11.70 3.74 10.48
C ASN A 137 10.84 4.98 10.29
N VAL A 138 11.26 6.08 10.93
CA VAL A 138 10.53 7.33 10.85
C VAL A 138 11.20 8.30 9.88
N MET A 4 -10.43 -7.07 -12.15
CA MET A 4 -9.67 -6.95 -13.43
C MET A 4 -10.59 -7.07 -14.65
N ASP A 5 -11.72 -7.75 -14.51
CA ASP A 5 -12.66 -7.92 -15.61
C ASP A 5 -13.07 -6.57 -16.19
N ASP A 6 -14.14 -6.58 -16.98
CA ASP A 6 -14.63 -5.35 -17.60
C ASP A 6 -15.55 -4.59 -16.65
N TYR A 7 -16.51 -5.32 -16.06
CA TYR A 7 -17.46 -4.73 -15.13
C TYR A 7 -18.46 -5.78 -14.67
N GLU A 8 -18.09 -6.56 -13.66
CA GLU A 8 -18.97 -7.60 -13.14
C GLU A 8 -20.17 -7.00 -12.42
N LYS A 9 -19.93 -6.54 -11.19
CA LYS A 9 -20.99 -5.94 -10.39
C LYS A 9 -20.44 -5.42 -9.07
N LEU A 10 -21.19 -4.52 -8.43
CA LEU A 10 -20.78 -3.93 -7.16
C LEU A 10 -21.95 -3.82 -6.20
N LEU A 11 -21.66 -3.88 -4.91
CA LEU A 11 -22.70 -3.79 -3.89
C LEU A 11 -22.68 -2.41 -3.22
N GLU A 12 -23.65 -1.57 -3.59
CA GLU A 12 -23.74 -0.23 -3.02
C GLU A 12 -24.76 -0.20 -1.89
N ARG A 13 -25.51 -1.29 -1.73
CA ARG A 13 -26.50 -1.37 -0.66
C ARG A 13 -25.87 -1.85 0.64
N ALA A 14 -25.99 -1.04 1.68
CA ALA A 14 -25.42 -1.37 2.97
C ALA A 14 -23.91 -1.51 2.90
N ILE A 15 -23.30 -0.80 1.96
CA ILE A 15 -21.86 -0.83 1.78
C ILE A 15 -21.17 0.07 2.81
N ASP A 16 -21.94 0.99 3.39
CA ASP A 16 -21.40 1.91 4.40
C ASP A 16 -22.52 2.67 5.10
N GLN A 17 -23.52 3.11 4.33
CA GLN A 17 -24.63 3.87 4.89
C GLN A 17 -25.56 2.97 5.71
N LEU A 18 -25.96 1.84 5.12
CA LEU A 18 -26.84 0.89 5.81
C LEU A 18 -26.02 -0.12 6.60
N PRO A 19 -26.36 -0.34 7.89
CA PRO A 19 -25.63 -1.29 8.74
C PRO A 19 -25.52 -2.66 8.08
N PRO A 20 -24.29 -3.08 7.71
CA PRO A 20 -24.07 -4.38 7.08
C PRO A 20 -24.53 -5.53 7.95
N GLU A 21 -24.12 -5.50 9.23
CA GLU A 21 -24.48 -6.55 10.17
C GLU A 21 -23.66 -7.81 9.95
N VAL A 22 -23.34 -8.10 8.70
CA VAL A 22 -22.55 -9.27 8.35
C VAL A 22 -21.06 -8.98 8.47
N PHE A 23 -20.27 -10.03 8.69
CA PHE A 23 -18.82 -9.87 8.81
C PHE A 23 -18.12 -10.27 7.52
N GLU A 24 -18.84 -10.17 6.40
CA GLU A 24 -18.29 -10.53 5.10
C GLU A 24 -17.05 -9.70 4.78
N THR A 25 -16.46 -9.96 3.62
CA THR A 25 -15.27 -9.22 3.20
C THR A 25 -15.65 -7.90 2.55
N LYS A 26 -14.76 -6.93 2.67
CA LYS A 26 -14.98 -5.60 2.10
C LYS A 26 -14.53 -5.57 0.63
N ARG A 27 -15.06 -4.60 -0.12
CA ARG A 27 -14.72 -4.47 -1.54
C ARG A 27 -13.45 -3.63 -1.71
N PHE A 28 -12.36 -4.07 -1.08
CA PHE A 28 -11.10 -3.35 -1.18
C PHE A 28 -10.26 -3.91 -2.33
N GLU A 29 -10.49 -3.38 -3.53
CA GLU A 29 -9.76 -3.82 -4.71
C GLU A 29 -9.69 -2.71 -5.75
N VAL A 30 -8.47 -2.25 -6.04
CA VAL A 30 -8.25 -1.19 -7.02
C VAL A 30 -6.88 -1.34 -7.70
N PRO A 31 -6.87 -1.60 -9.01
CA PRO A 31 -5.61 -1.77 -9.76
C PRO A 31 -4.66 -0.58 -9.58
N LYS A 32 -3.41 -0.89 -9.24
CA LYS A 32 -2.39 0.13 -9.05
C LYS A 32 -2.75 1.08 -7.91
N ALA A 33 -3.62 2.05 -8.19
CA ALA A 33 -4.05 3.01 -7.19
C ALA A 33 -2.88 3.69 -6.50
N TYR A 34 -2.32 4.70 -7.13
CA TYR A 34 -1.20 5.44 -6.57
C TYR A 34 -1.41 6.95 -6.71
N SER A 35 -0.57 7.72 -6.05
CA SER A 35 -0.66 9.16 -6.09
C SER A 35 -0.29 9.69 -7.48
N VAL A 36 -0.42 11.01 -7.66
CA VAL A 36 -0.11 11.62 -8.95
C VAL A 36 0.74 12.87 -8.78
N ILE A 37 1.74 12.99 -9.65
CA ILE A 37 2.64 14.13 -9.61
C ILE A 37 2.07 15.30 -10.41
N GLN A 38 1.61 16.33 -9.70
CA GLN A 38 1.04 17.50 -10.34
C GLN A 38 1.83 18.76 -9.99
N GLY A 39 2.82 19.08 -10.81
CA GLY A 39 3.63 20.26 -10.58
C GLY A 39 4.52 20.11 -9.36
N ASN A 40 3.90 20.09 -8.18
CA ASN A 40 4.63 19.95 -6.93
C ASN A 40 3.68 19.51 -5.81
N ARG A 41 2.62 18.80 -6.17
CA ARG A 41 1.64 18.33 -5.20
C ARG A 41 1.11 16.96 -5.60
N THR A 42 0.60 16.21 -4.62
CA THR A 42 0.06 14.88 -4.87
C THR A 42 -1.47 14.89 -4.78
N PHE A 43 -2.12 14.41 -5.83
CA PHE A 43 -3.58 14.37 -5.87
C PHE A 43 -4.11 12.99 -5.50
N ILE A 44 -4.12 12.68 -4.20
CA ILE A 44 -4.62 11.39 -3.76
C ILE A 44 -6.10 11.24 -4.12
N GLN A 45 -6.41 10.22 -4.90
CA GLN A 45 -7.78 9.97 -5.32
C GLN A 45 -8.29 8.68 -4.67
N ASN A 46 -7.38 7.76 -4.41
CA ASN A 46 -7.73 6.49 -3.78
C ASN A 46 -7.20 6.43 -2.35
N PHE A 47 -7.36 7.54 -1.63
CA PHE A 47 -6.89 7.63 -0.25
C PHE A 47 -7.30 6.40 0.56
N ARG A 48 -8.34 5.71 0.13
CA ARG A 48 -8.81 4.52 0.84
C ARG A 48 -7.93 3.31 0.52
N GLU A 49 -7.74 3.04 -0.77
CA GLU A 49 -6.92 1.92 -1.20
C GLU A 49 -5.45 2.25 -1.02
N VAL A 50 -5.08 3.48 -1.36
CA VAL A 50 -3.70 3.92 -1.23
C VAL A 50 -3.30 3.95 0.24
N ALA A 51 -4.18 4.46 1.09
CA ALA A 51 -3.89 4.55 2.51
C ALA A 51 -3.74 3.18 3.16
N ASP A 52 -4.53 2.21 2.69
CA ASP A 52 -4.46 0.86 3.25
C ASP A 52 -3.17 0.18 2.83
N ALA A 53 -3.04 -0.09 1.53
CA ALA A 53 -1.85 -0.76 1.00
C ALA A 53 -0.54 -0.17 1.53
N LEU A 54 -0.38 1.15 1.39
CA LEU A 54 0.85 1.80 1.85
C LEU A 54 0.96 1.71 3.37
N ASN A 55 -0.18 1.63 4.05
CA ASN A 55 -0.18 1.52 5.50
C ASN A 55 -1.57 1.20 6.04
N ARG A 56 -1.79 -0.07 6.37
CA ARG A 56 -3.07 -0.53 6.90
C ARG A 56 -3.69 0.50 7.85
N ASP A 57 -2.85 1.14 8.66
CA ASP A 57 -3.32 2.15 9.61
C ASP A 57 -3.11 3.55 9.04
N PRO A 58 -4.13 4.42 9.15
CA PRO A 58 -4.05 5.79 8.63
C PRO A 58 -3.13 6.67 9.46
N GLN A 59 -2.84 6.25 10.69
CA GLN A 59 -1.98 7.01 11.59
C GLN A 59 -0.55 7.11 11.05
N HIS A 60 -0.07 6.03 10.46
CA HIS A 60 1.28 6.00 9.90
C HIS A 60 1.32 6.77 8.60
N LEU A 61 0.52 6.33 7.64
CA LEU A 61 0.46 6.96 6.33
C LEU A 61 0.40 8.48 6.43
N LEU A 62 -0.45 8.97 7.33
CA LEU A 62 -0.61 10.40 7.52
C LEU A 62 0.67 11.00 8.10
N LYS A 63 1.20 10.33 9.11
CA LYS A 63 2.42 10.77 9.76
C LYS A 63 3.55 10.90 8.74
N PHE A 64 3.64 9.94 7.84
CA PHE A 64 4.67 9.94 6.80
C PHE A 64 4.41 11.04 5.78
N LEU A 65 3.14 11.28 5.49
CA LEU A 65 2.77 12.32 4.53
C LEU A 65 3.32 13.67 4.95
N LEU A 66 3.02 14.09 6.18
CA LEU A 66 3.49 15.37 6.70
C LEU A 66 4.99 15.34 6.99
N ARG A 67 5.50 14.17 7.37
CA ARG A 67 6.92 14.03 7.69
C ARG A 67 7.79 14.33 6.48
N GLU A 68 7.27 14.05 5.29
CA GLU A 68 8.00 14.30 4.05
C GLU A 68 7.50 15.56 3.37
N LEU A 69 6.22 15.86 3.55
CA LEU A 69 5.62 17.06 2.95
C LEU A 69 6.36 18.31 3.40
N GLY A 70 7.35 18.73 2.61
CA GLY A 70 8.12 19.93 2.93
C GLY A 70 7.35 21.20 2.66
N THR A 71 6.13 21.07 2.16
CA THR A 71 5.29 22.23 1.86
C THR A 71 4.10 22.28 2.80
N ALA A 72 3.37 23.39 2.76
CA ALA A 72 2.20 23.60 3.62
C ALA A 72 1.56 22.29 4.09
N GLY A 73 1.14 21.47 3.14
CA GLY A 73 0.54 20.19 3.49
C GLY A 73 -0.92 20.33 3.90
N ASN A 74 -1.83 20.12 2.95
CA ASN A 74 -3.25 20.22 3.21
C ASN A 74 -4.06 19.53 2.12
N LEU A 75 -5.35 19.34 2.37
CA LEU A 75 -6.23 18.70 1.39
C LEU A 75 -6.85 19.73 0.47
N GLU A 76 -6.54 19.63 -0.82
CA GLU A 76 -7.08 20.55 -1.82
C GLU A 76 -8.19 19.90 -2.61
N GLY A 77 -9.10 20.72 -3.13
CA GLY A 77 -10.21 20.20 -3.92
C GLY A 77 -11.04 19.19 -3.14
N GLY A 78 -12.13 18.74 -3.76
CA GLY A 78 -13.00 17.78 -3.11
C GLY A 78 -12.27 16.51 -2.73
N ARG A 79 -11.13 16.25 -3.38
CA ARG A 79 -10.34 15.06 -3.08
C ARG A 79 -9.22 15.38 -2.09
N ALA A 80 -8.19 14.53 -2.05
CA ALA A 80 -7.07 14.75 -1.15
C ALA A 80 -5.83 15.21 -1.91
N ILE A 81 -5.87 16.46 -2.38
CA ILE A 81 -4.75 17.02 -3.13
C ILE A 81 -3.76 17.72 -2.20
N LEU A 82 -2.80 16.96 -1.69
CA LEU A 82 -1.79 17.51 -0.78
C LEU A 82 -0.64 18.14 -1.54
N GLN A 83 0.31 18.70 -0.80
CA GLN A 83 1.48 19.35 -1.39
C GLN A 83 2.72 19.04 -0.59
N GLY A 84 3.70 18.38 -1.22
CA GLY A 84 4.93 18.05 -0.53
C GLY A 84 5.89 17.26 -1.39
N LYS A 85 6.19 16.04 -0.96
CA LYS A 85 7.09 15.16 -1.68
C LYS A 85 6.58 13.73 -1.69
N PHE A 86 5.27 13.58 -1.45
CA PHE A 86 4.65 12.26 -1.44
C PHE A 86 4.05 11.96 -2.81
N THR A 87 4.83 12.25 -3.84
CA THR A 87 4.42 12.03 -5.22
C THR A 87 4.47 10.55 -5.56
N HIS A 88 3.53 9.79 -5.00
CA HIS A 88 3.46 8.34 -5.19
C HIS A 88 4.84 7.71 -5.11
N PHE A 89 5.66 8.24 -4.22
CA PHE A 89 7.00 7.73 -4.01
C PHE A 89 7.02 6.69 -2.91
N LEU A 90 6.98 7.16 -1.68
CA LEU A 90 6.98 6.29 -0.51
C LEU A 90 5.70 5.46 -0.49
N ILE A 91 4.62 6.04 -1.00
CA ILE A 91 3.32 5.38 -1.04
C ILE A 91 3.35 4.12 -1.90
N ASN A 92 3.63 4.30 -3.18
CA ASN A 92 3.66 3.19 -4.12
C ASN A 92 4.64 2.10 -3.68
N GLU A 93 5.82 2.50 -3.23
CA GLU A 93 6.84 1.54 -2.79
C GLU A 93 6.28 0.58 -1.74
N ARG A 94 5.77 1.13 -0.65
CA ARG A 94 5.21 0.31 0.43
C ARG A 94 4.06 -0.53 -0.10
N ILE A 95 3.18 0.10 -0.87
CA ILE A 95 2.02 -0.59 -1.44
C ILE A 95 2.45 -1.85 -2.19
N GLU A 96 3.32 -1.67 -3.17
CA GLU A 96 3.82 -2.77 -3.98
C GLU A 96 4.50 -3.82 -3.11
N ASP A 97 5.07 -3.38 -2.00
CA ASP A 97 5.76 -4.27 -1.08
C ASP A 97 4.80 -5.31 -0.50
N TYR A 98 3.67 -4.84 0.02
CA TYR A 98 2.68 -5.73 0.60
C TYR A 98 1.72 -6.26 -0.46
N VAL A 99 1.01 -5.37 -1.13
CA VAL A 99 0.07 -5.76 -2.17
C VAL A 99 0.72 -6.67 -3.20
N ASN A 100 1.94 -6.32 -3.61
CA ASN A 100 2.66 -7.12 -4.59
C ASN A 100 3.85 -7.82 -3.94
N LYS A 101 3.60 -8.48 -2.82
CA LYS A 101 4.65 -9.20 -2.12
C LYS A 101 4.89 -10.56 -2.76
N PHE A 102 4.01 -10.96 -3.69
CA PHE A 102 4.15 -12.24 -4.36
C PHE A 102 5.29 -12.23 -5.37
N VAL A 103 5.28 -11.26 -6.28
CA VAL A 103 6.34 -11.16 -7.29
C VAL A 103 7.58 -10.45 -6.74
N ILE A 104 7.40 -9.72 -5.64
CA ILE A 104 8.50 -8.99 -5.02
C ILE A 104 9.18 -9.81 -3.93
N CYS A 105 8.39 -10.38 -3.03
CA CYS A 105 8.93 -11.18 -1.94
C CYS A 105 9.14 -12.64 -2.37
N HIS A 106 9.04 -12.91 -3.67
CA HIS A 106 9.23 -14.25 -4.19
C HIS A 106 8.19 -15.22 -3.61
N GLU A 107 6.93 -14.80 -3.61
CA GLU A 107 5.85 -15.64 -3.09
C GLU A 107 6.22 -16.23 -1.73
N CYS A 108 6.17 -15.42 -0.69
CA CYS A 108 6.49 -15.87 0.65
C CYS A 108 5.38 -16.74 1.23
N ASN A 109 5.01 -17.79 0.51
CA ASN A 109 3.97 -18.70 0.96
C ASN A 109 4.48 -19.58 2.10
N ARG A 110 5.04 -20.74 1.76
CA ARG A 110 5.59 -21.65 2.76
C ARG A 110 7.12 -21.71 2.73
N PRO A 111 7.82 -20.56 2.82
CA PRO A 111 9.28 -20.54 2.81
C PRO A 111 9.88 -21.52 3.82
N ASP A 112 10.95 -22.20 3.43
CA ASP A 112 11.63 -23.15 4.31
C ASP A 112 12.63 -22.44 5.21
N THR A 113 12.38 -21.15 5.44
CA THR A 113 13.26 -20.33 6.27
C THR A 113 12.50 -19.83 7.50
N ARG A 114 13.21 -19.13 8.37
CA ARG A 114 12.62 -18.62 9.60
C ARG A 114 12.00 -17.24 9.39
N ILE A 115 10.69 -17.22 9.18
CA ILE A 115 9.97 -15.98 8.96
C ILE A 115 9.20 -15.57 10.23
N ILE A 116 9.28 -14.28 10.56
CA ILE A 116 8.61 -13.76 11.75
C ILE A 116 7.99 -12.40 11.45
N ARG A 117 6.77 -12.19 11.93
CA ARG A 117 6.06 -10.93 11.72
C ARG A 117 5.65 -10.30 13.05
N GLU A 118 6.00 -9.03 13.21
CA GLU A 118 5.71 -8.28 14.44
C GLU A 118 4.99 -6.97 14.14
N GLY A 119 4.13 -6.56 15.07
CA GLY A 119 3.39 -5.32 14.90
C GLY A 119 2.05 -5.53 14.23
N ARG A 120 1.30 -6.51 14.71
CA ARG A 120 -0.02 -6.83 14.17
C ARG A 120 0.02 -6.85 12.64
N ILE A 121 0.65 -7.89 12.09
CA ILE A 121 0.78 -8.06 10.64
C ILE A 121 1.21 -6.76 9.96
N SER A 122 2.46 -6.39 10.17
CA SER A 122 3.01 -5.18 9.58
C SER A 122 4.52 -5.30 9.29
N LEU A 123 5.21 -6.12 10.08
CA LEU A 123 6.64 -6.31 9.92
C LEU A 123 6.98 -7.79 9.74
N LEU A 124 8.11 -8.07 9.12
CA LEU A 124 8.55 -9.45 8.91
C LEU A 124 9.97 -9.52 8.33
N LYS A 125 10.68 -10.62 8.62
CA LYS A 125 12.05 -10.82 8.14
C LYS A 125 12.11 -11.90 7.06
N CYS A 126 12.98 -11.69 6.06
CA CYS A 126 13.14 -12.64 4.96
C CYS A 126 14.59 -12.76 4.51
N GLU A 127 15.42 -13.41 5.32
CA GLU A 127 16.82 -13.59 4.99
C GLU A 127 17.00 -14.59 3.85
N ALA A 128 16.06 -15.53 3.74
CA ALA A 128 16.12 -16.54 2.70
C ALA A 128 15.71 -15.98 1.34
N CYS A 129 14.42 -15.65 1.20
CA CYS A 129 13.91 -15.11 -0.05
C CYS A 129 14.25 -13.62 -0.18
N GLY A 130 15.54 -13.32 -0.12
CA GLY A 130 15.97 -11.93 -0.24
C GLY A 130 16.14 -11.25 1.09
N ALA A 131 15.31 -10.23 1.34
CA ALA A 131 15.37 -9.48 2.59
C ALA A 131 14.02 -8.87 2.92
N LYS A 132 13.75 -8.72 4.22
CA LYS A 132 12.49 -8.13 4.67
C LYS A 132 12.73 -7.15 5.80
N ALA A 133 11.83 -6.19 5.94
CA ALA A 133 11.95 -5.18 6.98
C ALA A 133 11.39 -5.67 8.32
N PRO A 134 12.28 -6.09 9.25
CA PRO A 134 11.85 -6.58 10.56
C PRO A 134 11.30 -5.46 11.43
N LEU A 135 12.00 -4.32 11.42
CA LEU A 135 11.58 -3.16 12.19
C LEU A 135 12.49 -1.97 11.92
N LYS A 136 11.92 -0.91 11.36
CA LYS A 136 12.68 0.30 11.07
C LYS A 136 12.33 1.41 12.04
N ASN A 137 13.03 2.53 11.94
CA ASN A 137 12.79 3.67 12.82
C ASN A 137 11.46 4.33 12.47
N VAL A 138 10.59 4.48 13.47
CA VAL A 138 9.28 5.10 13.27
C VAL A 138 9.22 6.48 13.92
N MET A 4 -16.86 11.62 -36.09
CA MET A 4 -17.24 10.85 -37.31
C MET A 4 -18.52 10.03 -37.08
N ASP A 5 -19.38 10.53 -36.20
CA ASP A 5 -20.63 9.85 -35.88
C ASP A 5 -21.83 10.75 -36.20
N ASP A 6 -22.21 10.78 -37.47
CA ASP A 6 -23.35 11.60 -37.90
C ASP A 6 -24.64 11.13 -37.24
N TYR A 7 -25.75 11.71 -37.66
CA TYR A 7 -27.06 11.37 -37.11
C TYR A 7 -27.30 9.86 -37.19
N GLU A 8 -27.00 9.16 -36.10
CA GLU A 8 -27.19 7.71 -36.05
C GLU A 8 -28.65 7.35 -35.83
N LYS A 9 -29.30 8.06 -34.91
CA LYS A 9 -30.70 7.81 -34.61
C LYS A 9 -31.28 8.91 -33.73
N LEU A 10 -30.90 8.91 -32.46
CA LEU A 10 -31.38 9.90 -31.51
C LEU A 10 -30.21 10.54 -30.74
N LEU A 11 -30.23 11.86 -30.64
CA LEU A 11 -29.18 12.59 -29.93
C LEU A 11 -29.69 13.13 -28.60
N GLU A 12 -28.95 12.87 -27.53
CA GLU A 12 -29.34 13.34 -26.21
C GLU A 12 -30.58 12.60 -25.71
N ARG A 13 -31.01 11.57 -26.42
CA ARG A 13 -32.17 10.80 -26.04
C ARG A 13 -31.77 9.72 -25.04
N ALA A 14 -32.54 9.62 -23.95
CA ALA A 14 -32.26 8.63 -22.92
C ALA A 14 -30.81 8.73 -22.44
N ILE A 15 -30.25 9.94 -22.50
CA ILE A 15 -28.88 10.17 -22.06
C ILE A 15 -28.82 10.51 -20.58
N ASP A 16 -29.94 11.02 -20.06
CA ASP A 16 -30.03 11.39 -18.65
C ASP A 16 -31.44 11.89 -18.30
N GLN A 17 -32.25 12.20 -19.32
CA GLN A 17 -33.60 12.67 -19.10
C GLN A 17 -34.61 11.53 -19.09
N LEU A 18 -34.85 10.96 -20.27
CA LEU A 18 -35.78 9.84 -20.43
C LEU A 18 -35.34 8.65 -19.57
N PRO A 19 -36.22 7.65 -19.37
CA PRO A 19 -35.89 6.46 -18.57
C PRO A 19 -34.57 5.82 -19.01
N PRO A 20 -33.74 5.38 -18.05
CA PRO A 20 -32.45 4.75 -18.35
C PRO A 20 -32.59 3.50 -19.20
N GLU A 21 -33.02 2.40 -18.57
CA GLU A 21 -33.19 1.13 -19.29
C GLU A 21 -31.86 0.63 -19.85
N VAL A 22 -31.54 1.02 -21.08
CA VAL A 22 -30.29 0.61 -21.71
C VAL A 22 -29.28 1.74 -21.72
N PHE A 23 -28.16 1.54 -21.02
CA PHE A 23 -27.11 2.55 -20.95
C PHE A 23 -26.30 2.57 -22.23
N GLU A 24 -25.31 3.48 -22.29
CA GLU A 24 -24.45 3.60 -23.45
C GLU A 24 -23.33 4.62 -23.21
N THR A 25 -23.57 5.87 -23.58
CA THR A 25 -22.57 6.93 -23.39
C THR A 25 -22.82 7.69 -22.09
N LYS A 26 -22.90 6.96 -20.99
CA LYS A 26 -23.14 7.57 -19.69
C LYS A 26 -21.82 7.93 -19.00
N ARG A 27 -21.90 8.86 -18.05
CA ARG A 27 -20.75 9.31 -17.29
C ARG A 27 -20.30 8.25 -16.29
N PHE A 28 -19.90 7.09 -16.79
CA PHE A 28 -19.45 6.00 -15.94
C PHE A 28 -17.93 6.01 -15.84
N GLU A 29 -17.40 6.74 -14.87
CA GLU A 29 -15.96 6.84 -14.68
C GLU A 29 -15.63 7.29 -13.26
N VAL A 30 -14.70 6.59 -12.63
CA VAL A 30 -14.28 6.91 -11.26
C VAL A 30 -12.83 6.52 -11.03
N PRO A 31 -11.92 7.50 -10.98
CA PRO A 31 -10.49 7.23 -10.75
C PRO A 31 -10.25 6.39 -9.50
N LYS A 32 -9.22 5.55 -9.56
CA LYS A 32 -8.88 4.69 -8.43
C LYS A 32 -7.47 4.15 -8.57
N ALA A 33 -6.50 4.95 -8.12
CA ALA A 33 -5.10 4.54 -8.19
C ALA A 33 -4.28 5.18 -7.06
N TYR A 34 -2.97 4.99 -7.13
CA TYR A 34 -2.07 5.53 -6.12
C TYR A 34 -2.02 7.06 -6.20
N SER A 35 -1.00 7.64 -5.55
CA SER A 35 -0.83 9.09 -5.55
C SER A 35 -0.36 9.60 -6.92
N VAL A 36 -0.46 10.90 -7.15
CA VAL A 36 -0.04 11.49 -8.42
C VAL A 36 0.76 12.77 -8.20
N ILE A 37 1.90 12.87 -8.85
CA ILE A 37 2.77 14.04 -8.74
C ILE A 37 2.42 15.11 -9.78
N GLN A 38 2.40 16.36 -9.34
CA GLN A 38 2.10 17.48 -10.23
C GLN A 38 1.95 18.77 -9.43
N GLY A 39 2.54 19.85 -9.93
CA GLY A 39 2.46 21.12 -9.25
C GLY A 39 3.07 21.09 -7.85
N ASN A 40 4.04 20.18 -7.66
CA ASN A 40 4.70 20.06 -6.36
C ASN A 40 3.71 19.61 -5.30
N ARG A 41 2.73 18.79 -5.70
CA ARG A 41 1.71 18.30 -4.78
C ARG A 41 1.22 16.91 -5.19
N THR A 42 0.63 16.19 -4.24
CA THR A 42 0.12 14.85 -4.53
C THR A 42 -1.42 14.84 -4.57
N PHE A 43 -1.98 14.29 -5.64
CA PHE A 43 -3.43 14.21 -5.79
C PHE A 43 -3.93 12.82 -5.42
N ILE A 44 -4.00 12.53 -4.12
CA ILE A 44 -4.47 11.25 -3.66
C ILE A 44 -5.98 11.15 -3.80
N GLN A 45 -6.44 10.11 -4.50
CA GLN A 45 -7.87 9.91 -4.72
C GLN A 45 -8.37 8.72 -3.92
N ASN A 46 -7.60 7.64 -3.95
CA ASN A 46 -7.94 6.43 -3.22
C ASN A 46 -7.15 6.33 -1.93
N PHE A 47 -7.07 7.44 -1.20
CA PHE A 47 -6.33 7.47 0.07
C PHE A 47 -6.67 6.26 0.92
N ARG A 48 -7.89 5.76 0.81
CA ARG A 48 -8.29 4.61 1.59
C ARG A 48 -7.49 3.38 1.19
N GLU A 49 -7.41 3.11 -0.11
CA GLU A 49 -6.66 1.96 -0.60
C GLU A 49 -5.18 2.28 -0.69
N VAL A 50 -4.86 3.40 -1.33
CA VAL A 50 -3.47 3.82 -1.48
C VAL A 50 -2.77 3.90 -0.13
N ALA A 51 -3.48 4.39 0.89
CA ALA A 51 -2.90 4.51 2.22
C ALA A 51 -2.78 3.16 2.90
N ASP A 52 -3.84 2.36 2.85
CA ASP A 52 -3.84 1.05 3.49
C ASP A 52 -2.57 0.28 3.14
N ALA A 53 -2.44 -0.07 1.86
CA ALA A 53 -1.28 -0.83 1.40
C ALA A 53 0.04 -0.12 1.75
N LEU A 54 0.07 1.20 1.59
CA LEU A 54 1.27 1.95 1.89
C LEU A 54 1.55 1.90 3.40
N ASN A 55 0.56 1.48 4.18
CA ASN A 55 0.73 1.38 5.62
C ASN A 55 -0.30 0.41 6.23
N ARG A 56 -1.47 0.94 6.62
CA ARG A 56 -2.54 0.13 7.21
C ARG A 56 -3.62 1.02 7.82
N ASP A 57 -3.19 2.15 8.37
CA ASP A 57 -4.08 3.10 9.01
C ASP A 57 -3.79 4.52 8.51
N PRO A 58 -4.77 5.43 8.62
CA PRO A 58 -4.60 6.82 8.17
C PRO A 58 -3.70 7.62 9.11
N GLN A 59 -3.50 7.12 10.32
CA GLN A 59 -2.67 7.81 11.31
C GLN A 59 -1.19 7.81 10.90
N HIS A 60 -0.71 6.65 10.47
CA HIS A 60 0.68 6.52 10.05
C HIS A 60 0.91 7.26 8.75
N LEU A 61 0.19 6.85 7.70
CA LEU A 61 0.31 7.45 6.40
C LEU A 61 0.34 8.97 6.49
N LEU A 62 -0.55 9.51 7.30
CA LEU A 62 -0.64 10.95 7.49
C LEU A 62 0.69 11.49 7.99
N LYS A 63 1.15 11.00 9.13
CA LYS A 63 2.41 11.44 9.71
C LYS A 63 3.56 11.24 8.73
N PHE A 64 3.47 10.19 7.92
CA PHE A 64 4.51 9.88 6.94
C PHE A 64 4.65 11.00 5.91
N LEU A 65 3.54 11.37 5.31
CA LEU A 65 3.54 12.43 4.30
C LEU A 65 4.07 13.74 4.87
N LEU A 66 3.68 14.06 6.09
CA LEU A 66 4.14 15.28 6.74
C LEU A 66 5.63 15.20 7.05
N ARG A 67 6.14 13.97 7.14
CA ARG A 67 7.55 13.74 7.44
C ARG A 67 8.42 14.04 6.22
N GLU A 68 7.95 13.64 5.04
CA GLU A 68 8.69 13.86 3.80
C GLU A 68 8.25 15.15 3.10
N LEU A 69 6.94 15.37 3.06
CA LEU A 69 6.38 16.56 2.42
C LEU A 69 6.64 17.79 3.28
N GLY A 70 7.66 18.55 2.93
CA GLY A 70 8.00 19.74 3.68
C GLY A 70 7.12 20.94 3.34
N THR A 71 5.85 20.66 3.07
CA THR A 71 4.90 21.70 2.72
C THR A 71 3.71 21.66 3.66
N ALA A 72 2.87 22.69 3.60
CA ALA A 72 1.68 22.80 4.44
C ALA A 72 1.03 21.43 4.68
N GLY A 73 0.42 20.88 3.64
CA GLY A 73 -0.23 19.59 3.76
C GLY A 73 -1.73 19.73 4.03
N ASN A 74 -2.53 19.52 3.01
CA ASN A 74 -3.98 19.61 3.14
C ASN A 74 -4.69 18.97 1.95
N LEU A 75 -6.01 18.86 2.04
CA LEU A 75 -6.78 18.26 0.95
C LEU A 75 -7.38 19.35 0.04
N GLU A 76 -6.94 19.37 -1.21
CA GLU A 76 -7.44 20.35 -2.19
C GLU A 76 -8.51 19.71 -3.07
N GLY A 77 -9.41 20.53 -3.59
CA GLY A 77 -10.47 20.03 -4.45
C GLY A 77 -11.30 18.96 -3.79
N GLY A 78 -12.30 18.45 -4.53
CA GLY A 78 -13.16 17.41 -4.00
C GLY A 78 -12.38 16.23 -3.45
N ARG A 79 -11.26 15.90 -4.10
CA ARG A 79 -10.42 14.79 -3.67
C ARG A 79 -9.40 15.27 -2.65
N ALA A 80 -8.46 14.41 -2.25
CA ALA A 80 -7.45 14.81 -1.28
C ALA A 80 -6.16 15.24 -1.95
N ILE A 81 -6.17 16.48 -2.42
CA ILE A 81 -5.02 17.06 -3.10
C ILE A 81 -4.06 17.74 -2.13
N LEU A 82 -3.11 16.98 -1.60
CA LEU A 82 -2.15 17.54 -0.65
C LEU A 82 -0.97 18.17 -1.39
N GLN A 83 0.04 18.58 -0.64
CA GLN A 83 1.22 19.20 -1.23
C GLN A 83 2.51 18.71 -0.60
N GLY A 84 3.59 18.80 -1.35
CA GLY A 84 4.88 18.37 -0.87
C GLY A 84 5.64 17.50 -1.86
N LYS A 85 5.13 16.31 -2.15
CA LYS A 85 5.79 15.42 -3.09
C LYS A 85 5.04 14.09 -3.23
N PHE A 86 5.53 13.04 -2.56
CA PHE A 86 4.91 11.72 -2.64
C PHE A 86 4.76 11.26 -4.09
N THR A 87 5.84 11.40 -4.84
CA THR A 87 5.86 10.99 -6.25
C THR A 87 6.10 9.49 -6.34
N HIS A 88 5.06 8.72 -6.05
CA HIS A 88 5.15 7.25 -6.08
C HIS A 88 6.45 6.78 -5.46
N PHE A 89 6.89 7.45 -4.41
CA PHE A 89 8.12 7.08 -3.73
C PHE A 89 7.84 6.09 -2.59
N LEU A 90 7.43 6.64 -1.45
CA LEU A 90 7.12 5.84 -0.28
C LEU A 90 5.80 5.12 -0.48
N ILE A 91 4.80 5.84 -0.97
CA ILE A 91 3.49 5.27 -1.18
C ILE A 91 3.57 4.05 -2.09
N ASN A 92 4.00 4.26 -3.33
CA ASN A 92 4.10 3.17 -4.30
C ASN A 92 4.96 2.03 -3.78
N GLU A 93 6.09 2.36 -3.15
CA GLU A 93 7.00 1.34 -2.62
C GLU A 93 6.29 0.44 -1.60
N ARG A 94 5.70 1.05 -0.58
CA ARG A 94 5.02 0.29 0.46
C ARG A 94 3.82 -0.47 -0.10
N ILE A 95 2.98 0.22 -0.87
CA ILE A 95 1.81 -0.43 -1.45
C ILE A 95 2.23 -1.64 -2.27
N GLU A 96 3.10 -1.41 -3.23
CA GLU A 96 3.60 -2.48 -4.09
C GLU A 96 4.22 -3.60 -3.27
N ASP A 97 4.69 -3.25 -2.08
CA ASP A 97 5.32 -4.23 -1.19
C ASP A 97 4.29 -5.21 -0.65
N TYR A 98 3.13 -4.71 -0.24
CA TYR A 98 2.06 -5.56 0.30
C TYR A 98 1.18 -6.11 -0.81
N VAL A 99 0.57 -5.21 -1.58
CA VAL A 99 -0.30 -5.63 -2.67
C VAL A 99 0.43 -6.57 -3.62
N ASN A 100 1.65 -6.22 -3.97
CA ASN A 100 2.47 -7.05 -4.86
C ASN A 100 3.64 -7.68 -4.11
N LYS A 101 3.34 -8.33 -2.98
CA LYS A 101 4.37 -8.99 -2.19
C LYS A 101 4.73 -10.35 -2.77
N PHE A 102 3.98 -10.80 -3.78
CA PHE A 102 4.23 -12.10 -4.41
C PHE A 102 5.49 -12.08 -5.28
N VAL A 103 5.52 -11.16 -6.24
CA VAL A 103 6.66 -11.04 -7.15
C VAL A 103 7.86 -10.34 -6.48
N ILE A 104 7.67 -9.87 -5.26
CA ILE A 104 8.75 -9.19 -4.55
C ILE A 104 9.20 -10.01 -3.34
N CYS A 105 8.23 -10.52 -2.56
CA CYS A 105 8.56 -11.33 -1.39
C CYS A 105 8.79 -12.79 -1.77
N HIS A 106 8.69 -13.09 -3.07
CA HIS A 106 8.90 -14.45 -3.57
C HIS A 106 7.84 -15.41 -3.00
N GLU A 107 6.57 -15.01 -3.11
CA GLU A 107 5.47 -15.83 -2.63
C GLU A 107 5.74 -16.37 -1.23
N CYS A 108 5.62 -15.49 -0.23
CA CYS A 108 5.84 -15.89 1.16
C CYS A 108 4.68 -16.73 1.68
N ASN A 109 4.44 -17.87 1.04
CA ASN A 109 3.36 -18.76 1.43
C ASN A 109 3.70 -19.48 2.75
N ARG A 110 4.11 -20.75 2.67
CA ARG A 110 4.47 -21.53 3.87
C ARG A 110 5.98 -21.72 3.98
N PRO A 111 6.78 -20.65 4.03
CA PRO A 111 8.24 -20.76 4.14
C PRO A 111 8.66 -21.66 5.30
N ASP A 112 9.78 -22.36 5.10
CA ASP A 112 10.32 -23.25 6.13
C ASP A 112 11.23 -22.48 7.09
N THR A 113 11.02 -21.18 7.17
CA THR A 113 11.81 -20.32 8.05
C THR A 113 10.93 -19.69 9.11
N ARG A 114 11.56 -18.94 10.02
CA ARG A 114 10.81 -18.30 11.10
C ARG A 114 10.30 -16.94 10.67
N ILE A 115 8.98 -16.82 10.61
CA ILE A 115 8.34 -15.59 10.21
C ILE A 115 7.57 -14.97 11.37
N ILE A 116 7.50 -13.64 11.39
CA ILE A 116 6.79 -12.93 12.45
C ILE A 116 6.00 -11.77 11.86
N ARG A 117 4.73 -11.65 12.24
CA ARG A 117 3.88 -10.58 11.75
C ARG A 117 3.13 -9.90 12.90
N GLU A 118 3.28 -8.58 13.01
CA GLU A 118 2.61 -7.82 14.06
C GLU A 118 1.79 -6.68 13.46
N GLY A 119 0.67 -6.38 14.10
CA GLY A 119 -0.20 -5.32 13.64
C GLY A 119 -1.35 -5.82 12.79
N ARG A 120 -1.53 -7.15 12.78
CA ARG A 120 -2.60 -7.76 12.00
C ARG A 120 -2.44 -7.45 10.52
N ILE A 121 -1.37 -7.99 9.93
CA ILE A 121 -1.09 -7.77 8.51
C ILE A 121 -0.60 -6.35 8.26
N SER A 122 0.47 -5.97 8.97
CA SER A 122 1.04 -4.63 8.83
C SER A 122 2.56 -4.67 8.85
N LEU A 123 3.11 -5.45 9.77
CA LEU A 123 4.56 -5.57 9.90
C LEU A 123 4.99 -7.04 9.97
N LEU A 124 6.23 -7.32 9.57
CA LEU A 124 6.75 -8.68 9.61
C LEU A 124 8.23 -8.72 9.24
N LYS A 125 8.86 -9.87 9.47
CA LYS A 125 10.27 -10.05 9.14
C LYS A 125 10.44 -11.15 8.11
N CYS A 126 11.40 -10.98 7.22
CA CYS A 126 11.66 -11.95 6.17
C CYS A 126 13.16 -12.08 5.90
N GLU A 127 13.92 -12.31 6.96
CA GLU A 127 15.37 -12.43 6.85
C GLU A 127 15.75 -13.52 5.85
N ALA A 128 14.92 -14.55 5.77
CA ALA A 128 15.17 -15.66 4.87
C ALA A 128 15.00 -15.24 3.41
N CYS A 129 13.76 -15.05 2.99
CA CYS A 129 13.47 -14.65 1.61
C CYS A 129 13.73 -13.15 1.43
N GLY A 130 14.94 -12.72 1.79
CA GLY A 130 15.29 -11.32 1.67
C GLY A 130 15.27 -10.59 3.00
N ALA A 131 14.45 -9.56 3.09
CA ALA A 131 14.35 -8.77 4.31
C ALA A 131 12.97 -8.13 4.44
N LYS A 132 12.54 -7.91 5.67
CA LYS A 132 11.24 -7.29 5.93
C LYS A 132 11.29 -6.49 7.22
N ALA A 133 10.45 -5.47 7.33
CA ALA A 133 10.40 -4.63 8.52
C ALA A 133 9.49 -5.24 9.59
N PRO A 134 10.09 -5.83 10.65
CA PRO A 134 9.33 -6.45 11.75
C PRO A 134 8.65 -5.44 12.65
N LEU A 135 9.40 -4.88 13.59
CA LEU A 135 8.86 -3.90 14.52
C LEU A 135 9.94 -2.88 14.88
N LYS A 136 9.52 -1.83 15.58
CA LYS A 136 10.45 -0.79 16.00
C LYS A 136 11.38 -1.31 17.09
N ASN A 137 12.65 -0.90 17.02
CA ASN A 137 13.64 -1.33 17.99
C ASN A 137 13.38 -0.68 19.35
N VAL A 138 13.42 -1.49 20.40
CA VAL A 138 13.17 -1.00 21.76
C VAL A 138 14.48 -0.55 22.41
N MET A 4 -7.72 -20.05 -10.14
CA MET A 4 -6.59 -19.11 -9.92
C MET A 4 -6.69 -18.44 -8.55
N ASP A 5 -7.67 -17.56 -8.40
CA ASP A 5 -7.88 -16.86 -7.14
C ASP A 5 -8.59 -17.75 -6.14
N ASP A 6 -8.58 -17.33 -4.88
CA ASP A 6 -9.23 -18.09 -3.82
C ASP A 6 -10.74 -17.93 -3.88
N TYR A 7 -11.42 -18.45 -2.87
CA TYR A 7 -12.88 -18.36 -2.79
C TYR A 7 -13.33 -17.49 -1.62
N GLU A 8 -12.44 -17.29 -0.65
CA GLU A 8 -12.75 -16.47 0.51
C GLU A 8 -12.28 -15.03 0.31
N LYS A 9 -13.18 -14.09 0.54
CA LYS A 9 -12.85 -12.67 0.39
C LYS A 9 -11.88 -12.22 1.46
N LEU A 10 -12.17 -12.58 2.71
CA LEU A 10 -11.33 -12.22 3.83
C LEU A 10 -11.30 -13.34 4.87
N LEU A 11 -10.10 -13.79 5.20
CA LEU A 11 -9.94 -14.87 6.18
C LEU A 11 -9.95 -14.32 7.60
N GLU A 12 -9.98 -15.22 8.57
CA GLU A 12 -9.99 -14.83 9.98
C GLU A 12 -9.75 -16.02 10.91
N ARG A 13 -9.86 -17.23 10.37
CA ARG A 13 -9.67 -18.46 11.15
C ARG A 13 -8.19 -18.86 11.23
N ALA A 14 -7.64 -18.82 12.43
CA ALA A 14 -6.24 -19.21 12.65
C ALA A 14 -5.28 -18.32 11.85
N ILE A 15 -5.65 -17.07 11.66
CA ILE A 15 -4.81 -16.13 10.91
C ILE A 15 -4.19 -15.08 11.83
N ASP A 16 -4.77 -14.90 13.02
CA ASP A 16 -4.29 -13.91 13.98
C ASP A 16 -3.62 -14.60 15.17
N GLN A 17 -3.91 -14.13 16.39
CA GLN A 17 -3.33 -14.73 17.60
C GLN A 17 -4.09 -15.98 18.03
N LEU A 18 -4.31 -16.89 17.07
CA LEU A 18 -5.02 -18.14 17.34
C LEU A 18 -4.10 -19.33 17.07
N PRO A 19 -4.32 -20.46 17.75
CA PRO A 19 -3.50 -21.66 17.56
C PRO A 19 -3.37 -22.05 16.09
N PRO A 20 -2.15 -21.94 15.51
CA PRO A 20 -1.92 -22.28 14.11
C PRO A 20 -2.28 -23.74 13.79
N GLU A 21 -1.40 -24.67 14.16
CA GLU A 21 -1.62 -26.09 13.90
C GLU A 21 -1.45 -26.42 12.43
N VAL A 22 -1.99 -25.58 11.55
CA VAL A 22 -1.89 -25.79 10.12
C VAL A 22 -0.71 -25.01 9.54
N PHE A 23 0.14 -25.71 8.78
CA PHE A 23 1.29 -25.09 8.16
C PHE A 23 0.88 -24.30 6.91
N GLU A 24 -0.07 -23.38 7.08
CA GLU A 24 -0.55 -22.56 5.98
C GLU A 24 -0.09 -21.13 6.14
N THR A 25 0.04 -20.42 5.01
CA THR A 25 0.48 -19.02 5.03
C THR A 25 -0.71 -18.07 4.94
N LYS A 26 -0.55 -16.87 5.49
CA LYS A 26 -1.62 -15.87 5.47
C LYS A 26 -1.78 -15.29 4.07
N ARG A 27 -2.77 -15.81 3.34
CA ARG A 27 -3.04 -15.34 1.98
C ARG A 27 -3.85 -14.04 1.99
N PHE A 28 -3.20 -12.94 1.68
CA PHE A 28 -3.85 -11.63 1.66
C PHE A 28 -4.29 -11.26 0.25
N GLU A 29 -5.33 -10.43 0.17
CA GLU A 29 -5.86 -9.99 -1.12
C GLU A 29 -6.35 -8.54 -1.04
N VAL A 30 -5.72 -7.67 -1.82
CA VAL A 30 -6.07 -6.25 -1.83
C VAL A 30 -5.78 -5.63 -3.20
N PRO A 31 -6.74 -4.87 -3.77
CA PRO A 31 -6.56 -4.23 -5.08
C PRO A 31 -5.26 -3.43 -5.16
N LYS A 32 -5.08 -2.74 -6.29
CA LYS A 32 -3.90 -1.93 -6.50
C LYS A 32 -4.19 -0.45 -6.32
N ALA A 33 -3.50 0.18 -5.37
CA ALA A 33 -3.69 1.59 -5.09
C ALA A 33 -2.42 2.37 -5.45
N TYR A 34 -2.60 3.58 -5.97
CA TYR A 34 -1.47 4.42 -6.37
C TYR A 34 -1.91 5.88 -6.54
N SER A 35 -1.14 6.78 -5.94
CA SER A 35 -1.43 8.22 -6.02
C SER A 35 -1.01 8.79 -7.37
N VAL A 36 -1.14 10.10 -7.50
CA VAL A 36 -0.76 10.78 -8.74
C VAL A 36 0.12 12.00 -8.46
N ILE A 37 1.17 12.15 -9.26
CA ILE A 37 2.09 13.27 -9.09
C ILE A 37 1.64 14.48 -9.90
N GLN A 38 1.77 15.66 -9.32
CA GLN A 38 1.39 16.90 -9.99
C GLN A 38 2.37 18.02 -9.67
N GLY A 39 3.42 18.13 -10.49
CA GLY A 39 4.41 19.17 -10.27
C GLY A 39 5.11 19.02 -8.93
N ASN A 40 4.47 19.51 -7.87
CA ASN A 40 5.04 19.42 -6.53
C ASN A 40 3.97 19.06 -5.49
N ARG A 41 2.86 18.51 -5.96
CA ARG A 41 1.77 18.11 -5.07
C ARG A 41 1.23 16.73 -5.44
N THR A 42 0.72 16.01 -4.44
CA THR A 42 0.19 14.67 -4.66
C THR A 42 -1.34 14.69 -4.64
N PHE A 43 -1.94 14.17 -5.70
CA PHE A 43 -3.40 14.11 -5.79
C PHE A 43 -3.90 12.78 -5.25
N ILE A 44 -4.07 12.72 -3.93
CA ILE A 44 -4.54 11.49 -3.28
C ILE A 44 -6.06 11.39 -3.40
N GLN A 45 -6.52 10.41 -4.17
CA GLN A 45 -7.95 10.20 -4.40
C GLN A 45 -8.44 8.93 -3.70
N ASN A 46 -7.66 7.86 -3.82
CA ASN A 46 -8.00 6.60 -3.19
C ASN A 46 -7.36 6.50 -1.81
N PHE A 47 -7.45 7.57 -1.04
CA PHE A 47 -6.86 7.61 0.29
C PHE A 47 -7.18 6.35 1.08
N ARG A 48 -8.29 5.69 0.74
CA ARG A 48 -8.67 4.47 1.44
C ARG A 48 -7.84 3.28 0.97
N GLU A 49 -7.87 3.01 -0.33
CA GLU A 49 -7.10 1.92 -0.90
C GLU A 49 -5.62 2.20 -0.75
N VAL A 50 -5.25 3.45 -1.01
CA VAL A 50 -3.86 3.87 -0.90
C VAL A 50 -3.41 3.86 0.56
N ALA A 51 -4.29 4.28 1.47
CA ALA A 51 -3.95 4.33 2.89
C ALA A 51 -3.67 2.94 3.46
N ASP A 52 -4.31 1.92 2.89
CA ASP A 52 -4.11 0.57 3.37
C ASP A 52 -2.81 -0.02 2.86
N ALA A 53 -2.73 -0.22 1.55
CA ALA A 53 -1.52 -0.80 0.96
C ALA A 53 -0.25 -0.08 1.42
N LEU A 54 -0.24 1.25 1.37
CA LEU A 54 0.92 2.02 1.77
C LEU A 54 1.15 1.90 3.27
N ASN A 55 0.08 2.02 4.06
CA ASN A 55 0.21 1.93 5.51
C ASN A 55 -1.04 1.31 6.12
N ARG A 56 -0.99 -0.01 6.31
CA ARG A 56 -2.10 -0.75 6.91
C ARG A 56 -2.80 0.07 8.00
N ASP A 57 -2.03 0.90 8.69
CA ASP A 57 -2.57 1.75 9.74
C ASP A 57 -2.92 3.12 9.17
N PRO A 58 -4.07 3.69 9.58
CA PRO A 58 -4.52 5.01 9.10
C PRO A 58 -3.70 6.16 9.70
N GLN A 59 -3.50 6.10 11.01
CA GLN A 59 -2.75 7.13 11.72
C GLN A 59 -1.30 7.18 11.25
N HIS A 60 -0.77 6.03 10.83
CA HIS A 60 0.60 5.97 10.34
C HIS A 60 0.73 6.70 9.01
N LEU A 61 0.01 6.20 8.01
CA LEU A 61 0.04 6.81 6.67
C LEU A 61 -0.09 8.32 6.75
N LEU A 62 -1.00 8.78 7.60
CA LEU A 62 -1.24 10.22 7.76
C LEU A 62 0.04 10.94 8.14
N LYS A 63 0.66 10.51 9.24
CA LYS A 63 1.90 11.12 9.69
C LYS A 63 2.99 10.99 8.63
N PHE A 64 2.82 10.04 7.71
CA PHE A 64 3.80 9.80 6.65
C PHE A 64 3.69 10.88 5.57
N LEU A 65 2.46 11.16 5.13
CA LEU A 65 2.23 12.18 4.11
C LEU A 65 2.79 13.51 4.56
N LEU A 66 2.54 13.85 5.82
CA LEU A 66 3.03 15.11 6.38
C LEU A 66 4.49 15.01 6.78
N ARG A 67 4.97 13.80 7.00
CA ARG A 67 6.37 13.60 7.39
C ARG A 67 7.32 14.13 6.33
N GLU A 68 7.10 13.70 5.08
CA GLU A 68 7.94 14.14 3.98
C GLU A 68 7.43 15.45 3.38
N LEU A 69 6.15 15.74 3.57
CA LEU A 69 5.56 16.97 3.05
C LEU A 69 6.34 18.20 3.51
N GLY A 70 7.32 18.60 2.71
CA GLY A 70 8.13 19.75 3.04
C GLY A 70 7.45 21.07 2.71
N THR A 71 6.41 21.00 1.87
CA THR A 71 5.67 22.19 1.48
C THR A 71 4.43 22.34 2.36
N ALA A 72 3.77 23.48 2.26
CA ALA A 72 2.57 23.77 3.06
C ALA A 72 1.82 22.50 3.47
N GLY A 73 1.32 21.77 2.48
CA GLY A 73 0.60 20.54 2.76
C GLY A 73 -0.82 20.79 3.23
N ASN A 74 -1.80 20.58 2.35
CA ASN A 74 -3.21 20.77 2.70
C ASN A 74 -4.11 20.06 1.70
N LEU A 75 -5.39 19.95 2.07
CA LEU A 75 -6.37 19.30 1.20
C LEU A 75 -6.99 20.31 0.23
N GLU A 76 -6.64 20.19 -1.06
CA GLU A 76 -7.16 21.08 -2.09
C GLU A 76 -8.23 20.37 -2.92
N GLY A 77 -9.14 21.14 -3.49
CA GLY A 77 -10.20 20.57 -4.32
C GLY A 77 -10.99 19.51 -3.60
N GLY A 78 -12.04 19.01 -4.27
CA GLY A 78 -12.87 17.98 -3.67
C GLY A 78 -12.07 16.78 -3.19
N ARG A 79 -10.94 16.53 -3.83
CA ARG A 79 -10.09 15.39 -3.46
C ARG A 79 -9.04 15.81 -2.43
N ALA A 80 -8.03 14.96 -2.23
CA ALA A 80 -6.97 15.25 -1.27
C ALA A 80 -5.73 15.80 -1.97
N ILE A 81 -5.88 16.94 -2.63
CA ILE A 81 -4.76 17.55 -3.34
C ILE A 81 -3.78 18.19 -2.35
N LEU A 82 -2.81 17.41 -1.88
CA LEU A 82 -1.82 17.92 -0.94
C LEU A 82 -0.56 18.36 -1.67
N GLN A 83 0.37 18.96 -0.94
CA GLN A 83 1.63 19.43 -1.51
C GLN A 83 2.80 19.17 -0.58
N GLY A 84 3.81 18.48 -1.08
CA GLY A 84 4.98 18.19 -0.26
C GLY A 84 6.03 17.37 -0.98
N LYS A 85 6.42 16.26 -0.38
CA LYS A 85 7.43 15.38 -0.96
C LYS A 85 6.87 13.97 -1.19
N PHE A 86 5.63 13.73 -0.76
CA PHE A 86 4.97 12.44 -0.95
C PHE A 86 4.38 12.36 -2.35
N THR A 87 5.16 12.77 -3.35
CA THR A 87 4.71 12.75 -4.74
C THR A 87 4.72 11.33 -5.30
N HIS A 88 3.81 10.52 -4.79
CA HIS A 88 3.69 9.12 -5.21
C HIS A 88 5.04 8.42 -5.21
N PHE A 89 5.88 8.75 -4.24
CA PHE A 89 7.20 8.14 -4.11
C PHE A 89 7.14 6.92 -3.20
N LEU A 90 7.19 7.18 -1.89
CA LEU A 90 7.14 6.13 -0.89
C LEU A 90 5.82 5.38 -0.96
N ILE A 91 4.76 6.10 -1.34
CA ILE A 91 3.43 5.50 -1.45
C ILE A 91 3.46 4.29 -2.37
N ASN A 92 3.79 4.54 -3.64
CA ASN A 92 3.84 3.49 -4.65
C ASN A 92 4.77 2.35 -4.23
N GLU A 93 5.97 2.71 -3.80
CA GLU A 93 6.97 1.74 -3.39
C GLU A 93 6.41 0.80 -2.31
N ARG A 94 5.89 1.39 -1.26
CA ARG A 94 5.33 0.63 -0.14
C ARG A 94 4.14 -0.21 -0.58
N ILE A 95 3.19 0.42 -1.27
CA ILE A 95 2.01 -0.28 -1.72
C ILE A 95 2.39 -1.47 -2.61
N GLU A 96 3.12 -1.20 -3.68
CA GLU A 96 3.55 -2.24 -4.60
C GLU A 96 4.38 -3.30 -3.88
N ASP A 97 5.02 -2.90 -2.79
CA ASP A 97 5.84 -3.81 -2.02
C ASP A 97 4.97 -4.86 -1.32
N TYR A 98 3.85 -4.42 -0.75
CA TYR A 98 2.94 -5.32 -0.06
C TYR A 98 1.92 -5.96 -1.02
N VAL A 99 1.14 -5.12 -1.70
CA VAL A 99 0.14 -5.62 -2.63
C VAL A 99 0.78 -6.47 -3.73
N ASN A 100 1.97 -6.04 -4.18
CA ASN A 100 2.70 -6.77 -5.20
C ASN A 100 3.95 -7.41 -4.60
N LYS A 101 3.78 -8.09 -3.46
CA LYS A 101 4.90 -8.74 -2.78
C LYS A 101 5.19 -10.12 -3.39
N PHE A 102 4.28 -10.58 -4.24
CA PHE A 102 4.41 -11.89 -4.89
C PHE A 102 5.56 -11.89 -5.90
N VAL A 103 5.50 -10.98 -6.87
CA VAL A 103 6.51 -10.90 -7.91
C VAL A 103 7.71 -10.02 -7.50
N ILE A 104 7.66 -9.46 -6.30
CA ILE A 104 8.77 -8.63 -5.83
C ILE A 104 9.54 -9.35 -4.72
N CYS A 105 8.82 -9.92 -3.75
CA CYS A 105 9.44 -10.63 -2.63
C CYS A 105 9.72 -12.10 -2.97
N HIS A 106 10.02 -12.37 -4.25
CA HIS A 106 10.30 -13.74 -4.69
C HIS A 106 9.22 -14.71 -4.23
N GLU A 107 7.97 -14.30 -4.40
CA GLU A 107 6.83 -15.13 -4.01
C GLU A 107 7.00 -15.67 -2.60
N CYS A 108 6.89 -14.80 -1.61
CA CYS A 108 7.00 -15.21 -0.21
C CYS A 108 5.72 -15.88 0.26
N ASN A 109 5.15 -16.75 -0.58
CA ASN A 109 3.93 -17.47 -0.23
C ASN A 109 4.22 -18.55 0.79
N ARG A 110 4.88 -19.61 0.33
CA ARG A 110 5.24 -20.73 1.21
C ARG A 110 6.40 -20.36 2.12
N PRO A 111 6.42 -20.91 3.35
CA PRO A 111 7.48 -20.65 4.34
C PRO A 111 8.86 -21.05 3.82
N ASP A 112 9.33 -20.35 2.79
CA ASP A 112 10.64 -20.62 2.21
C ASP A 112 11.70 -19.76 2.88
N THR A 113 11.25 -18.80 3.70
CA THR A 113 12.15 -17.90 4.37
C THR A 113 11.66 -17.57 5.77
N ARG A 114 12.46 -16.81 6.51
CA ARG A 114 12.09 -16.41 7.86
C ARG A 114 11.33 -15.09 7.83
N ILE A 115 10.00 -15.18 7.92
CA ILE A 115 9.15 -13.99 7.88
C ILE A 115 8.75 -13.52 9.29
N ILE A 116 9.00 -12.24 9.59
CA ILE A 116 8.68 -11.66 10.90
C ILE A 116 8.08 -10.27 10.76
N ARG A 117 7.00 -10.00 11.51
CA ARG A 117 6.35 -8.69 11.45
C ARG A 117 6.04 -8.16 12.85
N GLU A 118 6.25 -6.85 13.03
CA GLU A 118 5.99 -6.21 14.31
C GLU A 118 5.30 -4.85 14.11
N GLY A 119 4.45 -4.47 15.06
CA GLY A 119 3.75 -3.20 14.97
C GLY A 119 2.44 -3.32 14.22
N ARG A 120 1.86 -4.51 14.24
CA ARG A 120 0.60 -4.75 13.54
C ARG A 120 0.75 -4.52 12.05
N ILE A 121 1.56 -5.36 11.40
CA ILE A 121 1.79 -5.25 9.97
C ILE A 121 2.42 -3.90 9.63
N SER A 122 3.54 -3.59 10.30
CA SER A 122 4.24 -2.34 10.07
C SER A 122 5.64 -2.60 9.54
N LEU A 123 6.31 -3.59 10.12
CA LEU A 123 7.65 -3.96 9.68
C LEU A 123 7.73 -5.45 9.40
N LEU A 124 8.71 -5.83 8.58
CA LEU A 124 8.89 -7.22 8.20
C LEU A 124 10.29 -7.47 7.64
N LYS A 125 10.89 -8.61 7.99
CA LYS A 125 12.26 -8.95 7.53
C LYS A 125 12.27 -10.18 6.63
N CYS A 126 13.12 -10.15 5.59
CA CYS A 126 13.25 -11.26 4.66
C CYS A 126 14.70 -11.45 4.19
N GLU A 127 15.64 -11.46 5.13
CA GLU A 127 17.05 -11.63 4.80
C GLU A 127 17.27 -12.89 3.96
N ALA A 128 16.40 -13.88 4.12
CA ALA A 128 16.53 -15.12 3.37
C ALA A 128 16.30 -14.91 1.87
N CYS A 129 15.06 -14.62 1.48
CA CYS A 129 14.76 -14.40 0.05
C CYS A 129 15.14 -12.97 -0.35
N GLY A 130 16.30 -12.52 0.09
CA GLY A 130 16.74 -11.18 -0.24
C GLY A 130 16.81 -10.29 0.99
N ALA A 131 15.98 -9.25 1.02
CA ALA A 131 15.96 -8.33 2.15
C ALA A 131 14.61 -7.65 2.29
N LYS A 132 14.28 -7.26 3.50
CA LYS A 132 13.02 -6.59 3.77
C LYS A 132 13.24 -5.49 4.80
N ALA A 133 12.39 -4.46 4.76
CA ALA A 133 12.53 -3.32 5.67
C ALA A 133 11.92 -3.61 7.06
N PRO A 134 12.77 -3.86 8.07
CA PRO A 134 12.30 -4.13 9.44
C PRO A 134 11.77 -2.88 10.15
N LEU A 135 11.81 -1.74 9.46
CA LEU A 135 11.33 -0.49 10.03
C LEU A 135 12.04 -0.17 11.34
N LYS A 136 13.30 0.22 11.24
CA LYS A 136 14.10 0.56 12.40
C LYS A 136 15.39 1.26 11.95
N ASN A 137 15.88 0.90 10.77
CA ASN A 137 17.10 1.49 10.22
C ASN A 137 18.32 0.97 10.97
N VAL A 138 18.96 -0.03 10.39
CA VAL A 138 20.15 -0.61 10.99
C VAL A 138 21.38 -0.43 10.10
N MET A 4 -8.79 -6.10 -10.71
CA MET A 4 -8.27 -6.28 -12.09
C MET A 4 -9.41 -6.29 -13.12
N ASP A 5 -10.12 -7.41 -13.21
CA ASP A 5 -11.24 -7.52 -14.14
C ASP A 5 -12.48 -8.05 -13.43
N ASP A 6 -12.28 -9.00 -12.52
CA ASP A 6 -13.38 -9.58 -11.77
C ASP A 6 -13.92 -8.60 -10.73
N TYR A 7 -15.14 -8.86 -10.27
CA TYR A 7 -15.76 -7.99 -9.28
C TYR A 7 -16.45 -8.82 -8.20
N GLU A 8 -15.72 -9.79 -7.65
CA GLU A 8 -16.27 -10.65 -6.61
C GLU A 8 -16.36 -9.90 -5.28
N LYS A 9 -16.60 -10.65 -4.20
CA LYS A 9 -16.71 -10.05 -2.87
C LYS A 9 -15.39 -10.19 -2.11
N LEU A 10 -14.82 -9.04 -1.74
CA LEU A 10 -13.55 -9.02 -1.02
C LEU A 10 -13.70 -9.72 0.33
N LEU A 11 -13.18 -10.93 0.42
CA LEU A 11 -13.24 -11.71 1.65
C LEU A 11 -11.98 -11.54 2.49
N GLU A 12 -12.15 -11.53 3.80
CA GLU A 12 -11.03 -11.38 4.72
C GLU A 12 -11.05 -12.47 5.80
N ARG A 13 -12.01 -13.37 5.73
CA ARG A 13 -12.12 -14.46 6.69
C ARG A 13 -11.29 -15.66 6.24
N ALA A 14 -10.17 -15.87 6.93
CA ALA A 14 -9.27 -16.98 6.60
C ALA A 14 -8.49 -16.71 5.32
N ILE A 15 -7.40 -15.95 5.44
CA ILE A 15 -6.56 -15.62 4.29
C ILE A 15 -5.23 -16.36 4.35
N ASP A 16 -4.13 -15.63 4.58
CA ASP A 16 -2.81 -16.23 4.64
C ASP A 16 -2.64 -17.06 5.91
N GLN A 17 -2.91 -16.44 7.06
CA GLN A 17 -2.79 -17.13 8.33
C GLN A 17 -4.12 -17.78 8.74
N LEU A 18 -4.68 -17.40 9.90
CA LEU A 18 -5.95 -17.97 10.36
C LEU A 18 -5.80 -19.48 10.59
N PRO A 19 -6.86 -20.17 11.08
CA PRO A 19 -6.80 -21.61 11.37
C PRO A 19 -6.22 -22.43 10.22
N PRO A 20 -5.11 -23.16 10.47
CA PRO A 20 -4.47 -24.00 9.45
C PRO A 20 -5.42 -25.08 8.91
N GLU A 21 -4.86 -26.18 8.42
CA GLU A 21 -5.66 -27.27 7.86
C GLU A 21 -6.34 -26.84 6.57
N VAL A 22 -7.50 -26.19 6.70
CA VAL A 22 -8.23 -25.71 5.54
C VAL A 22 -7.63 -24.42 4.98
N PHE A 23 -7.35 -24.43 3.69
CA PHE A 23 -6.77 -23.26 3.03
C PHE A 23 -7.80 -22.58 2.13
N GLU A 24 -7.44 -21.41 1.62
CA GLU A 24 -8.33 -20.65 0.75
C GLU A 24 -7.53 -19.71 -0.15
N THR A 25 -8.23 -19.05 -1.07
CA THR A 25 -7.58 -18.13 -1.99
C THR A 25 -7.91 -16.68 -1.64
N LYS A 26 -6.87 -15.87 -1.46
CA LYS A 26 -7.05 -14.47 -1.12
C LYS A 26 -7.34 -13.63 -2.36
N ARG A 27 -8.55 -13.07 -2.42
CA ARG A 27 -8.95 -12.25 -3.55
C ARG A 27 -8.56 -10.79 -3.35
N PHE A 28 -7.34 -10.45 -3.75
CA PHE A 28 -6.84 -9.08 -3.61
C PHE A 28 -7.38 -8.19 -4.73
N GLU A 29 -7.73 -6.96 -4.38
CA GLU A 29 -8.26 -6.01 -5.35
C GLU A 29 -7.67 -4.62 -5.13
N VAL A 30 -6.96 -4.12 -6.15
CA VAL A 30 -6.31 -2.80 -6.08
C VAL A 30 -6.21 -2.17 -7.47
N PRO A 31 -7.21 -1.38 -7.86
CA PRO A 31 -7.24 -0.71 -9.17
C PRO A 31 -6.00 0.15 -9.43
N LYS A 32 -5.97 1.37 -8.89
CA LYS A 32 -4.83 2.26 -9.08
C LYS A 32 -3.86 2.16 -7.90
N ALA A 33 -4.28 2.72 -6.77
CA ALA A 33 -3.45 2.70 -5.57
C ALA A 33 -2.16 3.48 -5.76
N TYR A 34 -2.27 4.66 -6.36
CA TYR A 34 -1.12 5.52 -6.59
C TYR A 34 -1.55 6.98 -6.73
N SER A 35 -0.71 7.88 -6.22
CA SER A 35 -1.00 9.31 -6.29
C SER A 35 -0.63 9.86 -7.65
N VAL A 36 -0.87 11.15 -7.86
CA VAL A 36 -0.57 11.79 -9.12
C VAL A 36 0.29 13.04 -8.92
N ILE A 37 1.41 13.10 -9.62
CA ILE A 37 2.33 14.22 -9.51
C ILE A 37 1.76 15.46 -10.21
N GLN A 38 1.93 16.60 -9.56
CA GLN A 38 1.47 17.86 -10.13
C GLN A 38 2.26 19.04 -9.58
N GLY A 39 3.28 19.47 -10.33
CA GLY A 39 4.10 20.58 -9.89
C GLY A 39 4.84 20.29 -8.60
N ASN A 40 4.12 20.37 -7.48
CA ASN A 40 4.72 20.10 -6.17
C ASN A 40 3.66 19.64 -5.17
N ARG A 41 2.61 18.98 -5.67
CA ARG A 41 1.55 18.47 -4.82
C ARG A 41 1.12 17.07 -5.24
N THR A 42 0.56 16.32 -4.29
CA THR A 42 0.10 14.97 -4.57
C THR A 42 -1.42 14.95 -4.61
N PHE A 43 -1.99 14.43 -5.69
CA PHE A 43 -3.43 14.39 -5.85
C PHE A 43 -3.98 13.01 -5.46
N ILE A 44 -4.14 12.80 -4.16
CA ILE A 44 -4.66 11.52 -3.67
C ILE A 44 -6.10 11.30 -4.12
N GLN A 45 -6.32 10.21 -4.85
CA GLN A 45 -7.65 9.88 -5.34
C GLN A 45 -8.28 8.77 -4.51
N ASN A 46 -7.48 7.76 -4.19
CA ASN A 46 -7.94 6.62 -3.40
C ASN A 46 -7.30 6.64 -2.02
N PHE A 47 -7.44 7.75 -1.32
CA PHE A 47 -6.86 7.91 0.02
C PHE A 47 -7.14 6.68 0.87
N ARG A 48 -8.33 6.14 0.77
CA ARG A 48 -8.71 4.97 1.56
C ARG A 48 -7.94 3.73 1.12
N GLU A 49 -7.98 3.44 -0.17
CA GLU A 49 -7.28 2.28 -0.72
C GLU A 49 -5.77 2.48 -0.69
N VAL A 50 -5.32 3.58 -1.30
CA VAL A 50 -3.90 3.89 -1.34
C VAL A 50 -3.29 3.88 0.07
N ALA A 51 -4.08 4.29 1.06
CA ALA A 51 -3.61 4.33 2.43
C ALA A 51 -3.32 2.95 2.95
N ASP A 52 -4.30 2.06 2.88
CA ASP A 52 -4.13 0.70 3.35
C ASP A 52 -2.85 0.09 2.79
N ALA A 53 -2.79 -0.09 1.48
CA ALA A 53 -1.60 -0.66 0.85
C ALA A 53 -0.31 0.00 1.33
N LEU A 54 -0.25 1.33 1.25
CA LEU A 54 0.94 2.05 1.67
C LEU A 54 1.16 1.89 3.18
N ASN A 55 0.12 1.46 3.88
CA ASN A 55 0.19 1.24 5.31
C ASN A 55 -1.17 0.88 5.88
N ARG A 56 -1.31 -0.38 6.31
CA ARG A 56 -2.57 -0.86 6.88
C ARG A 56 -3.07 0.08 7.97
N ASP A 57 -2.15 0.86 8.53
CA ASP A 57 -2.49 1.82 9.58
C ASP A 57 -2.72 3.21 8.99
N PRO A 58 -3.88 3.84 9.29
CA PRO A 58 -4.19 5.19 8.78
C PRO A 58 -3.35 6.27 9.44
N GLN A 59 -3.20 6.19 10.76
CA GLN A 59 -2.42 7.17 11.51
C GLN A 59 -0.99 7.25 10.98
N HIS A 60 -0.51 6.15 10.42
CA HIS A 60 0.85 6.12 9.88
C HIS A 60 0.95 6.99 8.64
N LEU A 61 0.19 6.63 7.62
CA LEU A 61 0.18 7.35 6.37
C LEU A 61 0.15 8.86 6.61
N LEU A 62 -0.71 9.28 7.52
CA LEU A 62 -0.85 10.70 7.85
C LEU A 62 0.48 11.28 8.32
N LYS A 63 1.11 10.60 9.28
CA LYS A 63 2.38 11.05 9.80
C LYS A 63 3.44 11.07 8.70
N PHE A 64 3.44 10.04 7.85
CA PHE A 64 4.39 9.93 6.75
C PHE A 64 4.21 11.09 5.77
N LEU A 65 2.96 11.41 5.45
CA LEU A 65 2.66 12.50 4.53
C LEU A 65 3.27 13.81 5.03
N LEU A 66 3.02 14.14 6.29
CA LEU A 66 3.55 15.37 6.87
C LEU A 66 5.06 15.27 7.10
N ARG A 67 5.59 14.06 7.13
CA ARG A 67 7.01 13.84 7.35
C ARG A 67 7.81 14.14 6.09
N GLU A 68 7.33 13.65 4.95
CA GLU A 68 7.99 13.87 3.67
C GLU A 68 7.44 15.09 2.95
N LEU A 69 6.50 15.80 3.59
CA LEU A 69 5.90 16.99 3.00
C LEU A 69 6.68 18.24 3.41
N GLY A 70 7.44 18.80 2.47
CA GLY A 70 8.20 20.00 2.75
C GLY A 70 7.45 21.26 2.43
N THR A 71 6.17 21.12 2.07
CA THR A 71 5.33 22.25 1.72
C THR A 71 4.10 22.29 2.64
N ALA A 72 3.36 23.40 2.56
CA ALA A 72 2.16 23.60 3.38
C ALA A 72 1.49 22.28 3.75
N GLY A 73 0.93 21.60 2.77
CA GLY A 73 0.28 20.32 3.02
C GLY A 73 -1.18 20.48 3.45
N ASN A 74 -2.10 20.19 2.53
CA ASN A 74 -3.53 20.29 2.82
C ASN A 74 -4.35 19.54 1.76
N LEU A 75 -5.61 19.26 2.08
CA LEU A 75 -6.48 18.55 1.14
C LEU A 75 -7.07 19.53 0.12
N GLU A 76 -6.67 19.38 -1.14
CA GLU A 76 -7.18 20.25 -2.19
C GLU A 76 -8.22 19.50 -3.04
N GLY A 77 -9.13 20.24 -3.65
CA GLY A 77 -10.16 19.62 -4.47
C GLY A 77 -11.02 18.65 -3.68
N GLY A 78 -11.96 18.01 -4.35
CA GLY A 78 -12.84 17.06 -3.70
C GLY A 78 -12.07 15.93 -3.02
N ARG A 79 -10.91 15.60 -3.56
CA ARG A 79 -10.08 14.52 -3.04
C ARG A 79 -9.05 15.05 -2.03
N ALA A 80 -8.03 14.26 -1.74
CA ALA A 80 -6.99 14.67 -0.81
C ALA A 80 -5.74 15.13 -1.56
N ILE A 81 -5.84 16.28 -2.23
CA ILE A 81 -4.71 16.81 -2.97
C ILE A 81 -3.80 17.61 -2.03
N LEU A 82 -2.85 16.93 -1.42
CA LEU A 82 -1.91 17.58 -0.49
C LEU A 82 -0.73 18.18 -1.26
N GLN A 83 0.26 18.66 -0.52
CA GLN A 83 1.42 19.29 -1.14
C GLN A 83 2.71 18.96 -0.38
N GLY A 84 3.67 18.38 -1.10
CA GLY A 84 4.95 18.02 -0.49
C GLY A 84 5.88 17.33 -1.48
N LYS A 85 6.08 16.02 -1.29
CA LYS A 85 6.94 15.23 -2.15
C LYS A 85 6.52 13.77 -2.18
N PHE A 86 5.25 13.51 -1.90
CA PHE A 86 4.73 12.15 -1.91
C PHE A 86 4.36 11.72 -3.33
N THR A 87 5.28 11.97 -4.26
CA THR A 87 5.06 11.61 -5.66
C THR A 87 5.26 10.12 -5.87
N HIS A 88 4.24 9.34 -5.49
CA HIS A 88 4.29 7.89 -5.62
C HIS A 88 5.65 7.35 -5.19
N PHE A 89 6.22 7.96 -4.16
CA PHE A 89 7.51 7.53 -3.64
C PHE A 89 7.32 6.53 -2.51
N LEU A 90 7.00 7.05 -1.33
CA LEU A 90 6.78 6.21 -0.16
C LEU A 90 5.49 5.43 -0.31
N ILE A 91 4.48 6.07 -0.91
CA ILE A 91 3.19 5.42 -1.11
C ILE A 91 3.30 4.21 -2.04
N ASN A 92 3.72 4.47 -3.27
CA ASN A 92 3.84 3.42 -4.28
C ASN A 92 4.76 2.29 -3.79
N GLU A 93 5.90 2.66 -3.24
CA GLU A 93 6.86 1.67 -2.75
C GLU A 93 6.21 0.71 -1.75
N ARG A 94 5.62 1.27 -0.70
CA ARG A 94 4.96 0.45 0.31
C ARG A 94 3.82 -0.35 -0.28
N ILE A 95 2.93 0.33 -1.00
CA ILE A 95 1.79 -0.34 -1.61
C ILE A 95 2.24 -1.56 -2.41
N GLU A 96 3.14 -1.32 -3.36
CA GLU A 96 3.67 -2.39 -4.20
C GLU A 96 4.24 -3.53 -3.36
N ASP A 97 4.79 -3.19 -2.20
CA ASP A 97 5.39 -4.18 -1.30
C ASP A 97 4.30 -5.06 -0.69
N TYR A 98 3.13 -4.48 -0.44
CA TYR A 98 2.02 -5.21 0.16
C TYR A 98 1.19 -5.92 -0.91
N VAL A 99 0.65 -5.15 -1.85
CA VAL A 99 -0.17 -5.71 -2.93
C VAL A 99 0.58 -6.84 -3.65
N ASN A 100 1.84 -6.58 -3.99
CA ASN A 100 2.66 -7.57 -4.67
C ASN A 100 3.75 -8.09 -3.75
N LYS A 101 3.33 -8.55 -2.56
CA LYS A 101 4.27 -9.11 -1.59
C LYS A 101 4.60 -10.56 -1.93
N PHE A 102 3.60 -11.30 -2.36
CA PHE A 102 3.78 -12.71 -2.71
C PHE A 102 4.98 -12.88 -3.67
N VAL A 103 5.06 -12.03 -4.69
CA VAL A 103 6.15 -12.12 -5.67
C VAL A 103 7.39 -11.33 -5.24
N ILE A 104 7.20 -10.25 -4.50
CA ILE A 104 8.32 -9.43 -4.06
C ILE A 104 9.01 -10.05 -2.84
N CYS A 105 8.21 -10.49 -1.86
CA CYS A 105 8.75 -11.11 -0.65
C CYS A 105 9.02 -12.60 -0.84
N HIS A 106 9.03 -13.06 -2.09
CA HIS A 106 9.26 -14.46 -2.39
C HIS A 106 8.30 -15.36 -1.60
N GLU A 107 7.02 -15.02 -1.64
CA GLU A 107 5.98 -15.77 -0.95
C GLU A 107 6.41 -16.17 0.45
N CYS A 108 6.38 -15.21 1.37
CA CYS A 108 6.76 -15.46 2.76
C CYS A 108 5.73 -16.36 3.45
N ASN A 109 5.49 -17.53 2.87
CA ASN A 109 4.52 -18.46 3.43
C ASN A 109 5.06 -19.10 4.72
N ARG A 110 5.59 -20.33 4.61
CA ARG A 110 6.15 -21.03 5.77
C ARG A 110 7.68 -21.10 5.70
N PRO A 111 8.38 -19.96 5.67
CA PRO A 111 9.85 -19.95 5.60
C PRO A 111 10.48 -20.84 6.68
N ASP A 112 11.60 -21.48 6.33
CA ASP A 112 12.32 -22.34 7.26
C ASP A 112 13.23 -21.52 8.18
N THR A 113 13.00 -20.23 8.22
CA THR A 113 13.77 -19.31 9.04
C THR A 113 12.90 -18.72 10.15
N ARG A 114 13.49 -17.90 11.01
CA ARG A 114 12.76 -17.30 12.11
C ARG A 114 12.12 -15.97 11.71
N ILE A 115 10.83 -15.99 11.43
CA ILE A 115 10.09 -14.79 11.03
C ILE A 115 9.43 -14.12 12.22
N ILE A 116 9.35 -12.80 12.17
CA ILE A 116 8.71 -12.04 13.23
C ILE A 116 7.96 -10.86 12.66
N ARG A 117 6.81 -10.53 13.27
CA ARG A 117 6.01 -9.42 12.81
C ARG A 117 5.38 -8.68 13.98
N GLU A 118 5.74 -7.40 14.13
CA GLU A 118 5.21 -6.59 15.21
C GLU A 118 4.65 -5.27 14.69
N GLY A 119 3.52 -4.86 15.25
CA GLY A 119 2.89 -3.61 14.83
C GLY A 119 1.65 -3.85 14.00
N ARG A 120 1.02 -5.01 14.18
CA ARG A 120 -0.19 -5.35 13.44
C ARG A 120 0.07 -5.33 11.93
N ILE A 121 1.05 -6.12 11.51
CA ILE A 121 1.40 -6.21 10.09
C ILE A 121 2.06 -4.92 9.62
N SER A 122 3.15 -4.54 10.28
CA SER A 122 3.87 -3.32 9.92
C SER A 122 5.38 -3.54 9.95
N LEU A 123 5.84 -4.37 10.89
CA LEU A 123 7.27 -4.65 11.03
C LEU A 123 7.52 -6.15 10.97
N LEU A 124 8.63 -6.54 10.35
CA LEU A 124 8.97 -7.95 10.23
C LEU A 124 10.37 -8.15 9.66
N LYS A 125 10.96 -9.32 9.93
CA LYS A 125 12.31 -9.64 9.44
C LYS A 125 12.27 -10.78 8.42
N CYS A 126 13.08 -10.63 7.37
CA CYS A 126 13.16 -11.62 6.30
C CYS A 126 14.62 -11.89 5.92
N GLU A 127 15.39 -12.39 6.86
CA GLU A 127 16.80 -12.68 6.62
C GLU A 127 16.95 -13.78 5.57
N ALA A 128 15.93 -14.62 5.43
CA ALA A 128 15.98 -15.70 4.45
C ALA A 128 15.66 -15.18 3.05
N CYS A 129 14.39 -14.85 2.83
CA CYS A 129 13.95 -14.34 1.54
C CYS A 129 14.35 -12.87 1.37
N GLY A 130 15.64 -12.60 1.50
CA GLY A 130 16.13 -11.24 1.35
C GLY A 130 16.43 -10.57 2.68
N ALA A 131 15.75 -9.46 2.95
CA ALA A 131 15.94 -8.73 4.19
C ALA A 131 14.68 -7.96 4.55
N LYS A 132 14.47 -7.75 5.85
CA LYS A 132 13.30 -7.02 6.33
C LYS A 132 13.61 -6.31 7.64
N ALA A 133 12.91 -5.22 7.91
CA ALA A 133 13.12 -4.45 9.13
C ALA A 133 12.22 -4.93 10.28
N PRO A 134 12.80 -5.68 11.25
CA PRO A 134 12.04 -6.20 12.41
C PRO A 134 11.61 -5.09 13.37
N LEU A 135 12.54 -4.62 14.20
CA LEU A 135 12.24 -3.56 15.16
C LEU A 135 13.44 -2.63 15.33
N LYS A 136 14.22 -2.48 14.26
CA LYS A 136 15.41 -1.63 14.31
C LYS A 136 15.81 -1.20 12.89
N ASN A 137 16.50 -0.06 12.79
CA ASN A 137 16.93 0.46 11.50
C ASN A 137 18.38 0.06 11.21
N VAL A 138 18.56 -1.14 10.67
CA VAL A 138 19.89 -1.64 10.35
C VAL A 138 20.31 -1.22 8.94
#